data_5CNU
#
_entry.id   5CNU
#
_cell.length_a   274.340
_cell.length_b   157.009
_cell.length_c   166.039
_cell.angle_alpha   90.00
_cell.angle_beta   119.72
_cell.angle_gamma   90.00
#
_symmetry.space_group_name_H-M   'C 1 2 1'
#
loop_
_entity.id
_entity.type
_entity.pdbx_description
1 polymer 'Ribonucleoside-diphosphate reductase 1 subunit alpha'
2 polymer 'Ribonucleoside-diphosphate reductase 1 subunit beta'
3 non-polymer "2'-DEOXYGUANOSINE-5'-TRIPHOSPHATE"
4 non-polymer 'MAGNESIUM ION'
5 non-polymer "ADENOSINE-5'-DIPHOSPHATE"
6 non-polymer "2'-DEOXYADENOSINE-5'-DIPHOSPHATE"
7 non-polymer MU-OXO-DIIRON
8 water water
#
loop_
_entity_poly.entity_id
_entity_poly.type
_entity_poly.pdbx_seq_one_letter_code
_entity_poly.pdbx_strand_id
1 'polypeptide(L)'
;MNQNLLVTKRDGSTERINLDKIHRVLDWAAEGLHNVSISQVELRSHIQFYDGIKTSDIHETIIKAAADLISRDAPDYQYL
AARLAIFHLRKKAYGQFEPPALYDHVVKMVEMGKYDNHLLEDYTEEEFKQMDTFIDHDRDMTFSYAAVKQLEGKYLVQNR
VTGEIYESAQFLYILVAACLFSNYPRETRLQYVKRFYDAVSTFKISLPTPIMSGVRTPTRQFSSCVLIECGDSLDSINAT
SSAIVKYVSQRAGIGINAGRIRALGSPIRGGEAFHTGCIPFYKHFQTAVKSCSQGGVRGGAATLFYPMWHLEVESLLVLK
NNRGVEGNRVRHMDYGVQINKLMYTRLLKGEDITLFSPSDVPGLYDAFFADQEEFERLYTKYEKDDSIRKQRVKAVELFS
LMMQERASTGRIYIQNVDHCNTHSPFDPAIAPVRQSNLCLEIALPTKPLNDVNDENGEIALCTLSAFNLGAINNLDELEE
LAILAVRALDALLDYQDYPIPAAKRGAMGRRTLGIGVINFAYYLAKHGKRYSDGSANNLTHKTFEAIQYYLLKASNELAK
EQGACPWFNETTYAKGILPIDTYKKDLDTIANEPLHYDWEALRESIKTHGLRNSTLSALMPSETSSQISNATNGIEPPRG
YVSIKASKDGILRQVVPDYEHLHDAYELLWEMPGNDGYLQLVGIMQKFIDQSISANTNYDPSRFPSGKVPMQQLLKDLLT
AYKFGVKTLYYQNTRDGAEDAQDDLVPSIQDDGCESGACKI
;
A,B,C,D
2 'polypeptide(L)'
;AYTTFSQTKNDQLKEPMFFGQPVNVARYDQQKYDIFEKLIEKQLSFFWRPEEVDVSRDRIDYQALPEHEKHIFISNLKYQ
TLLDSIQGRSPNVALLPLISIPELETWVETWAFSETIHSRSYTHIIRNIVNDPSVVFDDIVTNEQIQKRAEGISSYYDEL
IEMTSYWHLLGEGTHTVNGKTVTVSLRELKKKLYLCLMSVNALEAIRFYVSFACSFAFAERELMEGNAKIIRLIARDEAL
HLTGTQHMLNLLRSGADDPEMAEIAEECKQECYDLFVQAAQQEKDWADYLFRDGSMIGLNKDILCQYVEYITNIRMQAVG
LDLPFQTRSNPIPWINTWLVSDNVQVAPQEVEVSSYLVGQIDSEVDTDDLSNFQL
;
E,F,G,H
#
loop_
_chem_comp.id
_chem_comp.type
_chem_comp.name
_chem_comp.formula
ADP non-polymer ADENOSINE-5'-DIPHOSPHATE 'C10 H15 N5 O10 P2'
DAT non-polymer 2'-DEOXYADENOSINE-5'-DIPHOSPHATE 'C10 H15 N5 O9 P2'
DGT non-polymer 2'-DEOXYGUANOSINE-5'-TRIPHOSPHATE 'C10 H16 N5 O13 P3'
FEO non-polymer MU-OXO-DIIRON 'Fe2 O'
MG non-polymer 'MAGNESIUM ION' 'Mg 2'
#
# COMPACT_ATOMS: atom_id res chain seq x y z
N LEU A 5 9.57 -23.79 -61.58
CA LEU A 5 10.41 -24.17 -60.45
C LEU A 5 11.15 -25.46 -60.76
N LEU A 6 12.30 -25.67 -60.13
CA LEU A 6 13.14 -26.83 -60.39
C LEU A 6 13.39 -27.63 -59.12
N VAL A 7 13.33 -28.96 -59.26
CA VAL A 7 13.72 -29.89 -58.22
C VAL A 7 15.08 -30.48 -58.59
N THR A 8 15.79 -30.97 -57.58
CA THR A 8 17.09 -31.60 -57.78
C THR A 8 16.93 -33.11 -57.64
N LYS A 9 17.08 -33.83 -58.75
CA LYS A 9 16.94 -35.29 -58.77
C LYS A 9 18.02 -35.97 -57.93
N ARG A 10 17.95 -37.29 -57.81
CA ARG A 10 18.94 -38.01 -57.02
C ARG A 10 20.32 -37.97 -57.69
N ASP A 11 20.37 -38.05 -59.02
CA ASP A 11 21.62 -38.06 -59.75
C ASP A 11 22.20 -36.67 -60.00
N GLY A 12 21.68 -35.65 -59.32
CA GLY A 12 22.19 -34.30 -59.42
C GLY A 12 21.54 -33.44 -60.48
N SER A 13 21.03 -34.05 -61.55
CA SER A 13 20.37 -33.30 -62.62
C SER A 13 19.06 -32.70 -62.13
N THR A 14 18.53 -31.75 -62.92
CA THR A 14 17.31 -31.03 -62.56
C THR A 14 16.31 -31.09 -63.71
N GLU A 15 15.03 -31.17 -63.36
CA GLU A 15 13.95 -31.12 -64.34
C GLU A 15 12.79 -30.31 -63.77
N ARG A 16 11.85 -29.97 -64.65
CA ARG A 16 10.70 -29.17 -64.23
C ARG A 16 9.90 -29.93 -63.18
N ILE A 17 9.46 -29.21 -62.15
CA ILE A 17 8.65 -29.82 -61.10
C ILE A 17 7.37 -30.39 -61.71
N ASN A 18 7.06 -31.63 -61.35
CA ASN A 18 5.89 -32.34 -61.86
C ASN A 18 5.27 -33.13 -60.72
N LEU A 19 4.10 -32.70 -60.25
CA LEU A 19 3.44 -33.36 -59.14
C LEU A 19 2.94 -34.75 -59.50
N ASP A 20 2.80 -35.05 -60.79
CA ASP A 20 2.41 -36.39 -61.20
C ASP A 20 3.43 -37.44 -60.79
N LYS A 21 4.71 -37.06 -60.73
CA LYS A 21 5.72 -37.97 -60.21
C LYS A 21 5.43 -38.34 -58.77
N ILE A 22 4.82 -37.43 -58.01
CA ILE A 22 4.47 -37.70 -56.62
C ILE A 22 3.18 -38.51 -56.53
N HIS A 23 2.19 -38.20 -57.36
CA HIS A 23 0.98 -39.02 -57.40
C HIS A 23 1.30 -40.46 -57.73
N ARG A 24 2.16 -40.68 -58.74
CA ARG A 24 2.54 -42.04 -59.12
C ARG A 24 3.07 -42.82 -57.94
N VAL A 25 4.05 -42.26 -57.24
CA VAL A 25 4.70 -42.96 -56.13
C VAL A 25 3.69 -43.29 -55.04
N LEU A 26 2.88 -42.30 -54.65
CA LEU A 26 1.94 -42.51 -53.56
C LEU A 26 0.83 -43.49 -53.96
N ASP A 27 0.33 -43.38 -55.19
CA ASP A 27 -0.65 -44.36 -55.67
C ASP A 27 -0.09 -45.77 -55.61
N TRP A 28 1.21 -45.91 -55.92
CA TRP A 28 1.86 -47.21 -55.83
C TRP A 28 1.89 -47.72 -54.41
N ALA A 29 2.33 -46.88 -53.47
CA ALA A 29 2.46 -47.32 -52.08
C ALA A 29 1.12 -47.55 -51.41
N ALA A 30 0.05 -46.96 -51.93
CA ALA A 30 -1.28 -47.13 -51.35
C ALA A 30 -2.10 -48.21 -52.04
N GLU A 31 -1.61 -48.76 -53.15
CA GLU A 31 -2.35 -49.78 -53.87
C GLU A 31 -2.57 -50.99 -52.98
N GLY A 32 -3.79 -51.51 -52.98
CA GLY A 32 -4.15 -52.66 -52.18
C GLY A 32 -4.53 -52.31 -50.76
N LEU A 33 -4.00 -51.22 -50.23
CA LEU A 33 -4.28 -50.82 -48.86
C LEU A 33 -5.69 -50.27 -48.75
N HIS A 34 -6.31 -50.49 -47.59
CA HIS A 34 -7.66 -50.02 -47.34
C HIS A 34 -7.65 -48.80 -46.43
N ASN A 35 -8.44 -47.79 -46.81
CA ASN A 35 -8.72 -46.62 -45.97
C ASN A 35 -7.50 -45.72 -45.82
N VAL A 36 -6.71 -45.59 -46.89
CA VAL A 36 -5.61 -44.64 -46.95
C VAL A 36 -5.98 -43.58 -47.98
N SER A 37 -5.30 -42.45 -47.91
CA SER A 37 -5.61 -41.29 -48.75
C SER A 37 -4.34 -40.71 -49.35
N ILE A 38 -4.24 -40.74 -50.68
CA ILE A 38 -3.16 -40.05 -51.36
C ILE A 38 -3.19 -38.57 -51.00
N SER A 39 -4.38 -37.97 -51.04
CA SER A 39 -4.52 -36.55 -50.76
C SER A 39 -4.05 -36.20 -49.35
N GLN A 40 -4.36 -37.05 -48.37
CA GLN A 40 -3.93 -36.81 -47.00
C GLN A 40 -2.42 -36.68 -46.89
N VAL A 41 -1.69 -37.65 -47.46
CA VAL A 41 -0.23 -37.66 -47.36
C VAL A 41 0.35 -36.39 -47.94
N GLU A 42 -0.10 -36.01 -49.15
CA GLU A 42 0.44 -34.82 -49.81
C GLU A 42 0.17 -33.56 -49.00
N LEU A 43 -1.04 -33.43 -48.45
CA LEU A 43 -1.40 -32.22 -47.71
C LEU A 43 -0.78 -32.21 -46.32
N ARG A 44 -0.72 -33.37 -45.65
CA ARG A 44 -0.06 -33.41 -44.34
C ARG A 44 1.45 -33.29 -44.46
N SER A 45 2.01 -33.44 -45.66
CA SER A 45 3.44 -33.20 -45.83
C SER A 45 3.78 -31.73 -45.65
N HIS A 46 2.87 -30.82 -46.02
CA HIS A 46 3.15 -29.39 -46.01
C HIS A 46 4.49 -29.11 -46.68
N ILE A 47 4.73 -29.82 -47.79
CA ILE A 47 6.00 -29.80 -48.47
C ILE A 47 6.24 -28.42 -49.07
N GLN A 48 7.28 -27.74 -48.59
CA GLN A 48 7.58 -26.38 -49.02
C GLN A 48 8.50 -26.42 -50.23
N PHE A 49 7.96 -26.08 -51.40
CA PHE A 49 8.75 -26.11 -52.63
C PHE A 49 9.56 -24.83 -52.76
N TYR A 50 10.83 -24.99 -53.10
CA TYR A 50 11.72 -23.90 -53.47
C TYR A 50 12.54 -24.34 -54.67
N ASP A 51 13.07 -23.36 -55.40
CA ASP A 51 13.82 -23.67 -56.61
C ASP A 51 15.10 -24.43 -56.28
N GLY A 52 15.24 -25.63 -56.84
CA GLY A 52 16.36 -26.48 -56.55
C GLY A 52 16.19 -27.43 -55.39
N ILE A 53 14.95 -27.68 -54.95
CA ILE A 53 14.73 -28.54 -53.80
C ILE A 53 15.10 -29.98 -54.19
N LYS A 54 15.86 -30.64 -53.34
CA LYS A 54 16.30 -31.99 -53.63
C LYS A 54 15.13 -32.96 -53.63
N THR A 55 15.10 -33.84 -54.64
CA THR A 55 14.03 -34.82 -54.74
C THR A 55 14.11 -35.85 -53.62
N SER A 56 15.27 -35.99 -52.97
CA SER A 56 15.38 -36.90 -51.83
C SER A 56 14.71 -36.31 -50.60
N ASP A 57 14.87 -35.01 -50.36
CA ASP A 57 14.18 -34.38 -49.23
C ASP A 57 12.67 -34.46 -49.42
N ILE A 58 12.20 -34.34 -50.66
CA ILE A 58 10.77 -34.45 -50.95
C ILE A 58 10.23 -35.79 -50.50
N HIS A 59 10.96 -36.86 -50.80
CA HIS A 59 10.47 -38.19 -50.46
C HIS A 59 10.48 -38.43 -48.96
N GLU A 60 11.54 -37.98 -48.26
CA GLU A 60 11.58 -38.16 -46.81
C GLU A 60 10.43 -37.43 -46.12
N THR A 61 9.94 -36.33 -46.69
CA THR A 61 8.84 -35.60 -46.09
C THR A 61 7.53 -36.38 -46.21
N ILE A 62 7.26 -36.98 -47.38
CA ILE A 62 6.03 -37.72 -47.54
C ILE A 62 6.08 -39.06 -46.79
N ILE A 63 7.27 -39.54 -46.47
CA ILE A 63 7.39 -40.71 -45.60
C ILE A 63 6.94 -40.37 -44.19
N LYS A 64 7.49 -39.27 -43.63
CA LYS A 64 7.07 -38.83 -42.31
C LYS A 64 5.57 -38.58 -42.25
N ALA A 65 5.02 -37.94 -43.29
CA ALA A 65 3.59 -37.66 -43.30
C ALA A 65 2.77 -38.95 -43.28
N ALA A 66 3.08 -39.88 -44.18
CA ALA A 66 2.34 -41.14 -44.23
C ALA A 66 2.57 -41.96 -42.96
N ALA A 67 3.71 -41.80 -42.31
CA ALA A 67 3.99 -42.57 -41.10
C ALA A 67 3.18 -42.06 -39.91
N ASP A 68 2.93 -40.75 -39.84
CA ASP A 68 2.16 -40.18 -38.74
C ASP A 68 0.66 -40.34 -38.91
N LEU A 69 0.20 -40.86 -40.04
CA LEU A 69 -1.22 -41.13 -40.26
C LEU A 69 -1.62 -42.51 -39.77
N ILE A 70 -0.68 -43.28 -39.24
CA ILE A 70 -0.99 -44.57 -38.63
C ILE A 70 -1.93 -44.35 -37.45
N SER A 71 -3.11 -44.96 -37.50
CA SER A 71 -4.10 -44.78 -36.46
C SER A 71 -4.98 -46.02 -36.38
N ARG A 72 -5.85 -46.05 -35.36
CA ARG A 72 -6.83 -47.12 -35.25
C ARG A 72 -7.80 -47.11 -36.43
N ASP A 73 -8.23 -45.90 -36.83
CA ASP A 73 -9.19 -45.79 -37.92
C ASP A 73 -8.57 -46.08 -39.28
N ALA A 74 -7.25 -45.93 -39.40
CA ALA A 74 -6.54 -46.17 -40.64
C ALA A 74 -5.26 -46.93 -40.32
N PRO A 75 -5.35 -48.24 -40.11
CA PRO A 75 -4.15 -49.00 -39.73
C PRO A 75 -3.20 -49.22 -40.89
N ASP A 76 -3.71 -49.30 -42.12
CA ASP A 76 -2.91 -49.65 -43.28
C ASP A 76 -1.87 -48.59 -43.66
N TYR A 77 -1.83 -47.43 -43.00
CA TYR A 77 -0.73 -46.51 -43.24
C TYR A 77 0.61 -47.09 -42.80
N GLN A 78 0.59 -48.13 -41.97
CA GLN A 78 1.84 -48.79 -41.58
C GLN A 78 2.53 -49.43 -42.78
N TYR A 79 1.77 -49.80 -43.81
CA TYR A 79 2.35 -50.37 -45.01
C TYR A 79 2.58 -49.34 -46.10
N LEU A 80 1.77 -48.29 -46.14
CA LEU A 80 2.02 -47.19 -47.05
C LEU A 80 3.34 -46.51 -46.72
N ALA A 81 3.55 -46.21 -45.43
CA ALA A 81 4.80 -45.59 -45.01
C ALA A 81 5.97 -46.55 -45.13
N ALA A 82 5.73 -47.86 -45.00
CA ALA A 82 6.81 -48.83 -45.16
C ALA A 82 7.23 -48.96 -46.61
N ARG A 83 6.26 -49.05 -47.52
CA ARG A 83 6.59 -49.18 -48.94
C ARG A 83 7.32 -47.94 -49.46
N LEU A 84 6.93 -46.76 -48.98
CA LEU A 84 7.65 -45.54 -49.33
C LEU A 84 9.06 -45.54 -48.79
N ALA A 85 9.25 -46.02 -47.55
CA ALA A 85 10.56 -46.00 -46.94
C ALA A 85 11.48 -47.04 -47.55
N ILE A 86 10.95 -48.21 -47.89
CA ILE A 86 11.74 -49.22 -48.58
C ILE A 86 12.22 -48.66 -49.92
N PHE A 87 11.30 -48.05 -50.66
CA PHE A 87 11.66 -47.39 -51.92
C PHE A 87 12.75 -46.35 -51.72
N HIS A 88 12.66 -45.56 -50.64
CA HIS A 88 13.71 -44.60 -50.33
C HIS A 88 15.02 -45.29 -49.98
N LEU A 89 14.97 -46.36 -49.16
CA LEU A 89 16.19 -47.04 -48.76
C LEU A 89 16.83 -47.81 -49.91
N ARG A 90 16.02 -48.27 -50.88
CA ARG A 90 16.60 -48.90 -52.06
C ARG A 90 17.48 -47.91 -52.83
N LYS A 91 16.97 -46.69 -53.04
CA LYS A 91 17.74 -45.69 -53.76
C LYS A 91 18.97 -45.24 -52.98
N LYS A 92 18.90 -45.23 -51.65
CA LYS A 92 20.01 -44.77 -50.82
C LYS A 92 21.24 -45.67 -50.96
N ALA A 93 21.04 -46.96 -51.20
CA ALA A 93 22.15 -47.91 -51.22
C ALA A 93 22.58 -48.29 -52.63
N TYR A 94 21.66 -48.28 -53.59
CA TYR A 94 21.93 -48.77 -54.92
C TYR A 94 21.82 -47.71 -56.01
N GLY A 95 21.22 -46.56 -55.71
CA GLY A 95 20.95 -45.57 -56.73
C GLY A 95 19.73 -45.86 -57.57
N GLN A 96 19.08 -47.00 -57.34
CA GLN A 96 17.90 -47.42 -58.10
C GLN A 96 17.01 -48.23 -57.17
N PHE A 97 15.89 -48.70 -57.71
CA PHE A 97 15.02 -49.56 -56.90
C PHE A 97 15.49 -51.01 -56.94
N GLU A 98 15.93 -51.48 -58.09
CA GLU A 98 16.32 -52.88 -58.26
C GLU A 98 17.63 -53.18 -57.52
N PRO A 99 17.64 -54.13 -56.59
CA PRO A 99 18.90 -54.47 -55.92
C PRO A 99 19.81 -55.25 -56.85
N PRO A 100 21.13 -55.09 -56.72
CA PRO A 100 22.07 -55.82 -57.58
C PRO A 100 22.19 -57.30 -57.24
N ALA A 101 23.06 -58.00 -57.97
CA ALA A 101 23.34 -59.39 -57.66
C ALA A 101 24.05 -59.52 -56.32
N LEU A 102 23.80 -60.63 -55.63
CA LEU A 102 24.42 -60.83 -54.32
C LEU A 102 25.93 -60.85 -54.42
N TYR A 103 26.48 -61.43 -55.48
CA TYR A 103 27.92 -61.49 -55.62
C TYR A 103 28.52 -60.11 -55.91
N ASP A 104 27.98 -59.42 -56.93
CA ASP A 104 28.48 -58.10 -57.28
C ASP A 104 28.44 -57.16 -56.08
N HIS A 105 27.41 -57.29 -55.24
CA HIS A 105 27.28 -56.44 -54.07
C HIS A 105 28.33 -56.79 -53.01
N VAL A 106 28.43 -58.08 -52.65
CA VAL A 106 29.39 -58.51 -51.64
C VAL A 106 30.81 -58.16 -52.06
N VAL A 107 31.13 -58.32 -53.33
CA VAL A 107 32.47 -57.97 -53.83
C VAL A 107 32.75 -56.50 -53.57
N LYS A 108 31.80 -55.64 -53.94
CA LYS A 108 31.99 -54.20 -53.74
C LYS A 108 32.05 -53.85 -52.26
N MET A 109 31.24 -54.53 -51.44
CA MET A 109 31.20 -54.21 -50.01
C MET A 109 32.42 -54.75 -49.27
N VAL A 110 32.85 -55.97 -49.59
CA VAL A 110 34.09 -56.49 -49.00
C VAL A 110 35.26 -55.61 -49.41
N GLU A 111 35.25 -55.12 -50.64
CA GLU A 111 36.29 -54.22 -51.12
C GLU A 111 36.28 -52.89 -50.38
N MET A 112 35.10 -52.43 -49.92
CA MET A 112 34.99 -51.20 -49.17
C MET A 112 35.28 -51.38 -47.69
N GLY A 113 35.55 -52.61 -47.24
CA GLY A 113 35.75 -52.86 -45.82
C GLY A 113 34.50 -52.78 -44.99
N LYS A 114 33.32 -52.82 -45.64
CA LYS A 114 32.05 -52.81 -44.92
C LYS A 114 31.55 -54.21 -44.59
N TYR A 115 31.96 -55.22 -45.35
CA TYR A 115 31.68 -56.61 -45.05
C TYR A 115 32.97 -57.32 -44.62
N ASP A 116 32.80 -58.49 -44.01
CA ASP A 116 33.94 -59.33 -43.67
C ASP A 116 34.45 -60.04 -44.91
N ASN A 117 35.77 -60.01 -45.11
CA ASN A 117 36.39 -60.60 -46.29
C ASN A 117 36.25 -62.11 -46.34
N HIS A 118 35.87 -62.76 -45.23
CA HIS A 118 35.71 -64.20 -45.24
C HIS A 118 34.56 -64.63 -46.15
N LEU A 119 33.63 -63.72 -46.46
CA LEU A 119 32.53 -64.06 -47.34
C LEU A 119 33.01 -64.53 -48.71
N LEU A 120 34.08 -63.93 -49.22
CA LEU A 120 34.63 -64.37 -50.49
C LEU A 120 35.49 -65.62 -50.33
N GLU A 121 36.05 -65.84 -49.14
CA GLU A 121 36.89 -67.01 -48.91
C GLU A 121 36.08 -68.28 -48.72
N ASP A 122 34.86 -68.17 -48.19
CA ASP A 122 34.05 -69.35 -47.88
C ASP A 122 33.03 -69.69 -48.94
N TYR A 123 32.57 -68.72 -49.73
CA TYR A 123 31.58 -68.96 -50.76
C TYR A 123 32.12 -68.54 -52.12
N THR A 124 31.90 -69.39 -53.11
CA THR A 124 32.31 -69.17 -54.48
C THR A 124 31.26 -68.35 -55.23
N GLU A 125 31.67 -67.78 -56.35
CA GLU A 125 30.73 -67.03 -57.19
C GLU A 125 29.58 -67.93 -57.64
N GLU A 126 29.85 -69.21 -57.87
CA GLU A 126 28.77 -70.13 -58.22
C GLU A 126 27.83 -70.36 -57.03
N GLU A 127 28.36 -70.32 -55.81
CA GLU A 127 27.51 -70.46 -54.63
C GLU A 127 26.73 -69.18 -54.34
N PHE A 128 27.37 -68.02 -54.46
CA PHE A 128 26.68 -66.76 -54.22
C PHE A 128 25.49 -66.58 -55.17
N LYS A 129 25.70 -66.88 -56.46
CA LYS A 129 24.60 -66.79 -57.42
C LYS A 129 23.51 -67.81 -57.13
N GLN A 130 23.82 -68.88 -56.42
CA GLN A 130 22.81 -69.84 -56.03
C GLN A 130 21.98 -69.34 -54.85
N MET A 131 22.58 -68.56 -53.95
CA MET A 131 21.84 -67.94 -52.87
C MET A 131 21.02 -66.74 -53.32
N ASP A 132 21.40 -66.11 -54.44
CA ASP A 132 20.58 -65.04 -55.00
C ASP A 132 19.26 -65.57 -55.52
N THR A 133 19.17 -66.87 -55.76
CA THR A 133 17.90 -67.49 -56.13
C THR A 133 17.04 -67.74 -54.89
N PHE A 134 17.67 -67.90 -53.71
CA PHE A 134 16.92 -68.00 -52.47
C PHE A 134 16.22 -66.68 -52.14
N ILE A 135 16.87 -65.55 -52.47
CA ILE A 135 16.38 -64.25 -52.08
C ILE A 135 15.06 -63.93 -52.77
N ASP A 136 14.11 -63.39 -52.00
CA ASP A 136 12.85 -62.86 -52.51
C ASP A 136 12.77 -61.40 -52.04
N HIS A 137 13.25 -60.48 -52.87
CA HIS A 137 13.26 -59.06 -52.49
C HIS A 137 11.86 -58.48 -52.34
N ASP A 138 10.82 -59.18 -52.79
CA ASP A 138 9.45 -58.73 -52.55
C ASP A 138 9.04 -58.90 -51.10
N ARG A 139 9.80 -59.66 -50.31
CA ARG A 139 9.53 -59.74 -48.88
C ARG A 139 9.83 -58.43 -48.18
N ASP A 140 10.50 -57.49 -48.86
CA ASP A 140 10.62 -56.14 -48.35
C ASP A 140 9.27 -55.44 -48.32
N MET A 141 8.28 -55.96 -49.04
CA MET A 141 6.94 -55.41 -49.07
C MET A 141 6.03 -55.99 -47.99
N THR A 142 6.57 -56.76 -47.05
CA THR A 142 5.81 -57.30 -45.94
C THR A 142 6.15 -56.64 -44.61
N PHE A 143 7.07 -55.67 -44.60
CA PHE A 143 7.44 -54.95 -43.40
C PHE A 143 6.41 -53.89 -43.04
N SER A 144 6.34 -53.58 -41.75
CA SER A 144 5.64 -52.41 -41.27
C SER A 144 6.62 -51.24 -41.18
N TYR A 145 6.08 -50.04 -40.98
CA TYR A 145 6.93 -48.85 -40.96
C TYR A 145 7.93 -48.90 -39.81
N ALA A 146 7.47 -49.31 -38.62
CA ALA A 146 8.38 -49.43 -37.49
C ALA A 146 9.53 -50.38 -37.79
N ALA A 147 9.24 -51.45 -38.54
CA ALA A 147 10.29 -52.39 -38.91
C ALA A 147 11.33 -51.74 -39.80
N VAL A 148 10.88 -50.95 -40.79
CA VAL A 148 11.82 -50.35 -41.73
C VAL A 148 12.69 -49.32 -41.05
N LYS A 149 12.14 -48.56 -40.11
CA LYS A 149 12.93 -47.54 -39.43
C LYS A 149 13.99 -48.16 -38.52
N GLN A 150 13.70 -49.33 -37.96
CA GLN A 150 14.72 -50.04 -37.19
C GLN A 150 15.80 -50.59 -38.10
N LEU A 151 15.42 -51.03 -39.31
CA LEU A 151 16.41 -51.44 -40.29
C LEU A 151 17.30 -50.26 -40.69
N GLU A 152 16.68 -49.14 -41.09
CA GLU A 152 17.45 -47.98 -41.50
C GLU A 152 18.27 -47.42 -40.34
N GLY A 153 17.72 -47.45 -39.13
CA GLY A 153 18.33 -46.77 -38.00
C GLY A 153 19.39 -47.58 -37.28
N LYS A 154 19.21 -48.89 -37.23
CA LYS A 154 20.08 -49.73 -36.42
C LYS A 154 20.70 -50.87 -37.23
N TYR A 155 19.87 -51.64 -37.94
CA TYR A 155 20.29 -52.95 -38.40
C TYR A 155 21.07 -52.90 -39.71
N LEU A 156 20.53 -52.26 -40.74
CA LEU A 156 21.20 -52.21 -42.04
C LEU A 156 22.60 -51.63 -41.90
N VAL A 157 23.59 -52.29 -42.50
CA VAL A 157 24.97 -51.82 -42.43
C VAL A 157 25.05 -50.41 -42.99
N GLN A 158 25.61 -49.50 -42.20
CA GLN A 158 25.60 -48.09 -42.56
C GLN A 158 26.84 -47.42 -41.99
N ASN A 159 27.06 -46.19 -42.45
CA ASN A 159 28.13 -45.36 -41.93
C ASN A 159 27.58 -44.46 -40.83
N ARG A 160 28.23 -44.47 -39.67
CA ARG A 160 27.77 -43.73 -38.50
C ARG A 160 28.27 -42.28 -38.47
N VAL A 161 28.99 -41.85 -39.50
CA VAL A 161 29.38 -40.46 -39.67
C VAL A 161 28.77 -39.85 -40.92
N THR A 162 28.70 -40.62 -42.01
CA THR A 162 28.05 -40.18 -43.24
C THR A 162 26.54 -40.30 -43.17
N GLY A 163 26.03 -41.31 -42.47
CA GLY A 163 24.63 -41.65 -42.56
C GLY A 163 24.31 -42.47 -43.79
N GLU A 164 25.34 -42.91 -44.51
CA GLU A 164 25.16 -43.60 -45.77
C GLU A 164 24.73 -45.03 -45.50
N ILE A 165 23.56 -45.41 -46.02
CA ILE A 165 23.06 -46.78 -45.91
C ILE A 165 23.60 -47.58 -47.08
N TYR A 166 24.06 -48.81 -46.80
CA TYR A 166 24.81 -49.58 -47.77
C TYR A 166 24.11 -50.81 -48.33
N GLU A 167 23.06 -51.32 -47.69
CA GLU A 167 22.50 -52.60 -48.10
C GLU A 167 20.98 -52.58 -48.04
N SER A 168 20.38 -53.63 -48.61
CA SER A 168 18.94 -53.87 -48.56
C SER A 168 18.61 -54.81 -47.40
N ALA A 169 17.31 -55.02 -47.19
CA ALA A 169 16.87 -55.86 -46.07
C ALA A 169 17.11 -57.34 -46.35
N GLN A 170 16.85 -57.78 -47.58
CA GLN A 170 17.01 -59.21 -47.88
C GLN A 170 18.47 -59.60 -47.98
N PHE A 171 19.36 -58.67 -48.33
CA PHE A 171 20.79 -58.97 -48.30
C PHE A 171 21.26 -59.18 -46.87
N LEU A 172 20.76 -58.38 -45.93
CA LEU A 172 21.06 -58.58 -44.53
C LEU A 172 20.68 -59.99 -44.09
N TYR A 173 19.45 -60.41 -44.40
CA TYR A 173 18.98 -61.74 -44.01
C TYR A 173 19.85 -62.84 -44.61
N ILE A 174 20.07 -62.79 -45.93
CA ILE A 174 20.75 -63.90 -46.61
C ILE A 174 22.20 -64.00 -46.18
N LEU A 175 22.84 -62.88 -45.84
CA LEU A 175 24.24 -62.94 -45.45
C LEU A 175 24.41 -63.34 -43.99
N VAL A 176 23.44 -63.00 -43.15
CA VAL A 176 23.42 -63.56 -41.80
C VAL A 176 23.29 -65.08 -41.87
N ALA A 177 22.47 -65.57 -42.80
CA ALA A 177 22.37 -67.01 -43.00
C ALA A 177 23.66 -67.59 -43.57
N ALA A 178 24.28 -66.90 -44.53
CA ALA A 178 25.50 -67.41 -45.14
C ALA A 178 26.63 -67.48 -44.13
N CYS A 179 26.83 -66.40 -43.36
CA CYS A 179 27.96 -66.35 -42.42
C CYS A 179 27.79 -67.37 -41.29
N LEU A 180 26.59 -67.45 -40.70
CA LEU A 180 26.41 -68.33 -39.55
C LEU A 180 26.55 -69.79 -39.93
N PHE A 181 26.27 -70.14 -41.18
CA PHE A 181 26.44 -71.51 -41.65
C PHE A 181 27.61 -71.60 -42.62
N SER A 182 28.45 -70.58 -42.70
CA SER A 182 29.59 -70.58 -43.61
C SER A 182 30.56 -71.70 -43.27
N ASN A 183 30.62 -72.07 -42.00
CA ASN A 183 31.54 -73.07 -41.52
C ASN A 183 30.93 -74.46 -41.53
N TYR A 184 29.76 -74.63 -42.16
CA TYR A 184 29.08 -75.91 -42.31
C TYR A 184 29.62 -76.72 -43.48
N PRO A 185 29.46 -78.04 -43.44
CA PRO A 185 29.84 -78.89 -44.58
C PRO A 185 29.07 -78.56 -45.84
N ARG A 186 29.75 -78.71 -46.98
CA ARG A 186 29.15 -78.37 -48.28
C ARG A 186 27.91 -79.19 -48.57
N GLU A 187 27.79 -80.40 -48.01
CA GLU A 187 26.66 -81.26 -48.34
C GLU A 187 25.33 -80.70 -47.82
N THR A 188 25.37 -79.94 -46.72
CA THR A 188 24.17 -79.36 -46.13
C THR A 188 24.27 -77.86 -45.91
N ARG A 189 25.32 -77.20 -46.40
CA ARG A 189 25.52 -75.79 -46.10
C ARG A 189 24.44 -74.93 -46.74
N LEU A 190 24.40 -74.87 -48.07
CA LEU A 190 23.37 -74.05 -48.73
C LEU A 190 21.98 -74.57 -48.47
N GLN A 191 21.84 -75.85 -48.14
CA GLN A 191 20.54 -76.37 -47.71
C GLN A 191 20.07 -75.67 -46.44
N TYR A 192 20.96 -75.55 -45.46
CA TYR A 192 20.62 -74.83 -44.24
C TYR A 192 20.52 -73.33 -44.47
N VAL A 193 21.41 -72.77 -45.31
CA VAL A 193 21.41 -71.34 -45.55
C VAL A 193 20.06 -70.90 -46.10
N LYS A 194 19.52 -71.65 -47.06
CA LYS A 194 18.20 -71.33 -47.58
C LYS A 194 17.13 -71.49 -46.51
N ARG A 195 17.14 -72.62 -45.81
CA ARG A 195 16.08 -72.88 -44.84
C ARG A 195 16.10 -71.87 -43.70
N PHE A 196 17.29 -71.46 -43.26
CA PHE A 196 17.36 -70.47 -42.19
C PHE A 196 17.05 -69.07 -42.71
N TYR A 197 17.42 -68.76 -43.95
CA TYR A 197 17.05 -67.47 -44.53
C TYR A 197 15.54 -67.35 -44.61
N ASP A 198 14.87 -68.38 -45.13
CA ASP A 198 13.42 -68.37 -45.19
C ASP A 198 12.81 -68.19 -43.81
N ALA A 199 13.37 -68.87 -42.81
CA ALA A 199 12.82 -68.83 -41.46
C ALA A 199 12.84 -67.42 -40.89
N VAL A 200 13.91 -66.66 -41.13
CA VAL A 200 14.02 -65.34 -40.52
C VAL A 200 13.46 -64.23 -41.41
N SER A 201 13.49 -64.41 -42.73
CA SER A 201 12.95 -63.40 -43.64
C SER A 201 11.43 -63.46 -43.73
N THR A 202 10.82 -64.57 -43.31
CA THR A 202 9.37 -64.68 -43.20
C THR A 202 8.91 -64.68 -41.75
N PHE A 203 9.76 -64.20 -40.85
CA PHE A 203 9.40 -63.88 -39.47
C PHE A 203 8.95 -65.10 -38.67
N LYS A 204 9.47 -66.28 -38.99
CA LYS A 204 9.30 -67.42 -38.09
C LYS A 204 10.25 -67.33 -36.92
N ILE A 205 11.44 -66.77 -37.15
CA ILE A 205 12.48 -66.60 -36.14
C ILE A 205 12.89 -65.14 -36.08
N SER A 206 12.98 -64.60 -34.87
CA SER A 206 13.43 -63.23 -34.65
C SER A 206 14.90 -63.22 -34.26
N LEU A 207 15.66 -62.29 -34.86
CA LEU A 207 17.09 -62.22 -34.55
C LEU A 207 17.39 -60.93 -33.80
N PRO A 208 18.28 -60.98 -32.80
CA PRO A 208 18.53 -59.81 -31.96
C PRO A 208 19.36 -58.75 -32.67
N THR A 209 19.42 -57.58 -32.02
CA THR A 209 20.12 -56.42 -32.58
C THR A 209 21.56 -56.71 -33.01
N PRO A 210 22.43 -57.30 -32.18
CA PRO A 210 23.82 -57.49 -32.64
C PRO A 210 23.94 -58.45 -33.81
N ILE A 211 23.04 -59.44 -33.92
CA ILE A 211 23.09 -60.35 -35.06
C ILE A 211 22.61 -59.64 -36.32
N MET A 212 21.46 -58.96 -36.24
CA MET A 212 20.96 -58.18 -37.38
C MET A 212 21.97 -57.12 -37.80
N SER A 213 22.58 -56.45 -36.84
CA SER A 213 23.47 -55.34 -37.14
C SER A 213 24.83 -55.83 -37.65
N GLY A 214 25.34 -56.93 -37.10
CA GLY A 214 26.73 -57.25 -37.29
C GLY A 214 27.10 -58.45 -38.12
N VAL A 215 26.25 -59.49 -38.14
CA VAL A 215 26.65 -60.73 -38.79
C VAL A 215 26.76 -60.51 -40.29
N ARG A 216 28.00 -60.23 -40.75
CA ARG A 216 28.47 -60.05 -42.12
C ARG A 216 29.47 -58.90 -42.15
N THR A 217 29.67 -58.24 -41.01
CA THR A 217 30.57 -57.11 -40.89
C THR A 217 31.93 -57.56 -40.38
N PRO A 218 32.97 -56.77 -40.63
CA PRO A 218 34.31 -57.17 -40.17
C PRO A 218 34.41 -57.42 -38.67
N THR A 219 33.91 -56.49 -37.85
CA THR A 219 34.01 -56.63 -36.41
C THR A 219 32.98 -57.64 -35.93
N ARG A 220 33.47 -58.74 -35.34
CA ARG A 220 32.63 -59.90 -35.04
C ARG A 220 32.34 -59.94 -33.53
N GLN A 221 31.24 -59.32 -33.14
CA GLN A 221 30.67 -59.51 -31.81
C GLN A 221 29.16 -59.48 -31.93
N PHE A 222 28.51 -60.57 -31.51
CA PHE A 222 27.09 -60.73 -31.75
C PHE A 222 26.34 -61.27 -30.53
N SER A 223 26.97 -61.35 -29.36
CA SER A 223 26.30 -61.75 -28.13
C SER A 223 25.70 -60.53 -27.46
N SER A 224 24.40 -60.58 -27.18
CA SER A 224 23.71 -59.41 -26.63
C SER A 224 24.11 -59.16 -25.18
N CYS A 225 24.35 -60.22 -24.41
CA CYS A 225 24.50 -60.11 -22.97
C CYS A 225 25.91 -60.49 -22.55
N VAL A 226 26.55 -59.62 -21.77
CA VAL A 226 27.87 -59.85 -21.21
C VAL A 226 27.73 -59.73 -19.70
N LEU A 227 28.11 -60.78 -18.98
CA LEU A 227 27.96 -60.82 -17.53
C LEU A 227 29.35 -60.89 -16.91
N ILE A 228 29.75 -59.81 -16.22
CA ILE A 228 31.06 -59.70 -15.60
C ILE A 228 30.90 -59.71 -14.08
N GLU A 229 31.65 -60.59 -13.42
CA GLU A 229 31.69 -60.65 -11.97
C GLU A 229 32.96 -59.96 -11.47
N CYS A 230 32.80 -59.10 -10.47
CA CYS A 230 33.89 -58.30 -9.94
C CYS A 230 34.29 -58.82 -8.57
N GLY A 231 35.60 -58.96 -8.34
CA GLY A 231 36.08 -59.34 -7.03
C GLY A 231 36.39 -58.13 -6.16
N ASP A 232 36.71 -58.39 -4.90
CA ASP A 232 37.00 -57.31 -3.95
C ASP A 232 38.50 -56.98 -3.97
N SER A 233 38.97 -56.57 -5.14
CA SER A 233 40.37 -56.20 -5.30
C SER A 233 40.48 -55.16 -6.40
N LEU A 234 41.53 -54.34 -6.32
CA LEU A 234 41.75 -53.37 -7.39
C LEU A 234 42.09 -54.05 -8.70
N ASP A 235 42.79 -55.18 -8.65
CA ASP A 235 43.11 -55.89 -9.88
C ASP A 235 41.86 -56.40 -10.57
N SER A 236 40.85 -56.81 -9.80
CA SER A 236 39.58 -57.25 -10.38
C SER A 236 38.74 -56.05 -10.84
N ILE A 237 38.71 -54.99 -10.03
CA ILE A 237 38.00 -53.78 -10.43
C ILE A 237 38.58 -53.24 -11.72
N ASN A 238 39.91 -53.22 -11.84
CA ASN A 238 40.54 -52.80 -13.09
C ASN A 238 40.16 -53.74 -14.23
N ALA A 239 40.20 -55.05 -13.98
CA ALA A 239 39.83 -56.01 -15.00
C ALA A 239 38.38 -55.86 -15.40
N THR A 240 37.49 -55.67 -14.42
CA THR A 240 36.07 -55.47 -14.72
C THR A 240 35.87 -54.24 -15.59
N SER A 241 36.44 -53.11 -15.19
CA SER A 241 36.31 -51.88 -15.97
C SER A 241 36.81 -52.09 -17.40
N SER A 242 37.96 -52.74 -17.56
CA SER A 242 38.50 -52.97 -18.90
C SER A 242 37.58 -53.85 -19.72
N ALA A 243 37.00 -54.89 -19.11
CA ALA A 243 36.10 -55.77 -19.86
C ALA A 243 34.81 -55.06 -20.24
N ILE A 244 34.27 -54.24 -19.34
CA ILE A 244 33.10 -53.44 -19.66
C ILE A 244 33.37 -52.57 -20.88
N VAL A 245 34.45 -51.77 -20.82
CA VAL A 245 34.79 -50.88 -21.92
C VAL A 245 34.87 -51.64 -23.24
N LYS A 246 35.54 -52.79 -23.21
CA LYS A 246 35.72 -53.57 -24.43
C LYS A 246 34.38 -54.00 -25.02
N TYR A 247 33.50 -54.56 -24.20
CA TYR A 247 32.27 -55.14 -24.72
C TYR A 247 31.18 -54.10 -24.96
N VAL A 248 31.21 -52.97 -24.27
CA VAL A 248 30.20 -51.93 -24.53
C VAL A 248 30.41 -51.35 -25.92
N SER A 249 31.66 -51.20 -26.35
CA SER A 249 31.93 -50.77 -27.71
C SER A 249 31.63 -51.85 -28.74
N GLN A 250 31.11 -53.00 -28.31
CA GLN A 250 30.81 -54.11 -29.20
C GLN A 250 29.35 -54.52 -29.13
N ARG A 251 28.43 -53.56 -29.26
CA ARG A 251 26.99 -53.83 -29.36
C ARG A 251 26.44 -54.62 -28.19
N ALA A 252 27.11 -54.63 -27.04
CA ALA A 252 26.70 -55.49 -25.94
C ALA A 252 26.19 -54.68 -24.75
N GLY A 253 25.35 -55.34 -23.96
CA GLY A 253 24.82 -54.77 -22.73
C GLY A 253 25.37 -55.56 -21.55
N ILE A 254 25.77 -54.84 -20.51
CA ILE A 254 26.59 -55.40 -19.45
C ILE A 254 25.74 -55.68 -18.22
N GLY A 255 26.07 -56.77 -17.52
CA GLY A 255 25.56 -57.00 -16.19
C GLY A 255 26.75 -57.14 -15.26
N ILE A 256 26.85 -56.25 -14.26
CA ILE A 256 27.98 -56.21 -13.34
C ILE A 256 27.55 -56.74 -11.99
N ASN A 257 28.41 -57.53 -11.36
CA ASN A 257 28.17 -58.11 -10.03
C ASN A 257 29.22 -57.56 -9.09
N ALA A 258 28.96 -56.36 -8.56
CA ALA A 258 29.86 -55.71 -7.62
C ALA A 258 29.44 -55.92 -6.16
N GLY A 259 28.82 -57.06 -5.86
CA GLY A 259 28.42 -57.34 -4.49
C GLY A 259 29.55 -57.70 -3.56
N ARG A 260 30.70 -58.09 -4.11
CA ARG A 260 31.84 -58.53 -3.31
C ARG A 260 32.65 -57.37 -2.74
N ILE A 261 32.58 -56.20 -3.36
CA ILE A 261 33.37 -55.07 -2.91
C ILE A 261 33.02 -54.74 -1.47
N ARG A 262 34.02 -54.67 -0.61
CA ARG A 262 33.79 -54.46 0.81
C ARG A 262 33.19 -53.09 1.08
N ALA A 263 32.46 -53.00 2.19
CA ALA A 263 31.66 -51.83 2.48
C ALA A 263 32.53 -50.64 2.87
N LEU A 264 31.89 -49.47 2.93
CA LEU A 264 32.55 -48.25 3.38
C LEU A 264 33.05 -48.40 4.81
N GLY A 265 34.28 -47.96 5.03
CA GLY A 265 34.88 -48.02 6.36
C GLY A 265 35.68 -49.26 6.64
N SER A 266 35.58 -50.28 5.79
CA SER A 266 36.30 -51.52 6.02
C SER A 266 37.81 -51.29 5.93
N PRO A 267 38.59 -52.03 6.71
CA PRO A 267 40.05 -51.87 6.67
C PRO A 267 40.64 -52.45 5.40
N ILE A 268 41.71 -51.81 4.93
CA ILE A 268 42.46 -52.23 3.75
C ILE A 268 43.90 -52.46 4.17
N ARG A 269 44.43 -53.64 3.86
CA ARG A 269 45.78 -54.04 4.28
C ARG A 269 45.94 -53.87 5.78
N GLY A 270 44.95 -54.36 6.53
CA GLY A 270 45.02 -54.35 7.98
C GLY A 270 44.96 -52.99 8.64
N GLY A 271 44.46 -51.99 7.93
CA GLY A 271 44.39 -50.64 8.47
C GLY A 271 45.38 -49.66 7.88
N GLU A 272 46.13 -50.07 6.85
CA GLU A 272 46.98 -49.12 6.14
C GLU A 272 46.16 -48.12 5.36
N ALA A 273 44.91 -48.45 5.08
CA ALA A 273 44.03 -47.57 4.33
C ALA A 273 42.61 -47.75 4.84
N PHE A 274 41.77 -46.77 4.54
CA PHE A 274 40.37 -46.73 4.97
C PHE A 274 39.49 -46.81 3.72
N HIS A 275 38.69 -47.87 3.63
CA HIS A 275 37.91 -48.08 2.41
C HIS A 275 36.80 -47.04 2.29
N THR A 276 36.86 -46.25 1.21
CA THR A 276 35.94 -45.14 0.99
C THR A 276 34.56 -45.58 0.49
N GLY A 277 34.33 -46.87 0.30
CA GLY A 277 33.00 -47.37 -0.01
C GLY A 277 32.92 -47.93 -1.42
N CYS A 278 31.74 -48.49 -1.71
CA CYS A 278 31.47 -49.07 -3.02
C CYS A 278 31.20 -48.00 -4.06
N ILE A 279 30.49 -46.93 -3.68
CA ILE A 279 30.01 -45.90 -4.59
C ILE A 279 31.12 -45.29 -5.44
N PRO A 280 32.30 -44.96 -4.90
CA PRO A 280 33.38 -44.48 -5.77
C PRO A 280 33.76 -45.47 -6.86
N PHE A 281 33.58 -46.78 -6.61
CA PHE A 281 33.86 -47.75 -7.66
C PHE A 281 32.68 -47.89 -8.61
N TYR A 282 31.44 -47.79 -8.10
CA TYR A 282 30.28 -47.81 -8.98
C TYR A 282 30.34 -46.67 -9.99
N LYS A 283 30.79 -45.49 -9.55
CA LYS A 283 30.99 -44.37 -10.47
C LYS A 283 32.01 -44.72 -11.55
N HIS A 284 33.02 -45.52 -11.20
CA HIS A 284 34.01 -45.94 -12.19
C HIS A 284 33.41 -46.91 -13.19
N PHE A 285 32.51 -47.79 -12.73
CA PHE A 285 31.84 -48.69 -13.65
C PHE A 285 30.88 -47.94 -14.56
N GLN A 286 30.28 -46.85 -14.07
CA GLN A 286 29.38 -46.08 -14.91
C GLN A 286 30.12 -45.38 -16.03
N THR A 287 31.21 -44.69 -15.69
CA THR A 287 31.98 -44.01 -16.73
C THR A 287 32.63 -45.00 -17.68
N ALA A 288 32.89 -46.23 -17.22
CA ALA A 288 33.34 -47.28 -18.13
C ALA A 288 32.30 -47.55 -19.21
N VAL A 289 31.04 -47.69 -18.81
CA VAL A 289 29.97 -47.92 -19.77
C VAL A 289 29.78 -46.69 -20.66
N LYS A 290 29.63 -45.51 -20.05
CA LYS A 290 29.29 -44.32 -20.81
C LYS A 290 30.43 -43.82 -21.70
N SER A 291 31.68 -44.20 -21.41
CA SER A 291 32.82 -43.73 -22.20
C SER A 291 32.64 -44.03 -23.68
N CYS A 292 32.10 -45.19 -24.00
CA CYS A 292 31.92 -45.60 -25.39
C CYS A 292 30.59 -46.34 -25.57
N SER A 293 29.58 -45.98 -24.78
CA SER A 293 28.26 -46.59 -24.93
C SER A 293 27.64 -46.22 -26.27
N GLN A 294 27.57 -44.92 -26.56
CA GLN A 294 26.98 -44.44 -27.79
C GLN A 294 28.03 -44.32 -28.89
N GLY A 295 27.55 -44.14 -30.11
CA GLY A 295 28.39 -44.04 -31.29
C GLY A 295 28.26 -45.23 -32.22
N GLY A 296 27.79 -46.36 -31.72
CA GLY A 296 27.65 -47.56 -32.54
C GLY A 296 26.22 -47.87 -32.94
N VAL A 297 25.81 -49.13 -32.77
CA VAL A 297 24.48 -49.55 -33.17
C VAL A 297 23.41 -48.89 -32.30
N ARG A 298 23.69 -48.73 -31.02
CA ARG A 298 22.79 -48.08 -30.08
C ARG A 298 23.58 -47.78 -28.81
N GLY A 299 22.93 -47.06 -27.90
CA GLY A 299 23.54 -46.74 -26.63
C GLY A 299 23.50 -47.90 -25.65
N GLY A 300 24.67 -48.41 -25.28
CA GLY A 300 24.71 -49.50 -24.32
C GLY A 300 24.46 -49.03 -22.89
N ALA A 301 24.01 -49.96 -22.06
CA ALA A 301 23.76 -49.68 -20.66
C ALA A 301 24.28 -50.85 -19.83
N ALA A 302 24.05 -50.78 -18.53
CA ALA A 302 24.52 -51.83 -17.65
C ALA A 302 23.68 -51.83 -16.39
N THR A 303 23.54 -53.02 -15.79
CA THR A 303 22.84 -53.19 -14.53
C THR A 303 23.82 -53.77 -13.52
N LEU A 304 23.91 -53.13 -12.36
CA LEU A 304 24.80 -53.57 -11.30
C LEU A 304 24.00 -54.30 -10.24
N PHE A 305 24.57 -55.37 -9.72
CA PHE A 305 23.89 -56.25 -8.77
C PHE A 305 24.65 -56.24 -7.45
N TYR A 306 23.90 -56.28 -6.35
CA TYR A 306 24.46 -56.35 -5.02
C TYR A 306 23.45 -57.06 -4.13
N PRO A 307 23.91 -57.79 -3.10
CA PRO A 307 22.97 -58.48 -2.23
C PRO A 307 22.23 -57.50 -1.32
N MET A 308 20.98 -57.87 -1.00
CA MET A 308 20.14 -57.02 -0.15
C MET A 308 20.77 -56.83 1.23
N TRP A 309 21.48 -57.84 1.72
CA TRP A 309 22.08 -57.75 3.04
C TRP A 309 23.41 -57.02 3.06
N HIS A 310 23.82 -56.38 1.95
CA HIS A 310 25.07 -55.62 1.97
C HIS A 310 24.96 -54.44 2.94
N LEU A 311 26.10 -54.06 3.49
CA LEU A 311 26.10 -53.00 4.49
C LEU A 311 25.70 -51.66 3.90
N GLU A 312 26.20 -51.34 2.70
CA GLU A 312 25.87 -50.08 2.05
C GLU A 312 24.53 -50.13 1.33
N VAL A 313 23.73 -51.18 1.53
CA VAL A 313 22.55 -51.40 0.70
C VAL A 313 21.59 -50.22 0.76
N GLU A 314 21.54 -49.53 1.90
CA GLU A 314 20.63 -48.40 2.03
C GLU A 314 21.06 -47.23 1.16
N SER A 315 22.37 -47.14 0.88
CA SER A 315 22.89 -46.10 0.00
C SER A 315 22.92 -46.53 -1.46
N LEU A 316 22.94 -47.83 -1.73
CA LEU A 316 22.93 -48.31 -3.11
C LEU A 316 21.53 -48.31 -3.71
N LEU A 317 20.50 -48.44 -2.89
CA LEU A 317 19.12 -48.43 -3.39
C LEU A 317 18.72 -47.06 -3.91
N VAL A 318 19.30 -46.00 -3.35
CA VAL A 318 18.91 -44.63 -3.67
C VAL A 318 19.83 -44.02 -4.72
N LEU A 319 20.65 -44.82 -5.40
CA LEU A 319 21.67 -44.26 -6.27
C LEU A 319 21.08 -43.53 -7.48
N LYS A 320 19.88 -43.92 -7.92
CA LYS A 320 19.28 -43.30 -9.10
C LYS A 320 18.42 -42.07 -8.78
N ASN A 321 17.96 -41.90 -7.54
CA ASN A 321 17.12 -40.77 -7.18
C ASN A 321 17.88 -39.44 -7.25
N ASN A 322 17.15 -38.39 -7.65
CA ASN A 322 17.78 -37.10 -7.89
C ASN A 322 18.17 -36.39 -6.60
N ARG A 323 17.42 -36.63 -5.53
CA ARG A 323 17.51 -35.83 -4.31
C ARG A 323 18.73 -36.24 -3.49
N GLY A 324 19.87 -35.67 -3.86
CA GLY A 324 21.13 -35.98 -3.20
C GLY A 324 22.32 -35.44 -3.95
N VAL A 325 23.48 -35.38 -3.30
CA VAL A 325 24.66 -34.81 -3.95
C VAL A 325 25.21 -35.78 -4.99
N GLU A 326 25.91 -35.23 -5.98
CA GLU A 326 26.51 -36.06 -7.02
C GLU A 326 27.49 -37.06 -6.44
N GLY A 327 28.10 -36.75 -5.29
CA GLY A 327 28.99 -37.68 -4.64
C GLY A 327 28.33 -38.99 -4.26
N ASN A 328 27.01 -38.97 -4.06
CA ASN A 328 26.26 -40.15 -3.63
C ASN A 328 25.24 -40.60 -4.67
N ARG A 329 25.44 -40.25 -5.94
CA ARG A 329 24.50 -40.65 -6.98
C ARG A 329 25.25 -41.24 -8.16
N VAL A 330 24.85 -42.45 -8.55
CA VAL A 330 25.31 -43.08 -9.79
C VAL A 330 24.04 -43.41 -10.57
N ARG A 331 23.54 -42.43 -11.32
CA ARG A 331 22.16 -42.49 -11.79
C ARG A 331 22.03 -43.31 -13.07
N HIS A 332 23.01 -43.24 -13.96
CA HIS A 332 22.86 -43.72 -15.33
C HIS A 332 23.09 -45.22 -15.47
N MET A 333 23.10 -45.97 -14.36
CA MET A 333 23.09 -47.41 -14.43
C MET A 333 21.83 -47.92 -13.72
N ASP A 334 21.42 -49.12 -14.07
CA ASP A 334 20.35 -49.80 -13.36
C ASP A 334 20.94 -50.73 -12.30
N TYR A 335 20.08 -51.14 -11.35
CA TYR A 335 20.53 -51.95 -10.23
C TYR A 335 19.58 -53.12 -10.00
N GLY A 336 20.15 -54.26 -9.63
CA GLY A 336 19.37 -55.43 -9.28
C GLY A 336 19.65 -55.86 -7.87
N VAL A 337 18.63 -55.86 -7.01
CA VAL A 337 18.76 -56.25 -5.63
C VAL A 337 18.57 -57.76 -5.53
N GLN A 338 19.54 -58.42 -4.90
CA GLN A 338 19.54 -59.88 -4.80
C GLN A 338 18.91 -60.29 -3.48
N ILE A 339 17.86 -61.12 -3.56
CA ILE A 339 17.05 -61.51 -2.41
C ILE A 339 16.91 -63.03 -2.44
N ASN A 340 16.83 -63.62 -1.24
CA ASN A 340 16.55 -65.05 -1.13
C ASN A 340 15.39 -65.24 -0.16
N LYS A 341 15.06 -66.52 0.08
CA LYS A 341 13.89 -66.86 0.88
C LYS A 341 13.99 -66.27 2.29
N LEU A 342 15.19 -66.31 2.88
CA LEU A 342 15.37 -65.83 4.25
C LEU A 342 15.03 -64.35 4.38
N MET A 343 15.40 -63.55 3.39
CA MET A 343 15.09 -62.12 3.43
C MET A 343 13.58 -61.91 3.44
N TYR A 344 12.85 -62.63 2.58
CA TYR A 344 11.39 -62.52 2.58
C TYR A 344 10.81 -63.02 3.90
N THR A 345 11.43 -64.04 4.49
CA THR A 345 10.95 -64.54 5.78
C THR A 345 11.01 -63.44 6.84
N ARG A 346 12.08 -62.67 6.86
CA ARG A 346 12.19 -61.57 7.82
C ARG A 346 11.10 -60.54 7.61
N LEU A 347 10.71 -60.29 6.36
CA LEU A 347 9.65 -59.34 6.07
C LEU A 347 8.30 -59.86 6.54
N LEU A 348 8.00 -61.14 6.25
CA LEU A 348 6.71 -61.71 6.61
C LEU A 348 6.52 -61.78 8.11
N LYS A 349 7.61 -61.93 8.87
CA LYS A 349 7.55 -62.02 10.32
C LYS A 349 7.72 -60.66 10.99
N GLY A 350 7.94 -59.61 10.21
CA GLY A 350 8.15 -58.29 10.77
C GLY A 350 9.45 -58.16 11.53
N GLU A 351 10.38 -59.09 11.33
CA GLU A 351 11.65 -59.09 12.05
C GLU A 351 12.63 -58.15 11.34
N ASP A 352 13.89 -58.19 11.76
CA ASP A 352 14.92 -57.33 11.19
C ASP A 352 15.74 -58.10 10.15
N ILE A 353 16.59 -57.34 9.44
CA ILE A 353 17.54 -57.91 8.49
C ILE A 353 18.90 -57.33 8.84
N THR A 354 19.86 -58.20 9.14
CA THR A 354 21.21 -57.76 9.51
C THR A 354 22.05 -57.53 8.27
N LEU A 355 22.67 -56.37 8.19
CA LEU A 355 23.52 -56.00 7.06
C LEU A 355 24.98 -56.23 7.42
N PHE A 356 25.69 -56.94 6.55
CA PHE A 356 27.10 -57.21 6.74
C PHE A 356 27.89 -56.67 5.54
N SER A 357 29.15 -56.34 5.80
CA SER A 357 30.09 -56.22 4.70
C SER A 357 30.54 -57.62 4.31
N PRO A 358 30.55 -57.97 3.02
CA PRO A 358 30.95 -59.34 2.64
C PRO A 358 32.37 -59.68 3.06
N SER A 359 33.19 -58.69 3.42
CA SER A 359 34.54 -58.97 3.88
C SER A 359 34.58 -59.45 5.32
N ASP A 360 33.55 -59.12 6.11
CA ASP A 360 33.50 -59.50 7.50
C ASP A 360 32.80 -60.83 7.73
N VAL A 361 32.27 -61.45 6.68
CA VAL A 361 31.47 -62.67 6.85
C VAL A 361 31.99 -63.76 5.92
N PRO A 362 32.91 -64.61 6.37
CA PRO A 362 33.53 -65.61 5.49
C PRO A 362 32.52 -66.63 4.99
N GLY A 363 32.53 -66.86 3.67
CA GLY A 363 31.66 -67.85 3.06
C GLY A 363 30.20 -67.48 3.03
N LEU A 364 29.82 -66.32 3.58
CA LEU A 364 28.44 -65.91 3.59
C LEU A 364 27.96 -65.56 2.19
N TYR A 365 28.85 -65.00 1.38
CA TYR A 365 28.47 -64.58 0.03
C TYR A 365 28.22 -65.78 -0.86
N ASP A 366 29.17 -66.71 -0.93
CA ASP A 366 29.00 -67.87 -1.80
C ASP A 366 27.80 -68.71 -1.39
N ALA A 367 27.54 -68.79 -0.08
CA ALA A 367 26.38 -69.54 0.40
C ALA A 367 25.08 -68.84 0.01
N PHE A 368 25.10 -67.52 -0.14
CA PHE A 368 23.90 -66.77 -0.51
C PHE A 368 23.33 -67.26 -1.83
N PHE A 369 24.17 -67.81 -2.71
CA PHE A 369 23.73 -68.31 -4.00
C PHE A 369 23.73 -69.84 -4.07
N ALA A 370 24.85 -70.47 -3.71
CA ALA A 370 25.01 -71.90 -3.96
C ALA A 370 24.23 -72.75 -2.96
N ASP A 371 24.35 -72.46 -1.67
CA ASP A 371 23.84 -73.32 -0.61
C ASP A 371 22.90 -72.50 0.27
N GLN A 372 21.59 -72.68 0.07
CA GLN A 372 20.63 -71.90 0.85
C GLN A 372 20.62 -72.31 2.32
N GLU A 373 20.87 -73.59 2.61
CA GLU A 373 20.95 -74.03 4.00
C GLU A 373 22.17 -73.45 4.70
N GLU A 374 23.34 -73.59 4.07
CA GLU A 374 24.58 -73.09 4.67
C GLU A 374 24.52 -71.59 4.91
N PHE A 375 23.82 -70.84 4.05
CA PHE A 375 23.68 -69.40 4.24
C PHE A 375 22.94 -69.09 5.53
N GLU A 376 21.78 -69.72 5.75
CA GLU A 376 21.05 -69.48 6.99
C GLU A 376 21.88 -69.83 8.21
N ARG A 377 22.71 -70.87 8.10
CA ARG A 377 23.60 -71.24 9.20
C ARG A 377 24.59 -70.12 9.48
N LEU A 378 25.33 -69.70 8.45
CA LEU A 378 26.32 -68.64 8.63
C LEU A 378 25.66 -67.33 9.02
N TYR A 379 24.50 -67.03 8.43
CA TYR A 379 23.84 -65.75 8.68
C TYR A 379 23.48 -65.58 10.15
N THR A 380 22.73 -66.53 10.70
CA THR A 380 22.34 -66.43 12.11
C THR A 380 23.55 -66.51 13.03
N LYS A 381 24.55 -67.30 12.67
CA LYS A 381 25.78 -67.36 13.46
C LYS A 381 26.47 -66.00 13.49
N TYR A 382 26.65 -65.39 12.32
CA TYR A 382 27.29 -64.08 12.25
C TYR A 382 26.41 -62.99 12.85
N GLU A 383 25.09 -63.18 12.84
CA GLU A 383 24.20 -62.21 13.47
C GLU A 383 24.45 -62.13 14.97
N LYS A 384 24.77 -63.25 15.60
CA LYS A 384 25.03 -63.29 17.02
C LYS A 384 26.47 -62.95 17.37
N ASP A 385 27.39 -63.10 16.42
CA ASP A 385 28.78 -62.73 16.66
C ASP A 385 28.88 -61.22 16.85
N ASP A 386 29.45 -60.80 17.96
CA ASP A 386 29.59 -59.38 18.24
C ASP A 386 30.89 -58.80 17.71
N SER A 387 31.82 -59.64 17.28
CA SER A 387 33.07 -59.16 16.72
C SER A 387 32.96 -58.83 15.24
N ILE A 388 31.78 -59.01 14.63
CA ILE A 388 31.56 -58.75 13.21
C ILE A 388 30.78 -57.46 13.07
N ARG A 389 31.30 -56.52 12.28
CA ARG A 389 30.59 -55.27 12.03
C ARG A 389 29.29 -55.56 11.29
N LYS A 390 28.18 -55.16 11.88
CA LYS A 390 26.86 -55.44 11.35
C LYS A 390 26.00 -54.19 11.48
N GLN A 391 24.78 -54.29 10.96
CA GLN A 391 23.82 -53.21 11.03
C GLN A 391 22.44 -53.81 10.86
N ARG A 392 21.55 -53.56 11.81
CA ARG A 392 20.22 -54.11 11.78
C ARG A 392 19.26 -53.08 11.20
N VAL A 393 18.39 -53.52 10.31
CA VAL A 393 17.37 -52.69 9.69
C VAL A 393 16.06 -53.46 9.72
N LYS A 394 14.97 -52.77 10.05
CA LYS A 394 13.66 -53.38 9.99
C LYS A 394 13.38 -53.85 8.57
N ALA A 395 13.13 -55.15 8.41
CA ALA A 395 12.84 -55.69 7.09
C ALA A 395 11.70 -54.96 6.43
N VAL A 396 10.73 -54.50 7.22
CA VAL A 396 9.60 -53.75 6.68
C VAL A 396 10.08 -52.44 6.07
N GLU A 397 11.10 -51.82 6.66
CA GLU A 397 11.60 -50.54 6.15
C GLU A 397 12.53 -50.73 4.97
N LEU A 398 13.43 -51.73 5.05
CA LEU A 398 14.36 -51.96 3.94
C LEU A 398 13.62 -52.31 2.67
N PHE A 399 12.59 -53.16 2.77
CA PHE A 399 11.77 -53.49 1.61
C PHE A 399 11.01 -52.28 1.09
N SER A 400 10.52 -51.43 2.00
CA SER A 400 9.79 -50.24 1.56
C SER A 400 10.69 -49.32 0.76
N LEU A 401 11.92 -49.10 1.23
CA LEU A 401 12.87 -48.26 0.51
C LEU A 401 13.13 -48.80 -0.89
N MET A 402 13.40 -50.10 -1.00
CA MET A 402 13.71 -50.70 -2.30
C MET A 402 12.53 -50.60 -3.26
N MET A 403 11.35 -51.02 -2.82
CA MET A 403 10.17 -50.97 -3.69
C MET A 403 9.80 -49.53 -4.02
N GLN A 404 10.14 -48.59 -3.15
CA GLN A 404 9.89 -47.17 -3.42
C GLN A 404 10.86 -46.63 -4.45
N GLU A 405 12.13 -47.05 -4.38
CA GLU A 405 13.10 -46.64 -5.39
C GLU A 405 12.87 -47.38 -6.70
N ARG A 406 12.32 -48.59 -6.63
CA ARG A 406 11.90 -49.29 -7.85
C ARG A 406 10.75 -48.56 -8.51
N ALA A 407 9.85 -47.97 -7.72
CA ALA A 407 8.69 -47.31 -8.28
C ALA A 407 9.06 -46.00 -8.97
N SER A 408 9.78 -45.11 -8.28
CA SER A 408 10.07 -43.79 -8.81
C SER A 408 11.01 -43.86 -10.02
N THR A 409 12.06 -44.67 -9.93
CA THR A 409 13.03 -44.77 -11.01
C THR A 409 12.61 -45.77 -12.08
N GLY A 410 11.90 -46.83 -11.71
CA GLY A 410 11.49 -47.86 -12.64
C GLY A 410 12.58 -48.83 -13.04
N ARG A 411 13.83 -48.59 -12.65
CA ARG A 411 14.95 -49.41 -13.11
C ARG A 411 15.69 -50.05 -11.94
N ILE A 412 15.05 -50.23 -10.79
CA ILE A 412 15.61 -50.99 -9.67
C ILE A 412 15.01 -52.38 -9.75
N TYR A 413 15.80 -53.34 -10.21
CA TYR A 413 15.34 -54.69 -10.49
C TYR A 413 15.58 -55.61 -9.30
N ILE A 414 14.95 -56.79 -9.36
CA ILE A 414 14.99 -57.76 -8.27
C ILE A 414 15.33 -59.13 -8.85
N GLN A 415 16.27 -59.84 -8.23
CA GLN A 415 16.66 -61.18 -8.63
C GLN A 415 16.63 -62.09 -7.41
N ASN A 416 15.69 -63.03 -7.39
CA ASN A 416 15.62 -64.04 -6.33
C ASN A 416 16.73 -65.05 -6.59
N VAL A 417 17.84 -64.90 -5.87
CA VAL A 417 19.04 -65.69 -6.19
C VAL A 417 18.85 -67.16 -5.84
N ASP A 418 18.01 -67.48 -4.87
CA ASP A 418 17.82 -68.88 -4.50
C ASP A 418 17.06 -69.64 -5.58
N HIS A 419 16.08 -68.99 -6.21
CA HIS A 419 15.38 -69.63 -7.32
C HIS A 419 16.29 -69.82 -8.52
N CYS A 420 17.23 -68.90 -8.72
CA CYS A 420 18.14 -69.00 -9.86
C CYS A 420 19.17 -70.11 -9.70
N ASN A 421 19.13 -70.88 -8.62
CA ASN A 421 20.06 -71.98 -8.44
C ASN A 421 19.32 -73.28 -8.05
N THR A 422 18.19 -73.16 -7.35
CA THR A 422 17.39 -74.33 -7.06
C THR A 422 16.69 -74.86 -8.31
N HIS A 423 16.22 -73.96 -9.17
CA HIS A 423 15.55 -74.34 -10.41
C HIS A 423 16.34 -73.82 -11.60
N SER A 424 17.58 -74.25 -11.73
CA SER A 424 18.49 -73.76 -12.76
C SER A 424 19.10 -74.94 -13.51
N PRO A 425 19.69 -74.69 -14.69
CA PRO A 425 20.38 -75.76 -15.40
C PRO A 425 21.83 -75.92 -14.99
N PHE A 426 22.20 -75.44 -13.81
CA PHE A 426 23.58 -75.53 -13.33
C PHE A 426 23.62 -76.09 -11.92
N ASP A 427 24.72 -76.78 -11.62
CA ASP A 427 24.93 -77.31 -10.27
C ASP A 427 25.47 -76.18 -9.39
N PRO A 428 24.71 -75.72 -8.40
CA PRO A 428 25.20 -74.63 -7.54
C PRO A 428 26.51 -74.96 -6.85
N ALA A 429 26.79 -76.24 -6.63
CA ALA A 429 28.07 -76.62 -6.01
C ALA A 429 29.22 -76.38 -6.98
N ILE A 430 28.99 -76.63 -8.27
CA ILE A 430 30.04 -76.56 -9.29
C ILE A 430 30.06 -75.20 -9.98
N ALA A 431 28.91 -74.74 -10.48
CA ALA A 431 28.83 -73.50 -11.23
C ALA A 431 27.57 -72.74 -10.84
N PRO A 432 27.60 -72.03 -9.72
CA PRO A 432 26.40 -71.30 -9.28
C PRO A 432 26.19 -70.04 -10.10
N VAL A 433 24.94 -69.62 -10.15
CA VAL A 433 24.56 -68.34 -10.76
C VAL A 433 24.53 -67.30 -9.65
N ARG A 434 25.33 -66.24 -9.80
CA ARG A 434 25.47 -65.21 -8.79
C ARG A 434 25.11 -63.83 -9.33
N GLN A 435 24.39 -63.76 -10.43
CA GLN A 435 24.25 -62.51 -11.16
C GLN A 435 23.19 -62.67 -12.23
N SER A 436 22.80 -61.54 -12.83
CA SER A 436 21.92 -61.54 -13.99
C SER A 436 22.47 -60.52 -14.98
N ASN A 437 21.67 -60.11 -15.96
CA ASN A 437 22.15 -59.22 -17.01
C ASN A 437 21.47 -57.86 -17.01
N LEU A 438 21.50 -57.18 -18.16
CA LEU A 438 20.92 -55.84 -18.27
C LEU A 438 19.41 -55.89 -18.08
N CYS A 439 18.74 -56.82 -18.74
CA CYS A 439 17.29 -56.87 -18.75
C CYS A 439 16.75 -57.98 -17.86
N LEU A 440 17.61 -58.60 -17.06
CA LEU A 440 17.21 -59.53 -15.99
C LEU A 440 16.57 -60.81 -16.52
N GLU A 441 17.00 -61.28 -17.69
CA GLU A 441 16.52 -62.55 -18.23
C GLU A 441 17.63 -63.58 -18.39
N ILE A 442 18.87 -63.23 -18.11
CA ILE A 442 20.02 -64.13 -18.28
C ILE A 442 20.55 -64.50 -16.91
N ALA A 443 20.79 -65.79 -16.69
CA ALA A 443 21.34 -66.31 -15.44
C ALA A 443 22.39 -67.37 -15.76
N LEU A 444 23.66 -66.99 -15.72
CA LEU A 444 24.76 -67.84 -16.14
C LEU A 444 25.89 -67.76 -15.13
N PRO A 445 26.69 -68.81 -14.99
CA PRO A 445 27.77 -68.79 -14.00
C PRO A 445 28.93 -67.88 -14.43
N THR A 446 29.60 -67.31 -13.43
CA THR A 446 30.70 -66.39 -13.62
C THR A 446 31.72 -66.56 -12.50
N LYS A 447 32.98 -66.19 -12.78
CA LYS A 447 34.05 -66.16 -11.80
C LYS A 447 34.89 -64.91 -12.04
N PRO A 448 35.15 -64.10 -11.02
CA PRO A 448 35.81 -62.81 -11.22
C PRO A 448 37.23 -62.95 -11.77
N LEU A 449 37.74 -61.85 -12.32
CA LEU A 449 39.03 -61.82 -13.01
C LEU A 449 40.10 -61.16 -12.17
N ASN A 450 41.36 -61.53 -12.45
CA ASN A 450 42.54 -60.93 -11.84
C ASN A 450 43.24 -59.94 -12.75
N ASP A 451 43.19 -60.17 -14.06
CA ASP A 451 43.71 -59.24 -15.06
C ASP A 451 42.67 -59.16 -16.16
N VAL A 452 42.87 -58.22 -17.09
CA VAL A 452 42.01 -58.18 -18.27
C VAL A 452 42.08 -59.50 -19.02
N ASN A 453 43.22 -60.20 -18.96
CA ASN A 453 43.43 -61.45 -19.68
C ASN A 453 43.56 -62.66 -18.74
N ASP A 454 42.96 -62.58 -17.55
CA ASP A 454 43.01 -63.72 -16.64
C ASP A 454 42.36 -64.94 -17.27
N GLU A 455 43.16 -65.98 -17.50
CA GLU A 455 42.62 -67.19 -18.11
C GLU A 455 41.65 -67.89 -17.18
N ASN A 456 41.83 -67.75 -15.87
CA ASN A 456 41.04 -68.50 -14.90
C ASN A 456 39.69 -67.85 -14.58
N GLY A 457 39.49 -66.58 -14.93
CA GLY A 457 38.20 -65.98 -14.75
C GLY A 457 37.20 -66.46 -15.79
N GLU A 458 35.93 -66.17 -15.55
CA GLU A 458 34.88 -66.55 -16.49
C GLU A 458 33.89 -65.40 -16.64
N ILE A 459 33.72 -64.92 -17.87
CA ILE A 459 32.69 -63.95 -18.22
C ILE A 459 31.62 -64.66 -19.03
N ALA A 460 30.37 -64.55 -18.59
CA ALA A 460 29.25 -65.26 -19.22
C ALA A 460 28.70 -64.46 -20.39
N LEU A 461 28.66 -65.09 -21.56
CA LEU A 461 28.06 -64.53 -22.77
C LEU A 461 26.83 -65.35 -23.13
N CYS A 462 25.78 -64.66 -23.59
CA CYS A 462 24.58 -65.33 -24.05
C CYS A 462 24.18 -64.78 -25.40
N THR A 463 23.92 -65.68 -26.34
CA THR A 463 23.47 -65.32 -27.68
C THR A 463 21.98 -65.62 -27.80
N LEU A 464 21.24 -64.70 -28.43
CA LEU A 464 19.79 -64.70 -28.35
C LEU A 464 19.13 -64.87 -29.71
N SER A 465 17.85 -65.20 -29.66
CA SER A 465 16.92 -65.29 -30.79
C SER A 465 15.54 -65.58 -30.21
N ALA A 466 14.52 -65.47 -31.05
CA ALA A 466 13.17 -65.65 -30.54
C ALA A 466 12.31 -66.40 -31.55
N PHE A 467 11.32 -67.12 -31.03
CA PHE A 467 10.29 -67.76 -31.84
C PHE A 467 9.09 -66.82 -31.93
N ASN A 468 8.60 -66.61 -33.14
CA ASN A 468 7.42 -65.78 -33.38
C ASN A 468 6.18 -66.64 -33.17
N LEU A 469 5.57 -66.52 -31.99
CA LEU A 469 4.43 -67.38 -31.67
C LEU A 469 3.23 -67.09 -32.58
N GLY A 470 3.12 -65.89 -33.12
CA GLY A 470 2.06 -65.63 -34.07
C GLY A 470 2.30 -66.28 -35.41
N ALA A 471 3.58 -66.53 -35.75
CA ALA A 471 3.92 -67.06 -37.06
C ALA A 471 3.64 -68.55 -37.17
N ILE A 472 3.65 -69.27 -36.05
CA ILE A 472 3.40 -70.71 -36.09
C ILE A 472 1.90 -70.96 -36.09
N ASN A 473 1.50 -72.05 -36.73
CA ASN A 473 0.11 -72.48 -36.74
C ASN A 473 -0.10 -73.75 -35.95
N ASN A 474 0.98 -74.41 -35.52
CA ASN A 474 0.92 -75.62 -34.73
C ASN A 474 2.21 -75.71 -33.92
N LEU A 475 2.10 -76.16 -32.67
CA LEU A 475 3.26 -76.18 -31.79
C LEU A 475 4.37 -77.10 -32.29
N ASP A 476 4.03 -78.11 -33.08
CA ASP A 476 5.07 -79.02 -33.58
C ASP A 476 5.95 -78.38 -34.63
N GLU A 477 5.54 -77.25 -35.21
CA GLU A 477 6.45 -76.52 -36.09
C GLU A 477 7.69 -76.05 -35.35
N LEU A 478 7.62 -75.96 -34.02
CA LEU A 478 8.77 -75.53 -33.23
C LEU A 478 9.93 -76.51 -33.34
N GLU A 479 9.63 -77.81 -33.52
CA GLU A 479 10.69 -78.80 -33.66
C GLU A 479 11.63 -78.42 -34.79
N GLU A 480 11.04 -78.09 -35.94
CA GLU A 480 11.81 -77.63 -37.10
C GLU A 480 12.45 -76.27 -36.84
N LEU A 481 11.74 -75.38 -36.14
CA LEU A 481 12.29 -74.05 -35.87
C LEU A 481 13.41 -74.13 -34.84
N ALA A 482 13.28 -74.98 -33.83
CA ALA A 482 14.31 -75.10 -32.80
C ALA A 482 15.61 -75.63 -33.39
N ILE A 483 15.52 -76.54 -34.36
CA ILE A 483 16.72 -77.03 -35.02
C ILE A 483 17.42 -75.89 -35.75
N LEU A 484 16.69 -75.13 -36.56
CA LEU A 484 17.28 -74.04 -37.32
C LEU A 484 17.87 -72.97 -36.40
N ALA A 485 17.17 -72.63 -35.32
CA ALA A 485 17.62 -71.56 -34.45
C ALA A 485 18.85 -71.96 -33.64
N VAL A 486 18.81 -73.14 -33.01
CA VAL A 486 19.94 -73.57 -32.19
C VAL A 486 21.19 -73.74 -33.03
N ARG A 487 21.05 -74.37 -34.20
CA ARG A 487 22.22 -74.57 -35.06
C ARG A 487 22.85 -73.24 -35.46
N ALA A 488 22.03 -72.25 -35.81
CA ALA A 488 22.55 -70.96 -36.24
C ALA A 488 23.28 -70.25 -35.11
N LEU A 489 22.73 -70.31 -33.90
CA LEU A 489 23.36 -69.63 -32.78
C LEU A 489 24.61 -70.37 -32.31
N ASP A 490 24.60 -71.70 -32.35
CA ASP A 490 25.77 -72.44 -31.88
C ASP A 490 26.96 -72.24 -32.79
N ALA A 491 26.74 -72.26 -34.11
CA ALA A 491 27.83 -72.00 -35.05
C ALA A 491 28.30 -70.56 -34.95
N LEU A 492 27.41 -69.67 -34.51
CA LEU A 492 27.80 -68.28 -34.28
C LEU A 492 28.87 -68.18 -33.20
N LEU A 493 28.82 -69.05 -32.19
CA LEU A 493 29.77 -68.96 -31.09
C LEU A 493 31.20 -69.20 -31.57
N ASP A 494 31.37 -70.11 -32.52
CA ASP A 494 32.69 -70.37 -33.08
C ASP A 494 33.11 -69.32 -34.10
N TYR A 495 32.14 -68.64 -34.69
CA TYR A 495 32.40 -67.72 -35.80
C TYR A 495 32.84 -66.34 -35.33
N GLN A 496 32.35 -65.89 -34.17
CA GLN A 496 32.59 -64.53 -33.71
C GLN A 496 33.90 -64.42 -32.93
N ASP A 497 34.28 -63.19 -32.63
CA ASP A 497 35.49 -62.90 -31.87
C ASP A 497 35.15 -62.60 -30.41
N TYR A 498 36.19 -62.61 -29.58
CA TYR A 498 36.03 -62.43 -28.14
C TYR A 498 37.09 -61.46 -27.63
N PRO A 499 36.72 -60.20 -27.38
CA PRO A 499 37.72 -59.22 -26.96
C PRO A 499 38.35 -59.52 -25.61
N ILE A 500 37.71 -60.36 -24.79
CA ILE A 500 38.21 -60.71 -23.47
C ILE A 500 38.38 -62.22 -23.42
N PRO A 501 39.56 -62.74 -23.06
CA PRO A 501 39.75 -64.19 -23.00
C PRO A 501 38.76 -64.89 -22.07
N ALA A 502 38.55 -64.37 -20.87
CA ALA A 502 37.65 -65.03 -19.93
C ALA A 502 36.24 -65.15 -20.48
N ALA A 503 35.86 -64.23 -21.37
CA ALA A 503 34.54 -64.32 -22.01
C ALA A 503 34.49 -65.46 -23.02
N LYS A 504 35.56 -65.62 -23.79
CA LYS A 504 35.62 -66.76 -24.71
C LYS A 504 35.59 -68.08 -23.96
N ARG A 505 36.20 -68.12 -22.78
CA ARG A 505 36.23 -69.36 -22.02
C ARG A 505 34.84 -69.78 -21.59
N GLY A 506 34.03 -68.83 -21.10
CA GLY A 506 32.68 -69.16 -20.73
C GLY A 506 31.83 -69.55 -21.93
N ALA A 507 31.92 -68.76 -23.00
CA ALA A 507 31.10 -69.01 -24.18
C ALA A 507 31.43 -70.35 -24.84
N MET A 508 32.68 -70.77 -24.77
CA MET A 508 33.10 -72.00 -25.42
C MET A 508 32.92 -73.23 -24.54
N GLY A 509 33.04 -73.08 -23.23
CA GLY A 509 32.88 -74.21 -22.34
C GLY A 509 31.43 -74.54 -22.06
N ARG A 510 30.57 -73.52 -22.02
CA ARG A 510 29.16 -73.71 -21.74
C ARG A 510 28.28 -73.65 -22.98
N ARG A 511 28.66 -72.85 -23.97
CA ARG A 511 27.90 -72.65 -25.20
C ARG A 511 26.44 -72.31 -24.89
N THR A 512 26.27 -71.39 -23.94
CA THR A 512 24.93 -71.03 -23.47
C THR A 512 24.20 -70.18 -24.50
N LEU A 513 22.95 -70.57 -24.79
CA LEU A 513 22.08 -69.82 -25.68
C LEU A 513 20.84 -69.36 -24.93
N GLY A 514 20.23 -68.29 -25.42
CA GLY A 514 19.03 -67.76 -24.82
C GLY A 514 17.94 -67.45 -25.83
N ILE A 515 17.13 -68.45 -26.17
CA ILE A 515 16.07 -68.30 -27.15
C ILE A 515 14.76 -68.04 -26.43
N GLY A 516 14.05 -66.99 -26.86
CA GLY A 516 12.81 -66.61 -26.24
C GLY A 516 11.66 -66.57 -27.22
N VAL A 517 10.63 -65.77 -26.92
CA VAL A 517 9.45 -65.69 -27.77
C VAL A 517 9.08 -64.23 -27.96
N ILE A 518 8.41 -63.94 -29.08
CA ILE A 518 7.76 -62.66 -29.31
C ILE A 518 6.34 -62.94 -29.80
N ASN A 519 5.57 -61.86 -29.95
CA ASN A 519 4.18 -61.94 -30.40
C ASN A 519 3.34 -62.82 -29.48
N PHE A 520 3.62 -62.79 -28.19
CA PHE A 520 2.87 -63.63 -27.25
C PHE A 520 1.47 -63.07 -27.01
N ALA A 521 1.34 -61.74 -26.95
CA ALA A 521 0.02 -61.14 -26.74
C ALA A 521 -0.90 -61.41 -27.91
N TYR A 522 -0.40 -61.26 -29.13
CA TYR A 522 -1.15 -61.64 -30.32
C TYR A 522 -1.45 -63.14 -30.33
N TYR A 523 -0.56 -63.95 -29.73
CA TYR A 523 -0.78 -65.38 -29.64
C TYR A 523 -1.95 -65.71 -28.71
N LEU A 524 -2.07 -64.99 -27.59
CA LEU A 524 -3.23 -65.18 -26.72
C LEU A 524 -4.49 -64.64 -27.39
N ALA A 525 -4.36 -63.55 -28.16
CA ALA A 525 -5.50 -63.00 -28.87
C ALA A 525 -6.03 -63.98 -29.91
N LYS A 526 -5.12 -64.69 -30.60
CA LYS A 526 -5.55 -65.68 -31.57
C LYS A 526 -6.25 -66.85 -30.89
N HIS A 527 -5.94 -67.11 -29.63
CA HIS A 527 -6.56 -68.18 -28.86
C HIS A 527 -7.69 -67.66 -27.97
N GLY A 528 -8.02 -66.37 -28.07
CA GLY A 528 -9.09 -65.82 -27.25
C GLY A 528 -8.85 -65.95 -25.76
N LYS A 529 -7.62 -65.73 -25.31
CA LYS A 529 -7.28 -65.79 -23.90
C LYS A 529 -6.77 -64.42 -23.45
N ARG A 530 -6.60 -64.26 -22.15
CA ARG A 530 -6.17 -62.99 -21.59
C ARG A 530 -5.16 -63.23 -20.48
N TYR A 531 -4.43 -62.16 -20.15
CA TYR A 531 -3.41 -62.24 -19.10
C TYR A 531 -4.05 -62.36 -17.73
N SER A 532 -4.97 -61.44 -17.40
CA SER A 532 -5.37 -61.22 -16.01
C SER A 532 -6.31 -62.30 -15.49
N ASP A 533 -7.30 -62.71 -16.29
CA ASP A 533 -8.33 -63.61 -15.78
C ASP A 533 -7.80 -65.00 -15.43
N GLY A 534 -6.67 -65.41 -16.00
CA GLY A 534 -6.15 -66.73 -15.76
C GLY A 534 -6.56 -67.76 -16.79
N SER A 535 -7.17 -67.33 -17.89
CA SER A 535 -7.60 -68.23 -18.95
C SER A 535 -6.46 -68.73 -19.82
N ALA A 536 -5.27 -68.12 -19.71
CA ALA A 536 -4.12 -68.51 -20.49
C ALA A 536 -3.18 -69.43 -19.71
N ASN A 537 -3.50 -69.74 -18.45
CA ASN A 537 -2.61 -70.53 -17.62
C ASN A 537 -2.30 -71.87 -18.27
N ASN A 538 -3.34 -72.67 -18.55
CA ASN A 538 -3.09 -73.98 -19.11
C ASN A 538 -2.56 -73.90 -20.54
N LEU A 539 -3.00 -72.89 -21.30
CA LEU A 539 -2.45 -72.69 -22.64
C LEU A 539 -0.98 -72.31 -22.58
N THR A 540 -0.60 -71.45 -21.63
CA THR A 540 0.80 -71.06 -21.50
C THR A 540 1.67 -72.26 -21.15
N HIS A 541 1.20 -73.12 -20.25
CA HIS A 541 1.94 -74.32 -19.91
C HIS A 541 2.12 -75.23 -21.11
N LYS A 542 1.05 -75.42 -21.90
CA LYS A 542 1.15 -76.25 -23.10
C LYS A 542 2.10 -75.62 -24.11
N THR A 543 2.07 -74.30 -24.24
CA THR A 543 2.88 -73.62 -25.24
C THR A 543 4.36 -73.72 -24.90
N PHE A 544 4.74 -73.35 -23.68
CA PHE A 544 6.15 -73.30 -23.32
C PHE A 544 6.75 -74.67 -23.02
N GLU A 545 5.93 -75.68 -22.71
CA GLU A 545 6.46 -77.04 -22.70
C GLU A 545 6.99 -77.43 -24.07
N ALA A 546 6.19 -77.17 -25.11
CA ALA A 546 6.63 -77.50 -26.46
C ALA A 546 7.88 -76.72 -26.83
N ILE A 547 7.98 -75.46 -26.40
CA ILE A 547 9.15 -74.65 -26.73
C ILE A 547 10.40 -75.25 -26.09
N GLN A 548 10.35 -75.53 -24.79
CA GLN A 548 11.54 -76.03 -24.13
C GLN A 548 11.87 -77.44 -24.57
N TYR A 549 10.85 -78.28 -24.76
CA TYR A 549 11.10 -79.65 -25.20
C TYR A 549 11.77 -79.67 -26.57
N TYR A 550 11.22 -78.95 -27.53
CA TYR A 550 11.81 -78.94 -28.86
C TYR A 550 13.15 -78.20 -28.89
N LEU A 551 13.40 -77.29 -27.94
CA LEU A 551 14.70 -76.66 -27.86
C LEU A 551 15.75 -77.64 -27.31
N LEU A 552 15.42 -78.32 -26.21
CA LEU A 552 16.33 -79.35 -25.69
C LEU A 552 16.55 -80.44 -26.72
N LYS A 553 15.47 -80.93 -27.35
CA LYS A 553 15.60 -81.96 -28.36
C LYS A 553 16.47 -81.51 -29.52
N ALA A 554 16.38 -80.24 -29.90
CA ALA A 554 17.22 -79.76 -31.00
C ALA A 554 18.69 -79.71 -30.61
N SER A 555 18.98 -79.22 -29.40
CA SER A 555 20.37 -79.16 -28.96
C SER A 555 20.89 -80.54 -28.58
N ASN A 556 20.01 -81.45 -28.15
CA ASN A 556 20.43 -82.81 -27.83
C ASN A 556 20.82 -83.56 -29.11
N GLU A 557 20.06 -83.39 -30.18
CA GLU A 557 20.47 -83.96 -31.46
C GLU A 557 21.75 -83.30 -31.96
N LEU A 558 21.90 -81.99 -31.75
CA LEU A 558 23.13 -81.31 -32.15
C LEU A 558 24.31 -81.78 -31.31
N ALA A 559 24.07 -82.18 -30.06
CA ALA A 559 25.16 -82.75 -29.26
C ALA A 559 25.62 -84.08 -29.83
N LYS A 560 24.70 -84.85 -30.42
CA LYS A 560 25.10 -86.08 -31.10
C LYS A 560 26.02 -85.77 -32.28
N GLU A 561 25.68 -84.75 -33.05
CA GLU A 561 26.40 -84.52 -34.31
C GLU A 561 27.81 -83.99 -34.06
N GLN A 562 27.97 -83.06 -33.10
CA GLN A 562 29.24 -82.40 -32.91
C GLN A 562 29.80 -82.52 -31.49
N GLY A 563 29.13 -83.22 -30.59
CA GLY A 563 29.61 -83.36 -29.22
C GLY A 563 29.07 -82.31 -28.26
N ALA A 564 28.74 -82.74 -27.04
CA ALA A 564 28.20 -81.85 -26.05
C ALA A 564 29.22 -80.76 -25.68
N CYS A 565 28.72 -79.72 -25.03
CA CYS A 565 29.57 -78.61 -24.63
C CYS A 565 30.61 -79.08 -23.61
N PRO A 566 31.84 -78.55 -23.66
CA PRO A 566 32.91 -79.08 -22.79
C PRO A 566 32.55 -79.16 -21.32
N TRP A 567 31.87 -78.16 -20.78
CA TRP A 567 31.56 -78.11 -19.36
C TRP A 567 30.16 -78.62 -19.06
N PHE A 568 29.64 -79.53 -19.91
CA PHE A 568 28.30 -80.04 -19.74
C PHE A 568 28.14 -80.79 -18.42
N ASN A 569 29.22 -81.40 -17.90
CA ASN A 569 29.14 -82.15 -16.65
C ASN A 569 28.75 -81.27 -15.48
N GLU A 570 28.98 -79.96 -15.58
CA GLU A 570 28.61 -79.04 -14.51
C GLU A 570 27.12 -78.70 -14.50
N THR A 571 26.36 -79.14 -15.50
CA THR A 571 24.96 -78.80 -15.60
C THR A 571 24.10 -79.85 -14.91
N THR A 572 22.90 -79.42 -14.48
CA THR A 572 21.96 -80.38 -13.91
C THR A 572 21.37 -81.31 -14.96
N TYR A 573 21.42 -80.91 -16.23
CA TYR A 573 21.01 -81.82 -17.30
C TYR A 573 21.92 -83.03 -17.34
N ALA A 574 23.22 -82.82 -17.09
CA ALA A 574 24.17 -83.93 -17.11
C ALA A 574 23.80 -85.01 -16.10
N LYS A 575 23.33 -84.60 -14.92
CA LYS A 575 22.89 -85.53 -13.90
C LYS A 575 21.48 -86.06 -14.16
N GLY A 576 20.92 -85.79 -15.33
CA GLY A 576 19.61 -86.28 -15.70
C GLY A 576 18.43 -85.53 -15.13
N ILE A 577 18.63 -84.31 -14.64
CA ILE A 577 17.56 -83.53 -14.03
C ILE A 577 17.01 -82.57 -15.07
N LEU A 578 15.69 -82.54 -15.21
CA LEU A 578 14.98 -81.70 -16.16
C LEU A 578 14.23 -80.59 -15.43
N PRO A 579 13.82 -79.53 -16.14
CA PRO A 579 13.02 -78.49 -15.49
C PRO A 579 11.73 -79.01 -14.87
N ILE A 580 11.20 -80.12 -15.38
CA ILE A 580 9.93 -80.67 -14.92
C ILE A 580 10.08 -81.28 -13.53
N ASP A 581 11.30 -81.29 -13.01
CA ASP A 581 11.59 -81.84 -11.68
C ASP A 581 11.82 -80.77 -10.63
N THR A 582 12.53 -79.70 -10.99
CA THR A 582 13.00 -78.69 -10.05
C THR A 582 12.10 -77.45 -9.98
N TYR A 583 11.00 -77.42 -10.72
CA TYR A 583 10.16 -76.22 -10.77
C TYR A 583 9.48 -75.97 -9.42
N LYS A 584 8.99 -74.75 -9.26
CA LYS A 584 8.32 -74.36 -8.03
C LYS A 584 6.96 -75.06 -7.96
N LYS A 585 6.76 -75.86 -6.91
CA LYS A 585 5.57 -76.69 -6.79
C LYS A 585 4.28 -75.89 -6.65
N ASP A 586 4.35 -74.60 -6.29
CA ASP A 586 3.14 -73.80 -6.19
C ASP A 586 2.45 -73.63 -7.54
N LEU A 587 3.18 -73.85 -8.65
CA LEU A 587 2.57 -73.72 -9.97
C LEU A 587 1.48 -74.76 -10.19
N ASP A 588 1.49 -75.85 -9.43
CA ASP A 588 0.50 -76.90 -9.59
C ASP A 588 -0.88 -76.48 -9.13
N THR A 589 -1.00 -75.35 -8.42
CA THR A 589 -2.28 -74.83 -7.98
C THR A 589 -2.84 -73.77 -8.92
N ILE A 590 -2.17 -73.50 -10.04
CA ILE A 590 -2.62 -72.50 -11.00
C ILE A 590 -2.57 -73.05 -12.42
N ALA A 591 -2.28 -74.33 -12.56
CA ALA A 591 -2.20 -74.94 -13.90
C ALA A 591 -2.34 -76.44 -13.76
N ASN A 592 -3.38 -77.01 -14.38
CA ASN A 592 -3.58 -78.45 -14.40
C ASN A 592 -3.31 -79.04 -15.78
N GLU A 593 -2.71 -78.28 -16.68
CA GLU A 593 -2.39 -78.80 -18.00
C GLU A 593 -1.30 -79.87 -17.89
N PRO A 594 -1.48 -81.03 -18.49
CA PRO A 594 -0.48 -82.10 -18.38
C PRO A 594 0.67 -81.90 -19.36
N LEU A 595 1.73 -82.66 -19.13
CA LEU A 595 2.81 -82.73 -20.10
C LEU A 595 2.37 -83.56 -21.30
N HIS A 596 2.74 -83.11 -22.50
CA HIS A 596 2.31 -83.76 -23.72
C HIS A 596 3.41 -84.47 -24.48
N TYR A 597 4.68 -84.17 -24.19
CA TYR A 597 5.80 -84.73 -24.92
C TYR A 597 6.55 -85.74 -24.06
N ASP A 598 7.30 -86.61 -24.73
CA ASP A 598 8.01 -87.70 -24.07
C ASP A 598 9.26 -87.12 -23.39
N TRP A 599 9.07 -86.62 -22.17
CA TRP A 599 10.19 -86.04 -21.44
C TRP A 599 11.13 -87.09 -20.87
N GLU A 600 10.61 -88.26 -20.51
CA GLU A 600 11.47 -89.29 -19.94
C GLU A 600 12.38 -89.90 -20.99
N ALA A 601 11.91 -89.99 -22.24
CA ALA A 601 12.78 -90.45 -23.33
C ALA A 601 13.82 -89.39 -23.66
N LEU A 602 13.44 -88.12 -23.59
CA LEU A 602 14.42 -87.05 -23.77
C LEU A 602 15.43 -87.03 -22.64
N ARG A 603 14.98 -87.33 -21.42
CA ARG A 603 15.89 -87.42 -20.29
C ARG A 603 16.97 -88.46 -20.54
N GLU A 604 16.60 -89.62 -21.10
CA GLU A 604 17.58 -90.65 -21.41
C GLU A 604 18.56 -90.20 -22.49
N SER A 605 18.06 -89.58 -23.56
CA SER A 605 18.96 -89.15 -24.62
C SER A 605 19.92 -88.08 -24.14
N ILE A 606 19.47 -87.21 -23.24
CA ILE A 606 20.36 -86.20 -22.68
C ILE A 606 21.36 -86.84 -21.72
N LYS A 607 20.90 -87.76 -20.89
CA LYS A 607 21.80 -88.50 -20.00
C LYS A 607 22.92 -89.17 -20.79
N THR A 608 22.64 -89.57 -22.04
CA THR A 608 23.59 -90.33 -22.85
C THR A 608 24.46 -89.43 -23.73
N HIS A 609 23.83 -88.61 -24.58
CA HIS A 609 24.54 -87.81 -25.57
C HIS A 609 24.80 -86.37 -25.14
N GLY A 610 24.12 -85.88 -24.11
CA GLY A 610 24.37 -84.55 -23.61
C GLY A 610 23.65 -83.47 -24.39
N LEU A 611 24.02 -82.22 -24.12
CA LEU A 611 23.46 -81.06 -24.79
C LEU A 611 24.58 -80.21 -25.36
N ARG A 612 24.41 -79.78 -26.60
CA ARG A 612 25.39 -78.90 -27.22
C ARG A 612 25.48 -77.57 -26.49
N ASN A 613 24.40 -77.17 -25.81
CA ASN A 613 24.30 -75.89 -25.13
C ASN A 613 23.86 -76.09 -23.70
N SER A 614 24.54 -75.41 -22.76
CA SER A 614 24.19 -75.54 -21.35
C SER A 614 22.85 -74.91 -21.03
N THR A 615 22.49 -73.83 -21.72
CA THR A 615 21.18 -73.21 -21.63
C THR A 615 20.65 -72.92 -23.02
N LEU A 616 19.34 -72.89 -23.15
CA LEU A 616 18.71 -72.66 -24.45
C LEU A 616 17.64 -71.57 -24.41
N SER A 617 16.82 -71.53 -23.36
CA SER A 617 15.66 -70.66 -23.32
C SER A 617 15.87 -69.52 -22.32
N ALA A 618 15.44 -68.33 -22.72
CA ALA A 618 15.41 -67.15 -21.86
C ALA A 618 14.51 -66.13 -22.53
N LEU A 619 13.56 -65.57 -21.79
CA LEU A 619 12.56 -64.68 -22.36
C LEU A 619 13.03 -63.23 -22.21
N MET A 620 13.60 -62.67 -23.29
CA MET A 620 14.08 -61.29 -23.33
C MET A 620 13.00 -60.35 -23.83
N PRO A 621 13.13 -59.04 -23.55
CA PRO A 621 12.07 -58.11 -23.96
C PRO A 621 11.92 -57.93 -25.46
N SER A 622 12.98 -58.15 -26.25
CA SER A 622 12.93 -57.96 -27.69
C SER A 622 12.37 -56.59 -28.04
N GLU A 623 12.86 -55.57 -27.33
CA GLU A 623 12.31 -54.22 -27.47
C GLU A 623 12.39 -53.74 -28.90
N THR A 624 13.52 -53.97 -29.57
CA THR A 624 13.74 -53.52 -30.94
C THR A 624 13.54 -54.62 -31.96
N SER A 625 14.07 -55.82 -31.69
CA SER A 625 14.06 -56.88 -32.67
C SER A 625 12.65 -57.36 -33.02
N SER A 626 11.72 -57.30 -32.07
CA SER A 626 10.36 -57.76 -32.34
C SER A 626 9.61 -56.83 -33.28
N GLN A 627 10.04 -55.57 -33.38
CA GLN A 627 9.42 -54.63 -34.30
C GLN A 627 9.63 -55.02 -35.76
N ILE A 628 10.63 -55.85 -36.05
CA ILE A 628 10.88 -56.26 -37.43
C ILE A 628 9.69 -57.02 -37.99
N SER A 629 9.13 -57.93 -37.20
CA SER A 629 7.95 -58.69 -37.59
C SER A 629 6.65 -58.05 -37.10
N ASN A 630 6.70 -56.78 -36.68
CA ASN A 630 5.56 -56.06 -36.13
C ASN A 630 4.88 -56.86 -35.01
N ALA A 631 5.67 -57.64 -34.29
CA ALA A 631 5.16 -58.47 -33.21
C ALA A 631 5.10 -57.68 -31.91
N THR A 632 4.19 -58.09 -31.04
CA THR A 632 4.15 -57.54 -29.70
C THR A 632 5.40 -58.01 -28.95
N ASN A 633 6.15 -57.05 -28.38
CA ASN A 633 7.48 -57.34 -27.85
C ASN A 633 7.41 -58.36 -26.71
N GLY A 634 8.12 -59.47 -26.88
CA GLY A 634 8.24 -60.48 -25.85
C GLY A 634 6.89 -60.95 -25.36
N ILE A 635 6.77 -61.12 -24.05
CA ILE A 635 5.51 -61.54 -23.46
C ILE A 635 4.70 -60.37 -22.93
N GLU A 636 5.19 -59.14 -23.08
CA GLU A 636 4.47 -58.00 -22.52
C GLU A 636 3.26 -57.64 -23.38
N PRO A 637 2.14 -57.31 -22.76
CA PRO A 637 0.97 -56.87 -23.53
C PRO A 637 1.20 -55.50 -24.14
N PRO A 638 0.73 -55.26 -25.36
CA PRO A 638 0.99 -53.97 -26.01
C PRO A 638 0.32 -52.84 -25.26
N ARG A 639 0.98 -51.68 -25.25
CA ARG A 639 0.45 -50.53 -24.53
C ARG A 639 -0.85 -50.03 -25.16
N GLY A 640 -0.97 -50.13 -26.48
CA GLY A 640 -2.20 -49.74 -27.15
C GLY A 640 -2.30 -50.43 -28.49
N TYR A 641 -3.48 -50.28 -29.11
CA TYR A 641 -3.67 -50.83 -30.44
C TYR A 641 -2.67 -50.23 -31.43
N VAL A 642 -2.45 -48.93 -31.35
CA VAL A 642 -1.33 -48.26 -32.01
C VAL A 642 -0.36 -47.83 -30.94
N SER A 643 0.79 -48.49 -30.85
CA SER A 643 1.77 -48.22 -29.82
C SER A 643 2.80 -47.18 -30.28
N ILE A 644 3.32 -46.42 -29.34
CA ILE A 644 4.36 -45.43 -29.59
C ILE A 644 5.68 -45.98 -29.08
N LYS A 645 6.64 -46.19 -29.99
CA LYS A 645 7.96 -46.69 -29.64
C LYS A 645 9.01 -45.71 -30.17
N ALA A 646 10.20 -45.80 -29.61
CA ALA A 646 11.24 -44.79 -29.85
C ALA A 646 12.21 -45.25 -30.92
N SER A 647 12.93 -44.27 -31.48
CA SER A 647 13.94 -44.53 -32.49
C SER A 647 14.92 -43.36 -32.51
N LYS A 648 16.02 -43.55 -33.24
CA LYS A 648 17.02 -42.48 -33.38
C LYS A 648 16.46 -41.28 -34.14
N ASP A 649 15.56 -41.50 -35.11
CA ASP A 649 14.91 -40.38 -35.78
C ASP A 649 13.89 -39.72 -34.86
N GLY A 650 12.92 -40.49 -34.40
CA GLY A 650 11.90 -39.95 -33.52
C GLY A 650 10.93 -41.01 -33.03
N ILE A 651 9.65 -40.65 -32.93
CA ILE A 651 8.62 -41.56 -32.45
C ILE A 651 8.16 -42.46 -33.59
N LEU A 652 7.74 -43.68 -33.24
CA LEU A 652 7.23 -44.64 -34.19
C LEU A 652 5.88 -45.16 -33.72
N ARG A 653 4.95 -45.33 -34.66
CA ARG A 653 3.65 -45.91 -34.40
C ARG A 653 3.62 -47.35 -34.89
N GLN A 654 3.19 -48.26 -34.03
CA GLN A 654 3.18 -49.69 -34.36
C GLN A 654 1.78 -50.24 -34.10
N VAL A 655 1.14 -50.75 -35.15
CA VAL A 655 -0.17 -51.36 -35.02
C VAL A 655 -0.02 -52.79 -34.51
N VAL A 656 -0.91 -53.19 -33.63
CA VAL A 656 -0.90 -54.59 -33.17
C VAL A 656 -1.23 -55.50 -34.35
N PRO A 657 -0.62 -56.68 -34.46
CA PRO A 657 -0.88 -57.54 -35.62
C PRO A 657 -2.34 -57.98 -35.68
N ASP A 658 -2.88 -57.96 -36.89
CA ASP A 658 -4.26 -58.38 -37.15
C ASP A 658 -5.24 -57.56 -36.33
N TYR A 659 -5.06 -56.23 -36.38
CA TYR A 659 -5.89 -55.33 -35.59
C TYR A 659 -7.36 -55.41 -36.00
N GLU A 660 -7.61 -55.39 -37.32
CA GLU A 660 -8.98 -55.32 -37.82
C GLU A 660 -9.84 -56.47 -37.31
N HIS A 661 -9.25 -57.64 -37.06
CA HIS A 661 -10.01 -58.79 -36.61
C HIS A 661 -9.98 -59.01 -35.10
N LEU A 662 -8.88 -58.64 -34.44
CA LEU A 662 -8.65 -59.05 -33.06
C LEU A 662 -8.60 -57.90 -32.07
N HIS A 663 -9.12 -56.72 -32.41
CA HIS A 663 -8.99 -55.60 -31.47
C HIS A 663 -9.76 -55.86 -30.17
N ASP A 664 -10.73 -56.77 -30.18
CA ASP A 664 -11.42 -57.12 -28.94
C ASP A 664 -10.66 -58.17 -28.14
N ALA A 665 -10.02 -59.11 -28.83
CA ALA A 665 -9.32 -60.20 -28.15
C ALA A 665 -8.13 -59.68 -27.36
N TYR A 666 -7.50 -58.60 -27.81
CA TYR A 666 -6.36 -58.04 -27.11
C TYR A 666 -6.78 -57.49 -25.75
N GLU A 667 -5.98 -57.81 -24.73
CA GLU A 667 -6.05 -57.16 -23.43
C GLU A 667 -4.84 -56.24 -23.33
N LEU A 668 -5.08 -54.93 -23.45
CA LEU A 668 -3.99 -53.96 -23.43
C LEU A 668 -3.39 -53.85 -22.03
N LEU A 669 -2.20 -53.24 -21.97
CA LEU A 669 -1.41 -53.22 -20.75
C LEU A 669 -2.19 -52.64 -19.57
N TRP A 670 -2.83 -51.51 -19.78
CA TRP A 670 -3.54 -50.83 -18.69
C TRP A 670 -4.99 -51.27 -18.57
N GLU A 671 -5.46 -52.17 -19.43
CA GLU A 671 -6.75 -52.80 -19.25
C GLU A 671 -6.69 -53.92 -18.22
N MET A 672 -5.49 -54.29 -17.77
CA MET A 672 -5.31 -55.36 -16.79
C MET A 672 -5.62 -54.84 -15.38
N PRO A 673 -6.47 -55.54 -14.62
CA PRO A 673 -6.76 -55.09 -13.25
C PRO A 673 -5.56 -55.15 -12.32
N GLY A 674 -4.63 -56.08 -12.54
CA GLY A 674 -3.48 -56.20 -11.66
C GLY A 674 -2.42 -57.09 -12.24
N ASN A 675 -1.41 -57.40 -11.43
CA ASN A 675 -0.30 -58.23 -11.87
C ASN A 675 -0.48 -59.71 -11.58
N ASP A 676 -1.51 -60.11 -10.82
CA ASP A 676 -1.59 -61.50 -10.39
C ASP A 676 -1.79 -62.43 -11.59
N GLY A 677 -2.63 -62.03 -12.54
CA GLY A 677 -2.81 -62.84 -13.74
C GLY A 677 -1.54 -62.94 -14.56
N TYR A 678 -0.89 -61.80 -14.79
CA TYR A 678 0.36 -61.79 -15.55
C TYR A 678 1.44 -62.58 -14.83
N LEU A 679 1.65 -62.31 -13.54
CA LEU A 679 2.73 -62.95 -12.80
C LEU A 679 2.59 -64.45 -12.79
N GLN A 680 1.35 -64.96 -12.76
CA GLN A 680 1.16 -66.40 -12.82
C GLN A 680 1.68 -66.97 -14.13
N LEU A 681 1.44 -66.27 -15.23
CA LEU A 681 1.93 -66.72 -16.53
C LEU A 681 3.46 -66.77 -16.55
N VAL A 682 4.11 -65.73 -16.00
CA VAL A 682 5.56 -65.73 -15.94
C VAL A 682 6.05 -66.94 -15.15
N GLY A 683 5.41 -67.23 -14.03
CA GLY A 683 5.78 -68.41 -13.26
C GLY A 683 5.61 -69.70 -14.04
N ILE A 684 4.52 -69.79 -14.81
CA ILE A 684 4.28 -70.98 -15.61
C ILE A 684 5.33 -71.10 -16.71
N MET A 685 5.71 -69.99 -17.34
CA MET A 685 6.78 -70.03 -18.33
C MET A 685 8.09 -70.46 -17.68
N GLN A 686 8.38 -69.92 -16.49
CA GLN A 686 9.64 -70.22 -15.81
C GLN A 686 9.76 -71.71 -15.49
N LYS A 687 8.65 -72.44 -15.45
CA LYS A 687 8.74 -73.88 -15.24
C LYS A 687 9.63 -74.54 -16.29
N PHE A 688 9.68 -73.99 -17.51
CA PHE A 688 10.46 -74.58 -18.59
C PHE A 688 11.66 -73.75 -19.01
N ILE A 689 11.66 -72.44 -18.77
CA ILE A 689 12.76 -71.58 -19.22
C ILE A 689 14.04 -71.90 -18.45
N ASP A 690 15.14 -72.09 -19.19
CA ASP A 690 16.43 -72.35 -18.56
C ASP A 690 16.87 -71.20 -17.67
N GLN A 691 16.89 -69.99 -18.22
CA GLN A 691 17.36 -68.80 -17.52
C GLN A 691 16.16 -68.06 -16.93
N SER A 692 15.98 -66.76 -17.17
CA SER A 692 14.88 -66.04 -16.54
C SER A 692 14.00 -65.32 -17.54
N ILE A 693 13.10 -64.47 -17.04
CA ILE A 693 12.14 -63.74 -17.84
C ILE A 693 12.15 -62.28 -17.41
N SER A 694 12.20 -61.37 -18.37
CA SER A 694 12.21 -59.93 -18.11
C SER A 694 10.78 -59.47 -17.78
N ALA A 695 10.29 -59.95 -16.64
CA ALA A 695 8.91 -59.70 -16.25
C ALA A 695 8.77 -58.29 -15.70
N ASN A 696 7.76 -57.57 -16.17
CA ASN A 696 7.43 -56.24 -15.68
C ASN A 696 6.30 -56.31 -14.66
N THR A 697 6.30 -55.35 -13.74
CA THR A 697 5.15 -55.10 -12.87
C THR A 697 4.58 -53.74 -13.23
N ASN A 698 3.26 -53.67 -13.39
CA ASN A 698 2.59 -52.47 -13.87
C ASN A 698 1.56 -52.00 -12.85
N TYR A 699 1.46 -50.68 -12.69
CA TYR A 699 0.54 -50.10 -11.71
C TYR A 699 -0.09 -48.85 -12.30
N ASP A 700 -1.43 -48.78 -12.22
CA ASP A 700 -2.19 -47.62 -12.65
C ASP A 700 -2.63 -46.84 -11.42
N PRO A 701 -2.02 -45.68 -11.13
CA PRO A 701 -2.40 -44.97 -9.90
C PRO A 701 -3.87 -44.62 -9.81
N SER A 702 -4.53 -44.41 -10.95
CA SER A 702 -5.96 -44.09 -10.92
C SER A 702 -6.81 -45.25 -10.44
N ARG A 703 -6.31 -46.47 -10.55
CA ARG A 703 -7.03 -47.66 -10.06
C ARG A 703 -6.98 -47.80 -8.55
N PHE A 704 -6.35 -46.87 -7.83
CA PHE A 704 -6.18 -47.01 -6.40
C PHE A 704 -6.84 -45.87 -5.64
N PRO A 705 -7.37 -46.15 -4.44
CA PRO A 705 -8.02 -45.09 -3.66
C PRO A 705 -7.05 -43.97 -3.33
N SER A 706 -7.57 -42.74 -3.36
CA SER A 706 -6.79 -41.53 -3.13
C SER A 706 -5.66 -41.37 -4.15
N GLY A 707 -5.74 -42.11 -5.26
CA GLY A 707 -4.78 -41.97 -6.35
C GLY A 707 -3.36 -42.38 -6.03
N LYS A 708 -3.07 -42.90 -4.85
CA LYS A 708 -1.71 -43.29 -4.49
C LYS A 708 -1.59 -44.81 -4.53
N VAL A 709 -0.47 -45.30 -5.07
CA VAL A 709 -0.23 -46.72 -5.19
C VAL A 709 0.27 -47.26 -3.86
N PRO A 710 -0.42 -48.23 -3.27
CA PRO A 710 -0.05 -48.67 -1.92
C PRO A 710 1.22 -49.51 -1.90
N MET A 711 2.04 -49.28 -0.87
CA MET A 711 3.19 -50.15 -0.65
C MET A 711 2.77 -51.57 -0.34
N GLN A 712 1.57 -51.73 0.22
CA GLN A 712 1.05 -53.07 0.48
C GLN A 712 0.95 -53.88 -0.80
N GLN A 713 0.52 -53.25 -1.90
CA GLN A 713 0.38 -53.96 -3.16
C GLN A 713 1.73 -54.24 -3.80
N LEU A 714 2.66 -53.29 -3.73
CA LEU A 714 4.00 -53.51 -4.26
C LEU A 714 4.67 -54.71 -3.62
N LEU A 715 4.47 -54.89 -2.31
CA LEU A 715 5.06 -56.01 -1.58
C LEU A 715 4.27 -57.30 -1.79
N LYS A 716 2.94 -57.22 -1.77
CA LYS A 716 2.13 -58.41 -1.99
C LYS A 716 2.40 -58.99 -3.38
N ASP A 717 2.58 -58.13 -4.38
CA ASP A 717 2.89 -58.60 -5.72
C ASP A 717 4.29 -59.18 -5.81
N LEU A 718 5.24 -58.56 -5.10
CA LEU A 718 6.61 -59.09 -5.09
C LEU A 718 6.65 -60.47 -4.44
N LEU A 719 5.77 -60.72 -3.47
CA LEU A 719 5.73 -62.02 -2.81
C LEU A 719 5.04 -63.06 -3.69
N THR A 720 3.91 -62.70 -4.30
CA THR A 720 3.25 -63.62 -5.23
C THR A 720 4.13 -63.92 -6.43
N ALA A 721 5.06 -63.03 -6.78
CA ALA A 721 6.03 -63.34 -7.82
C ALA A 721 6.99 -64.43 -7.36
N TYR A 722 7.50 -64.30 -6.13
CA TYR A 722 8.40 -65.33 -5.61
C TYR A 722 7.66 -66.64 -5.39
N LYS A 723 6.40 -66.57 -4.96
CA LYS A 723 5.66 -67.79 -4.63
C LYS A 723 5.57 -68.73 -5.82
N PHE A 724 5.43 -68.19 -7.03
CA PHE A 724 5.32 -69.00 -8.23
C PHE A 724 6.65 -69.18 -8.93
N GLY A 725 7.76 -68.99 -8.21
CA GLY A 725 9.08 -69.29 -8.73
C GLY A 725 9.61 -68.34 -9.77
N VAL A 726 9.15 -67.08 -9.79
CA VAL A 726 9.70 -66.09 -10.70
C VAL A 726 11.13 -65.76 -10.29
N LYS A 727 12.05 -65.83 -11.26
CA LYS A 727 13.46 -65.64 -10.94
C LYS A 727 13.80 -64.16 -10.79
N THR A 728 13.37 -63.33 -11.73
CA THR A 728 13.75 -61.92 -11.72
C THR A 728 12.55 -61.04 -12.05
N LEU A 729 12.65 -59.77 -11.65
CA LEU A 729 11.66 -58.74 -11.95
C LEU A 729 12.35 -57.58 -12.64
N TYR A 730 11.86 -57.23 -13.83
CA TYR A 730 12.44 -56.17 -14.65
C TYR A 730 11.82 -54.81 -14.35
N TYR A 731 11.25 -54.17 -15.38
CA TYR A 731 10.67 -52.84 -15.26
C TYR A 731 9.50 -52.84 -14.28
N GLN A 732 9.29 -51.68 -13.64
CA GLN A 732 8.01 -51.37 -13.00
C GLN A 732 7.44 -50.14 -13.69
N ASN A 733 6.41 -50.34 -14.50
CA ASN A 733 5.76 -49.27 -15.25
C ASN A 733 4.63 -48.66 -14.43
N THR A 734 4.64 -47.33 -14.32
CA THR A 734 3.61 -46.59 -13.62
C THR A 734 2.94 -45.65 -14.62
N ARG A 735 1.61 -45.73 -14.71
CA ARG A 735 0.89 -45.03 -15.76
C ARG A 735 1.01 -43.52 -15.61
N ASP A 736 1.04 -42.84 -16.75
CA ASP A 736 1.16 -41.38 -16.86
C ASP A 736 2.44 -40.87 -16.20
N ASN B 4 37.15 -34.09 45.09
CA ASN B 4 35.73 -33.91 44.82
C ASN B 4 35.30 -34.68 43.58
N LEU B 5 35.75 -34.22 42.41
CA LEU B 5 35.48 -34.90 41.15
C LEU B 5 36.67 -35.77 40.76
N LEU B 6 36.40 -36.71 39.85
CA LEU B 6 37.38 -37.70 39.44
C LEU B 6 37.65 -37.61 37.94
N VAL B 7 38.92 -37.75 37.57
CA VAL B 7 39.33 -37.86 36.18
C VAL B 7 39.66 -39.33 35.92
N THR B 8 39.61 -39.72 34.65
CA THR B 8 39.91 -41.09 34.24
C THR B 8 41.27 -41.10 33.55
N LYS B 9 42.26 -41.72 34.19
CA LYS B 9 43.62 -41.77 33.67
C LYS B 9 43.69 -42.52 32.34
N ARG B 10 44.88 -42.55 31.72
CA ARG B 10 45.02 -43.27 30.46
C ARG B 10 44.86 -44.77 30.64
N ASP B 11 45.34 -45.31 31.76
CA ASP B 11 45.26 -46.75 32.01
C ASP B 11 43.91 -47.17 32.57
N GLY B 12 42.90 -46.31 32.50
CA GLY B 12 41.56 -46.65 32.94
C GLY B 12 41.25 -46.31 34.39
N SER B 13 42.26 -46.31 35.26
CA SER B 13 42.03 -45.98 36.66
C SER B 13 41.63 -44.52 36.79
N THR B 14 41.09 -44.17 37.96
CA THR B 14 40.59 -42.82 38.21
C THR B 14 41.21 -42.27 39.49
N GLU B 15 41.48 -40.97 39.48
CA GLU B 15 42.00 -40.28 40.66
C GLU B 15 41.38 -38.88 40.75
N ARG B 16 41.61 -38.24 41.90
CA ARG B 16 41.07 -36.90 42.15
C ARG B 16 41.60 -35.89 41.14
N ILE B 17 40.70 -35.00 40.69
CA ILE B 17 41.11 -33.91 39.83
C ILE B 17 42.15 -33.07 40.58
N ASN B 18 43.26 -32.77 39.92
CA ASN B 18 44.35 -32.01 40.51
C ASN B 18 44.91 -31.07 39.45
N LEU B 19 44.65 -29.77 39.60
CA LEU B 19 45.10 -28.80 38.61
C LEU B 19 46.62 -28.66 38.58
N ASP B 20 47.32 -29.11 39.62
CA ASP B 20 48.77 -29.09 39.55
C ASP B 20 49.28 -30.01 38.46
N LYS B 21 48.58 -31.12 38.21
CA LYS B 21 48.94 -31.99 37.09
C LYS B 21 48.80 -31.27 35.76
N ILE B 22 47.88 -30.32 35.67
CA ILE B 22 47.73 -29.53 34.44
C ILE B 22 48.78 -28.43 34.39
N HIS B 23 49.03 -27.76 35.52
CA HIS B 23 50.07 -26.75 35.58
C HIS B 23 51.44 -27.33 35.22
N ARG B 24 51.77 -28.50 35.79
CA ARG B 24 53.07 -29.13 35.53
C ARG B 24 53.32 -29.28 34.04
N VAL B 25 52.37 -29.90 33.34
CA VAL B 25 52.55 -30.18 31.91
C VAL B 25 52.75 -28.88 31.15
N LEU B 26 51.93 -27.88 31.44
CA LEU B 26 52.02 -26.61 30.73
C LEU B 26 53.31 -25.86 31.08
N ASP B 27 53.70 -25.87 32.36
CA ASP B 27 54.98 -25.27 32.73
C ASP B 27 56.14 -25.93 32.00
N TRP B 28 56.08 -27.26 31.84
CA TRP B 28 57.14 -27.97 31.13
C TRP B 28 57.19 -27.56 29.66
N ALA B 29 56.04 -27.54 28.99
CA ALA B 29 56.00 -27.20 27.57
C ALA B 29 56.32 -25.73 27.32
N ALA B 30 56.14 -24.86 28.31
CA ALA B 30 56.40 -23.45 28.16
C ALA B 30 57.80 -23.04 28.61
N GLU B 31 58.56 -23.97 29.22
CA GLU B 31 59.90 -23.67 29.68
C GLU B 31 60.80 -23.26 28.52
N GLY B 32 61.57 -22.19 28.74
CA GLY B 32 62.48 -21.68 27.73
C GLY B 32 61.83 -20.75 26.73
N LEU B 33 60.55 -20.96 26.48
CA LEU B 33 59.83 -20.13 25.52
C LEU B 33 59.60 -18.74 26.08
N HIS B 34 59.53 -17.76 25.18
CA HIS B 34 59.35 -16.37 25.56
C HIS B 34 57.95 -15.91 25.18
N ASN B 35 57.38 -15.05 26.02
CA ASN B 35 56.12 -14.37 25.74
C ASN B 35 54.96 -15.35 25.57
N VAL B 36 55.00 -16.45 26.33
CA VAL B 36 53.90 -17.39 26.36
C VAL B 36 53.27 -17.32 27.75
N SER B 37 52.05 -17.83 27.86
CA SER B 37 51.29 -17.76 29.10
C SER B 37 50.65 -19.10 29.40
N ILE B 38 51.08 -19.74 30.49
CA ILE B 38 50.38 -20.92 30.98
C ILE B 38 48.93 -20.57 31.29
N SER B 39 48.72 -19.43 31.94
CA SER B 39 47.37 -19.01 32.31
C SER B 39 46.47 -18.84 31.09
N GLN B 40 47.00 -18.24 30.02
CA GLN B 40 46.22 -18.06 28.80
C GLN B 40 45.76 -19.40 28.26
N VAL B 41 46.68 -20.37 28.15
CA VAL B 41 46.34 -21.68 27.62
C VAL B 41 45.22 -22.32 28.45
N GLU B 42 45.36 -22.26 29.78
CA GLU B 42 44.36 -22.86 30.65
C GLU B 42 43.00 -22.19 30.47
N LEU B 43 42.97 -20.86 30.40
CA LEU B 43 41.70 -20.17 30.29
C LEU B 43 41.10 -20.28 28.90
N ARG B 44 41.95 -20.20 27.86
CA ARG B 44 41.43 -20.35 26.51
C ARG B 44 41.02 -21.78 26.21
N SER B 45 41.41 -22.75 27.05
CA SER B 45 40.90 -24.11 26.89
C SER B 45 39.41 -24.16 27.19
N HIS B 46 38.92 -23.29 28.07
CA HIS B 46 37.54 -23.32 28.55
C HIS B 46 37.15 -24.74 28.94
N ILE B 47 38.08 -25.41 29.61
CA ILE B 47 38.00 -26.84 29.91
C ILE B 47 36.86 -27.09 30.90
N GLN B 48 35.83 -27.79 30.45
CA GLN B 48 34.62 -28.04 31.24
C GLN B 48 34.80 -29.37 31.98
N PHE B 49 34.97 -29.30 33.30
CA PHE B 49 35.21 -30.50 34.10
C PHE B 49 33.91 -31.21 34.44
N TYR B 50 33.92 -32.53 34.30
CA TYR B 50 32.84 -33.39 34.77
C TYR B 50 33.42 -34.63 35.44
N ASP B 51 32.63 -35.26 36.30
CA ASP B 51 33.10 -36.44 37.00
C ASP B 51 33.26 -37.59 36.00
N GLY B 52 34.45 -38.17 35.97
CA GLY B 52 34.77 -39.20 34.99
C GLY B 52 35.34 -38.67 33.70
N ILE B 53 35.84 -37.43 33.70
CA ILE B 53 36.39 -36.84 32.49
C ILE B 53 37.68 -37.54 32.13
N LYS B 54 37.82 -37.90 30.85
CA LYS B 54 39.02 -38.60 30.41
C LYS B 54 40.22 -37.69 30.50
N THR B 55 41.33 -38.22 31.04
CA THR B 55 42.53 -37.42 31.16
C THR B 55 43.17 -37.15 29.81
N SER B 56 42.85 -37.96 28.79
CA SER B 56 43.36 -37.71 27.46
C SER B 56 42.63 -36.54 26.80
N ASP B 57 41.31 -36.46 27.00
CA ASP B 57 40.53 -35.35 26.46
C ASP B 57 40.98 -34.02 27.05
N ILE B 58 41.36 -34.03 28.34
CA ILE B 58 41.91 -32.82 28.96
C ILE B 58 43.15 -32.35 28.21
N HIS B 59 44.04 -33.29 27.87
CA HIS B 59 45.28 -32.91 27.19
C HIS B 59 45.00 -32.42 25.77
N GLU B 60 44.11 -33.10 25.04
CA GLU B 60 43.79 -32.68 23.68
C GLU B 60 43.19 -31.28 23.67
N THR B 61 42.48 -30.91 24.73
CA THR B 61 41.87 -29.59 24.78
C THR B 61 42.94 -28.51 24.94
N ILE B 62 43.92 -28.73 25.82
CA ILE B 62 44.95 -27.72 26.04
C ILE B 62 45.94 -27.67 24.88
N ILE B 63 46.02 -28.73 24.07
CA ILE B 63 46.81 -28.66 22.84
C ILE B 63 46.15 -27.73 21.84
N LYS B 64 44.86 -27.93 21.59
CA LYS B 64 44.12 -27.04 20.71
C LYS B 64 44.21 -25.60 21.18
N ALA B 65 44.07 -25.37 22.48
CA ALA B 65 44.09 -24.01 23.02
C ALA B 65 45.42 -23.32 22.76
N ALA B 66 46.53 -23.98 23.09
CA ALA B 66 47.84 -23.39 22.84
C ALA B 66 48.11 -23.20 21.35
N ALA B 67 47.49 -24.04 20.51
CA ALA B 67 47.70 -23.93 19.07
C ALA B 67 47.01 -22.70 18.49
N ASP B 68 45.85 -22.33 19.03
CA ASP B 68 45.13 -21.16 18.55
C ASP B 68 45.66 -19.86 19.13
N LEU B 69 46.62 -19.93 20.06
CA LEU B 69 47.27 -18.73 20.58
C LEU B 69 48.49 -18.35 19.76
N ILE B 70 48.84 -19.15 18.75
CA ILE B 70 49.94 -18.82 17.86
C ILE B 70 49.61 -17.53 17.13
N SER B 71 50.47 -16.53 17.29
CA SER B 71 50.24 -15.23 16.67
C SER B 71 51.59 -14.57 16.40
N ARG B 72 51.54 -13.41 15.74
CA ARG B 72 52.75 -12.63 15.53
C ARG B 72 53.31 -12.15 16.87
N ASP B 73 52.44 -11.75 17.78
CA ASP B 73 52.89 -11.19 19.05
C ASP B 73 53.47 -12.25 19.98
N ALA B 74 53.09 -13.51 19.80
CA ALA B 74 53.59 -14.61 20.62
C ALA B 74 53.83 -15.79 19.69
N PRO B 75 54.93 -15.77 18.94
CA PRO B 75 55.17 -16.88 17.99
C PRO B 75 55.56 -18.18 18.66
N ASP B 76 56.20 -18.12 19.83
CA ASP B 76 56.70 -19.32 20.48
C ASP B 76 55.59 -20.26 20.94
N TYR B 77 54.31 -19.89 20.79
CA TYR B 77 53.26 -20.85 21.04
C TYR B 77 53.33 -22.01 20.06
N GLN B 78 54.04 -21.83 18.94
CA GLN B 78 54.26 -22.92 18.00
C GLN B 78 55.07 -24.05 18.63
N TYR B 79 55.86 -23.74 19.65
CA TYR B 79 56.62 -24.77 20.36
C TYR B 79 55.93 -25.26 21.62
N LEU B 80 55.13 -24.42 22.28
CA LEU B 80 54.37 -24.89 23.43
C LEU B 80 53.36 -25.95 23.01
N ALA B 81 52.58 -25.67 21.97
CA ALA B 81 51.60 -26.64 21.51
C ALA B 81 52.25 -27.85 20.86
N ALA B 82 53.44 -27.68 20.28
CA ALA B 82 54.14 -28.83 19.69
C ALA B 82 54.63 -29.78 20.77
N ARG B 83 55.22 -29.22 21.84
CA ARG B 83 55.71 -30.06 22.94
C ARG B 83 54.56 -30.78 23.62
N LEU B 84 53.41 -30.11 23.76
CA LEU B 84 52.24 -30.79 24.29
C LEU B 84 51.80 -31.90 23.35
N ALA B 85 51.88 -31.66 22.04
CA ALA B 85 51.41 -32.64 21.07
C ALA B 85 52.37 -33.82 20.95
N ILE B 86 53.68 -33.56 20.98
CA ILE B 86 54.64 -34.65 20.99
C ILE B 86 54.47 -35.50 22.23
N PHE B 87 54.34 -34.85 23.39
CA PHE B 87 54.05 -35.56 24.63
C PHE B 87 52.78 -36.39 24.50
N HIS B 88 51.75 -35.83 23.86
CA HIS B 88 50.52 -36.59 23.63
C HIS B 88 50.77 -37.78 22.71
N LEU B 89 51.53 -37.56 21.63
CA LEU B 89 51.79 -38.66 20.69
C LEU B 89 52.70 -39.70 21.30
N ARG B 90 53.58 -39.32 22.22
CA ARG B 90 54.40 -40.31 22.91
C ARG B 90 53.53 -41.29 23.68
N LYS B 91 52.57 -40.77 24.44
CA LYS B 91 51.68 -41.63 25.20
C LYS B 91 50.77 -42.45 24.29
N LYS B 92 50.37 -41.88 23.14
CA LYS B 92 49.47 -42.57 22.22
C LYS B 92 50.09 -43.83 21.64
N ALA B 93 51.42 -43.83 21.44
CA ALA B 93 52.09 -44.95 20.80
C ALA B 93 52.80 -45.88 21.77
N TYR B 94 53.27 -45.36 22.91
CA TYR B 94 54.10 -46.12 23.82
C TYR B 94 53.50 -46.33 25.20
N GLY B 95 52.46 -45.57 25.58
CA GLY B 95 51.92 -45.65 26.92
C GLY B 95 52.70 -44.88 27.96
N GLN B 96 53.84 -44.30 27.59
CA GLN B 96 54.66 -43.51 28.48
C GLN B 96 55.34 -42.45 27.64
N PHE B 97 56.14 -41.60 28.29
CA PHE B 97 56.88 -40.62 27.51
C PHE B 97 58.15 -41.22 26.93
N GLU B 98 58.82 -42.08 27.69
CA GLU B 98 60.08 -42.67 27.27
C GLU B 98 59.84 -43.64 26.11
N PRO B 99 60.44 -43.43 24.94
CA PRO B 99 60.26 -44.38 23.85
C PRO B 99 61.00 -45.67 24.13
N PRO B 100 60.52 -46.80 23.65
CA PRO B 100 61.21 -48.07 23.89
C PRO B 100 62.51 -48.19 23.11
N ALA B 101 63.19 -49.31 23.26
CA ALA B 101 64.40 -49.57 22.48
C ALA B 101 64.06 -49.73 21.00
N LEU B 102 65.01 -49.32 20.15
CA LEU B 102 64.78 -49.42 18.71
C LEU B 102 64.54 -50.86 18.28
N TYR B 103 65.28 -51.81 18.88
CA TYR B 103 65.13 -53.21 18.50
C TYR B 103 63.79 -53.79 18.99
N ASP B 104 63.48 -53.60 20.27
CA ASP B 104 62.21 -54.10 20.80
C ASP B 104 61.04 -53.55 20.00
N HIS B 105 61.15 -52.31 19.54
CA HIS B 105 60.08 -51.68 18.76
C HIS B 105 59.94 -52.34 17.39
N VAL B 106 61.05 -52.46 16.67
CA VAL B 106 61.01 -53.06 15.33
C VAL B 106 60.47 -54.49 15.40
N VAL B 107 60.86 -55.23 16.43
CA VAL B 107 60.37 -56.60 16.58
C VAL B 107 58.85 -56.62 16.72
N LYS B 108 58.33 -55.79 17.63
CA LYS B 108 56.89 -55.79 17.88
C LYS B 108 56.11 -55.32 16.65
N MET B 109 56.65 -54.34 15.93
CA MET B 109 55.92 -53.80 14.79
C MET B 109 55.96 -54.77 13.61
N VAL B 110 57.12 -55.40 13.37
CA VAL B 110 57.21 -56.41 12.32
C VAL B 110 56.27 -57.58 12.63
N GLU B 111 56.18 -57.96 13.90
CA GLU B 111 55.26 -59.03 14.28
C GLU B 111 53.81 -58.61 14.07
N MET B 112 53.52 -57.32 14.19
CA MET B 112 52.18 -56.83 13.95
C MET B 112 51.91 -56.54 12.47
N GLY B 113 52.90 -56.71 11.61
CA GLY B 113 52.70 -56.40 10.20
C GLY B 113 52.64 -54.93 9.90
N LYS B 114 53.07 -54.08 10.83
CA LYS B 114 53.10 -52.64 10.61
C LYS B 114 54.42 -52.18 10.01
N TYR B 115 55.51 -52.92 10.23
CA TYR B 115 56.79 -52.71 9.56
C TYR B 115 57.05 -53.82 8.56
N ASP B 116 57.98 -53.57 7.66
CA ASP B 116 58.38 -54.58 6.69
C ASP B 116 59.31 -55.59 7.36
N ASN B 117 59.04 -56.89 7.12
CA ASN B 117 59.82 -57.95 7.75
C ASN B 117 61.28 -57.96 7.33
N HIS B 118 61.64 -57.24 6.26
CA HIS B 118 63.03 -57.20 5.81
C HIS B 118 63.95 -56.51 6.81
N LEU B 119 63.42 -55.63 7.65
CA LEU B 119 64.26 -54.94 8.62
C LEU B 119 64.96 -55.92 9.55
N LEU B 120 64.27 -57.00 9.93
CA LEU B 120 64.87 -58.01 10.78
C LEU B 120 65.79 -58.95 10.01
N GLU B 121 65.58 -59.10 8.71
CA GLU B 121 66.43 -59.95 7.90
C GLU B 121 67.75 -59.27 7.55
N ASP B 122 67.77 -57.94 7.46
CA ASP B 122 68.95 -57.21 7.01
C ASP B 122 69.80 -56.66 8.15
N TYR B 123 69.21 -56.42 9.32
CA TYR B 123 69.94 -55.86 10.45
C TYR B 123 69.88 -56.81 11.63
N THR B 124 71.02 -56.98 12.28
CA THR B 124 71.11 -57.83 13.47
C THR B 124 70.74 -57.03 14.71
N GLU B 125 70.42 -57.74 15.78
CA GLU B 125 70.07 -57.05 17.03
C GLU B 125 71.21 -56.16 17.50
N GLU B 126 72.45 -56.56 17.24
CA GLU B 126 73.59 -55.72 17.61
C GLU B 126 73.61 -54.42 16.80
N GLU B 127 73.17 -54.46 15.56
CA GLU B 127 73.11 -53.26 14.73
C GLU B 127 71.95 -52.37 15.13
N PHE B 128 70.78 -52.96 15.42
CA PHE B 128 69.63 -52.17 15.86
C PHE B 128 69.94 -51.40 17.13
N LYS B 129 70.60 -52.05 18.10
CA LYS B 129 70.98 -51.36 19.32
C LYS B 129 72.01 -50.27 19.06
N GLN B 130 72.79 -50.41 17.98
CA GLN B 130 73.77 -49.37 17.64
C GLN B 130 73.11 -48.18 16.97
N MET B 131 72.02 -48.39 16.24
CA MET B 131 71.27 -47.29 15.67
C MET B 131 70.42 -46.59 16.72
N ASP B 132 70.10 -47.27 17.82
CA ASP B 132 69.42 -46.62 18.94
C ASP B 132 70.32 -45.58 19.59
N THR B 133 71.63 -45.69 19.39
CA THR B 133 72.56 -44.68 19.85
C THR B 133 72.60 -43.48 18.91
N PHE B 134 72.30 -43.69 17.62
CA PHE B 134 72.19 -42.57 16.71
C PHE B 134 71.00 -41.69 17.06
N ILE B 135 69.92 -42.29 17.53
CA ILE B 135 68.67 -41.56 17.76
C ILE B 135 68.86 -40.56 18.90
N ASP B 136 68.36 -39.35 18.70
CA ASP B 136 68.29 -38.31 19.72
C ASP B 136 66.82 -37.93 19.79
N HIS B 137 66.07 -38.57 20.69
CA HIS B 137 64.64 -38.33 20.80
C HIS B 137 64.33 -36.89 21.23
N ASP B 138 65.33 -36.13 21.66
CA ASP B 138 65.12 -34.72 21.95
C ASP B 138 64.95 -33.89 20.69
N ARG B 139 65.27 -34.44 19.52
CA ARG B 139 64.98 -33.74 18.27
C ARG B 139 63.49 -33.66 17.98
N ASP B 140 62.67 -34.44 18.71
CA ASP B 140 61.23 -34.25 18.67
C ASP B 140 60.81 -32.91 19.28
N MET B 141 61.70 -32.28 20.05
CA MET B 141 61.41 -31.00 20.66
C MET B 141 61.79 -29.83 19.78
N THR B 142 62.15 -30.10 18.52
CA THR B 142 62.51 -29.06 17.57
C THR B 142 61.45 -28.84 16.50
N PHE B 143 60.37 -29.61 16.53
CA PHE B 143 59.27 -29.43 15.59
C PHE B 143 58.39 -28.26 16.02
N SER B 144 57.73 -27.64 15.06
CA SER B 144 56.68 -26.67 15.35
C SER B 144 55.33 -27.38 15.42
N TYR B 145 54.31 -26.67 15.88
CA TYR B 145 53.00 -27.30 16.02
C TYR B 145 52.48 -27.79 14.69
N ALA B 146 52.62 -26.98 13.63
CA ALA B 146 52.21 -27.41 12.30
C ALA B 146 52.93 -28.69 11.87
N ALA B 147 54.21 -28.80 12.23
CA ALA B 147 54.98 -30.00 11.87
C ALA B 147 54.41 -31.25 12.54
N VAL B 148 54.10 -31.15 13.83
CA VAL B 148 53.65 -32.33 14.57
C VAL B 148 52.30 -32.81 14.05
N LYS B 149 51.43 -31.87 13.66
CA LYS B 149 50.12 -32.26 13.17
C LYS B 149 50.21 -32.97 11.82
N GLN B 150 51.20 -32.62 11.00
CA GLN B 150 51.41 -33.36 9.77
C GLN B 150 51.98 -34.74 10.07
N LEU B 151 52.84 -34.86 11.07
CA LEU B 151 53.31 -36.17 11.50
C LEU B 151 52.16 -37.00 12.05
N GLU B 152 51.37 -36.43 12.97
CA GLU B 152 50.25 -37.16 13.54
C GLU B 152 49.20 -37.50 12.48
N GLY B 153 48.99 -36.61 11.52
CA GLY B 153 47.92 -36.78 10.57
C GLY B 153 48.26 -37.64 9.36
N LYS B 154 49.51 -37.57 8.91
CA LYS B 154 49.88 -38.23 7.66
C LYS B 154 51.06 -39.19 7.82
N TYR B 155 52.16 -38.72 8.38
CA TYR B 155 53.43 -39.43 8.20
C TYR B 155 53.59 -40.61 9.15
N LEU B 156 53.40 -40.38 10.44
CA LEU B 156 53.60 -41.45 11.44
C LEU B 156 52.74 -42.66 11.11
N VAL B 157 53.36 -43.85 11.19
CA VAL B 157 52.67 -45.11 10.90
C VAL B 157 51.47 -45.23 11.82
N GLN B 158 50.29 -45.42 11.25
CA GLN B 158 49.07 -45.42 12.04
C GLN B 158 48.03 -46.31 11.39
N ASN B 159 46.95 -46.56 12.13
CA ASN B 159 45.79 -47.27 11.64
C ASN B 159 44.77 -46.27 11.12
N ARG B 160 44.30 -46.48 9.90
CA ARG B 160 43.38 -45.54 9.26
C ARG B 160 41.93 -45.83 9.59
N VAL B 161 41.65 -46.85 10.42
CA VAL B 161 40.32 -47.10 10.93
C VAL B 161 40.27 -46.96 12.45
N THR B 162 41.34 -47.39 13.14
CA THR B 162 41.42 -47.23 14.59
C THR B 162 41.78 -45.81 14.97
N GLY B 163 42.60 -45.14 14.17
CA GLY B 163 43.21 -43.90 14.57
C GLY B 163 44.43 -44.09 15.44
N GLU B 164 44.87 -45.33 15.59
CA GLU B 164 45.95 -45.67 16.51
C GLU B 164 47.30 -45.28 15.93
N ILE B 165 48.02 -44.40 16.61
CA ILE B 165 49.38 -44.06 16.22
C ILE B 165 50.32 -45.06 16.87
N TYR B 166 51.28 -45.56 16.09
CA TYR B 166 52.10 -46.68 16.50
C TYR B 166 53.56 -46.32 16.80
N GLU B 167 54.04 -45.16 16.36
CA GLU B 167 55.46 -44.85 16.45
C GLU B 167 55.67 -43.38 16.80
N SER B 168 56.93 -43.06 17.12
CA SER B 168 57.40 -41.70 17.36
C SER B 168 58.03 -41.13 16.09
N ALA B 169 58.41 -39.85 16.14
CA ALA B 169 58.96 -39.17 14.97
C ALA B 169 60.39 -39.61 14.66
N GLN B 170 61.21 -39.80 15.70
CA GLN B 170 62.59 -40.17 15.45
C GLN B 170 62.73 -41.61 14.97
N PHE B 171 61.77 -42.48 15.33
CA PHE B 171 61.78 -43.82 14.77
C PHE B 171 61.48 -43.80 13.28
N LEU B 172 60.54 -42.95 12.86
CA LEU B 172 60.28 -42.75 11.44
C LEU B 172 61.57 -42.36 10.71
N TYR B 173 62.27 -41.37 11.24
CA TYR B 173 63.51 -40.90 10.62
C TYR B 173 64.57 -42.01 10.54
N ILE B 174 64.84 -42.67 11.67
CA ILE B 174 65.95 -43.62 11.71
C ILE B 174 65.67 -44.83 10.83
N LEU B 175 64.40 -45.21 10.69
CA LEU B 175 64.07 -46.38 9.88
C LEU B 175 63.99 -46.06 8.40
N VAL B 176 63.62 -44.83 8.04
CA VAL B 176 63.75 -44.39 6.65
C VAL B 176 65.20 -44.48 6.22
N ALA B 177 66.13 -44.08 7.09
CA ALA B 177 67.54 -44.22 6.79
C ALA B 177 67.95 -45.69 6.77
N ALA B 178 67.42 -46.48 7.71
CA ALA B 178 67.79 -47.89 7.79
C ALA B 178 67.34 -48.66 6.55
N CYS B 179 66.08 -48.46 6.13
CA CYS B 179 65.56 -49.19 4.97
C CYS B 179 66.26 -48.77 3.69
N LEU B 180 66.40 -47.46 3.47
CA LEU B 180 66.91 -46.96 2.19
C LEU B 180 68.37 -47.34 1.98
N PHE B 181 69.13 -47.56 3.05
CA PHE B 181 70.52 -47.97 2.92
C PHE B 181 70.72 -49.43 3.35
N SER B 182 69.63 -50.18 3.48
CA SER B 182 69.73 -51.55 3.99
C SER B 182 70.58 -52.44 3.09
N ASN B 183 70.63 -52.14 1.80
CA ASN B 183 71.37 -52.94 0.84
C ASN B 183 72.80 -52.46 0.63
N TYR B 184 73.29 -51.56 1.48
CA TYR B 184 74.66 -51.10 1.37
C TYR B 184 75.61 -52.09 2.04
N PRO B 185 76.89 -52.10 1.65
CA PRO B 185 77.85 -52.98 2.32
C PRO B 185 77.96 -52.66 3.80
N ARG B 186 78.18 -53.70 4.60
CA ARG B 186 78.21 -53.54 6.05
C ARG B 186 79.27 -52.55 6.51
N GLU B 187 80.37 -52.43 5.77
CA GLU B 187 81.46 -51.55 6.20
C GLU B 187 81.07 -50.08 6.12
N THR B 188 80.12 -49.73 5.25
CA THR B 188 79.69 -48.34 5.09
C THR B 188 78.19 -48.17 5.27
N ARG B 189 77.47 -49.23 5.66
CA ARG B 189 76.02 -49.16 5.78
C ARG B 189 75.60 -48.25 6.93
N LEU B 190 75.94 -48.64 8.16
CA LEU B 190 75.51 -47.86 9.32
C LEU B 190 76.08 -46.45 9.32
N GLN B 191 77.24 -46.26 8.69
CA GLN B 191 77.79 -44.91 8.57
C GLN B 191 76.83 -44.03 7.78
N TYR B 192 76.31 -44.54 6.66
CA TYR B 192 75.33 -43.79 5.88
C TYR B 192 74.01 -43.68 6.65
N VAL B 193 73.60 -44.75 7.32
CA VAL B 193 72.34 -44.73 8.05
C VAL B 193 72.34 -43.60 9.08
N LYS B 194 73.43 -43.51 9.85
CA LYS B 194 73.54 -42.41 10.82
C LYS B 194 73.62 -41.08 10.10
N ARG B 195 74.49 -40.98 9.10
CA ARG B 195 74.72 -39.70 8.45
C ARG B 195 73.47 -39.17 7.79
N PHE B 196 72.65 -40.05 7.20
CA PHE B 196 71.41 -39.62 6.59
C PHE B 196 70.33 -39.33 7.62
N TYR B 197 70.33 -40.07 8.73
CA TYR B 197 69.38 -39.78 9.81
C TYR B 197 69.61 -38.39 10.38
N ASP B 198 70.87 -38.06 10.68
CA ASP B 198 71.18 -36.71 11.16
C ASP B 198 70.71 -35.65 10.17
N ALA B 199 70.91 -35.88 8.88
CA ALA B 199 70.58 -34.89 7.87
C ALA B 199 69.09 -34.55 7.86
N VAL B 200 68.24 -35.55 8.00
CA VAL B 200 66.80 -35.30 7.88
C VAL B 200 66.15 -34.95 9.22
N SER B 201 66.69 -35.45 10.33
CA SER B 201 66.13 -35.13 11.64
C SER B 201 66.55 -33.75 12.11
N THR B 202 67.60 -33.18 11.51
CA THR B 202 68.01 -31.81 11.76
C THR B 202 67.69 -30.90 10.57
N PHE B 203 66.79 -31.35 9.69
CA PHE B 203 66.18 -30.53 8.65
C PHE B 203 67.19 -29.98 7.64
N LYS B 204 68.27 -30.72 7.39
CA LYS B 204 69.11 -30.38 6.25
C LYS B 204 68.50 -30.87 4.94
N ILE B 205 67.79 -32.00 4.98
CA ILE B 205 67.14 -32.59 3.82
C ILE B 205 65.67 -32.79 4.18
N SER B 206 64.78 -32.36 3.29
CA SER B 206 63.35 -32.55 3.46
C SER B 206 62.91 -33.76 2.65
N LEU B 207 62.07 -34.61 3.26
CA LEU B 207 61.61 -35.82 2.57
C LEU B 207 60.12 -35.75 2.24
N PRO B 208 59.73 -36.23 1.05
CA PRO B 208 58.35 -36.06 0.60
C PRO B 208 57.38 -36.98 1.33
N THR B 209 56.10 -36.71 1.12
CA THR B 209 55.04 -37.45 1.79
C THR B 209 55.13 -38.96 1.64
N PRO B 210 55.26 -39.53 0.44
CA PRO B 210 55.28 -41.01 0.35
C PRO B 210 56.48 -41.63 1.03
N ILE B 211 57.62 -40.94 1.06
CA ILE B 211 58.80 -41.48 1.75
C ILE B 211 58.61 -41.38 3.26
N MET B 212 58.17 -40.21 3.75
CA MET B 212 57.89 -40.05 5.17
C MET B 212 56.83 -41.06 5.63
N SER B 213 55.80 -41.24 4.83
CA SER B 213 54.67 -42.07 5.24
C SER B 213 54.98 -43.56 5.15
N GLY B 214 55.72 -43.99 4.14
CA GLY B 214 55.77 -45.40 3.80
C GLY B 214 57.06 -46.15 4.02
N VAL B 215 58.20 -45.47 3.97
CA VAL B 215 59.50 -46.17 4.02
C VAL B 215 59.71 -46.78 5.40
N ARG B 216 59.38 -48.08 5.51
CA ARG B 216 59.56 -49.00 6.65
C ARG B 216 58.32 -49.87 6.77
N THR B 217 57.31 -49.61 5.95
CA THR B 217 56.06 -50.33 5.98
C THR B 217 56.06 -51.45 4.95
N PRO B 218 55.19 -52.45 5.11
CA PRO B 218 55.15 -53.55 4.12
C PRO B 218 54.96 -53.09 2.69
N THR B 219 53.98 -52.23 2.43
CA THR B 219 53.67 -51.77 1.08
C THR B 219 54.69 -50.72 0.62
N ARG B 220 55.47 -51.05 -0.40
CA ARG B 220 56.63 -50.25 -0.81
C ARG B 220 56.31 -49.47 -2.09
N GLN B 221 55.82 -48.25 -1.93
CA GLN B 221 55.74 -47.31 -3.04
C GLN B 221 56.03 -45.91 -2.49
N PHE B 222 57.05 -45.26 -3.05
CA PHE B 222 57.52 -43.99 -2.48
C PHE B 222 57.77 -42.93 -3.53
N SER B 223 57.40 -43.15 -4.80
CA SER B 223 57.55 -42.14 -5.84
C SER B 223 56.32 -41.23 -5.85
N SER B 224 56.55 -39.93 -5.71
CA SER B 224 55.43 -38.99 -5.63
C SER B 224 54.73 -38.80 -6.95
N CYS B 225 55.46 -38.84 -8.06
CA CYS B 225 54.95 -38.43 -9.36
C CYS B 225 54.86 -39.63 -10.29
N VAL B 226 53.69 -39.81 -10.89
CA VAL B 226 53.46 -40.85 -11.89
C VAL B 226 52.94 -40.15 -13.14
N LEU B 227 53.63 -40.36 -14.25
CA LEU B 227 53.29 -39.72 -15.53
C LEU B 227 52.90 -40.81 -16.51
N ILE B 228 51.61 -40.87 -16.87
CA ILE B 228 51.07 -41.89 -17.76
C ILE B 228 50.63 -41.23 -19.05
N GLU B 229 51.13 -41.74 -20.18
CA GLU B 229 50.72 -41.27 -21.50
C GLU B 229 49.70 -42.22 -22.10
N CYS B 230 48.62 -41.68 -22.65
CA CYS B 230 47.54 -42.47 -23.18
C CYS B 230 47.56 -42.42 -24.71
N GLY B 231 47.39 -43.59 -25.34
CA GLY B 231 47.26 -43.65 -26.78
C GLY B 231 45.82 -43.57 -27.23
N ASP B 232 45.64 -43.45 -28.56
CA ASP B 232 44.32 -43.27 -29.14
C ASP B 232 43.68 -44.63 -29.46
N SER B 233 43.49 -45.43 -28.41
CA SER B 233 42.86 -46.73 -28.54
C SER B 233 42.17 -47.09 -27.24
N LEU B 234 41.17 -47.96 -27.33
CA LEU B 234 40.51 -48.44 -26.13
C LEU B 234 41.45 -49.29 -25.27
N ASP B 235 42.36 -50.03 -25.91
CA ASP B 235 43.31 -50.84 -25.16
C ASP B 235 44.26 -49.98 -24.35
N SER B 236 44.64 -48.82 -24.89
CA SER B 236 45.51 -47.91 -24.16
C SER B 236 44.75 -47.15 -23.08
N ILE B 237 43.54 -46.71 -23.40
CA ILE B 237 42.68 -46.08 -22.40
C ILE B 237 42.42 -47.05 -21.24
N ASN B 238 42.15 -48.31 -21.57
CA ASN B 238 41.97 -49.32 -20.52
C ASN B 238 43.24 -49.47 -19.69
N ALA B 239 44.39 -49.55 -20.35
CA ALA B 239 45.65 -49.67 -19.63
C ALA B 239 45.90 -48.44 -18.77
N THR B 240 45.63 -47.26 -19.32
CA THR B 240 45.85 -46.02 -18.56
C THR B 240 44.99 -45.97 -17.31
N SER B 241 43.69 -46.24 -17.45
CA SER B 241 42.79 -46.22 -16.29
C SER B 241 43.26 -47.19 -15.22
N SER B 242 43.66 -48.40 -15.60
CA SER B 242 44.13 -49.38 -14.63
C SER B 242 45.39 -48.88 -13.93
N ALA B 243 46.29 -48.25 -14.67
CA ALA B 243 47.51 -47.73 -14.06
C ALA B 243 47.21 -46.59 -13.10
N ILE B 244 46.28 -45.71 -13.46
CA ILE B 244 45.84 -44.66 -12.55
C ILE B 244 45.32 -45.27 -11.25
N VAL B 245 44.36 -46.19 -11.37
CA VAL B 245 43.77 -46.85 -10.21
C VAL B 245 44.84 -47.48 -9.34
N LYS B 246 45.83 -48.13 -9.97
CA LYS B 246 46.88 -48.80 -9.21
C LYS B 246 47.68 -47.81 -8.35
N TYR B 247 48.12 -46.70 -8.95
CA TYR B 247 49.07 -45.82 -8.27
C TYR B 247 48.44 -44.82 -7.30
N VAL B 248 47.17 -44.43 -7.47
CA VAL B 248 46.59 -43.52 -6.48
C VAL B 248 46.43 -44.23 -5.15
N SER B 249 46.13 -45.53 -5.17
CA SER B 249 46.11 -46.29 -3.93
C SER B 249 47.51 -46.56 -3.39
N GLN B 250 48.54 -46.02 -4.04
CA GLN B 250 49.92 -46.20 -3.61
C GLN B 250 50.55 -44.84 -3.37
N ARG B 251 49.86 -43.97 -2.65
CA ARG B 251 50.37 -42.67 -2.20
C ARG B 251 50.90 -41.78 -3.34
N ALA B 252 50.47 -41.98 -4.59
CA ALA B 252 51.07 -41.25 -5.70
C ALA B 252 50.07 -40.29 -6.34
N GLY B 253 50.61 -39.27 -6.99
CA GLY B 253 49.83 -38.28 -7.74
C GLY B 253 50.13 -38.41 -9.23
N ILE B 254 49.07 -38.34 -10.03
CA ILE B 254 49.13 -38.76 -11.42
C ILE B 254 49.18 -37.57 -12.37
N GLY B 255 49.90 -37.74 -13.47
CA GLY B 255 49.80 -36.85 -14.61
C GLY B 255 49.38 -37.63 -15.85
N ILE B 256 48.23 -37.28 -16.42
CA ILE B 256 47.66 -37.99 -17.56
C ILE B 256 47.84 -37.14 -18.80
N ASN B 257 48.24 -37.77 -19.90
CA ASN B 257 48.44 -37.11 -21.18
C ASN B 257 47.46 -37.70 -22.19
N ALA B 258 46.23 -37.18 -22.17
CA ALA B 258 45.19 -37.62 -23.09
C ALA B 258 45.07 -36.71 -24.30
N GLY B 259 46.17 -36.13 -24.74
CA GLY B 259 46.15 -35.27 -25.91
C GLY B 259 46.00 -36.02 -27.22
N ARG B 260 46.27 -37.32 -27.22
CA ARG B 260 46.19 -38.12 -28.44
C ARG B 260 44.78 -38.55 -28.79
N ILE B 261 43.87 -38.60 -27.81
CA ILE B 261 42.52 -39.10 -28.05
C ILE B 261 41.85 -38.27 -29.13
N ARG B 262 41.33 -38.95 -30.15
CA ARG B 262 40.74 -38.26 -31.30
C ARG B 262 39.49 -37.47 -30.89
N ALA B 263 39.21 -36.43 -31.67
CA ALA B 263 38.19 -35.47 -31.30
C ALA B 263 36.79 -36.06 -31.45
N LEU B 264 35.82 -35.35 -30.88
CA LEU B 264 34.42 -35.70 -31.03
C LEU B 264 34.03 -35.66 -32.51
N GLY B 265 33.30 -36.68 -32.95
CA GLY B 265 32.86 -36.73 -34.32
C GLY B 265 33.78 -37.47 -35.27
N SER B 266 34.99 -37.81 -34.83
CA SER B 266 35.93 -38.50 -35.70
C SER B 266 35.40 -39.90 -36.04
N PRO B 267 35.68 -40.39 -37.24
CA PRO B 267 35.22 -41.73 -37.62
C PRO B 267 36.04 -42.81 -36.92
N ILE B 268 35.36 -43.91 -36.62
CA ILE B 268 35.98 -45.07 -35.98
C ILE B 268 35.79 -46.27 -36.89
N ARG B 269 36.88 -46.97 -37.19
CA ARG B 269 36.90 -48.10 -38.12
C ARG B 269 36.25 -47.71 -39.45
N GLY B 270 36.65 -46.54 -39.96
CA GLY B 270 36.19 -46.09 -41.25
C GLY B 270 34.72 -45.74 -41.32
N GLY B 271 34.09 -45.49 -40.18
CA GLY B 271 32.67 -45.19 -40.15
C GLY B 271 31.78 -46.26 -39.54
N GLU B 272 32.35 -47.31 -38.95
CA GLU B 272 31.51 -48.25 -38.20
C GLU B 272 30.99 -47.62 -36.91
N ALA B 273 31.65 -46.58 -36.41
CA ALA B 273 31.24 -45.94 -35.17
C ALA B 273 31.55 -44.45 -35.23
N PHE B 274 30.88 -43.71 -34.35
CA PHE B 274 30.98 -42.25 -34.23
C PHE B 274 31.58 -41.92 -32.87
N HIS B 275 32.76 -41.31 -32.87
CA HIS B 275 33.46 -41.03 -31.61
C HIS B 275 32.72 -39.96 -30.81
N THR B 276 32.28 -40.34 -29.60
CA THR B 276 31.49 -39.43 -28.76
C THR B 276 32.32 -38.36 -28.06
N GLY B 277 33.63 -38.34 -28.25
CA GLY B 277 34.46 -37.25 -27.76
C GLY B 277 35.40 -37.68 -26.65
N CYS B 278 36.26 -36.72 -26.27
CA CYS B 278 37.23 -36.94 -25.20
C CYS B 278 36.56 -36.89 -23.84
N ILE B 279 35.58 -36.01 -23.65
CA ILE B 279 35.00 -35.80 -22.33
C ILE B 279 34.49 -37.10 -21.72
N PRO B 280 33.79 -38.00 -22.43
CA PRO B 280 33.40 -39.28 -21.82
C PRO B 280 34.57 -40.12 -21.34
N PHE B 281 35.74 -39.99 -21.97
CA PHE B 281 36.92 -40.70 -21.52
C PHE B 281 37.62 -39.95 -20.39
N TYR B 282 37.60 -38.62 -20.44
CA TYR B 282 38.14 -37.85 -19.32
C TYR B 282 37.36 -38.17 -18.04
N LYS B 283 36.04 -38.33 -18.16
CA LYS B 283 35.23 -38.75 -17.01
C LYS B 283 35.66 -40.12 -16.50
N HIS B 284 36.06 -41.02 -17.39
CA HIS B 284 36.54 -42.33 -16.95
C HIS B 284 37.88 -42.20 -16.24
N PHE B 285 38.74 -41.29 -16.72
CA PHE B 285 40.00 -41.06 -16.02
C PHE B 285 39.79 -40.42 -14.66
N GLN B 286 38.73 -39.60 -14.53
CA GLN B 286 38.47 -38.95 -13.25
C GLN B 286 38.04 -39.96 -12.20
N THR B 287 37.07 -40.81 -12.53
CA THR B 287 36.63 -41.83 -11.57
C THR B 287 37.74 -42.83 -11.29
N ALA B 288 38.68 -43.01 -12.22
CA ALA B 288 39.85 -43.82 -11.92
C ALA B 288 40.61 -43.25 -10.74
N VAL B 289 40.81 -41.94 -10.73
CA VAL B 289 41.48 -41.29 -9.60
C VAL B 289 40.62 -41.37 -8.34
N LYS B 290 39.36 -40.95 -8.46
CA LYS B 290 38.49 -40.81 -7.29
C LYS B 290 38.06 -42.16 -6.71
N SER B 291 38.14 -43.25 -7.47
CA SER B 291 37.70 -44.55 -6.96
C SER B 291 38.40 -44.90 -5.65
N CYS B 292 39.70 -44.60 -5.57
CA CYS B 292 40.50 -44.90 -4.39
C CYS B 292 41.50 -43.78 -4.12
N SER B 293 41.10 -42.54 -4.40
CA SER B 293 41.95 -41.39 -4.11
C SER B 293 42.19 -41.25 -2.61
N GLN B 294 41.12 -41.23 -1.83
CA GLN B 294 41.18 -41.10 -0.38
C GLN B 294 41.22 -42.46 0.30
N GLY B 295 41.48 -42.43 1.62
CA GLY B 295 41.56 -43.61 2.45
C GLY B 295 42.94 -43.92 2.98
N GLY B 296 43.98 -43.41 2.33
CA GLY B 296 45.35 -43.66 2.74
C GLY B 296 46.00 -42.47 3.42
N VAL B 297 47.20 -42.12 2.95
CA VAL B 297 47.96 -41.02 3.55
C VAL B 297 47.26 -39.68 3.33
N ARG B 298 46.66 -39.49 2.15
CA ARG B 298 45.95 -38.27 1.83
C ARG B 298 45.14 -38.51 0.56
N GLY B 299 44.35 -37.51 0.19
CA GLY B 299 43.56 -37.59 -1.03
C GLY B 299 44.37 -37.37 -2.28
N GLY B 300 44.45 -38.37 -3.15
CA GLY B 300 45.20 -38.22 -4.38
C GLY B 300 44.46 -37.37 -5.41
N ALA B 301 45.25 -36.82 -6.34
CA ALA B 301 44.70 -36.01 -7.41
C ALA B 301 45.40 -36.38 -8.71
N ALA B 302 45.04 -35.66 -9.78
CA ALA B 302 45.64 -35.91 -11.09
C ALA B 302 45.46 -34.67 -11.95
N THR B 303 46.41 -34.46 -12.86
CA THR B 303 46.32 -33.40 -13.85
C THR B 303 46.38 -34.02 -15.24
N LEU B 304 45.43 -33.65 -16.10
CA LEU B 304 45.34 -34.14 -17.46
C LEU B 304 45.86 -33.08 -18.42
N PHE B 305 46.56 -33.52 -19.47
CA PHE B 305 47.21 -32.63 -20.42
C PHE B 305 46.64 -32.82 -21.81
N TYR B 306 46.52 -31.71 -22.54
CA TYR B 306 46.07 -31.73 -23.92
C TYR B 306 46.71 -30.55 -24.64
N PRO B 307 47.01 -30.67 -25.92
CA PRO B 307 47.60 -29.55 -26.65
C PRO B 307 46.55 -28.48 -26.92
N MET B 308 47.01 -27.22 -26.97
CA MET B 308 46.10 -26.12 -27.20
C MET B 308 45.42 -26.22 -28.55
N TRP B 309 46.10 -26.77 -29.55
CA TRP B 309 45.55 -26.86 -30.89
C TRP B 309 44.61 -28.04 -31.07
N HIS B 310 44.25 -28.75 -30.01
CA HIS B 310 43.30 -29.85 -30.13
C HIS B 310 41.94 -29.32 -30.59
N LEU B 311 41.20 -30.17 -31.29
CA LEU B 311 39.92 -29.73 -31.87
C LEU B 311 38.90 -29.43 -30.77
N GLU B 312 38.85 -30.25 -29.74
CA GLU B 312 37.89 -30.04 -28.65
C GLU B 312 38.36 -29.02 -27.63
N VAL B 313 39.44 -28.28 -27.91
CA VAL B 313 40.11 -27.47 -26.89
C VAL B 313 39.17 -26.44 -26.27
N GLU B 314 38.20 -25.93 -27.04
CA GLU B 314 37.34 -24.89 -26.49
C GLU B 314 36.42 -25.44 -25.41
N SER B 315 36.09 -26.73 -25.48
CA SER B 315 35.27 -27.37 -24.46
C SER B 315 36.08 -27.98 -23.34
N LEU B 316 37.37 -28.27 -23.56
CA LEU B 316 38.19 -28.86 -22.51
C LEU B 316 38.65 -27.80 -21.52
N LEU B 317 38.75 -26.54 -21.94
CA LEU B 317 39.17 -25.47 -21.04
C LEU B 317 38.11 -25.19 -19.98
N VAL B 318 36.85 -25.42 -20.30
CA VAL B 318 35.75 -25.08 -19.40
C VAL B 318 35.34 -26.28 -18.54
N LEU B 319 36.14 -27.35 -18.51
CA LEU B 319 35.75 -28.57 -17.81
C LEU B 319 35.70 -28.38 -16.29
N LYS B 320 36.53 -27.50 -15.74
CA LYS B 320 36.55 -27.25 -14.31
C LYS B 320 35.54 -26.19 -13.87
N ASN B 321 34.99 -25.43 -14.82
CA ASN B 321 34.05 -24.38 -14.49
C ASN B 321 32.82 -24.93 -13.79
N ASN B 322 32.36 -24.19 -12.78
CA ASN B 322 31.27 -24.67 -11.93
C ASN B 322 29.92 -24.61 -12.63
N ARG B 323 29.65 -23.54 -13.38
CA ARG B 323 28.40 -23.45 -14.11
C ARG B 323 28.40 -24.41 -15.29
N GLY B 324 27.25 -25.05 -15.52
CA GLY B 324 27.10 -25.95 -16.64
C GLY B 324 26.65 -27.34 -16.23
N VAL B 325 26.17 -28.13 -17.22
CA VAL B 325 25.64 -29.46 -16.94
C VAL B 325 26.77 -30.44 -16.68
N GLU B 326 26.42 -31.59 -16.11
CA GLU B 326 27.39 -32.63 -15.83
C GLU B 326 27.96 -33.26 -17.10
N GLY B 327 27.27 -33.13 -18.22
CA GLY B 327 27.70 -33.80 -19.44
C GLY B 327 28.96 -33.23 -20.05
N ASN B 328 29.23 -31.95 -19.83
CA ASN B 328 30.40 -31.27 -20.38
C ASN B 328 31.30 -30.71 -19.30
N ARG B 329 31.25 -31.30 -18.10
CA ARG B 329 32.07 -30.87 -16.98
C ARG B 329 32.77 -32.08 -16.38
N VAL B 330 34.10 -32.00 -16.27
CA VAL B 330 34.90 -32.99 -15.54
C VAL B 330 35.72 -32.18 -14.54
N ARG B 331 35.15 -31.90 -13.36
CA ARG B 331 35.64 -30.85 -12.48
C ARG B 331 36.77 -31.29 -11.55
N HIS B 332 36.74 -32.51 -11.04
CA HIS B 332 37.61 -32.89 -9.92
C HIS B 332 39.02 -33.28 -10.35
N MET B 333 39.41 -32.93 -11.56
CA MET B 333 40.80 -33.00 -12.00
C MET B 333 41.29 -31.61 -12.37
N ASP B 334 42.61 -31.43 -12.31
CA ASP B 334 43.24 -30.23 -12.85
C ASP B 334 43.68 -30.50 -14.28
N TYR B 335 43.94 -29.45 -15.03
CA TYR B 335 44.29 -29.62 -16.43
C TYR B 335 45.49 -28.78 -16.81
N GLY B 336 46.31 -29.32 -17.70
CA GLY B 336 47.46 -28.60 -18.22
C GLY B 336 47.40 -28.43 -19.73
N VAL B 337 47.34 -27.19 -20.19
CA VAL B 337 47.29 -26.88 -21.62
C VAL B 337 48.70 -26.78 -22.17
N GLN B 338 48.97 -27.50 -23.25
CA GLN B 338 50.30 -27.54 -23.84
C GLN B 338 50.40 -26.50 -24.94
N ILE B 339 51.38 -25.60 -24.82
CA ILE B 339 51.53 -24.46 -25.71
C ILE B 339 52.97 -24.40 -26.18
N ASN B 340 53.18 -23.97 -27.42
CA ASN B 340 54.52 -23.76 -27.95
C ASN B 340 54.62 -22.37 -28.57
N LYS B 341 55.80 -22.05 -29.10
CA LYS B 341 56.07 -20.70 -29.57
C LYS B 341 55.09 -20.28 -30.67
N LEU B 342 54.75 -21.21 -31.58
CA LEU B 342 53.89 -20.85 -32.70
C LEU B 342 52.52 -20.38 -32.21
N MET B 343 52.00 -21.01 -31.16
CA MET B 343 50.73 -20.56 -30.59
C MET B 343 50.86 -19.13 -30.06
N TYR B 344 51.95 -18.84 -29.34
CA TYR B 344 52.18 -17.47 -28.86
C TYR B 344 52.38 -16.51 -30.02
N THR B 345 53.06 -16.97 -31.08
CA THR B 345 53.26 -16.12 -32.26
C THR B 345 51.93 -15.72 -32.88
N ARG B 346 50.99 -16.66 -32.97
CA ARG B 346 49.66 -16.32 -33.49
C ARG B 346 48.96 -15.31 -32.59
N LEU B 347 49.19 -15.38 -31.28
CA LEU B 347 48.60 -14.40 -30.37
C LEU B 347 49.19 -13.01 -30.58
N LEU B 348 50.52 -12.94 -30.68
CA LEU B 348 51.17 -11.64 -30.81
C LEU B 348 50.81 -10.94 -32.12
N LYS B 349 50.50 -11.70 -33.16
CA LYS B 349 50.12 -11.13 -34.44
C LYS B 349 48.62 -10.96 -34.61
N GLY B 350 47.82 -11.36 -33.62
CA GLY B 350 46.37 -11.26 -33.78
C GLY B 350 45.78 -12.17 -34.80
N GLU B 351 46.51 -13.20 -35.22
CA GLU B 351 46.06 -14.13 -36.25
C GLU B 351 45.17 -15.19 -35.60
N ASP B 352 44.88 -16.25 -36.35
CA ASP B 352 44.05 -17.34 -35.86
C ASP B 352 44.90 -18.51 -35.37
N ILE B 353 44.23 -19.49 -34.76
CA ILE B 353 44.83 -20.76 -34.39
C ILE B 353 43.94 -21.86 -34.95
N THR B 354 44.51 -22.71 -35.81
CA THR B 354 43.77 -23.78 -36.42
C THR B 354 43.74 -24.98 -35.49
N LEU B 355 42.56 -25.51 -35.23
CA LEU B 355 42.37 -26.65 -34.35
C LEU B 355 42.21 -27.91 -35.18
N PHE B 356 42.99 -28.94 -34.84
CA PHE B 356 42.94 -30.24 -35.51
C PHE B 356 42.63 -31.32 -34.49
N SER B 357 42.04 -32.41 -34.98
CA SER B 357 42.07 -33.66 -34.22
C SER B 357 43.43 -34.31 -34.41
N PRO B 358 44.09 -34.77 -33.35
CA PRO B 358 45.44 -35.34 -33.51
C PRO B 358 45.49 -36.52 -34.45
N SER B 359 44.34 -37.15 -34.73
CA SER B 359 44.29 -38.27 -35.66
C SER B 359 44.25 -37.83 -37.12
N ASP B 360 43.81 -36.61 -37.40
CA ASP B 360 43.66 -36.12 -38.77
C ASP B 360 44.90 -35.43 -39.31
N VAL B 361 45.95 -35.28 -38.51
CA VAL B 361 47.15 -34.57 -38.93
C VAL B 361 48.39 -35.43 -38.65
N PRO B 362 48.83 -36.25 -39.61
CA PRO B 362 49.90 -37.21 -39.33
C PRO B 362 51.22 -36.54 -38.99
N GLY B 363 51.86 -37.03 -37.91
CA GLY B 363 53.15 -36.54 -37.49
C GLY B 363 53.14 -35.17 -36.85
N LEU B 364 51.97 -34.52 -36.79
CA LEU B 364 51.88 -33.19 -36.20
C LEU B 364 52.04 -33.24 -34.68
N TYR B 365 51.56 -34.31 -34.05
CA TYR B 365 51.61 -34.40 -32.59
C TYR B 365 53.04 -34.58 -32.11
N ASP B 366 53.77 -35.56 -32.67
CA ASP B 366 55.16 -35.79 -32.26
C ASP B 366 56.02 -34.58 -32.53
N ALA B 367 55.75 -33.85 -33.62
CA ALA B 367 56.50 -32.64 -33.92
C ALA B 367 56.20 -31.53 -32.92
N PHE B 368 54.99 -31.51 -32.35
CA PHE B 368 54.62 -30.47 -31.39
C PHE B 368 55.58 -30.42 -30.21
N PHE B 369 56.24 -31.52 -29.90
CA PHE B 369 57.19 -31.59 -28.80
C PHE B 369 58.64 -31.67 -29.28
N ALA B 370 58.94 -32.60 -30.19
CA ALA B 370 60.33 -32.89 -30.53
C ALA B 370 60.93 -31.85 -31.48
N ASP B 371 60.22 -31.53 -32.57
CA ASP B 371 60.78 -30.72 -33.65
C ASP B 371 59.90 -29.51 -33.89
N GLN B 372 60.34 -28.35 -33.40
CA GLN B 372 59.57 -27.12 -33.57
C GLN B 372 59.55 -26.66 -35.02
N GLU B 373 60.63 -26.92 -35.76
CA GLU B 373 60.66 -26.59 -37.17
C GLU B 373 59.68 -27.46 -37.94
N GLU B 374 59.75 -28.78 -37.75
CA GLU B 374 58.86 -29.69 -38.43
C GLU B 374 57.40 -29.41 -38.07
N PHE B 375 57.15 -28.99 -36.82
CA PHE B 375 55.78 -28.65 -36.42
C PHE B 375 55.27 -27.48 -37.24
N GLU B 376 56.05 -26.40 -37.31
CA GLU B 376 55.65 -25.25 -38.12
C GLU B 376 55.45 -25.64 -39.58
N ARG B 377 56.26 -26.57 -40.08
CA ARG B 377 56.07 -27.04 -41.45
C ARG B 377 54.75 -27.79 -41.60
N LEU B 378 54.54 -28.80 -40.77
CA LEU B 378 53.31 -29.60 -40.85
C LEU B 378 52.08 -28.77 -40.50
N TYR B 379 52.17 -27.91 -39.50
CA TYR B 379 51.02 -27.13 -39.05
C TYR B 379 50.48 -26.25 -40.17
N THR B 380 51.35 -25.40 -40.72
CA THR B 380 50.91 -24.49 -41.78
C THR B 380 50.47 -25.26 -43.02
N LYS B 381 51.15 -26.37 -43.32
CA LYS B 381 50.76 -27.21 -44.45
C LYS B 381 49.36 -27.78 -44.24
N TYR B 382 49.12 -28.36 -43.06
CA TYR B 382 47.80 -28.90 -42.76
C TYR B 382 46.76 -27.81 -42.62
N GLU B 383 47.18 -26.60 -42.24
CA GLU B 383 46.23 -25.48 -42.19
C GLU B 383 45.68 -25.17 -43.57
N LYS B 384 46.50 -25.34 -44.61
CA LYS B 384 46.07 -25.05 -45.97
C LYS B 384 45.35 -26.22 -46.61
N ASP B 385 45.57 -27.44 -46.14
CA ASP B 385 44.85 -28.59 -46.67
C ASP B 385 43.36 -28.49 -46.34
N ASP B 386 42.53 -28.57 -47.37
CA ASP B 386 41.09 -28.47 -47.18
C ASP B 386 40.41 -29.81 -46.95
N SER B 387 41.11 -30.93 -47.15
CA SER B 387 40.55 -32.25 -46.92
C SER B 387 40.65 -32.70 -45.46
N ILE B 388 41.25 -31.88 -44.60
CA ILE B 388 41.44 -32.22 -43.19
C ILE B 388 40.43 -31.44 -42.37
N ARG B 389 39.69 -32.16 -41.52
CA ARG B 389 38.73 -31.51 -40.63
C ARG B 389 39.46 -30.58 -39.67
N LYS B 390 39.13 -29.30 -39.70
CA LYS B 390 39.82 -28.30 -38.91
C LYS B 390 38.80 -27.30 -38.36
N GLN B 391 39.29 -26.36 -37.56
CA GLN B 391 38.47 -25.32 -36.96
C GLN B 391 39.37 -24.15 -36.60
N ARG B 392 39.02 -22.95 -37.07
CA ARG B 392 39.81 -21.76 -36.83
C ARG B 392 39.21 -20.96 -35.68
N VAL B 393 40.08 -20.47 -34.80
CA VAL B 393 39.70 -19.63 -33.66
C VAL B 393 40.67 -18.48 -33.58
N LYS B 394 40.15 -17.27 -33.29
CA LYS B 394 41.02 -16.13 -33.04
C LYS B 394 41.94 -16.42 -31.86
N ALA B 395 43.25 -16.37 -32.09
CA ALA B 395 44.20 -16.64 -31.01
C ALA B 395 43.96 -15.73 -29.82
N VAL B 396 43.51 -14.50 -30.07
CA VAL B 396 43.18 -13.57 -28.98
C VAL B 396 42.02 -14.10 -28.16
N GLU B 397 41.09 -14.81 -28.81
CA GLU B 397 39.95 -15.34 -28.09
C GLU B 397 40.29 -16.64 -27.37
N LEU B 398 41.04 -17.54 -28.03
CA LEU B 398 41.38 -18.81 -27.41
C LEU B 398 42.26 -18.63 -26.17
N PHE B 399 43.27 -17.75 -26.25
CA PHE B 399 44.09 -17.47 -25.08
C PHE B 399 43.27 -16.80 -23.98
N SER B 400 42.33 -15.94 -24.37
CA SER B 400 41.51 -15.26 -23.38
C SER B 400 40.64 -16.25 -22.62
N LEU B 401 40.03 -17.20 -23.33
CA LEU B 401 39.22 -18.23 -22.67
C LEU B 401 40.05 -19.04 -21.68
N MET B 402 41.25 -19.46 -22.11
CA MET B 402 42.11 -20.26 -21.23
C MET B 402 42.51 -19.48 -19.99
N MET B 403 43.04 -18.27 -20.18
CA MET B 403 43.47 -17.46 -19.05
C MET B 403 42.29 -17.06 -18.16
N GLN B 404 41.09 -17.00 -18.74
CA GLN B 404 39.90 -16.67 -17.95
C GLN B 404 39.47 -17.85 -17.09
N GLU B 405 39.55 -19.07 -17.62
CA GLU B 405 39.25 -20.24 -16.80
C GLU B 405 40.38 -20.55 -15.84
N ARG B 406 41.61 -20.20 -16.19
CA ARG B 406 42.71 -20.30 -15.24
C ARG B 406 42.51 -19.36 -14.07
N ALA B 407 41.93 -18.19 -14.31
CA ALA B 407 41.71 -17.22 -13.25
C ALA B 407 40.59 -17.69 -12.31
N SER B 408 39.45 -18.11 -12.88
CA SER B 408 38.29 -18.46 -12.06
C SER B 408 38.54 -19.72 -11.26
N THR B 409 39.09 -20.76 -11.89
CA THR B 409 39.33 -22.03 -11.22
C THR B 409 40.67 -22.08 -10.49
N GLY B 410 41.68 -21.37 -10.99
CA GLY B 410 43.01 -21.41 -10.40
C GLY B 410 43.81 -22.64 -10.72
N ARG B 411 43.20 -23.64 -11.38
CA ARG B 411 43.82 -24.94 -11.61
C ARG B 411 43.93 -25.29 -13.09
N ILE B 412 43.92 -24.31 -14.00
CA ILE B 412 44.20 -24.54 -15.41
C ILE B 412 45.66 -24.17 -15.64
N TYR B 413 46.52 -25.18 -15.77
CA TYR B 413 47.95 -24.97 -15.80
C TYR B 413 48.44 -24.87 -17.24
N ILE B 414 49.69 -24.43 -17.38
CA ILE B 414 50.29 -24.15 -18.68
C ILE B 414 51.67 -24.81 -18.74
N GLN B 415 51.95 -25.48 -19.85
CA GLN B 415 53.23 -26.13 -20.07
C GLN B 415 53.75 -25.72 -21.44
N ASN B 416 54.85 -24.95 -21.46
CA ASN B 416 55.52 -24.61 -22.71
C ASN B 416 56.31 -25.83 -23.18
N VAL B 417 55.73 -26.60 -24.10
CA VAL B 417 56.34 -27.87 -24.50
C VAL B 417 57.63 -27.64 -25.29
N ASP B 418 57.74 -26.50 -25.98
CA ASP B 418 58.96 -26.23 -26.75
C ASP B 418 60.13 -25.95 -25.82
N HIS B 419 59.88 -25.28 -24.70
CA HIS B 419 60.93 -25.10 -23.69
C HIS B 419 61.29 -26.41 -23.00
N CYS B 420 60.31 -27.30 -22.82
CA CYS B 420 60.56 -28.56 -22.13
C CYS B 420 61.36 -29.56 -22.94
N ASN B 421 61.81 -29.21 -24.15
CA ASN B 421 62.61 -30.12 -24.95
C ASN B 421 63.87 -29.44 -25.46
N THR B 422 63.80 -28.12 -25.68
CA THR B 422 65.00 -27.37 -26.05
C THR B 422 65.97 -27.26 -24.87
N HIS B 423 65.44 -27.07 -23.67
CA HIS B 423 66.25 -26.95 -22.47
C HIS B 423 65.92 -28.09 -21.51
N SER B 424 66.13 -29.33 -21.95
CA SER B 424 65.81 -30.50 -21.15
C SER B 424 67.03 -31.41 -21.11
N PRO B 425 67.08 -32.33 -20.15
CA PRO B 425 68.18 -33.29 -20.14
C PRO B 425 67.90 -34.51 -21.00
N PHE B 426 66.98 -34.40 -21.95
CA PHE B 426 66.63 -35.51 -22.83
C PHE B 426 66.67 -35.07 -24.28
N ASP B 427 66.99 -36.03 -25.15
CA ASP B 427 67.03 -35.81 -26.58
C ASP B 427 65.62 -35.93 -27.16
N PRO B 428 65.06 -34.84 -27.68
CA PRO B 428 63.70 -34.91 -28.24
C PRO B 428 63.57 -35.96 -29.33
N ALA B 429 64.67 -36.29 -30.01
CA ALA B 429 64.64 -37.31 -31.05
C ALA B 429 64.45 -38.70 -30.44
N ILE B 430 65.05 -38.95 -29.29
CA ILE B 430 65.05 -40.28 -28.69
C ILE B 430 63.94 -40.43 -27.65
N ALA B 431 63.87 -39.52 -26.69
CA ALA B 431 62.92 -39.63 -25.58
C ALA B 431 62.36 -38.25 -25.29
N PRO B 432 61.37 -37.80 -26.07
CA PRO B 432 60.80 -36.48 -25.85
C PRO B 432 59.89 -36.42 -24.64
N VAL B 433 59.78 -35.22 -24.08
CA VAL B 433 58.87 -34.93 -22.99
C VAL B 433 57.56 -34.42 -23.58
N ARG B 434 56.45 -35.11 -23.30
CA ARG B 434 55.18 -34.74 -23.90
C ARG B 434 54.11 -34.43 -22.86
N GLN B 435 54.48 -34.18 -21.60
CA GLN B 435 53.52 -34.03 -20.53
C GLN B 435 54.25 -33.60 -19.27
N SER B 436 53.47 -33.34 -18.22
CA SER B 436 54.02 -33.03 -16.91
C SER B 436 53.23 -33.83 -15.88
N ASN B 437 53.31 -33.44 -14.61
CA ASN B 437 52.71 -34.21 -13.52
C ASN B 437 51.57 -33.41 -12.89
N LEU B 438 51.24 -33.75 -11.65
CA LEU B 438 50.13 -33.09 -10.97
C LEU B 438 50.43 -31.62 -10.73
N CYS B 439 51.64 -31.33 -10.24
CA CYS B 439 52.02 -29.99 -9.81
C CYS B 439 52.90 -29.26 -10.82
N LEU B 440 53.07 -29.82 -12.02
CA LEU B 440 53.71 -29.14 -13.14
C LEU B 440 55.18 -28.82 -12.88
N GLU B 441 55.87 -29.69 -12.14
CA GLU B 441 57.30 -29.53 -11.92
C GLU B 441 58.12 -30.69 -12.48
N ILE B 442 57.47 -31.71 -13.04
CA ILE B 442 58.12 -32.91 -13.55
C ILE B 442 58.01 -32.92 -15.06
N ALA B 443 59.12 -33.19 -15.74
CA ALA B 443 59.13 -33.29 -17.20
C ALA B 443 60.00 -34.49 -17.56
N LEU B 444 59.37 -35.62 -17.84
CA LEU B 444 60.05 -36.88 -18.10
C LEU B 444 59.44 -37.57 -19.31
N PRO B 445 60.21 -38.37 -20.03
CA PRO B 445 59.68 -39.03 -21.22
C PRO B 445 58.70 -40.14 -20.88
N THR B 446 57.78 -40.39 -21.82
CA THR B 446 56.73 -41.38 -21.65
C THR B 446 56.42 -42.06 -22.97
N LYS B 447 55.89 -43.28 -22.89
CA LYS B 447 55.42 -44.05 -24.05
C LYS B 447 54.13 -44.76 -23.65
N PRO B 448 53.05 -44.59 -24.42
CA PRO B 448 51.76 -45.17 -24.03
C PRO B 448 51.79 -46.68 -23.96
N LEU B 449 50.80 -47.25 -23.28
CA LEU B 449 50.72 -48.67 -23.01
C LEU B 449 49.67 -49.34 -23.88
N ASN B 450 49.87 -50.63 -24.14
CA ASN B 450 48.92 -51.45 -24.88
C ASN B 450 48.11 -52.36 -23.97
N ASP B 451 48.70 -52.77 -22.85
CA ASP B 451 48.04 -53.53 -21.80
C ASP B 451 48.43 -52.90 -20.47
N VAL B 452 47.77 -53.32 -19.39
CA VAL B 452 48.20 -52.89 -18.07
C VAL B 452 49.65 -53.30 -17.85
N ASN B 453 50.07 -54.41 -18.47
CA ASN B 453 51.40 -54.98 -18.33
C ASN B 453 52.22 -54.89 -19.62
N ASP B 454 51.91 -53.90 -20.46
CA ASP B 454 52.67 -53.73 -21.70
C ASP B 454 54.13 -53.44 -21.37
N GLU B 455 55.01 -54.35 -21.80
CA GLU B 455 56.43 -54.20 -21.53
C GLU B 455 57.03 -53.04 -22.31
N ASN B 456 56.45 -52.70 -23.47
CA ASN B 456 57.01 -51.68 -24.34
C ASN B 456 56.62 -50.27 -23.93
N GLY B 457 55.59 -50.11 -23.11
CA GLY B 457 55.22 -48.79 -22.65
C GLY B 457 56.19 -48.28 -21.61
N GLU B 458 56.09 -46.98 -21.35
CA GLU B 458 56.92 -46.33 -20.34
C GLU B 458 56.07 -45.36 -19.55
N ILE B 459 56.00 -45.59 -18.24
CA ILE B 459 55.41 -44.66 -17.28
C ILE B 459 56.53 -44.03 -16.49
N ALA B 460 56.58 -42.71 -16.46
CA ALA B 460 57.67 -42.02 -15.80
C ALA B 460 57.39 -41.90 -14.31
N LEU B 461 58.34 -42.38 -13.49
CA LEU B 461 58.27 -42.25 -12.05
C LEU B 461 59.37 -41.31 -11.58
N CYS B 462 59.02 -40.43 -10.64
CA CYS B 462 60.00 -39.52 -10.08
C CYS B 462 59.95 -39.55 -8.56
N THR B 463 61.11 -39.72 -7.94
CA THR B 463 61.26 -39.74 -6.50
C THR B 463 61.90 -38.42 -6.05
N LEU B 464 61.40 -37.88 -4.95
CA LEU B 464 61.67 -36.50 -4.58
C LEU B 464 62.40 -36.40 -3.24
N SER B 465 62.96 -35.21 -3.02
CA SER B 465 63.58 -34.76 -1.77
C SER B 465 63.90 -33.29 -1.96
N ALA B 466 64.25 -32.62 -0.87
CA ALA B 466 64.48 -31.18 -0.94
C ALA B 466 65.65 -30.77 -0.07
N PHE B 467 66.34 -29.71 -0.49
CA PHE B 467 67.36 -29.06 0.32
C PHE B 467 66.73 -27.91 1.09
N ASN B 468 66.99 -27.86 2.39
CA ASN B 468 66.50 -26.78 3.24
C ASN B 468 67.48 -25.61 3.12
N LEU B 469 67.12 -24.60 2.34
CA LEU B 469 68.01 -23.47 2.14
C LEU B 469 68.22 -22.66 3.41
N GLY B 470 67.28 -22.71 4.35
CA GLY B 470 67.51 -22.06 5.63
C GLY B 470 68.48 -22.82 6.51
N ALA B 471 68.60 -24.13 6.31
CA ALA B 471 69.42 -24.96 7.20
C ALA B 471 70.92 -24.85 6.91
N ILE B 472 71.30 -24.54 5.67
CA ILE B 472 72.71 -24.47 5.32
C ILE B 472 73.24 -23.08 5.66
N ASN B 473 74.53 -23.03 6.00
CA ASN B 473 75.22 -21.79 6.25
C ASN B 473 76.26 -21.47 5.18
N ASN B 474 76.53 -22.40 4.27
CA ASN B 474 77.48 -22.21 3.19
C ASN B 474 77.08 -23.11 2.03
N LEU B 475 77.21 -22.59 0.80
CA LEU B 475 76.75 -23.36 -0.35
C LEU B 475 77.55 -24.63 -0.57
N ASP B 476 78.80 -24.68 -0.09
CA ASP B 476 79.58 -25.89 -0.29
C ASP B 476 79.09 -27.04 0.58
N GLU B 477 78.26 -26.76 1.58
CA GLU B 477 77.60 -27.82 2.33
C GLU B 477 76.67 -28.64 1.45
N LEU B 478 76.23 -28.08 0.32
CA LEU B 478 75.35 -28.83 -0.58
C LEU B 478 76.04 -30.05 -1.15
N GLU B 479 77.37 -30.02 -1.26
CA GLU B 479 78.11 -31.16 -1.78
C GLU B 479 77.81 -32.42 -0.97
N GLU B 480 77.92 -32.31 0.36
CA GLU B 480 77.63 -33.45 1.22
C GLU B 480 76.15 -33.78 1.26
N LEU B 481 75.29 -32.76 1.24
CA LEU B 481 73.85 -33.03 1.27
C LEU B 481 73.37 -33.67 -0.02
N ALA B 482 73.93 -33.27 -1.17
CA ALA B 482 73.52 -33.87 -2.43
C ALA B 482 73.91 -35.34 -2.51
N ILE B 483 75.08 -35.70 -1.97
CA ILE B 483 75.48 -37.11 -1.95
C ILE B 483 74.51 -37.93 -1.11
N LEU B 484 74.22 -37.46 0.11
CA LEU B 484 73.28 -38.18 0.96
C LEU B 484 71.89 -38.22 0.32
N ALA B 485 71.49 -37.13 -0.32
CA ALA B 485 70.15 -37.06 -0.91
C ALA B 485 70.05 -37.96 -2.14
N VAL B 486 71.04 -37.87 -3.04
CA VAL B 486 70.99 -38.68 -4.26
C VAL B 486 71.11 -40.15 -3.93
N ARG B 487 72.06 -40.51 -3.05
CA ARG B 487 72.25 -41.91 -2.69
C ARG B 487 71.01 -42.52 -2.05
N ALA B 488 70.37 -41.78 -1.14
CA ALA B 488 69.18 -42.32 -0.47
C ALA B 488 68.04 -42.55 -1.44
N LEU B 489 67.83 -41.61 -2.36
CA LEU B 489 66.73 -41.74 -3.32
C LEU B 489 67.05 -42.77 -4.38
N ASP B 490 68.31 -42.88 -4.79
CA ASP B 490 68.69 -43.84 -5.80
C ASP B 490 68.56 -45.27 -5.28
N ALA B 491 68.98 -45.51 -4.04
CA ALA B 491 68.82 -46.82 -3.43
C ALA B 491 67.36 -47.14 -3.18
N LEU B 492 66.52 -46.12 -3.02
CA LEU B 492 65.08 -46.34 -2.88
C LEU B 492 64.49 -46.96 -4.14
N LEU B 493 65.04 -46.63 -5.31
CA LEU B 493 64.49 -47.13 -6.56
C LEU B 493 64.59 -48.64 -6.67
N ASP B 494 65.69 -49.22 -6.19
CA ASP B 494 65.82 -50.67 -6.16
C ASP B 494 65.07 -51.30 -4.99
N TYR B 495 64.81 -50.53 -3.94
CA TYR B 495 64.20 -51.06 -2.72
C TYR B 495 62.68 -51.19 -2.84
N GLN B 496 62.03 -50.29 -3.58
CA GLN B 496 60.58 -50.25 -3.63
C GLN B 496 60.03 -51.17 -4.72
N ASP B 497 58.72 -51.37 -4.68
CA ASP B 497 58.01 -52.18 -5.66
C ASP B 497 57.33 -51.30 -6.70
N TYR B 498 56.88 -51.94 -7.78
CA TYR B 498 56.29 -51.23 -8.91
C TYR B 498 55.02 -51.93 -9.35
N PRO B 499 53.85 -51.41 -8.99
CA PRO B 499 52.59 -52.10 -9.34
C PRO B 499 52.32 -52.19 -10.83
N ILE B 500 52.98 -51.37 -11.66
CA ILE B 500 52.81 -51.40 -13.11
C ILE B 500 54.17 -51.66 -13.73
N PRO B 501 54.32 -52.69 -14.58
CA PRO B 501 55.62 -52.95 -15.21
C PRO B 501 56.18 -51.76 -15.99
N ALA B 502 55.34 -51.09 -16.79
CA ALA B 502 55.84 -49.97 -17.58
C ALA B 502 56.37 -48.84 -16.70
N ALA B 503 55.87 -48.73 -15.47
CA ALA B 503 56.42 -47.72 -14.55
C ALA B 503 57.81 -48.14 -14.08
N LYS B 504 57.98 -49.43 -13.76
CA LYS B 504 59.30 -49.93 -13.41
C LYS B 504 60.28 -49.77 -14.56
N ARG B 505 59.78 -49.87 -15.81
CA ARG B 505 60.65 -49.74 -16.97
C ARG B 505 61.29 -48.37 -17.03
N GLY B 506 60.50 -47.31 -16.81
CA GLY B 506 61.07 -45.97 -16.76
C GLY B 506 61.97 -45.76 -15.55
N ALA B 507 61.49 -46.18 -14.38
CA ALA B 507 62.22 -45.92 -13.14
C ALA B 507 63.58 -46.60 -13.11
N MET B 508 63.70 -47.78 -13.72
CA MET B 508 64.96 -48.52 -13.68
C MET B 508 65.90 -48.14 -14.82
N GLY B 509 65.34 -47.74 -15.98
CA GLY B 509 66.18 -47.34 -17.10
C GLY B 509 66.66 -45.92 -17.02
N ARG B 510 65.85 -45.01 -16.46
CA ARG B 510 66.23 -43.60 -16.36
C ARG B 510 66.69 -43.21 -14.96
N ARG B 511 66.16 -43.86 -13.92
CA ARG B 511 66.49 -43.56 -12.53
C ARG B 511 66.35 -42.06 -12.26
N THR B 512 65.27 -41.48 -12.76
CA THR B 512 65.05 -40.04 -12.67
C THR B 512 64.70 -39.63 -11.25
N LEU B 513 65.39 -38.60 -10.76
CA LEU B 513 65.14 -38.02 -9.45
C LEU B 513 64.67 -36.58 -9.60
N GLY B 514 63.94 -36.11 -8.59
CA GLY B 514 63.48 -34.74 -8.58
C GLY B 514 63.72 -34.10 -7.23
N ILE B 515 64.91 -33.55 -7.05
CA ILE B 515 65.30 -32.92 -5.80
C ILE B 515 65.10 -31.43 -5.92
N GLY B 516 64.42 -30.83 -4.93
CA GLY B 516 64.12 -29.42 -4.97
C GLY B 516 64.64 -28.66 -3.77
N VAL B 517 64.02 -27.52 -3.47
CA VAL B 517 64.44 -26.68 -2.35
C VAL B 517 63.21 -26.26 -1.56
N ILE B 518 63.44 -25.97 -0.28
CA ILE B 518 62.45 -25.35 0.59
C ILE B 518 63.11 -24.21 1.32
N ASN B 519 62.31 -23.44 2.06
CA ASN B 519 62.80 -22.29 2.82
C ASN B 519 63.47 -21.26 1.93
N PHE B 520 62.97 -21.08 0.70
CA PHE B 520 63.62 -20.11 -0.19
C PHE B 520 63.32 -18.69 0.24
N ALA B 521 62.09 -18.44 0.71
CA ALA B 521 61.73 -17.10 1.15
C ALA B 521 62.54 -16.69 2.38
N TYR B 522 62.66 -17.60 3.34
CA TYR B 522 63.52 -17.36 4.49
C TYR B 522 64.98 -17.23 4.06
N TYR B 523 65.37 -17.89 2.97
CA TYR B 523 66.73 -17.79 2.47
C TYR B 523 67.01 -16.40 1.92
N LEU B 524 66.05 -15.82 1.19
CA LEU B 524 66.20 -14.45 0.71
C LEU B 524 66.13 -13.45 1.87
N ALA B 525 65.28 -13.71 2.86
CA ALA B 525 65.17 -12.82 4.00
C ALA B 525 66.48 -12.74 4.76
N LYS B 526 67.17 -13.87 4.88
CA LYS B 526 68.46 -13.87 5.58
C LYS B 526 69.51 -13.08 4.80
N HIS B 527 69.37 -12.96 3.48
CA HIS B 527 70.31 -12.22 2.67
C HIS B 527 69.83 -10.80 2.34
N GLY B 528 68.73 -10.37 2.94
CA GLY B 528 68.21 -9.04 2.69
C GLY B 528 67.84 -8.78 1.24
N LYS B 529 67.21 -9.75 0.60
CA LYS B 529 66.79 -9.64 -0.78
C LYS B 529 65.27 -9.80 -0.86
N ARG B 530 64.73 -9.53 -2.05
CA ARG B 530 63.30 -9.58 -2.27
C ARG B 530 63.01 -10.22 -3.61
N TYR B 531 61.76 -10.67 -3.76
CA TYR B 531 61.32 -11.28 -5.02
C TYR B 531 61.16 -10.25 -6.12
N SER B 532 60.42 -9.17 -5.85
CA SER B 532 59.92 -8.29 -6.90
C SER B 532 60.97 -7.35 -7.46
N ASP B 533 61.81 -6.74 -6.60
CA ASP B 533 62.73 -5.72 -7.07
C ASP B 533 63.84 -6.27 -7.96
N GLY B 534 64.15 -7.56 -7.87
CA GLY B 534 65.26 -8.14 -8.59
C GLY B 534 66.56 -8.21 -7.84
N SER B 535 66.54 -7.96 -6.52
CA SER B 535 67.76 -8.00 -5.73
C SER B 535 68.24 -9.43 -5.48
N ALA B 536 67.41 -10.43 -5.76
CA ALA B 536 67.78 -11.83 -5.57
C ALA B 536 68.23 -12.51 -6.85
N ASN B 537 68.22 -11.81 -7.99
CA ASN B 537 68.52 -12.44 -9.28
C ASN B 537 69.89 -13.10 -9.27
N ASN B 538 70.95 -12.33 -9.01
CA ASN B 538 72.28 -12.92 -9.02
C ASN B 538 72.48 -13.87 -7.84
N LEU B 539 71.84 -13.61 -6.70
CA LEU B 539 71.92 -14.55 -5.59
C LEU B 539 71.26 -15.87 -5.95
N THR B 540 70.11 -15.81 -6.62
CA THR B 540 69.44 -17.03 -7.05
C THR B 540 70.30 -17.80 -8.05
N HIS B 541 70.92 -17.09 -8.99
CA HIS B 541 71.82 -17.72 -9.95
C HIS B 541 72.99 -18.38 -9.24
N LYS B 542 73.60 -17.68 -8.27
CA LYS B 542 74.71 -18.25 -7.51
C LYS B 542 74.25 -19.45 -6.68
N THR B 543 73.05 -19.36 -6.11
CA THR B 543 72.54 -20.43 -5.25
C THR B 543 72.24 -21.69 -6.05
N PHE B 544 71.45 -21.56 -7.11
CA PHE B 544 71.00 -22.73 -7.84
C PHE B 544 72.07 -23.31 -8.75
N GLU B 545 73.09 -22.54 -9.10
CA GLU B 545 74.26 -23.13 -9.74
C GLU B 545 74.90 -24.16 -8.81
N ALA B 546 75.08 -23.80 -7.54
CA ALA B 546 75.65 -24.72 -6.56
C ALA B 546 74.77 -25.95 -6.38
N ILE B 547 73.45 -25.77 -6.38
CA ILE B 547 72.53 -26.89 -6.20
C ILE B 547 72.69 -27.89 -7.34
N GLN B 548 72.63 -27.40 -8.59
CA GLN B 548 72.71 -28.30 -9.73
C GLN B 548 74.10 -28.89 -9.88
N TYR B 549 75.14 -28.10 -9.60
CA TYR B 549 76.50 -28.62 -9.73
C TYR B 549 76.73 -29.78 -8.77
N TYR B 550 76.42 -29.58 -7.49
CA TYR B 550 76.67 -30.62 -6.50
C TYR B 550 75.76 -31.82 -6.66
N LEU B 551 74.58 -31.64 -7.26
CA LEU B 551 73.70 -32.78 -7.52
C LEU B 551 74.27 -33.64 -8.64
N LEU B 552 74.67 -33.02 -9.75
CA LEU B 552 75.32 -33.77 -10.82
C LEU B 552 76.60 -34.44 -10.31
N LYS B 553 77.42 -33.68 -9.57
CA LYS B 553 78.65 -34.24 -9.02
C LYS B 553 78.37 -35.42 -8.11
N ALA B 554 77.24 -35.38 -7.38
CA ALA B 554 76.87 -36.51 -6.55
C ALA B 554 76.45 -37.70 -7.40
N SER B 555 75.65 -37.45 -8.45
CA SER B 555 75.20 -38.54 -9.31
C SER B 555 76.33 -39.05 -10.20
N ASN B 556 77.31 -38.20 -10.50
CA ASN B 556 78.45 -38.64 -11.30
C ASN B 556 79.33 -39.59 -10.52
N GLU B 557 79.62 -39.26 -9.25
CA GLU B 557 80.37 -40.19 -8.41
C GLU B 557 79.62 -41.50 -8.25
N LEU B 558 78.31 -41.43 -8.05
CA LEU B 558 77.52 -42.64 -7.87
C LEU B 558 77.48 -43.47 -9.15
N ALA B 559 77.55 -42.80 -10.31
CA ALA B 559 77.63 -43.52 -11.57
C ALA B 559 78.98 -44.23 -11.74
N LYS B 560 80.04 -43.65 -11.19
CA LYS B 560 81.33 -44.33 -11.21
C LYS B 560 81.29 -45.63 -10.43
N GLU B 561 80.67 -45.58 -9.25
CA GLU B 561 80.70 -46.70 -8.33
C GLU B 561 79.79 -47.83 -8.77
N GLN B 562 78.61 -47.51 -9.31
CA GLN B 562 77.60 -48.51 -9.61
C GLN B 562 77.17 -48.55 -11.07
N GLY B 563 77.76 -47.71 -11.93
CA GLY B 563 77.39 -47.69 -13.33
C GLY B 563 76.27 -46.72 -13.61
N ALA B 564 76.38 -45.98 -14.72
CA ALA B 564 75.33 -45.03 -15.09
C ALA B 564 74.01 -45.74 -15.37
N CYS B 565 72.94 -44.95 -15.40
CA CYS B 565 71.62 -45.52 -15.64
C CYS B 565 71.56 -46.16 -17.03
N PRO B 566 70.80 -47.25 -17.19
CA PRO B 566 70.82 -47.99 -18.47
C PRO B 566 70.51 -47.14 -19.70
N TRP B 567 69.56 -46.21 -19.62
CA TRP B 567 69.15 -45.39 -20.75
C TRP B 567 69.82 -44.04 -20.75
N PHE B 568 71.04 -43.96 -20.18
CA PHE B 568 71.74 -42.68 -20.08
C PHE B 568 72.05 -42.10 -21.46
N ASN B 569 72.24 -42.97 -22.47
CA ASN B 569 72.54 -42.50 -23.81
C ASN B 569 71.41 -41.67 -24.42
N GLU B 570 70.18 -41.83 -23.94
CA GLU B 570 69.05 -41.05 -24.46
C GLU B 570 69.03 -39.62 -23.95
N THR B 571 69.91 -39.27 -23.03
CA THR B 571 69.93 -37.94 -22.40
C THR B 571 70.86 -37.00 -23.14
N THR B 572 70.60 -35.69 -22.96
CA THR B 572 71.50 -34.69 -23.53
C THR B 572 72.82 -34.64 -22.78
N TYR B 573 72.86 -35.12 -21.53
CA TYR B 573 74.12 -35.18 -20.80
C TYR B 573 75.10 -36.13 -21.48
N ALA B 574 74.59 -37.24 -22.02
CA ALA B 574 75.46 -38.23 -22.66
C ALA B 574 76.28 -37.61 -23.78
N LYS B 575 75.69 -36.66 -24.52
CA LYS B 575 76.37 -35.94 -25.56
C LYS B 575 77.27 -34.83 -25.03
N GLY B 576 77.47 -34.78 -23.71
CA GLY B 576 78.33 -33.76 -23.13
C GLY B 576 77.69 -32.39 -23.03
N ILE B 577 76.37 -32.31 -23.15
CA ILE B 577 75.65 -31.04 -23.13
C ILE B 577 75.11 -30.81 -21.72
N LEU B 578 75.37 -29.63 -21.18
CA LEU B 578 74.96 -29.28 -19.84
C LEU B 578 73.83 -28.25 -19.86
N PRO B 579 73.10 -28.10 -18.75
CA PRO B 579 72.05 -27.07 -18.72
C PRO B 579 72.57 -25.67 -18.96
N ILE B 580 73.84 -25.40 -18.63
CA ILE B 580 74.43 -24.07 -18.76
C ILE B 580 74.65 -23.75 -20.23
N ASP B 581 74.34 -24.71 -21.10
CA ASP B 581 74.48 -24.56 -22.55
C ASP B 581 73.15 -24.32 -23.25
N THR B 582 72.09 -25.00 -22.81
CA THR B 582 70.81 -25.01 -23.51
C THR B 582 69.79 -24.03 -22.94
N TYR B 583 70.15 -23.23 -21.93
CA TYR B 583 69.17 -22.32 -21.33
C TYR B 583 68.79 -21.18 -22.27
N LYS B 584 67.68 -20.54 -21.94
CA LYS B 584 67.14 -19.42 -22.71
C LYS B 584 68.03 -18.20 -22.59
N LYS B 585 68.55 -17.71 -23.72
CA LYS B 585 69.52 -16.63 -23.69
C LYS B 585 68.94 -15.31 -23.17
N ASP B 586 67.61 -15.18 -23.13
CA ASP B 586 67.02 -13.97 -22.56
C ASP B 586 67.36 -13.82 -21.09
N LEU B 587 67.76 -14.91 -20.42
CA LEU B 587 68.17 -14.84 -19.03
C LEU B 587 69.43 -14.02 -18.84
N ASP B 588 70.22 -13.81 -19.90
CA ASP B 588 71.46 -13.06 -19.76
C ASP B 588 71.22 -11.58 -19.49
N THR B 589 69.99 -11.09 -19.66
CA THR B 589 69.64 -9.70 -19.42
C THR B 589 69.04 -9.45 -18.05
N ILE B 590 68.98 -10.46 -17.18
CA ILE B 590 68.43 -10.27 -15.84
C ILE B 590 69.36 -10.89 -14.81
N ALA B 591 70.54 -11.32 -15.24
CA ALA B 591 71.50 -11.91 -14.32
C ALA B 591 72.88 -11.85 -14.93
N ASN B 592 73.81 -11.16 -14.26
CA ASN B 592 75.20 -11.10 -14.67
C ASN B 592 76.09 -11.87 -13.71
N GLU B 593 75.53 -12.71 -12.86
CA GLU B 593 76.32 -13.52 -11.94
C GLU B 593 77.13 -14.54 -12.72
N PRO B 594 78.42 -14.68 -12.45
CA PRO B 594 79.22 -15.65 -13.21
C PRO B 594 79.04 -17.06 -12.67
N LEU B 595 79.48 -18.01 -13.47
CA LEU B 595 79.57 -19.38 -12.98
C LEU B 595 80.75 -19.48 -12.04
N HIS B 596 80.56 -20.19 -10.93
CA HIS B 596 81.59 -20.26 -9.90
C HIS B 596 82.23 -21.63 -9.76
N TYR B 597 81.61 -22.68 -10.27
CA TYR B 597 82.11 -24.03 -10.09
C TYR B 597 82.72 -24.55 -11.39
N ASP B 598 83.61 -25.54 -11.26
CA ASP B 598 84.35 -26.06 -12.41
C ASP B 598 83.41 -26.96 -13.20
N TRP B 599 82.63 -26.32 -14.07
CA TRP B 599 81.66 -27.05 -14.87
C TRP B 599 82.32 -27.82 -16.01
N GLU B 600 83.43 -27.29 -16.54
CA GLU B 600 84.12 -28.00 -17.61
C GLU B 600 84.81 -29.25 -17.11
N ALA B 601 85.27 -29.26 -15.86
CA ALA B 601 85.79 -30.49 -15.28
C ALA B 601 84.67 -31.48 -15.00
N LEU B 602 83.51 -30.97 -14.58
CA LEU B 602 82.34 -31.84 -14.42
C LEU B 602 81.84 -32.33 -15.77
N ARG B 603 81.87 -31.45 -16.79
CA ARG B 603 81.46 -31.85 -18.13
C ARG B 603 82.30 -33.02 -18.65
N GLU B 604 83.62 -32.96 -18.42
CA GLU B 604 84.47 -34.07 -18.83
C GLU B 604 84.13 -35.33 -18.05
N SER B 605 83.95 -35.21 -16.74
CA SER B 605 83.68 -36.40 -15.93
C SER B 605 82.34 -37.02 -16.28
N ILE B 606 81.35 -36.21 -16.65
CA ILE B 606 80.06 -36.76 -17.08
C ILE B 606 80.20 -37.40 -18.45
N LYS B 607 80.95 -36.75 -19.36
CA LYS B 607 81.20 -37.34 -20.67
C LYS B 607 81.80 -38.73 -20.55
N THR B 608 82.61 -38.97 -19.52
CA THR B 608 83.34 -40.23 -19.37
C THR B 608 82.58 -41.24 -18.51
N HIS B 609 82.20 -40.85 -17.29
CA HIS B 609 81.60 -41.79 -16.34
C HIS B 609 80.08 -41.78 -16.34
N GLY B 610 79.44 -40.75 -16.90
CA GLY B 610 78.00 -40.72 -16.97
C GLY B 610 77.33 -40.22 -15.70
N LEU B 611 76.02 -40.40 -15.66
CA LEU B 611 75.21 -40.00 -14.52
C LEU B 611 74.38 -41.19 -14.06
N ARG B 612 74.33 -41.41 -12.74
CA ARG B 612 73.49 -42.48 -12.19
C ARG B 612 72.01 -42.20 -12.43
N ASN B 613 71.64 -40.93 -12.55
CA ASN B 613 70.25 -40.53 -12.66
C ASN B 613 70.10 -39.60 -13.85
N SER B 614 69.06 -39.84 -14.67
CA SER B 614 68.85 -39.01 -15.86
C SER B 614 68.43 -37.59 -15.49
N THR B 615 67.67 -37.43 -14.41
CA THR B 615 67.33 -36.11 -13.89
C THR B 615 67.57 -36.11 -12.38
N LEU B 616 67.85 -34.95 -11.85
CA LEU B 616 68.14 -34.80 -10.43
C LEU B 616 67.34 -33.68 -9.78
N SER B 617 67.19 -32.55 -10.46
CA SER B 617 66.58 -31.37 -9.87
C SER B 617 65.20 -31.12 -10.43
N ALA B 618 64.28 -30.71 -9.55
CA ALA B 618 62.93 -30.26 -9.89
C ALA B 618 62.33 -29.55 -8.69
N LEU B 619 61.79 -28.35 -8.87
CA LEU B 619 61.32 -27.54 -7.75
C LEU B 619 59.83 -27.78 -7.56
N MET B 620 59.48 -28.61 -6.59
CA MET B 620 58.11 -28.95 -6.23
C MET B 620 57.60 -28.03 -5.13
N PRO B 621 56.27 -27.93 -4.95
CA PRO B 621 55.74 -26.99 -3.94
C PRO B 621 56.07 -27.35 -2.50
N SER B 622 56.27 -28.63 -2.18
CA SER B 622 56.54 -29.09 -0.81
C SER B 622 55.48 -28.57 0.16
N GLU B 623 54.21 -28.70 -0.25
CA GLU B 623 53.11 -28.18 0.57
C GLU B 623 53.10 -28.79 1.97
N THR B 624 53.32 -30.09 2.07
CA THR B 624 53.26 -30.77 3.37
C THR B 624 54.64 -31.02 3.96
N SER B 625 55.58 -31.53 3.16
CA SER B 625 56.87 -31.96 3.70
C SER B 625 57.67 -30.80 4.26
N SER B 626 57.52 -29.61 3.69
CA SER B 626 58.26 -28.45 4.20
C SER B 626 57.76 -27.99 5.55
N GLN B 627 56.50 -28.31 5.91
CA GLN B 627 56.00 -27.98 7.23
C GLN B 627 56.71 -28.73 8.34
N ILE B 628 57.37 -29.85 8.02
CA ILE B 628 58.09 -30.62 9.04
C ILE B 628 59.18 -29.77 9.67
N SER B 629 59.92 -29.02 8.87
CA SER B 629 60.95 -28.13 9.37
C SER B 629 60.46 -26.71 9.59
N ASN B 630 59.14 -26.50 9.62
CA ASN B 630 58.54 -25.16 9.76
C ASN B 630 59.11 -24.20 8.71
N ALA B 631 59.49 -24.74 7.55
CA ALA B 631 60.07 -23.97 6.46
C ALA B 631 58.99 -23.39 5.56
N THR B 632 59.33 -22.29 4.89
CA THR B 632 58.46 -21.74 3.86
C THR B 632 58.43 -22.68 2.66
N ASN B 633 57.22 -23.05 2.23
CA ASN B 633 57.07 -24.11 1.24
C ASN B 633 57.73 -23.74 -0.09
N GLY B 634 58.67 -24.58 -0.53
CA GLY B 634 59.30 -24.42 -1.83
C GLY B 634 59.90 -23.05 -2.04
N ILE B 635 59.71 -22.51 -3.24
CA ILE B 635 60.20 -21.17 -3.56
C ILE B 635 59.15 -20.10 -3.35
N GLU B 636 57.97 -20.47 -2.88
CA GLU B 636 56.89 -19.50 -2.75
C GLU B 636 57.09 -18.62 -1.52
N PRO B 637 56.82 -17.32 -1.64
CA PRO B 637 56.83 -16.42 -0.48
C PRO B 637 55.63 -16.68 0.41
N PRO B 638 55.79 -16.59 1.73
CA PRO B 638 54.68 -16.89 2.63
C PRO B 638 53.55 -15.90 2.47
N ARG B 639 52.32 -16.40 2.61
CA ARG B 639 51.15 -15.55 2.44
C ARG B 639 51.05 -14.50 3.55
N GLY B 640 51.51 -14.84 4.75
CA GLY B 640 51.55 -13.91 5.86
C GLY B 640 52.60 -14.37 6.85
N TYR B 641 52.89 -13.51 7.82
CA TYR B 641 53.85 -13.90 8.86
C TYR B 641 53.40 -15.16 9.58
N VAL B 642 52.13 -15.27 9.90
CA VAL B 642 51.52 -16.53 10.34
C VAL B 642 50.54 -16.97 9.27
N SER B 643 50.88 -18.04 8.55
CA SER B 643 50.06 -18.58 7.48
C SER B 643 49.10 -19.63 8.01
N ILE B 644 47.95 -19.74 7.35
CA ILE B 644 46.95 -20.75 7.69
C ILE B 644 47.02 -21.87 6.66
N LYS B 645 47.36 -23.07 7.12
CA LYS B 645 47.46 -24.23 6.25
C LYS B 645 46.53 -25.32 6.80
N ALA B 646 46.20 -26.27 5.93
CA ALA B 646 45.12 -27.21 6.22
C ALA B 646 45.65 -28.53 6.77
N SER B 647 44.74 -29.28 7.39
CA SER B 647 45.01 -30.60 7.93
C SER B 647 43.69 -31.36 8.01
N LYS B 648 43.82 -32.67 8.29
CA LYS B 648 42.63 -33.51 8.45
C LYS B 648 41.81 -33.08 9.66
N ASP B 649 42.47 -32.58 10.71
CA ASP B 649 41.75 -32.09 11.87
C ASP B 649 41.09 -30.75 11.57
N GLY B 650 41.89 -29.76 11.20
CA GLY B 650 41.39 -28.43 10.91
C GLY B 650 42.47 -27.49 10.44
N ILE B 651 42.40 -26.23 10.86
CA ILE B 651 43.37 -25.22 10.43
C ILE B 651 44.63 -25.30 11.27
N LEU B 652 45.75 -24.94 10.67
CA LEU B 652 47.04 -24.88 11.35
C LEU B 652 47.66 -23.51 11.15
N ARG B 653 48.25 -22.98 12.22
CA ARG B 653 48.98 -21.73 12.17
C ARG B 653 50.48 -22.02 12.11
N GLN B 654 51.16 -21.45 11.13
CA GLN B 654 52.58 -21.68 10.92
C GLN B 654 53.29 -20.33 10.86
N VAL B 655 54.20 -20.10 11.79
CA VAL B 655 54.98 -18.87 11.81
C VAL B 655 56.14 -19.01 10.84
N VAL B 656 56.45 -17.93 10.13
CA VAL B 656 57.63 -17.95 9.25
C VAL B 656 58.87 -18.12 10.10
N PRO B 657 59.89 -18.85 9.64
CA PRO B 657 61.06 -19.07 10.48
C PRO B 657 61.77 -17.77 10.82
N ASP B 658 62.20 -17.67 12.08
CA ASP B 658 62.96 -16.52 12.56
C ASP B 658 62.16 -15.21 12.40
N TYR B 659 60.90 -15.25 12.83
CA TYR B 659 60.03 -14.09 12.66
C TYR B 659 60.54 -12.89 13.44
N GLU B 660 60.91 -13.11 14.71
CA GLU B 660 61.24 -11.99 15.59
C GLU B 660 62.39 -11.13 15.05
N HIS B 661 63.31 -11.72 14.29
CA HIS B 661 64.45 -10.97 13.77
C HIS B 661 64.26 -10.50 12.34
N LEU B 662 63.53 -11.25 11.51
CA LEU B 662 63.50 -10.98 10.07
C LEU B 662 62.11 -10.56 9.59
N HIS B 663 61.25 -10.09 10.50
CA HIS B 663 59.88 -9.76 10.11
C HIS B 663 59.82 -8.61 9.10
N ASP B 664 60.86 -7.80 9.01
CA ASP B 664 60.94 -6.79 7.95
C ASP B 664 61.52 -7.33 6.66
N ALA B 665 62.47 -8.27 6.76
CA ALA B 665 63.16 -8.78 5.58
C ALA B 665 62.23 -9.57 4.67
N TYR B 666 61.21 -10.22 5.23
CA TYR B 666 60.28 -10.97 4.42
C TYR B 666 59.47 -10.06 3.50
N GLU B 667 59.33 -10.47 2.25
CA GLU B 667 58.35 -9.87 1.34
C GLU B 667 57.22 -10.87 1.20
N LEU B 668 56.08 -10.55 1.83
CA LEU B 668 54.94 -11.44 1.81
C LEU B 668 54.32 -11.50 0.42
N LEU B 669 53.48 -12.51 0.21
CA LEU B 669 52.95 -12.78 -1.12
C LEU B 669 52.20 -11.58 -1.69
N TRP B 670 51.33 -10.99 -0.88
CA TRP B 670 50.48 -9.90 -1.36
C TRP B 670 51.13 -8.54 -1.20
N GLU B 671 52.34 -8.48 -0.62
CA GLU B 671 53.14 -7.27 -0.64
C GLU B 671 53.89 -7.09 -1.96
N MET B 672 53.86 -8.09 -2.83
CA MET B 672 54.59 -8.01 -4.10
C MET B 672 53.82 -7.15 -5.09
N PRO B 673 54.47 -6.18 -5.75
CA PRO B 673 53.75 -5.34 -6.73
C PRO B 673 53.26 -6.11 -7.94
N GLY B 674 53.95 -7.16 -8.37
CA GLY B 674 53.53 -7.89 -9.55
C GLY B 674 54.25 -9.21 -9.66
N ASN B 675 54.04 -9.87 -10.79
CA ASN B 675 54.62 -11.19 -11.04
C ASN B 675 55.97 -11.13 -11.74
N ASP B 676 56.39 -9.96 -12.21
CA ASP B 676 57.60 -9.87 -13.02
C ASP B 676 58.84 -10.23 -12.22
N GLY B 677 58.91 -9.78 -10.97
CA GLY B 677 60.07 -10.11 -10.14
C GLY B 677 60.20 -11.59 -9.85
N TYR B 678 59.09 -12.21 -9.45
CA TYR B 678 59.09 -13.65 -9.15
C TYR B 678 59.44 -14.48 -10.38
N LEU B 679 58.77 -14.20 -11.50
CA LEU B 679 58.99 -14.99 -12.72
C LEU B 679 60.44 -14.91 -13.19
N GLN B 680 61.11 -13.77 -12.98
CA GLN B 680 62.51 -13.67 -13.34
C GLN B 680 63.36 -14.64 -12.52
N LEU B 681 63.08 -14.75 -11.22
CA LEU B 681 63.83 -15.69 -10.38
C LEU B 681 63.58 -17.12 -10.85
N VAL B 682 62.32 -17.47 -11.14
CA VAL B 682 62.01 -18.80 -11.64
C VAL B 682 62.76 -19.08 -12.92
N GLY B 683 62.82 -18.09 -13.81
CA GLY B 683 63.59 -18.26 -15.04
C GLY B 683 65.06 -18.49 -14.75
N ILE B 684 65.60 -17.78 -13.76
CA ILE B 684 67.00 -17.96 -13.40
C ILE B 684 67.21 -19.34 -12.79
N MET B 685 66.28 -19.79 -11.94
CA MET B 685 66.36 -21.16 -11.42
C MET B 685 66.28 -22.18 -12.53
N GLN B 686 65.38 -21.95 -13.50
CA GLN B 686 65.18 -22.88 -14.60
C GLN B 686 66.44 -23.05 -15.44
N LYS B 687 67.37 -22.09 -15.37
CA LYS B 687 68.65 -22.24 -16.06
C LYS B 687 69.38 -23.51 -15.61
N PHE B 688 69.18 -23.94 -14.36
CA PHE B 688 69.89 -25.08 -13.83
C PHE B 688 69.02 -26.29 -13.54
N ILE B 689 67.72 -26.11 -13.32
CA ILE B 689 66.84 -27.22 -12.96
C ILE B 689 66.67 -28.18 -14.14
N ASP B 690 66.84 -29.48 -13.85
CA ASP B 690 66.65 -30.51 -14.87
C ASP B 690 65.23 -30.52 -15.40
N GLN B 691 64.24 -30.59 -14.51
CA GLN B 691 62.85 -30.66 -14.91
C GLN B 691 62.23 -29.26 -14.86
N SER B 692 61.12 -29.02 -14.19
CA SER B 692 60.46 -27.73 -14.21
C SER B 692 60.27 -27.24 -12.77
N ILE B 693 59.51 -26.16 -12.64
CA ILE B 693 59.29 -25.47 -11.37
C ILE B 693 57.81 -25.17 -11.23
N SER B 694 57.25 -25.46 -10.06
CA SER B 694 55.83 -25.21 -9.78
C SER B 694 55.60 -23.73 -9.48
N ALA B 695 55.81 -22.91 -10.51
CA ALA B 695 55.73 -21.47 -10.35
C ALA B 695 54.27 -21.01 -10.31
N ASN B 696 53.95 -20.14 -9.35
CA ASN B 696 52.62 -19.57 -9.22
C ASN B 696 52.60 -18.17 -9.83
N THR B 697 51.43 -17.77 -10.32
CA THR B 697 51.16 -16.37 -10.67
C THR B 697 50.09 -15.86 -9.73
N ASN B 698 50.33 -14.69 -9.14
CA ASN B 698 49.45 -14.14 -8.12
C ASN B 698 48.93 -12.78 -8.56
N TYR B 699 47.66 -12.52 -8.25
CA TYR B 699 47.02 -11.28 -8.64
C TYR B 699 46.14 -10.80 -7.50
N ASP B 700 46.32 -9.53 -7.12
CA ASP B 700 45.52 -8.91 -6.08
C ASP B 700 44.50 -8.00 -6.77
N PRO B 701 43.22 -8.37 -6.82
CA PRO B 701 42.25 -7.56 -7.57
C PRO B 701 42.17 -6.11 -7.10
N SER B 702 42.44 -5.84 -5.82
CA SER B 702 42.38 -4.47 -5.32
C SER B 702 43.51 -3.60 -5.88
N ARG B 703 44.60 -4.20 -6.34
CA ARG B 703 45.70 -3.48 -6.97
C ARG B 703 45.39 -3.03 -8.39
N PHE B 704 44.21 -3.31 -8.91
CA PHE B 704 43.91 -2.98 -10.29
C PHE B 704 42.73 -2.02 -10.38
N PRO B 705 42.74 -1.11 -11.35
CA PRO B 705 41.61 -0.18 -11.51
C PRO B 705 40.32 -0.94 -11.80
N SER B 706 39.22 -0.41 -11.25
CA SER B 706 37.90 -1.01 -11.35
C SER B 706 37.85 -2.39 -10.69
N GLY B 707 38.84 -2.72 -9.86
CA GLY B 707 38.84 -3.92 -9.07
C GLY B 707 38.86 -5.24 -9.81
N LYS B 708 38.93 -5.20 -11.14
CA LYS B 708 38.96 -6.41 -11.96
C LYS B 708 40.35 -6.60 -12.53
N VAL B 709 40.82 -7.85 -12.56
CA VAL B 709 42.16 -8.16 -13.03
C VAL B 709 42.13 -8.21 -14.56
N PRO B 710 42.93 -7.40 -15.24
CA PRO B 710 42.83 -7.29 -16.69
C PRO B 710 43.38 -8.50 -17.41
N MET B 711 42.70 -8.89 -18.50
CA MET B 711 43.21 -9.94 -19.37
C MET B 711 44.53 -9.54 -20.02
N GLN B 712 44.75 -8.24 -20.20
CA GLN B 712 46.02 -7.77 -20.75
C GLN B 712 47.19 -8.16 -19.86
N GLN B 713 47.00 -8.04 -18.54
CA GLN B 713 48.07 -8.37 -17.60
C GLN B 713 48.27 -9.89 -17.51
N LEU B 714 47.18 -10.65 -17.52
CA LEU B 714 47.30 -12.11 -17.50
C LEU B 714 48.11 -12.60 -18.68
N LEU B 715 47.94 -11.95 -19.84
CA LEU B 715 48.68 -12.36 -21.03
C LEU B 715 50.11 -11.83 -21.02
N LYS B 716 50.32 -10.59 -20.57
CA LYS B 716 51.69 -10.08 -20.50
C LYS B 716 52.51 -10.89 -19.51
N ASP B 717 51.91 -11.28 -18.39
CA ASP B 717 52.63 -12.11 -17.43
C ASP B 717 52.87 -13.51 -17.97
N LEU B 718 51.89 -14.05 -18.73
CA LEU B 718 52.10 -15.33 -19.37
C LEU B 718 53.20 -15.26 -20.42
N LEU B 719 53.33 -14.12 -21.09
CA LEU B 719 54.37 -13.94 -22.10
C LEU B 719 55.74 -13.68 -21.47
N THR B 720 55.80 -12.82 -20.45
CA THR B 720 57.07 -12.60 -19.76
C THR B 720 57.56 -13.89 -19.10
N ALA B 721 56.65 -14.81 -18.79
CA ALA B 721 57.06 -16.11 -18.30
C ALA B 721 57.75 -16.91 -19.40
N TYR B 722 57.17 -16.93 -20.59
CA TYR B 722 57.79 -17.63 -21.71
C TYR B 722 59.08 -16.96 -22.16
N LYS B 723 59.16 -15.64 -22.08
CA LYS B 723 60.34 -14.92 -22.55
C LYS B 723 61.60 -15.38 -21.82
N PHE B 724 61.47 -15.68 -20.52
CA PHE B 724 62.59 -16.11 -19.70
C PHE B 724 62.68 -17.63 -19.57
N GLY B 725 62.07 -18.37 -20.49
CA GLY B 725 62.26 -19.80 -20.55
C GLY B 725 61.62 -20.60 -19.44
N VAL B 726 60.59 -20.05 -18.79
CA VAL B 726 59.87 -20.82 -17.79
C VAL B 726 59.15 -21.96 -18.48
N LYS B 727 59.30 -23.18 -17.95
CA LYS B 727 58.73 -24.35 -18.61
C LYS B 727 57.23 -24.46 -18.35
N THR B 728 56.80 -24.31 -17.10
CA THR B 728 55.41 -24.52 -16.75
C THR B 728 54.94 -23.44 -15.77
N LEU B 729 53.61 -23.27 -15.72
CA LEU B 729 52.95 -22.38 -14.78
C LEU B 729 51.92 -23.18 -13.99
N TYR B 730 52.03 -23.13 -12.66
CA TYR B 730 51.16 -23.89 -11.78
C TYR B 730 49.92 -23.06 -11.41
N TYR B 731 49.73 -22.81 -10.12
CA TYR B 731 48.55 -22.09 -9.64
C TYR B 731 48.49 -20.66 -10.16
N GLN B 732 47.28 -20.14 -10.26
CA GLN B 732 47.04 -18.69 -10.30
C GLN B 732 46.21 -18.35 -9.06
N ASN B 733 46.86 -17.77 -8.06
CA ASN B 733 46.19 -17.42 -6.81
C ASN B 733 45.64 -16.00 -6.89
N THR B 734 44.35 -15.86 -6.57
CA THR B 734 43.68 -14.57 -6.56
C THR B 734 43.18 -14.30 -5.14
N ARG B 735 43.58 -13.14 -4.59
CA ARG B 735 43.31 -12.84 -3.19
C ARG B 735 41.81 -12.71 -2.92
N ASP B 736 41.40 -13.17 -1.74
CA ASP B 736 40.00 -13.25 -1.30
C ASP B 736 39.27 -14.38 -2.01
N ASN C 4 21.18 56.69 28.60
CA ASN C 4 20.08 56.58 29.55
C ASN C 4 18.73 56.50 28.84
N LEU C 5 17.82 55.72 29.40
CA LEU C 5 16.45 55.65 28.93
C LEU C 5 15.60 56.71 29.61
N LEU C 6 14.52 57.11 28.94
CA LEU C 6 13.66 58.20 29.40
C LEU C 6 12.24 57.70 29.59
N VAL C 7 11.60 58.16 30.67
CA VAL C 7 10.20 57.91 30.89
C VAL C 7 9.44 59.21 30.60
N THR C 8 8.16 59.07 30.26
CA THR C 8 7.28 60.21 30.00
C THR C 8 6.32 60.33 31.18
N LYS C 9 6.50 61.39 31.98
CA LYS C 9 5.66 61.61 33.15
C LYS C 9 4.21 61.86 32.77
N ARG C 10 3.33 61.99 33.76
CA ARG C 10 1.92 62.24 33.47
C ARG C 10 1.73 63.63 32.85
N ASP C 11 2.49 64.61 33.30
CA ASP C 11 2.37 65.98 32.83
C ASP C 11 3.12 66.23 31.51
N GLY C 12 3.52 65.18 30.79
CA GLY C 12 4.17 65.32 29.52
C GLY C 12 5.68 65.42 29.58
N SER C 13 6.23 65.94 30.67
CA SER C 13 7.67 66.07 30.81
C SER C 13 8.32 64.69 30.90
N THR C 14 9.63 64.66 30.69
CA THR C 14 10.40 63.42 30.67
C THR C 14 11.57 63.51 31.63
N GLU C 15 11.86 62.38 32.28
CA GLU C 15 13.03 62.26 33.15
C GLU C 15 13.64 60.89 32.96
N ARG C 16 14.85 60.73 33.48
CA ARG C 16 15.57 59.46 33.40
C ARG C 16 14.79 58.38 34.14
N ILE C 17 14.76 57.17 33.55
CA ILE C 17 14.12 56.05 34.20
C ILE C 17 14.77 55.81 35.56
N ASN C 18 13.95 55.68 36.60
CA ASN C 18 14.45 55.46 37.96
C ASN C 18 13.53 54.48 38.66
N LEU C 19 14.03 53.27 38.90
CA LEU C 19 13.21 52.21 39.50
C LEU C 19 12.81 52.51 40.93
N ASP C 20 13.52 53.43 41.61
CA ASP C 20 13.13 53.79 42.97
C ASP C 20 11.75 54.42 42.99
N LYS C 21 11.39 55.15 41.93
CA LYS C 21 10.04 55.69 41.83
C LYS C 21 9.00 54.57 41.80
N ILE C 22 9.37 53.41 41.26
CA ILE C 22 8.47 52.26 41.22
C ILE C 22 8.44 51.55 42.57
N HIS C 23 9.60 51.42 43.22
CA HIS C 23 9.65 50.84 44.56
C HIS C 23 8.77 51.62 45.53
N ARG C 24 8.84 52.95 45.50
CA ARG C 24 8.05 53.79 46.42
C ARG C 24 6.57 53.43 46.38
N VAL C 25 5.99 53.43 45.18
CA VAL C 25 4.55 53.20 45.03
C VAL C 25 4.17 51.83 45.57
N LEU C 26 4.94 50.80 45.21
CA LEU C 26 4.60 49.44 45.61
C LEU C 26 4.78 49.25 47.12
N ASP C 27 5.87 49.76 47.69
CA ASP C 27 6.05 49.68 49.13
C ASP C 27 4.90 50.38 49.85
N TRP C 28 4.43 51.51 49.31
CA TRP C 28 3.31 52.21 49.91
C TRP C 28 2.04 51.35 49.83
N ALA C 29 1.77 50.78 48.66
CA ALA C 29 0.56 50.00 48.48
C ALA C 29 0.58 48.70 49.28
N ALA C 30 1.75 48.20 49.64
CA ALA C 30 1.85 46.97 50.40
C ALA C 30 1.96 47.19 51.89
N GLU C 31 2.12 48.44 52.33
CA GLU C 31 2.25 48.72 53.75
C GLU C 31 1.00 48.29 54.50
N GLY C 32 1.20 47.61 55.63
CA GLY C 32 0.12 47.09 56.43
C GLY C 32 -0.36 45.73 55.99
N LEU C 33 -0.23 45.43 54.71
CA LEU C 33 -0.66 44.13 54.20
C LEU C 33 0.34 43.05 54.59
N HIS C 34 -0.16 41.84 54.80
CA HIS C 34 0.66 40.70 55.16
C HIS C 34 0.74 39.73 53.99
N ASN C 35 1.91 39.12 53.83
CA ASN C 35 2.13 38.02 52.88
C ASN C 35 2.05 38.46 51.43
N VAL C 36 2.50 39.68 51.13
CA VAL C 36 2.61 40.18 49.76
C VAL C 36 4.09 40.41 49.46
N SER C 37 4.40 40.50 48.16
CA SER C 37 5.78 40.63 47.71
C SER C 37 5.90 41.74 46.68
N ILE C 38 6.68 42.77 47.03
CA ILE C 38 7.05 43.80 46.06
C ILE C 38 7.77 43.18 44.88
N SER C 39 8.74 42.29 45.18
CA SER C 39 9.56 41.68 44.14
C SER C 39 8.72 40.87 43.16
N GLN C 40 7.73 40.13 43.67
CA GLN C 40 6.86 39.34 42.79
C GLN C 40 6.15 40.24 41.77
N VAL C 41 5.55 41.33 42.25
CA VAL C 41 4.79 42.22 41.38
C VAL C 41 5.68 42.76 40.26
N GLU C 42 6.89 43.21 40.61
CA GLU C 42 7.79 43.77 39.61
C GLU C 42 8.16 42.73 38.57
N LEU C 43 8.42 41.50 39.02
CA LEU C 43 8.85 40.44 38.11
C LEU C 43 7.69 39.88 37.29
N ARG C 44 6.52 39.72 37.90
CA ARG C 44 5.35 39.27 37.15
C ARG C 44 4.81 40.35 36.22
N SER C 45 5.25 41.59 36.39
CA SER C 45 4.88 42.64 35.43
C SER C 45 5.53 42.40 34.08
N HIS C 46 6.73 41.82 34.07
CA HIS C 46 7.54 41.69 32.84
C HIS C 46 7.56 43.01 32.09
N ILE C 47 7.72 44.10 32.85
CA ILE C 47 7.56 45.44 32.31
C ILE C 47 8.66 45.73 31.31
N GLN C 48 8.27 45.93 30.05
CA GLN C 48 9.19 46.11 28.94
C GLN C 48 9.50 47.60 28.80
N PHE C 49 10.71 47.99 29.19
CA PHE C 49 11.10 49.40 29.13
C PHE C 49 11.58 49.78 27.74
N TYR C 50 11.13 50.94 27.26
CA TYR C 50 11.64 51.56 26.06
C TYR C 50 11.77 53.05 26.30
N ASP C 51 12.63 53.71 25.53
CA ASP C 51 12.87 55.14 25.72
C ASP C 51 11.62 55.93 25.35
N GLY C 52 11.14 56.74 26.29
CA GLY C 52 9.91 57.48 26.10
C GLY C 52 8.67 56.75 26.56
N ILE C 53 8.82 55.72 27.41
CA ILE C 53 7.67 54.95 27.88
C ILE C 53 6.80 55.82 28.77
N LYS C 54 5.49 55.79 28.53
CA LYS C 54 4.57 56.60 29.33
C LYS C 54 4.52 56.06 30.76
N THR C 55 4.58 56.99 31.72
CA THR C 55 4.53 56.61 33.13
C THR C 55 3.17 56.09 33.56
N SER C 56 2.11 56.38 32.80
CA SER C 56 0.80 55.84 33.12
C SER C 56 0.72 54.36 32.76
N ASP C 57 1.27 53.98 31.60
CA ASP C 57 1.30 52.56 31.23
C ASP C 57 2.14 51.75 32.22
N ILE C 58 3.23 52.33 32.72
CA ILE C 58 4.04 51.65 33.73
C ILE C 58 3.19 51.32 34.94
N HIS C 59 2.38 52.28 35.39
CA HIS C 59 1.52 52.03 36.54
C HIS C 59 0.42 51.03 36.20
N GLU C 60 -0.19 51.16 35.02
CA GLU C 60 -1.24 50.23 34.63
C GLU C 60 -0.71 48.80 34.50
N THR C 61 0.56 48.64 34.15
CA THR C 61 1.12 47.30 34.03
C THR C 61 1.28 46.65 35.40
N ILE C 62 1.79 47.39 36.39
CA ILE C 62 2.00 46.82 37.71
C ILE C 62 0.68 46.65 38.47
N ILE C 63 -0.37 47.35 38.06
CA ILE C 63 -1.68 47.09 38.65
C ILE C 63 -2.18 45.70 38.24
N LYS C 64 -2.15 45.42 36.93
CA LYS C 64 -2.53 44.11 36.43
C LYS C 64 -1.67 43.01 37.06
N ALA C 65 -0.37 43.27 37.19
CA ALA C 65 0.53 42.27 37.78
C ALA C 65 0.10 41.94 39.20
N ALA C 66 -0.12 42.96 40.02
CA ALA C 66 -0.58 42.72 41.38
C ALA C 66 -1.96 42.06 41.38
N ALA C 67 -2.75 42.30 40.33
CA ALA C 67 -4.08 41.72 40.26
C ALA C 67 -4.05 40.23 39.97
N ASP C 68 -3.08 39.77 39.18
CA ASP C 68 -2.97 38.35 38.85
C ASP C 68 -2.25 37.55 39.91
N LEU C 69 -1.73 38.19 40.95
CA LEU C 69 -1.12 37.51 42.09
C LEU C 69 -2.12 37.24 43.21
N ILE C 70 -3.37 37.67 43.05
CA ILE C 70 -4.42 37.37 44.02
C ILE C 70 -4.62 35.86 44.08
N SER C 71 -4.47 35.29 45.27
CA SER C 71 -4.58 33.84 45.40
C SER C 71 -5.08 33.47 46.78
N ARG C 72 -5.36 32.17 46.96
CA ARG C 72 -5.73 31.67 48.28
C ARG C 72 -4.59 31.81 49.26
N ASP C 73 -3.36 31.56 48.80
CA ASP C 73 -2.19 31.63 49.68
C ASP C 73 -1.83 33.06 50.03
N ALA C 74 -2.22 34.03 49.21
CA ALA C 74 -1.92 35.44 49.45
C ALA C 74 -3.15 36.27 49.09
N PRO C 75 -4.16 36.29 49.98
CA PRO C 75 -5.39 37.03 49.65
C PRO C 75 -5.21 38.54 49.70
N ASP C 76 -4.29 39.05 50.52
CA ASP C 76 -4.13 40.48 50.68
C ASP C 76 -3.66 41.19 49.42
N TYR C 77 -3.34 40.45 48.36
CA TYR C 77 -3.09 41.08 47.07
C TYR C 77 -4.34 41.77 46.52
N GLN C 78 -5.53 41.39 47.01
CA GLN C 78 -6.75 42.07 46.58
C GLN C 78 -6.76 43.53 47.00
N TYR C 79 -6.04 43.87 48.07
CA TYR C 79 -5.96 45.26 48.52
C TYR C 79 -4.75 45.98 47.99
N LEU C 80 -3.65 45.26 47.73
CA LEU C 80 -2.50 45.88 47.10
C LEU C 80 -2.86 46.41 45.72
N ALA C 81 -3.50 45.55 44.90
CA ALA C 81 -3.93 45.97 43.57
C ALA C 81 -5.05 47.00 43.64
N ALA C 82 -5.85 46.96 44.71
CA ALA C 82 -6.91 47.95 44.89
C ALA C 82 -6.32 49.32 45.22
N ARG C 83 -5.33 49.36 46.10
CA ARG C 83 -4.69 50.62 46.46
C ARG C 83 -3.97 51.23 45.26
N LEU C 84 -3.36 50.37 44.42
CA LEU C 84 -2.72 50.85 43.20
C LEU C 84 -3.73 51.45 42.22
N ALA C 85 -4.89 50.82 42.09
CA ALA C 85 -5.89 51.29 41.11
C ALA C 85 -6.55 52.59 41.57
N ILE C 86 -6.82 52.71 42.87
CA ILE C 86 -7.39 53.96 43.39
C ILE C 86 -6.43 55.11 43.16
N PHE C 87 -5.14 54.91 43.47
CA PHE C 87 -4.14 55.93 43.18
C PHE C 87 -4.13 56.29 41.70
N HIS C 88 -4.28 55.30 40.82
CA HIS C 88 -4.35 55.56 39.38
C HIS C 88 -5.62 56.34 39.03
N LEU C 89 -6.75 55.96 39.64
CA LEU C 89 -8.02 56.64 39.35
C LEU C 89 -8.04 58.06 39.91
N ARG C 90 -7.32 58.31 41.01
CA ARG C 90 -7.21 59.67 41.53
C ARG C 90 -6.49 60.57 40.54
N LYS C 91 -5.36 60.11 40.01
CA LYS C 91 -4.58 60.92 39.07
C LYS C 91 -5.34 61.13 37.77
N LYS C 92 -6.11 60.14 37.32
CA LYS C 92 -6.86 60.28 36.08
C LYS C 92 -7.95 61.34 36.19
N ALA C 93 -8.50 61.55 37.38
CA ALA C 93 -9.63 62.46 37.55
C ALA C 93 -9.22 63.83 38.06
N TYR C 94 -8.14 63.94 38.83
CA TYR C 94 -7.77 65.20 39.47
C TYR C 94 -6.40 65.73 39.08
N GLY C 95 -5.54 64.92 38.46
CA GLY C 95 -4.18 65.33 38.22
C GLY C 95 -3.27 65.20 39.42
N GLN C 96 -3.82 64.82 40.57
CA GLN C 96 -3.06 64.62 41.80
C GLN C 96 -3.77 63.53 42.60
N PHE C 97 -3.22 63.22 43.77
CA PHE C 97 -3.88 62.25 44.63
C PHE C 97 -4.98 62.91 45.46
N GLU C 98 -4.74 64.13 45.91
CA GLU C 98 -5.68 64.82 46.80
C GLU C 98 -6.93 65.23 46.05
N PRO C 99 -8.12 64.76 46.45
CA PRO C 99 -9.33 65.18 45.77
C PRO C 99 -9.68 66.62 46.10
N PRO C 100 -10.29 67.35 45.15
CA PRO C 100 -10.68 68.75 45.44
C PRO C 100 -11.88 68.84 46.36
N ALA C 101 -12.29 70.07 46.66
CA ALA C 101 -13.48 70.30 47.46
C ALA C 101 -14.73 69.86 46.70
N LEU C 102 -15.73 69.42 47.44
CA LEU C 102 -16.96 68.95 46.80
C LEU C 102 -17.61 70.05 45.97
N TYR C 103 -17.56 71.29 46.43
CA TYR C 103 -18.20 72.38 45.70
C TYR C 103 -17.45 72.71 44.42
N ASP C 104 -16.13 72.92 44.52
CA ASP C 104 -15.33 73.22 43.33
C ASP C 104 -15.51 72.14 42.27
N HIS C 105 -15.65 70.88 42.70
CA HIS C 105 -15.82 69.78 41.76
C HIS C 105 -17.18 69.84 41.10
N VAL C 106 -18.25 69.95 41.90
CA VAL C 106 -19.60 70.00 41.34
C VAL C 106 -19.73 71.19 40.39
N VAL C 107 -19.10 72.32 40.73
CA VAL C 107 -19.16 73.49 39.86
C VAL C 107 -18.55 73.19 38.50
N LYS C 108 -17.33 72.63 38.49
CA LYS C 108 -16.65 72.34 37.24
C LYS C 108 -17.41 71.29 36.43
N MET C 109 -18.01 70.31 37.12
CA MET C 109 -18.68 69.22 36.42
C MET C 109 -20.00 69.67 35.81
N VAL C 110 -20.80 70.45 36.54
CA VAL C 110 -22.03 70.97 35.99
C VAL C 110 -21.75 71.87 34.80
N GLU C 111 -20.68 72.66 34.86
CA GLU C 111 -20.32 73.50 33.73
C GLU C 111 -19.93 72.68 32.51
N MET C 112 -19.37 71.49 32.73
CA MET C 112 -19.03 70.58 31.64
C MET C 112 -20.21 69.72 31.21
N GLY C 113 -21.35 69.83 31.88
CA GLY C 113 -22.50 69.02 31.56
C GLY C 113 -22.40 67.57 31.97
N LYS C 114 -21.46 67.23 32.85
CA LYS C 114 -21.34 65.86 33.31
C LYS C 114 -22.21 65.56 34.53
N TYR C 115 -22.57 66.58 35.30
CA TYR C 115 -23.53 66.46 36.38
C TYR C 115 -24.81 67.17 36.00
N ASP C 116 -25.87 66.85 36.75
CA ASP C 116 -27.15 67.53 36.59
C ASP C 116 -27.08 68.91 37.25
N ASN C 117 -27.55 69.93 36.55
CA ASN C 117 -27.50 71.29 37.06
C ASN C 117 -28.37 71.50 38.30
N HIS C 118 -29.27 70.56 38.61
CA HIS C 118 -30.13 70.71 39.77
C HIS C 118 -29.36 70.70 41.08
N LEU C 119 -28.17 70.10 41.13
CA LEU C 119 -27.41 70.08 42.36
C LEU C 119 -27.09 71.48 42.84
N LEU C 120 -26.81 72.39 41.90
CA LEU C 120 -26.54 73.78 42.27
C LEU C 120 -27.81 74.56 42.54
N GLU C 121 -28.94 74.12 41.96
CA GLU C 121 -30.21 74.81 42.19
C GLU C 121 -30.82 74.44 43.53
N ASP C 122 -30.56 73.23 44.02
CA ASP C 122 -31.18 72.74 45.26
C ASP C 122 -30.29 72.88 46.49
N TYR C 123 -28.97 72.94 46.32
CA TYR C 123 -28.02 73.03 47.41
C TYR C 123 -27.19 74.30 47.33
N THR C 124 -27.01 74.96 48.47
CA THR C 124 -26.18 76.14 48.57
C THR C 124 -24.72 75.76 48.78
N GLU C 125 -23.82 76.71 48.50
CA GLU C 125 -22.41 76.46 48.70
C GLU C 125 -22.09 76.13 50.15
N GLU C 126 -22.83 76.74 51.09
CA GLU C 126 -22.63 76.43 52.50
C GLU C 126 -23.04 75.00 52.82
N GLU C 127 -24.05 74.48 52.12
CA GLU C 127 -24.48 73.10 52.28
C GLU C 127 -23.49 72.14 51.61
N PHE C 128 -23.00 72.50 50.42
CA PHE C 128 -21.99 71.67 49.75
C PHE C 128 -20.76 71.50 50.63
N LYS C 129 -20.29 72.59 51.24
CA LYS C 129 -19.17 72.51 52.16
C LYS C 129 -19.54 71.71 53.41
N GLN C 130 -20.82 71.64 53.76
CA GLN C 130 -21.26 70.84 54.89
C GLN C 130 -21.29 69.35 54.55
N MET C 131 -21.57 69.02 53.28
CA MET C 131 -21.49 67.64 52.84
C MET C 131 -20.04 67.19 52.59
N ASP C 132 -19.13 68.13 52.35
CA ASP C 132 -17.72 67.79 52.20
C ASP C 132 -17.11 67.32 53.51
N THR C 133 -17.73 67.63 54.65
CA THR C 133 -17.27 67.11 55.93
C THR C 133 -17.75 65.68 56.18
N PHE C 134 -18.89 65.31 55.61
CA PHE C 134 -19.37 63.94 55.72
C PHE C 134 -18.46 62.97 55.00
N ILE C 135 -17.85 63.41 53.89
CA ILE C 135 -17.05 62.53 53.05
C ILE C 135 -15.84 62.06 53.81
N ASP C 136 -15.53 60.77 53.69
CA ASP C 136 -14.33 60.16 54.23
C ASP C 136 -13.59 59.52 53.06
N HIS C 137 -12.67 60.27 52.45
CA HIS C 137 -11.94 59.75 51.29
C HIS C 137 -11.05 58.56 51.64
N ASP C 138 -10.81 58.30 52.93
CA ASP C 138 -10.09 57.09 53.30
C ASP C 138 -10.92 55.83 53.11
N ARG C 139 -12.24 55.97 52.93
CA ARG C 139 -13.08 54.82 52.60
C ARG C 139 -12.81 54.29 51.20
N ASP C 140 -12.08 55.05 50.38
CA ASP C 140 -11.55 54.49 49.14
C ASP C 140 -10.52 53.41 49.39
N MET C 141 -9.96 53.36 50.59
CA MET C 141 -8.98 52.35 50.98
C MET C 141 -9.62 51.10 51.54
N THR C 142 -10.95 50.98 51.46
CA THR C 142 -11.65 49.79 51.92
C THR C 142 -12.18 48.94 50.77
N PHE C 143 -11.98 49.36 49.53
CA PHE C 143 -12.40 48.59 48.38
C PHE C 143 -11.39 47.48 48.07
N SER C 144 -11.89 46.39 47.49
CA SER C 144 -11.04 45.37 46.91
C SER C 144 -10.79 45.67 45.43
N TYR C 145 -9.86 44.92 44.83
CA TYR C 145 -9.53 45.16 43.43
C TYR C 145 -10.75 44.93 42.54
N ALA C 146 -11.52 43.88 42.82
CA ALA C 146 -12.75 43.65 42.07
C ALA C 146 -13.70 44.83 42.20
N ALA C 147 -13.77 45.43 43.40
CA ALA C 147 -14.64 46.59 43.59
C ALA C 147 -14.19 47.78 42.75
N VAL C 148 -12.89 48.05 42.73
CA VAL C 148 -12.37 49.22 42.02
C VAL C 148 -12.54 49.06 40.51
N LYS C 149 -12.37 47.84 40.00
CA LYS C 149 -12.49 47.65 38.56
C LYS C 149 -13.92 47.85 38.09
N GLN C 150 -14.91 47.53 38.93
CA GLN C 150 -16.29 47.83 38.59
C GLN C 150 -16.54 49.33 38.65
N LEU C 151 -15.92 50.02 39.61
CA LEU C 151 -15.99 51.48 39.66
C LEU C 151 -15.32 52.08 38.43
N GLU C 152 -14.08 51.68 38.14
CA GLU C 152 -13.37 52.24 36.99
C GLU C 152 -14.08 51.91 35.69
N GLY C 153 -14.66 50.73 35.59
CA GLY C 153 -15.24 50.27 34.35
C GLY C 153 -16.67 50.69 34.09
N LYS C 154 -17.48 50.81 35.15
CA LYS C 154 -18.90 51.01 34.97
C LYS C 154 -19.45 52.23 35.70
N TYR C 155 -19.18 52.33 37.01
CA TYR C 155 -19.97 53.20 37.88
C TYR C 155 -19.51 54.65 37.82
N LEU C 156 -18.22 54.91 38.06
CA LEU C 156 -17.70 56.28 38.11
C LEU C 156 -18.02 57.03 36.82
N VAL C 157 -18.50 58.27 36.97
CA VAL C 157 -18.86 59.09 35.80
C VAL C 157 -17.64 59.26 34.92
N GLN C 158 -17.78 58.90 33.64
CA GLN C 158 -16.65 58.89 32.74
C GLN C 158 -17.12 59.17 31.33
N ASN C 159 -16.16 59.40 30.44
CA ASN C 159 -16.42 59.59 29.02
C ASN C 159 -16.24 58.26 28.31
N ARG C 160 -17.26 57.86 27.53
CA ARG C 160 -17.27 56.57 26.87
C ARG C 160 -16.61 56.59 25.49
N VAL C 161 -16.07 57.73 25.07
CA VAL C 161 -15.28 57.83 23.85
C VAL C 161 -13.84 58.25 24.16
N THR C 162 -13.65 59.13 25.14
CA THR C 162 -12.32 59.53 25.57
C THR C 162 -11.70 58.48 26.50
N GLY C 163 -12.52 57.81 27.31
CA GLY C 163 -12.01 57.01 28.40
C GLY C 163 -11.67 57.80 29.63
N GLU C 164 -12.03 59.08 29.65
CA GLU C 164 -11.64 59.99 30.72
C GLU C 164 -12.50 59.73 31.95
N ILE C 165 -11.86 59.39 33.08
CA ILE C 165 -12.56 59.21 34.34
C ILE C 165 -12.67 60.57 35.02
N TYR C 166 -13.85 60.89 35.55
CA TYR C 166 -14.12 62.25 35.99
C TYR C 166 -14.25 62.43 37.50
N GLU C 167 -14.49 61.37 38.27
CA GLU C 167 -14.79 61.52 39.69
C GLU C 167 -14.15 60.42 40.50
N SER C 168 -14.19 60.59 41.82
CA SER C 168 -13.76 59.59 42.78
C SER C 168 -14.96 58.79 43.27
N ALA C 169 -14.68 57.77 44.08
CA ALA C 169 -15.75 56.91 44.57
C ALA C 169 -16.56 57.61 45.65
N GLN C 170 -15.89 58.35 46.53
CA GLN C 170 -16.62 59.01 47.62
C GLN C 170 -17.44 60.18 47.11
N PHE C 171 -17.02 60.81 46.01
CA PHE C 171 -17.86 61.83 45.39
C PHE C 171 -19.11 61.20 44.80
N LEU C 172 -18.97 60.02 44.19
CA LEU C 172 -20.13 59.27 43.72
C LEU C 172 -21.11 59.00 44.85
N TYR C 173 -20.61 58.48 45.97
CA TYR C 173 -21.46 58.15 47.11
C TYR C 173 -22.19 59.38 47.64
N ILE C 174 -21.45 60.47 47.89
CA ILE C 174 -22.05 61.63 48.53
C ILE C 174 -23.08 62.29 47.61
N LEU C 175 -22.88 62.22 46.30
CA LEU C 175 -23.82 62.85 45.38
C LEU C 175 -25.01 61.95 45.09
N VAL C 176 -24.81 60.63 45.11
CA VAL C 176 -25.95 59.72 45.07
C VAL C 176 -26.86 59.95 46.27
N ALA C 177 -26.26 60.17 47.45
CA ALA C 177 -27.06 60.50 48.62
C ALA C 177 -27.70 61.88 48.48
N ALA C 178 -26.96 62.85 47.94
CA ALA C 178 -27.48 64.19 47.80
C ALA C 178 -28.67 64.26 46.85
N CYS C 179 -28.53 63.66 45.66
CA CYS C 179 -29.59 63.74 44.67
C CYS C 179 -30.85 63.01 45.12
N LEU C 180 -30.69 61.82 45.69
CA LEU C 180 -31.87 61.03 46.07
C LEU C 180 -32.68 61.72 47.16
N PHE C 181 -32.05 62.55 47.99
CA PHE C 181 -32.73 63.30 49.03
C PHE C 181 -32.79 64.80 48.74
N SER C 182 -32.53 65.19 47.48
CA SER C 182 -32.48 66.61 47.14
C SER C 182 -33.81 67.31 47.37
N ASN C 183 -34.92 66.60 47.21
CA ASN C 183 -36.24 67.19 47.34
C ASN C 183 -36.80 67.05 48.75
N TYR C 184 -35.98 66.69 49.72
CA TYR C 184 -36.41 66.57 51.10
C TYR C 184 -36.40 67.95 51.77
N PRO C 185 -37.20 68.12 52.82
CA PRO C 185 -37.18 69.41 53.54
C PRO C 185 -35.82 69.71 54.14
N ARG C 186 -35.48 71.01 54.18
CA ARG C 186 -34.17 71.43 54.67
C ARG C 186 -33.93 71.00 56.11
N GLU C 187 -35.00 70.83 56.90
CA GLU C 187 -34.84 70.48 58.31
C GLU C 187 -34.28 69.07 58.48
N THR C 188 -34.52 68.17 57.53
CA THR C 188 -34.03 66.80 57.61
C THR C 188 -33.27 66.37 56.37
N ARG C 189 -32.97 67.28 55.45
CA ARG C 189 -32.33 66.89 54.18
C ARG C 189 -30.91 66.40 54.42
N LEU C 190 -30.02 67.29 54.85
CA LEU C 190 -28.62 66.89 55.05
C LEU C 190 -28.47 65.84 56.13
N GLN C 191 -29.42 65.75 57.06
CA GLN C 191 -29.40 64.67 58.05
C GLN C 191 -29.51 63.31 57.37
N TYR C 192 -30.43 63.18 56.41
CA TYR C 192 -30.56 61.93 55.67
C TYR C 192 -29.38 61.72 54.72
N VAL C 193 -28.90 62.80 54.09
CA VAL C 193 -27.82 62.67 53.09
C VAL C 193 -26.58 62.04 53.71
N LYS C 194 -26.18 62.50 54.88
CA LYS C 194 -25.01 61.89 55.53
C LYS C 194 -25.30 60.44 55.91
N ARG C 195 -26.45 60.20 56.55
CA ARG C 195 -26.76 58.85 57.04
C ARG C 195 -26.83 57.87 55.88
N PHE C 196 -27.36 58.30 54.74
CA PHE C 196 -27.40 57.44 53.56
C PHE C 196 -26.04 57.33 52.90
N TYR C 197 -25.25 58.41 52.94
CA TYR C 197 -23.89 58.33 52.41
C TYR C 197 -23.05 57.32 53.18
N ASP C 198 -23.05 57.41 54.52
CA ASP C 198 -22.33 56.45 55.34
C ASP C 198 -22.83 55.03 55.10
N ALA C 199 -24.15 54.87 54.97
CA ALA C 199 -24.73 53.54 54.81
C ALA C 199 -24.19 52.85 53.56
N VAL C 200 -24.01 53.59 52.47
CA VAL C 200 -23.56 52.98 51.23
C VAL C 200 -22.04 52.99 51.09
N SER C 201 -21.36 53.97 51.70
CA SER C 201 -19.91 54.02 51.63
C SER C 201 -19.25 53.05 52.61
N THR C 202 -19.98 52.58 53.63
CA THR C 202 -19.51 51.56 54.55
C THR C 202 -20.20 50.21 54.31
N PHE C 203 -20.82 50.04 53.15
CA PHE C 203 -21.33 48.75 52.67
C PHE C 203 -22.40 48.17 53.58
N LYS C 204 -23.21 49.03 54.21
CA LYS C 204 -24.41 48.54 54.87
C LYS C 204 -25.53 48.31 53.86
N ILE C 205 -25.58 49.13 52.81
CA ILE C 205 -26.59 49.03 51.75
C ILE C 205 -25.86 48.98 50.41
N SER C 206 -26.30 48.07 49.54
CA SER C 206 -25.76 47.92 48.21
C SER C 206 -26.63 48.64 47.19
N LEU C 207 -25.98 49.35 46.27
CA LEU C 207 -26.76 50.07 45.26
C LEU C 207 -26.52 49.47 43.87
N PRO C 208 -27.56 49.34 43.07
CA PRO C 208 -27.43 48.65 41.78
C PRO C 208 -26.72 49.50 40.74
N THR C 209 -26.41 48.85 39.61
CA THR C 209 -25.68 49.49 38.52
C THR C 209 -26.32 50.80 38.04
N PRO C 210 -27.61 50.87 37.72
CA PRO C 210 -28.14 52.15 37.21
C PRO C 210 -28.08 53.29 38.21
N ILE C 211 -28.18 52.99 39.51
CA ILE C 211 -28.09 54.02 40.54
C ILE C 211 -26.65 54.50 40.68
N MET C 212 -25.70 53.55 40.79
CA MET C 212 -24.29 53.90 40.87
C MET C 212 -23.83 54.71 39.67
N SER C 213 -24.29 54.35 38.47
CA SER C 213 -23.82 54.99 37.25
C SER C 213 -24.44 56.36 37.03
N GLY C 214 -25.74 56.52 37.36
CA GLY C 214 -26.46 57.66 36.85
C GLY C 214 -26.91 58.71 37.84
N VAL C 215 -27.17 58.34 39.09
CA VAL C 215 -27.76 59.30 40.03
C VAL C 215 -26.77 60.40 40.35
N ARG C 216 -26.87 61.50 39.59
CA ARG C 216 -26.15 62.79 39.69
C ARG C 216 -25.90 63.30 38.28
N THR C 217 -26.24 62.51 37.27
CA THR C 217 -26.02 62.84 35.88
C THR C 217 -27.29 63.42 35.25
N PRO C 218 -27.14 64.17 34.15
CA PRO C 218 -28.33 64.73 33.48
C PRO C 218 -29.35 63.69 33.07
N THR C 219 -28.91 62.59 32.44
CA THR C 219 -29.84 61.58 31.96
C THR C 219 -30.36 60.75 33.13
N ARG C 220 -31.66 60.84 33.38
CA ARG C 220 -32.28 60.27 34.59
C ARG C 220 -33.10 59.03 34.25
N GLN C 221 -32.46 57.87 34.35
CA GLN C 221 -33.19 56.60 34.40
C GLN C 221 -32.40 55.66 35.30
N PHE C 222 -33.06 55.16 36.34
CA PHE C 222 -32.33 54.40 37.36
C PHE C 222 -33.06 53.13 37.79
N SER C 223 -34.13 52.73 37.10
CA SER C 223 -34.81 51.47 37.40
C SER C 223 -34.13 50.34 36.63
N SER C 224 -33.71 49.31 37.36
CA SER C 224 -33.00 48.20 36.73
C SER C 224 -33.90 47.35 35.85
N CYS C 225 -35.18 47.20 36.22
CA CYS C 225 -36.08 46.24 35.60
C CYS C 225 -37.22 46.93 34.88
N VAL C 226 -37.41 46.56 33.60
CA VAL C 226 -38.50 47.07 32.76
C VAL C 226 -39.29 45.87 32.26
N LEU C 227 -40.60 45.86 32.51
CA LEU C 227 -41.48 44.75 32.12
C LEU C 227 -42.51 45.26 31.12
N ILE C 228 -42.40 44.82 29.86
CA ILE C 228 -43.28 45.23 28.78
C ILE C 228 -44.13 44.05 28.36
N GLU C 229 -45.45 44.23 28.34
CA GLU C 229 -46.36 43.21 27.85
C GLU C 229 -46.81 43.59 26.44
N CYS C 230 -46.80 42.62 25.54
CA CYS C 230 -47.12 42.82 24.14
C CYS C 230 -48.50 42.26 23.82
N GLY C 231 -49.29 43.03 23.08
CA GLY C 231 -50.59 42.57 22.61
C GLY C 231 -50.51 41.96 21.23
N ASP C 232 -51.62 41.36 20.82
CA ASP C 232 -51.68 40.65 19.53
C ASP C 232 -52.10 41.60 18.40
N SER C 233 -51.29 42.62 18.21
CA SER C 233 -51.53 43.59 17.15
C SER C 233 -50.20 44.19 16.71
N LEU C 234 -50.18 44.68 15.47
CA LEU C 234 -49.00 45.36 14.97
C LEU C 234 -48.75 46.66 15.73
N ASP C 235 -49.82 47.32 16.17
CA ASP C 235 -49.68 48.55 16.94
C ASP C 235 -49.02 48.27 18.28
N SER C 236 -49.31 47.11 18.89
CA SER C 236 -48.69 46.75 20.15
C SER C 236 -47.26 46.28 19.96
N ILE C 237 -47.02 45.47 18.92
CA ILE C 237 -45.66 45.05 18.62
C ILE C 237 -44.76 46.24 18.33
N ASN C 238 -45.26 47.19 17.54
CA ASN C 238 -44.51 48.42 17.30
C ASN C 238 -44.28 49.19 18.59
N ALA C 239 -45.32 49.30 19.42
CA ALA C 239 -45.17 50.00 20.69
C ALA C 239 -44.17 49.29 21.59
N THR C 240 -44.22 47.96 21.64
CA THR C 240 -43.28 47.21 22.46
C THR C 240 -41.85 47.43 21.99
N SER C 241 -41.60 47.30 20.69
CA SER C 241 -40.26 47.53 20.15
C SER C 241 -39.76 48.93 20.47
N SER C 242 -40.60 49.94 20.32
CA SER C 242 -40.19 51.31 20.63
C SER C 242 -39.85 51.47 22.10
N ALA C 243 -40.65 50.86 22.98
CA ALA C 243 -40.41 50.95 24.42
C ALA C 243 -39.13 50.22 24.81
N ILE C 244 -38.87 49.07 24.20
CA ILE C 244 -37.62 48.35 24.43
C ILE C 244 -36.44 49.24 24.06
N VAL C 245 -36.44 49.78 22.84
CA VAL C 245 -35.35 50.63 22.36
C VAL C 245 -35.08 51.76 23.35
N LYS C 246 -36.13 52.40 23.84
CA LYS C 246 -35.96 53.52 24.76
C LYS C 246 -35.24 53.09 26.03
N TYR C 247 -35.68 52.00 26.65
CA TYR C 247 -35.20 51.67 27.97
C TYR C 247 -33.85 50.92 27.96
N VAL C 248 -33.48 50.26 26.87
CA VAL C 248 -32.16 49.63 26.83
C VAL C 248 -31.07 50.70 26.80
N SER C 249 -31.33 51.81 26.09
CA SER C 249 -30.41 52.94 26.08
C SER C 249 -30.41 53.70 27.39
N GLN C 250 -31.14 53.22 28.39
CA GLN C 250 -31.21 53.86 29.69
C GLN C 250 -30.76 52.89 30.78
N ARG C 251 -29.63 52.22 30.53
CA ARG C 251 -28.94 51.35 31.50
C ARG C 251 -29.86 50.32 32.14
N ALA C 252 -30.97 49.98 31.48
CA ALA C 252 -31.99 49.10 32.03
C ALA C 252 -32.04 47.78 31.28
N GLY C 253 -32.55 46.76 31.95
CA GLY C 253 -32.73 45.43 31.38
C GLY C 253 -34.20 45.10 31.23
N ILE C 254 -34.56 44.53 30.09
CA ILE C 254 -35.95 44.42 29.67
C ILE C 254 -36.49 43.01 29.90
N GLY C 255 -37.77 42.93 30.24
CA GLY C 255 -38.51 41.68 30.20
C GLY C 255 -39.71 41.77 29.28
N ILE C 256 -39.75 40.96 28.24
CA ILE C 256 -40.79 41.01 27.21
C ILE C 256 -41.74 39.85 27.41
N ASN C 257 -43.04 40.11 27.26
CA ASN C 257 -44.09 39.10 27.36
C ASN C 257 -44.80 39.03 26.01
N ALA C 258 -44.23 38.27 25.09
CA ALA C 258 -44.80 38.09 23.76
C ALA C 258 -45.63 36.81 23.66
N GLY C 259 -46.27 36.41 24.77
CA GLY C 259 -47.09 35.22 24.75
C GLY C 259 -48.42 35.38 24.03
N ARG C 260 -48.85 36.62 23.82
CA ARG C 260 -50.15 36.86 23.19
C ARG C 260 -50.11 36.75 21.68
N ILE C 261 -48.93 36.87 21.06
CA ILE C 261 -48.83 36.83 19.60
C ILE C 261 -49.37 35.51 19.09
N ARG C 262 -50.28 35.57 18.12
CA ARG C 262 -50.92 34.37 17.62
C ARG C 262 -49.92 33.48 16.88
N ALA C 263 -50.20 32.19 16.87
CA ALA C 263 -49.25 31.20 16.38
C ALA C 263 -49.11 31.26 14.86
N LEU C 264 -48.08 30.59 14.36
CA LEU C 264 -47.87 30.47 12.93
C LEU C 264 -49.06 29.78 12.28
N GLY C 265 -49.50 30.33 11.15
CA GLY C 265 -50.60 29.77 10.40
C GLY C 265 -51.96 30.31 10.74
N SER C 266 -52.09 31.08 11.82
CA SER C 266 -53.38 31.63 12.19
C SER C 266 -53.84 32.64 11.14
N PRO C 267 -55.15 32.71 10.89
CA PRO C 267 -55.65 33.68 9.89
C PRO C 267 -55.58 35.10 10.41
N ILE C 268 -55.35 36.02 9.47
CA ILE C 268 -55.27 37.46 9.76
C ILE C 268 -56.34 38.17 8.94
N ARG C 269 -57.15 38.99 9.62
CA ARG C 269 -58.28 39.66 9.00
C ARG C 269 -59.20 38.66 8.29
N GLY C 270 -59.49 37.56 8.99
CA GLY C 270 -60.40 36.54 8.49
C GLY C 270 -59.88 35.72 7.33
N GLY C 271 -58.56 35.69 7.13
CA GLY C 271 -57.98 34.97 6.02
C GLY C 271 -57.41 35.84 4.91
N GLU C 272 -57.35 37.15 5.11
CA GLU C 272 -56.68 38.01 4.14
C GLU C 272 -55.17 37.82 4.14
N ALA C 273 -54.61 37.30 5.23
CA ALA C 273 -53.16 37.10 5.34
C ALA C 273 -52.88 35.86 6.17
N PHE C 274 -51.66 35.35 6.02
CA PHE C 274 -51.20 34.13 6.68
C PHE C 274 -50.10 34.49 7.68
N HIS C 275 -50.37 34.24 8.96
CA HIS C 275 -49.44 34.64 10.01
C HIS C 275 -48.16 33.83 9.94
N THR C 276 -47.03 34.51 9.74
CA THR C 276 -45.73 33.86 9.56
C THR C 276 -45.12 33.33 10.86
N GLY C 277 -45.75 33.57 12.00
CA GLY C 277 -45.29 33.00 13.25
C GLY C 277 -44.72 34.04 14.20
N CYS C 278 -44.39 33.59 15.40
CA CYS C 278 -43.85 34.47 16.43
C CYS C 278 -42.39 34.81 16.17
N ILE C 279 -41.61 33.84 15.69
CA ILE C 279 -40.16 33.98 15.53
C ILE C 279 -39.78 35.21 14.69
N PRO C 280 -40.46 35.51 13.57
CA PRO C 280 -40.13 36.77 12.87
C PRO C 280 -40.31 38.01 13.73
N PHE C 281 -41.24 37.97 14.69
CA PHE C 281 -41.40 39.10 15.59
C PHE C 281 -40.40 39.05 16.74
N TYR C 282 -40.05 37.85 17.21
CA TYR C 282 -39.00 37.72 18.22
C TYR C 282 -37.68 38.27 17.70
N LYS C 283 -37.39 38.05 16.41
CA LYS C 283 -36.20 38.65 15.82
C LYS C 283 -36.26 40.17 15.87
N HIS C 284 -37.46 40.74 15.72
CA HIS C 284 -37.59 42.19 15.81
C HIS C 284 -37.39 42.68 17.24
N PHE C 285 -37.86 41.90 18.22
CA PHE C 285 -37.64 42.26 19.62
C PHE C 285 -36.17 42.17 20.00
N GLN C 286 -35.43 41.24 19.39
CA GLN C 286 -34.02 41.09 19.70
C GLN C 286 -33.20 42.28 19.18
N THR C 287 -33.40 42.63 17.90
CA THR C 287 -32.65 43.76 17.35
C THR C 287 -32.99 45.06 18.05
N ALA C 288 -34.18 45.14 18.63
CA ALA C 288 -34.52 46.31 19.45
C ALA C 288 -33.53 46.44 20.61
N VAL C 289 -33.27 45.33 21.31
CA VAL C 289 -32.30 45.35 22.40
C VAL C 289 -30.90 45.62 21.86
N LYS C 290 -30.48 44.87 20.84
CA LYS C 290 -29.11 44.95 20.34
C LYS C 290 -28.80 46.26 19.61
N SER C 291 -29.83 46.96 19.12
CA SER C 291 -29.58 48.20 18.37
C SER C 291 -28.77 49.19 19.19
N CYS C 292 -29.05 49.29 20.49
CA CYS C 292 -28.36 50.22 21.37
C CYS C 292 -28.12 49.60 22.74
N SER C 293 -27.89 48.28 22.79
CA SER C 293 -27.58 47.61 24.05
C SER C 293 -26.23 48.08 24.60
N GLN C 294 -25.19 47.99 23.78
CA GLN C 294 -23.86 48.38 24.22
C GLN C 294 -23.61 49.86 23.93
N GLY C 295 -22.53 50.38 24.50
CA GLY C 295 -22.14 51.75 24.35
C GLY C 295 -22.28 52.58 25.60
N GLY C 296 -23.12 52.13 26.55
CA GLY C 296 -23.35 52.86 27.78
C GLY C 296 -22.64 52.25 28.97
N VAL C 297 -23.37 52.06 30.07
CA VAL C 297 -22.75 51.51 31.27
C VAL C 297 -22.32 50.07 31.06
N ARG C 298 -23.12 49.29 30.34
CA ARG C 298 -22.82 47.89 30.09
C ARG C 298 -23.73 47.41 28.97
N GLY C 299 -23.50 46.17 28.53
CA GLY C 299 -24.35 45.59 27.52
C GLY C 299 -25.66 45.11 28.10
N GLY C 300 -26.75 45.73 27.68
CA GLY C 300 -28.07 45.32 28.14
C GLY C 300 -28.53 44.03 27.49
N ALA C 301 -29.49 43.37 28.13
CA ALA C 301 -30.06 42.15 27.60
C ALA C 301 -31.57 42.18 27.81
N ALA C 302 -32.23 41.09 27.46
CA ALA C 302 -33.68 41.00 27.60
C ALA C 302 -34.08 39.54 27.63
N THR C 303 -35.17 39.25 28.34
CA THR C 303 -35.75 37.92 28.41
C THR C 303 -37.19 37.96 27.90
N LEU C 304 -37.51 37.07 26.97
CA LEU C 304 -38.85 36.99 26.41
C LEU C 304 -39.60 35.81 27.00
N PHE C 305 -40.89 36.00 27.28
CA PHE C 305 -41.72 35.02 27.98
C PHE C 305 -42.86 34.56 27.09
N TYR C 306 -43.21 33.28 27.19
CA TYR C 306 -44.31 32.68 26.48
C TYR C 306 -44.85 31.52 27.31
N PRO C 307 -46.14 31.23 27.24
CA PRO C 307 -46.68 30.10 27.99
C PRO C 307 -46.29 28.76 27.39
N MET C 308 -46.17 27.76 28.26
CA MET C 308 -45.78 26.42 27.81
C MET C 308 -46.78 25.83 26.83
N TRP C 309 -48.06 26.13 26.99
CA TRP C 309 -49.09 25.57 26.12
C TRP C 309 -49.23 26.31 24.79
N HIS C 310 -48.32 27.23 24.47
CA HIS C 310 -48.38 27.91 23.19
C HIS C 310 -48.15 26.91 22.07
N LEU C 311 -48.75 27.20 20.91
CA LEU C 311 -48.71 26.25 19.80
C LEU C 311 -47.29 26.06 19.26
N GLU C 312 -46.54 27.15 19.15
CA GLU C 312 -45.17 27.10 18.63
C GLU C 312 -44.14 26.68 19.68
N VAL C 313 -44.57 26.22 20.86
CA VAL C 313 -43.66 26.09 21.99
C VAL C 313 -42.48 25.17 21.67
N GLU C 314 -42.69 24.16 20.82
CA GLU C 314 -41.59 23.25 20.50
C GLU C 314 -40.50 23.96 19.70
N SER C 315 -40.87 25.01 18.96
CA SER C 315 -39.90 25.78 18.19
C SER C 315 -39.30 26.91 19.01
N LEU C 316 -39.98 27.36 20.06
CA LEU C 316 -39.47 28.44 20.90
C LEU C 316 -38.47 27.94 21.92
N LEU C 317 -38.56 26.66 22.32
CA LEU C 317 -37.63 26.13 23.30
C LEU C 317 -36.22 26.04 22.74
N VAL C 318 -36.08 25.84 21.43
CA VAL C 318 -34.78 25.62 20.81
C VAL C 318 -34.21 26.90 20.22
N LEU C 319 -34.77 28.07 20.58
CA LEU C 319 -34.37 29.31 19.93
C LEU C 319 -32.93 29.71 20.27
N LYS C 320 -32.45 29.36 21.45
CA LYS C 320 -31.08 29.69 21.83
C LYS C 320 -30.07 28.65 21.39
N ASN C 321 -30.52 27.45 21.03
CA ASN C 321 -29.62 26.38 20.62
C ASN C 321 -28.83 26.79 19.38
N ASN C 322 -27.54 26.45 19.38
CA ASN C 322 -26.66 26.90 18.31
C ASN C 322 -26.89 26.12 17.02
N ARG C 323 -27.12 24.82 17.12
CA ARG C 323 -27.33 24.00 15.93
C ARG C 323 -28.65 24.37 15.27
N GLY C 324 -28.60 24.63 13.96
CA GLY C 324 -29.79 24.99 13.22
C GLY C 324 -29.60 26.27 12.43
N VAL C 325 -30.47 26.51 11.45
CA VAL C 325 -30.34 27.68 10.59
C VAL C 325 -30.79 28.93 11.32
N GLU C 326 -30.34 30.08 10.81
CA GLU C 326 -30.64 31.37 11.42
C GLU C 326 -32.10 31.76 11.30
N GLY C 327 -32.84 31.17 10.36
CA GLY C 327 -34.22 31.58 10.13
C GLY C 327 -35.14 31.25 11.29
N ASN C 328 -34.83 30.21 12.05
CA ASN C 328 -35.66 29.79 13.17
C ASN C 328 -34.91 29.83 14.50
N ARG C 329 -33.88 30.67 14.58
CA ARG C 329 -33.08 30.81 15.80
C ARG C 329 -32.94 32.28 16.15
N VAL C 330 -33.30 32.61 17.39
CA VAL C 330 -33.12 33.95 17.95
C VAL C 330 -32.28 33.79 19.21
N ARG C 331 -30.96 33.83 19.05
CA ARG C 331 -30.07 33.32 20.10
C ARG C 331 -29.78 34.36 21.19
N HIS C 332 -29.66 35.63 20.84
CA HIS C 332 -29.09 36.62 21.75
C HIS C 332 -30.09 37.17 22.76
N MET C 333 -31.25 36.56 22.93
CA MET C 333 -32.15 36.86 24.03
C MET C 333 -32.32 35.61 24.89
N ASP C 334 -32.69 35.83 26.14
CA ASP C 334 -33.04 34.73 27.01
C ASP C 334 -34.55 34.52 26.97
N TYR C 335 -34.99 33.35 27.43
CA TYR C 335 -36.40 32.99 27.34
C TYR C 335 -36.88 32.40 28.64
N GLY C 336 -38.13 32.69 28.98
CA GLY C 336 -38.75 32.13 30.16
C GLY C 336 -39.99 31.34 29.82
N VAL C 337 -40.01 30.05 30.15
CA VAL C 337 -41.16 29.20 29.90
C VAL C 337 -42.11 29.30 31.08
N GLN C 338 -43.37 29.63 30.80
CA GLN C 338 -44.38 29.84 31.83
C GLN C 338 -45.17 28.56 32.04
N ILE C 339 -45.19 28.07 33.28
CA ILE C 339 -45.78 26.79 33.63
C ILE C 339 -46.70 26.98 34.83
N ASN C 340 -47.79 26.21 34.88
CA ASN C 340 -48.68 26.20 36.03
C ASN C 340 -48.90 24.76 36.49
N LYS C 341 -49.74 24.60 37.52
CA LYS C 341 -49.94 23.29 38.14
C LYS C 341 -50.45 22.26 37.14
N LEU C 342 -51.37 22.65 36.26
CA LEU C 342 -51.97 21.70 35.34
C LEU C 342 -50.93 21.11 34.40
N MET C 343 -49.97 21.93 33.95
CA MET C 343 -48.91 21.40 33.08
C MET C 343 -48.06 20.37 33.82
N TYR C 344 -47.70 20.65 35.07
CA TYR C 344 -46.97 19.67 35.87
C TYR C 344 -47.82 18.44 36.15
N THR C 345 -49.13 18.64 36.34
CA THR C 345 -50.02 17.52 36.61
C THR C 345 -50.00 16.50 35.48
N ARG C 346 -50.03 16.98 34.23
CA ARG C 346 -49.96 16.06 33.09
C ARG C 346 -48.65 15.30 33.07
N LEU C 347 -47.55 15.92 33.50
CA LEU C 347 -46.27 15.23 33.51
C LEU C 347 -46.26 14.08 34.52
N LEU C 348 -46.78 14.33 35.72
CA LEU C 348 -46.78 13.28 36.75
C LEU C 348 -47.63 12.09 36.35
N LYS C 349 -48.66 12.33 35.53
CA LYS C 349 -49.55 11.28 35.05
C LYS C 349 -49.09 10.70 33.72
N GLY C 350 -48.02 11.23 33.13
CA GLY C 350 -47.56 10.75 31.85
C GLY C 350 -48.48 11.04 30.69
N GLU C 351 -49.44 11.96 30.87
CA GLU C 351 -50.42 12.28 29.84
C GLU C 351 -49.85 13.30 28.86
N ASP C 352 -50.71 13.86 28.01
CA ASP C 352 -50.32 14.81 27.00
C ASP C 352 -50.59 16.25 27.45
N ILE C 353 -50.12 17.20 26.64
CA ILE C 353 -50.39 18.62 26.80
C ILE C 353 -50.88 19.14 25.45
N THR C 354 -52.08 19.70 25.43
CA THR C 354 -52.63 20.22 24.19
C THR C 354 -52.14 21.64 23.96
N LEU C 355 -51.60 21.90 22.78
CA LEU C 355 -51.09 23.21 22.42
C LEU C 355 -52.14 23.96 21.61
N PHE C 356 -52.44 25.18 22.03
CA PHE C 356 -53.39 26.04 21.31
C PHE C 356 -52.70 27.32 20.89
N SER C 357 -53.22 27.91 19.83
CA SER C 357 -52.89 29.29 19.56
C SER C 357 -53.67 30.19 20.51
N PRO C 358 -53.02 31.15 21.17
CA PRO C 358 -53.76 32.00 22.13
C PRO C 358 -54.92 32.76 21.52
N SER C 359 -54.96 32.88 20.18
CA SER C 359 -56.06 33.57 19.51
C SER C 359 -57.28 32.69 19.33
N ASP C 360 -57.11 31.37 19.32
CA ASP C 360 -58.21 30.43 19.09
C ASP C 360 -58.87 29.96 20.38
N VAL C 361 -58.37 30.36 21.54
CA VAL C 361 -58.93 29.88 22.80
C VAL C 361 -59.25 31.08 23.69
N PRO C 362 -60.46 31.63 23.59
CA PRO C 362 -60.79 32.86 24.31
C PRO C 362 -60.78 32.68 25.82
N GLY C 363 -60.15 33.63 26.51
CA GLY C 363 -60.08 33.63 27.96
C GLY C 363 -59.14 32.60 28.53
N LEU C 364 -58.55 31.74 27.70
CA LEU C 364 -57.61 30.75 28.20
C LEU C 364 -56.31 31.40 28.66
N TYR C 365 -55.92 32.50 27.99
CA TYR C 365 -54.66 33.16 28.34
C TYR C 365 -54.76 33.89 29.67
N ASP C 366 -55.78 34.73 29.83
CA ASP C 366 -55.95 35.48 31.08
C ASP C 366 -56.17 34.55 32.26
N ALA C 367 -56.86 33.43 32.07
CA ALA C 367 -57.07 32.48 33.16
C ALA C 367 -55.77 31.79 33.55
N PHE C 368 -54.83 31.65 32.62
CA PHE C 368 -53.56 30.98 32.90
C PHE C 368 -52.82 31.61 34.08
N PHE C 369 -53.05 32.90 34.33
CA PHE C 369 -52.40 33.62 35.40
C PHE C 369 -53.32 33.90 36.58
N ALA C 370 -54.50 34.48 36.31
CA ALA C 370 -55.36 34.95 37.39
C ALA C 370 -56.13 33.81 38.05
N ASP C 371 -56.78 32.96 37.27
CA ASP C 371 -57.74 31.99 37.77
C ASP C 371 -57.30 30.57 37.37
N GLN C 372 -56.72 29.84 38.32
CA GLN C 372 -56.25 28.48 38.05
C GLN C 372 -57.39 27.50 37.84
N GLU C 373 -58.52 27.67 38.53
CA GLU C 373 -59.67 26.81 38.30
C GLU C 373 -60.26 27.06 36.91
N GLU C 374 -60.49 28.34 36.58
CA GLU C 374 -61.07 28.67 35.28
C GLU C 374 -60.19 28.20 34.13
N PHE C 375 -58.87 28.23 34.31
CA PHE C 375 -57.96 27.76 33.28
C PHE C 375 -58.15 26.26 33.03
N GLU C 376 -58.11 25.46 34.09
CA GLU C 376 -58.30 24.02 33.95
C GLU C 376 -59.66 23.70 33.35
N ARG C 377 -60.68 24.51 33.67
CA ARG C 377 -62.00 24.33 33.06
C ARG C 377 -61.96 24.63 31.56
N LEU C 378 -61.46 25.81 31.19
CA LEU C 378 -61.39 26.18 29.78
C LEU C 378 -60.47 25.25 29.01
N TYR C 379 -59.34 24.86 29.62
CA TYR C 379 -58.37 24.03 28.93
C TYR C 379 -58.97 22.69 28.51
N THR C 380 -59.55 21.96 29.48
CA THR C 380 -60.14 20.66 29.16
C THR C 380 -61.32 20.78 28.22
N LYS C 381 -62.09 21.87 28.33
CA LYS C 381 -63.19 22.11 27.39
C LYS C 381 -62.66 22.30 25.97
N TYR C 382 -61.63 23.14 25.82
CA TYR C 382 -61.05 23.37 24.50
C TYR C 382 -60.29 22.14 23.99
N GLU C 383 -59.79 21.31 24.91
CA GLU C 383 -59.13 20.07 24.49
C GLU C 383 -60.12 19.14 23.80
N LYS C 384 -61.37 19.14 24.24
CA LYS C 384 -62.42 18.32 23.66
C LYS C 384 -63.08 18.98 22.46
N ASP C 385 -62.97 20.29 22.32
CA ASP C 385 -63.51 21.00 21.17
C ASP C 385 -62.75 20.58 19.91
N ASP C 386 -63.49 20.11 18.91
CA ASP C 386 -62.90 19.68 17.64
C ASP C 386 -62.84 20.80 16.62
N SER C 387 -63.49 21.93 16.87
CA SER C 387 -63.43 23.09 16.00
C SER C 387 -62.24 23.99 16.28
N ILE C 388 -61.40 23.63 17.25
CA ILE C 388 -60.25 24.44 17.66
C ILE C 388 -58.98 23.80 17.13
N ARG C 389 -58.15 24.60 16.45
CA ARG C 389 -56.86 24.13 15.99
C ARG C 389 -55.99 23.80 17.19
N LYS C 390 -55.55 22.55 17.30
CA LYS C 390 -54.79 22.11 18.46
C LYS C 390 -53.65 21.19 18.03
N GLN C 391 -52.88 20.77 19.02
CA GLN C 391 -51.71 19.91 18.81
C GLN C 391 -51.44 19.19 20.11
N ARG C 392 -51.41 17.86 20.08
CA ARG C 392 -51.15 17.08 21.28
C ARG C 392 -49.68 16.69 21.29
N VAL C 393 -49.04 16.86 22.45
CA VAL C 393 -47.66 16.49 22.66
C VAL C 393 -47.56 15.78 24.00
N LYS C 394 -46.78 14.71 24.05
CA LYS C 394 -46.53 14.04 25.33
C LYS C 394 -45.85 14.98 26.31
N ALA C 395 -46.50 15.20 27.46
CA ALA C 395 -45.93 16.07 28.48
C ALA C 395 -44.54 15.60 28.88
N VAL C 396 -44.30 14.28 28.85
CA VAL C 396 -42.98 13.77 29.16
C VAL C 396 -41.95 14.24 28.14
N GLU C 397 -42.37 14.39 26.87
CA GLU C 397 -41.44 14.82 25.84
C GLU C 397 -41.24 16.33 25.86
N LEU C 398 -42.34 17.08 26.03
CA LEU C 398 -42.25 18.54 26.04
C LEU C 398 -41.38 19.03 27.18
N PHE C 399 -41.54 18.45 28.37
CA PHE C 399 -40.71 18.83 29.51
C PHE C 399 -39.25 18.45 29.27
N SER C 400 -39.01 17.31 28.61
CA SER C 400 -37.63 16.90 28.32
C SER C 400 -36.95 17.88 27.37
N LEU C 401 -37.64 18.30 26.31
CA LEU C 401 -37.07 19.26 25.38
C LEU C 401 -36.70 20.55 26.10
N MET C 402 -37.60 21.06 26.94
CA MET C 402 -37.35 22.30 27.67
C MET C 402 -36.15 22.17 28.59
N MET C 403 -36.15 21.15 29.44
CA MET C 403 -35.05 20.97 30.38
C MET C 403 -33.74 20.68 29.67
N GLN C 404 -33.81 20.08 28.47
CA GLN C 404 -32.59 19.83 27.71
C GLN C 404 -32.04 21.13 27.13
N GLU C 405 -32.93 22.01 26.68
CA GLU C 405 -32.49 23.32 26.21
C GLU C 405 -32.11 24.22 27.38
N ARG C 406 -32.73 24.02 28.54
CA ARG C 406 -32.28 24.74 29.73
C ARG C 406 -30.90 24.27 30.16
N ALA C 407 -30.61 22.98 29.99
CA ALA C 407 -29.31 22.45 30.38
C ALA C 407 -28.22 22.94 29.44
N SER C 408 -28.43 22.80 28.13
CA SER C 408 -27.38 23.15 27.18
C SER C 408 -27.11 24.65 27.17
N THR C 409 -28.17 25.46 27.13
CA THR C 409 -28.00 26.91 27.06
C THR C 409 -27.82 27.57 28.41
N GLY C 410 -28.45 27.04 29.45
CA GLY C 410 -28.39 27.67 30.76
C GLY C 410 -29.26 28.89 30.91
N ARG C 411 -29.87 29.36 29.82
CA ARG C 411 -30.64 30.60 29.83
C ARG C 411 -32.10 30.37 29.45
N ILE C 412 -32.60 29.15 29.59
CA ILE C 412 -34.02 28.86 29.41
C ILE C 412 -34.60 28.81 30.81
N TYR C 413 -35.31 29.87 31.18
CA TYR C 413 -35.80 30.05 32.54
C TYR C 413 -37.23 29.56 32.65
N ILE C 414 -37.70 29.43 33.89
CA ILE C 414 -39.02 28.88 34.19
C ILE C 414 -39.71 29.81 35.16
N GLN C 415 -40.98 30.13 34.88
CA GLN C 415 -41.78 30.97 35.75
C GLN C 415 -43.10 30.26 36.03
N ASN C 416 -43.28 29.83 37.27
CA ASN C 416 -44.53 29.22 37.71
C ASN C 416 -45.57 30.32 37.90
N VAL C 417 -46.43 30.49 36.90
CA VAL C 417 -47.38 31.60 36.91
C VAL C 417 -48.46 31.41 37.97
N ASP C 418 -48.78 30.15 38.32
CA ASP C 418 -49.80 29.92 39.34
C ASP C 418 -49.30 30.32 40.72
N HIS C 419 -48.02 30.06 41.02
CA HIS C 419 -47.44 30.51 42.27
C HIS C 419 -47.29 32.03 42.33
N CYS C 420 -47.04 32.67 41.19
CA CYS C 420 -46.82 34.11 41.15
C CYS C 420 -48.10 34.91 41.39
N ASN C 421 -49.24 34.26 41.65
CA ASN C 421 -50.47 34.98 41.92
C ASN C 421 -51.15 34.48 43.19
N THR C 422 -50.96 33.19 43.53
CA THR C 422 -51.47 32.68 44.79
C THR C 422 -50.70 33.25 45.98
N HIS C 423 -49.39 33.42 45.81
CA HIS C 423 -48.52 33.99 46.84
C HIS C 423 -47.95 35.29 46.31
N SER C 424 -48.82 36.25 46.03
CA SER C 424 -48.40 37.50 45.42
C SER C 424 -48.90 38.68 46.25
N PRO C 425 -48.26 39.84 46.13
CA PRO C 425 -48.77 41.05 46.77
C PRO C 425 -49.76 41.79 45.87
N PHE C 426 -50.31 41.11 44.88
CA PHE C 426 -51.27 41.70 43.96
C PHE C 426 -52.49 40.81 43.84
N ASP C 427 -53.65 41.44 43.61
CA ASP C 427 -54.90 40.74 43.40
C ASP C 427 -54.99 40.32 41.94
N PRO C 428 -54.94 39.01 41.65
CA PRO C 428 -55.03 38.57 40.25
C PRO C 428 -56.28 39.03 39.53
N ALA C 429 -57.35 39.32 40.25
CA ALA C 429 -58.57 39.81 39.62
C ALA C 429 -58.41 41.22 39.06
N ILE C 430 -57.62 42.06 39.74
CA ILE C 430 -57.46 43.46 39.35
C ILE C 430 -56.23 43.66 38.49
N ALA C 431 -55.08 43.20 38.97
CA ALA C 431 -53.80 43.40 38.28
C ALA C 431 -52.98 42.13 38.39
N PRO C 432 -53.23 41.16 37.51
CA PRO C 432 -52.50 39.89 37.58
C PRO C 432 -51.07 40.05 37.08
N VAL C 433 -50.20 39.16 37.56
CA VAL C 433 -48.82 39.10 37.11
C VAL C 433 -48.74 38.10 35.96
N ARG C 434 -48.27 38.57 34.80
CA ARG C 434 -48.22 37.72 33.61
C ARG C 434 -46.83 37.61 33.00
N GLN C 435 -45.77 37.97 33.73
CA GLN C 435 -44.44 38.00 33.14
C GLN C 435 -43.40 38.28 34.23
N SER C 436 -42.13 38.19 33.85
CA SER C 436 -41.01 38.54 34.71
C SER C 436 -40.04 39.39 33.89
N ASN C 437 -38.81 39.53 34.40
CA ASN C 437 -37.79 40.40 33.84
C ASN C 437 -36.60 39.59 33.31
N LEU C 438 -35.45 40.25 33.19
CA LEU C 438 -34.26 39.62 32.64
C LEU C 438 -33.73 38.52 33.55
N CYS C 439 -33.63 38.80 34.85
CA CYS C 439 -33.01 37.89 35.80
C CYS C 439 -34.02 37.13 36.65
N LEU C 440 -35.31 37.23 36.32
CA LEU C 440 -36.34 36.35 36.87
C LEU C 440 -36.53 36.50 38.38
N GLU C 441 -36.36 37.73 38.88
CA GLU C 441 -36.65 38.02 40.28
C GLU C 441 -37.77 39.03 40.47
N ILE C 442 -38.32 39.58 39.38
CA ILE C 442 -39.35 40.61 39.43
C ILE C 442 -40.66 40.02 38.94
N ALA C 443 -41.75 40.30 39.65
CA ALA C 443 -43.09 39.86 39.26
C ALA C 443 -44.06 41.01 39.51
N LEU C 444 -44.40 41.75 38.45
CA LEU C 444 -45.23 42.94 38.55
C LEU C 444 -46.29 42.96 37.46
N PRO C 445 -47.44 43.60 37.71
CA PRO C 445 -48.51 43.61 36.71
C PRO C 445 -48.18 44.48 35.51
N THR C 446 -48.78 44.11 34.37
CA THR C 446 -48.55 44.79 33.10
C THR C 446 -49.83 44.80 32.28
N LYS C 447 -49.93 45.79 31.40
CA LYS C 447 -51.02 45.90 30.43
C LYS C 447 -50.40 46.33 29.09
N PRO C 448 -50.68 45.61 28.01
CA PRO C 448 -50.04 45.93 26.72
C PRO C 448 -50.44 47.32 26.21
N LEU C 449 -49.63 47.83 25.30
CA LEU C 449 -49.80 49.17 24.76
C LEU C 449 -50.37 49.12 23.35
N ASN C 450 -51.06 50.20 22.98
CA ASN C 450 -51.58 50.38 21.62
C ASN C 450 -50.73 51.31 20.79
N ASP C 451 -50.05 52.26 21.42
CA ASP C 451 -49.07 53.13 20.78
C ASP C 451 -47.87 53.20 21.71
N VAL C 452 -46.78 53.80 21.21
CA VAL C 452 -45.63 54.07 22.08
C VAL C 452 -46.04 54.89 23.28
N ASN C 453 -47.04 55.76 23.11
CA ASN C 453 -47.51 56.65 24.16
C ASN C 453 -48.93 56.29 24.60
N ASP C 454 -49.32 55.03 24.46
CA ASP C 454 -50.64 54.61 24.89
C ASP C 454 -50.78 54.85 26.39
N GLU C 455 -51.71 55.74 26.74
CA GLU C 455 -51.89 56.08 28.15
C GLU C 455 -52.48 54.92 28.95
N ASN C 456 -53.26 54.05 28.29
CA ASN C 456 -53.98 53.00 28.98
C ASN C 456 -53.15 51.74 29.25
N GLY C 457 -52.00 51.59 28.58
CA GLY C 457 -51.12 50.48 28.87
C GLY C 457 -50.32 50.70 30.15
N GLU C 458 -49.68 49.62 30.62
CA GLU C 458 -48.84 49.70 31.81
C GLU C 458 -47.56 48.90 31.60
N ILE C 459 -46.43 49.58 31.74
CA ILE C 459 -45.10 48.95 31.77
C ILE C 459 -44.62 49.04 33.22
N ALA C 460 -44.27 47.89 33.79
CA ALA C 460 -43.88 47.82 35.20
C ALA C 460 -42.39 48.11 35.37
N LEU C 461 -42.07 49.06 36.24
CA LEU C 461 -40.69 49.38 36.59
C LEU C 461 -40.43 49.01 38.04
N CYS C 462 -39.23 48.49 38.30
CA CYS C 462 -38.79 48.15 39.65
C CYS C 462 -37.40 48.70 39.88
N THR C 463 -37.22 49.39 41.01
CA THR C 463 -35.94 49.94 41.42
C THR C 463 -35.37 49.10 42.56
N LEU C 464 -34.06 48.85 42.53
CA LEU C 464 -33.45 47.82 43.37
C LEU C 464 -32.46 48.41 44.38
N SER C 465 -32.12 47.57 45.36
CA SER C 465 -31.08 47.81 46.37
C SER C 465 -30.96 46.52 47.18
N ALA C 466 -29.90 46.45 47.98
CA ALA C 466 -29.63 45.22 48.72
C ALA C 466 -29.12 45.52 50.12
N PHE C 467 -29.41 44.60 51.05
CA PHE C 467 -28.85 44.62 52.39
C PHE C 467 -27.61 43.72 52.44
N ASN C 468 -26.53 44.24 52.99
CA ASN C 468 -25.30 43.47 53.14
C ASN C 468 -25.41 42.67 54.44
N LEU C 469 -25.74 41.39 54.32
CA LEU C 469 -25.92 40.55 55.50
C LEU C 469 -24.62 40.36 56.27
N GLY C 470 -23.47 40.50 55.61
CA GLY C 470 -22.21 40.45 56.32
C GLY C 470 -21.94 41.71 57.12
N ALA C 471 -22.53 42.84 56.70
CA ALA C 471 -22.25 44.13 57.34
C ALA C 471 -23.00 44.31 58.65
N ILE C 472 -24.15 43.65 58.81
CA ILE C 472 -24.94 43.78 60.04
C ILE C 472 -24.44 42.78 61.07
N ASN C 473 -24.56 43.16 62.35
CA ASN C 473 -24.22 42.29 63.46
C ASN C 473 -25.44 41.86 64.26
N ASN C 474 -26.61 42.43 63.98
CA ASN C 474 -27.85 42.07 64.64
C ASN C 474 -28.99 42.37 63.69
N LEU C 475 -30.00 41.48 63.69
CA LEU C 475 -31.09 41.59 62.72
C LEU C 475 -31.89 42.87 62.90
N ASP C 476 -31.93 43.42 64.12
CA ASP C 476 -32.69 44.64 64.37
C ASP C 476 -32.03 45.89 63.81
N GLU C 477 -30.75 45.83 63.45
CA GLU C 477 -30.12 46.94 62.75
C GLU C 477 -30.77 47.17 61.38
N LEU C 478 -31.44 46.14 60.84
CA LEU C 478 -32.09 46.26 59.54
C LEU C 478 -33.23 47.28 59.56
N GLU C 479 -33.87 47.46 60.71
CA GLU C 479 -34.98 48.39 60.81
C GLU C 479 -34.58 49.79 60.37
N GLU C 480 -33.46 50.29 60.90
CA GLU C 480 -32.99 51.61 60.51
C GLU C 480 -32.50 51.58 59.06
N LEU C 481 -31.86 50.48 58.64
CA LEU C 481 -31.40 50.37 57.26
C LEU C 481 -32.58 50.27 56.30
N ALA C 482 -33.66 49.60 56.71
CA ALA C 482 -34.84 49.50 55.85
C ALA C 482 -35.46 50.88 55.64
N ILE C 483 -35.42 51.74 56.65
CA ILE C 483 -35.93 53.10 56.51
C ILE C 483 -35.12 53.85 55.46
N LEU C 484 -33.79 53.87 55.62
CA LEU C 484 -32.93 54.62 54.71
C LEU C 484 -33.03 54.11 53.27
N ALA C 485 -33.11 52.78 53.09
CA ALA C 485 -33.14 52.23 51.74
C ALA C 485 -34.44 52.56 51.03
N VAL C 486 -35.57 52.34 51.69
CA VAL C 486 -36.87 52.60 51.06
C VAL C 486 -37.02 54.09 50.73
N ARG C 487 -36.61 54.95 51.66
CA ARG C 487 -36.72 56.39 51.43
C ARG C 487 -35.96 56.81 50.17
N ALA C 488 -34.73 56.30 50.02
CA ALA C 488 -33.92 56.68 48.87
C ALA C 488 -34.52 56.18 47.56
N LEU C 489 -35.03 54.96 47.55
CA LEU C 489 -35.61 54.41 46.33
C LEU C 489 -36.97 55.04 46.05
N ASP C 490 -37.75 55.32 47.09
CA ASP C 490 -39.06 55.94 46.88
C ASP C 490 -38.91 57.38 46.39
N ALA C 491 -37.99 58.14 46.99
CA ALA C 491 -37.73 59.48 46.51
C ALA C 491 -37.07 59.47 45.15
N LEU C 492 -36.37 58.38 44.83
CA LEU C 492 -35.79 58.23 43.50
C LEU C 492 -36.87 58.19 42.42
N LEU C 493 -38.04 57.62 42.74
CA LEU C 493 -39.10 57.50 41.75
C LEU C 493 -39.62 58.86 41.29
N ASP C 494 -39.69 59.84 42.19
CA ASP C 494 -40.12 61.18 41.81
C ASP C 494 -39.03 61.98 41.14
N TYR C 495 -37.76 61.63 41.36
CA TYR C 495 -36.64 62.42 40.86
C TYR C 495 -36.29 62.12 39.41
N GLN C 496 -36.49 60.88 38.97
CA GLN C 496 -36.04 60.46 37.65
C GLN C 496 -37.08 60.77 36.57
N ASP C 497 -36.67 60.56 35.32
CA ASP C 497 -37.51 60.78 34.16
C ASP C 497 -38.07 59.45 33.65
N TYR C 498 -39.08 59.54 32.79
CA TYR C 498 -39.76 58.36 32.26
C TYR C 498 -39.95 58.52 30.76
N PRO C 499 -39.10 57.88 29.96
CA PRO C 499 -39.18 58.05 28.50
C PRO C 499 -40.45 57.51 27.86
N ILE C 500 -41.19 56.63 28.53
CA ILE C 500 -42.40 56.02 28.00
C ILE C 500 -43.56 56.38 28.92
N PRO C 501 -44.65 56.94 28.41
CA PRO C 501 -45.79 57.29 29.29
C PRO C 501 -46.33 56.12 30.09
N ALA C 502 -46.56 54.96 29.44
CA ALA C 502 -47.14 53.82 30.13
C ALA C 502 -46.22 53.30 31.24
N ALA C 503 -44.90 53.50 31.10
CA ALA C 503 -43.98 53.06 32.14
C ALA C 503 -44.10 53.93 33.39
N LYS C 504 -44.27 55.24 33.20
CA LYS C 504 -44.45 56.14 34.33
C LYS C 504 -45.70 55.80 35.13
N ARG C 505 -46.76 55.35 34.44
CA ARG C 505 -48.00 55.02 35.13
C ARG C 505 -47.82 53.85 36.09
N GLY C 506 -47.13 52.79 35.65
CA GLY C 506 -46.86 51.69 36.55
C GLY C 506 -45.96 52.10 37.70
N ALA C 507 -44.89 52.84 37.40
CA ALA C 507 -43.94 53.24 38.44
C ALA C 507 -44.57 54.19 39.45
N MET C 508 -45.51 55.04 39.02
CA MET C 508 -46.10 56.02 39.93
C MET C 508 -47.35 55.52 40.63
N GLY C 509 -48.12 54.64 39.98
CA GLY C 509 -49.33 54.12 40.60
C GLY C 509 -49.05 53.01 41.58
N ARG C 510 -48.02 52.20 41.32
CA ARG C 510 -47.65 51.11 42.20
C ARG C 510 -46.44 51.43 43.07
N ARG C 511 -45.55 52.28 42.56
CA ARG C 511 -44.31 52.65 43.26
C ARG C 511 -43.55 51.41 43.72
N THR C 512 -43.46 50.42 42.82
CA THR C 512 -42.83 49.15 43.15
C THR C 512 -41.32 49.30 43.20
N LEU C 513 -40.73 48.88 44.31
CA LEU C 513 -39.29 48.78 44.46
C LEU C 513 -38.93 47.34 44.83
N GLY C 514 -37.67 46.98 44.58
CA GLY C 514 -37.21 45.62 44.86
C GLY C 514 -35.90 45.52 45.62
N ILE C 515 -35.97 45.47 46.95
CA ILE C 515 -34.78 45.43 47.80
C ILE C 515 -34.47 43.98 48.14
N GLY C 516 -33.20 43.59 47.94
CA GLY C 516 -32.77 42.22 48.17
C GLY C 516 -31.64 42.09 49.17
N VAL C 517 -30.83 41.03 49.05
CA VAL C 517 -29.73 40.78 49.98
C VAL C 517 -28.48 40.42 49.19
N ILE C 518 -27.32 40.69 49.79
CA ILE C 518 -26.03 40.22 49.30
C ILE C 518 -25.26 39.63 50.48
N ASN C 519 -24.11 39.03 50.16
CA ASN C 519 -23.22 38.44 51.16
C ASN C 519 -23.93 37.39 52.01
N PHE C 520 -24.85 36.65 51.39
CA PHE C 520 -25.59 35.63 52.12
C PHE C 520 -24.71 34.44 52.44
N ALA C 521 -23.81 34.07 51.53
CA ALA C 521 -22.90 32.96 51.78
C ALA C 521 -21.95 33.28 52.93
N TYR C 522 -21.38 34.49 52.94
CA TYR C 522 -20.56 34.92 54.08
C TYR C 522 -21.39 35.01 55.35
N TYR C 523 -22.69 35.29 55.21
CA TYR C 523 -23.58 35.34 56.37
C TYR C 523 -23.75 33.96 56.99
N LEU C 524 -23.87 32.92 56.16
CA LEU C 524 -23.96 31.57 56.70
C LEU C 524 -22.62 31.14 57.31
N ALA C 525 -21.51 31.58 56.72
CA ALA C 525 -20.20 31.25 57.26
C ALA C 525 -20.02 31.85 58.65
N LYS C 526 -20.52 33.07 58.86
CA LYS C 526 -20.43 33.68 60.18
C LYS C 526 -21.30 32.94 61.19
N HIS C 527 -22.36 32.29 60.72
CA HIS C 527 -23.28 31.54 61.58
C HIS C 527 -23.00 30.04 61.58
N GLY C 528 -21.92 29.60 60.94
CA GLY C 528 -21.59 28.18 60.91
C GLY C 528 -22.68 27.31 60.33
N LYS C 529 -23.31 27.76 59.24
CA LYS C 529 -24.38 27.04 58.58
C LYS C 529 -23.95 26.71 57.15
N ARG C 530 -24.75 25.89 56.48
CA ARG C 530 -24.45 25.46 55.12
C ARG C 530 -25.73 25.44 54.29
N TYR C 531 -25.56 25.49 52.97
CA TYR C 531 -26.71 25.45 52.08
C TYR C 531 -27.33 24.06 52.04
N SER C 532 -26.51 23.03 51.80
CA SER C 532 -26.98 21.73 51.37
C SER C 532 -27.59 20.91 52.51
N ASP C 533 -26.95 20.89 53.68
CA ASP C 533 -27.41 20.01 54.75
C ASP C 533 -28.76 20.42 55.32
N GLY C 534 -29.15 21.68 55.16
CA GLY C 534 -30.39 22.18 55.72
C GLY C 534 -30.26 22.82 57.09
N SER C 535 -29.04 23.06 57.55
CA SER C 535 -28.80 23.67 58.85
C SER C 535 -29.10 25.17 58.86
N ALA C 536 -29.30 25.78 57.70
CA ALA C 536 -29.61 27.19 57.60
C ALA C 536 -31.11 27.44 57.43
N ASN C 537 -31.92 26.37 57.37
CA ASN C 537 -33.35 26.52 57.14
C ASN C 537 -34.00 27.41 58.19
N ASN C 538 -33.84 27.07 59.47
CA ASN C 538 -34.44 27.87 60.53
C ASN C 538 -33.80 29.24 60.62
N LEU C 539 -32.50 29.35 60.33
CA LEU C 539 -31.86 30.65 60.30
C LEU C 539 -32.39 31.50 59.15
N THR C 540 -32.59 30.89 57.98
CA THR C 540 -33.13 31.62 56.83
C THR C 540 -34.54 32.13 57.12
N HIS C 541 -35.38 31.30 57.73
CA HIS C 541 -36.72 31.76 58.09
C HIS C 541 -36.64 32.93 59.07
N LYS C 542 -35.76 32.84 60.06
CA LYS C 542 -35.59 33.94 61.01
C LYS C 542 -35.05 35.19 60.32
N THR C 543 -34.10 35.01 59.40
CA THR C 543 -33.45 36.16 58.77
C THR C 543 -34.41 36.91 57.86
N PHE C 544 -35.06 36.20 56.93
CA PHE C 544 -35.90 36.88 55.94
C PHE C 544 -37.25 37.32 56.49
N GLU C 545 -37.68 36.76 57.62
CA GLU C 545 -38.80 37.34 58.35
C GLU C 545 -38.48 38.76 58.80
N ALA C 546 -37.30 38.94 59.40
CA ALA C 546 -36.88 40.26 59.85
C ALA C 546 -36.74 41.22 58.67
N ILE C 547 -36.23 40.73 57.54
CA ILE C 547 -36.05 41.58 56.37
C ILE C 547 -37.40 42.09 55.87
N GLN C 548 -38.37 41.20 55.70
CA GLN C 548 -39.66 41.59 55.18
C GLN C 548 -40.44 42.43 56.18
N TYR C 549 -40.33 42.08 57.47
CA TYR C 549 -41.03 42.86 58.50
C TYR C 549 -40.56 44.30 58.52
N TYR C 550 -39.24 44.49 58.59
CA TYR C 550 -38.68 45.84 58.67
C TYR C 550 -38.87 46.63 57.38
N LEU C 551 -39.00 45.95 56.24
CA LEU C 551 -39.30 46.63 54.98
C LEU C 551 -40.75 47.10 54.94
N LEU C 552 -41.68 46.21 55.30
CA LEU C 552 -43.09 46.59 55.36
C LEU C 552 -43.32 47.75 56.32
N LYS C 553 -42.75 47.66 57.52
CA LYS C 553 -42.89 48.74 58.49
C LYS C 553 -42.28 50.03 57.96
N ALA C 554 -41.19 49.93 57.20
CA ALA C 554 -40.58 51.13 56.62
C ALA C 554 -41.49 51.73 55.56
N SER C 555 -42.08 50.90 54.70
CA SER C 555 -42.99 51.43 53.68
C SER C 555 -44.33 51.85 54.28
N ASN C 556 -44.73 51.21 55.38
CA ASN C 556 -45.98 51.58 56.05
C ASN C 556 -45.86 52.94 56.74
N GLU C 557 -44.72 53.18 57.41
CA GLU C 557 -44.53 54.49 58.04
C GLU C 557 -44.42 55.60 57.00
N LEU C 558 -43.79 55.31 55.86
CA LEU C 558 -43.74 56.27 54.76
C LEU C 558 -45.14 56.50 54.18
N ALA C 559 -46.01 55.50 54.25
CA ALA C 559 -47.40 55.70 53.82
C ALA C 559 -48.12 56.66 54.75
N LYS C 560 -47.77 56.66 56.04
CA LYS C 560 -48.34 57.66 56.94
C LYS C 560 -47.89 59.06 56.57
N GLU C 561 -46.60 59.22 56.26
CA GLU C 561 -46.02 60.55 56.05
C GLU C 561 -46.46 61.15 54.72
N GLN C 562 -46.51 60.34 53.66
CA GLN C 562 -46.74 60.85 52.32
C GLN C 562 -47.96 60.23 51.63
N GLY C 563 -48.65 59.30 52.28
CA GLY C 563 -49.80 58.67 51.67
C GLY C 563 -49.41 57.42 50.90
N ALA C 564 -50.21 56.37 50.99
CA ALA C 564 -49.94 55.15 50.25
C ALA C 564 -49.98 55.41 48.75
N CYS C 565 -49.42 54.47 47.98
CA CYS C 565 -49.39 54.61 46.54
C CYS C 565 -50.80 54.63 45.95
N PRO C 566 -51.02 55.39 44.88
CA PRO C 566 -52.39 55.58 44.36
C PRO C 566 -53.15 54.28 44.12
N TRP C 567 -52.47 53.25 43.60
CA TRP C 567 -53.11 51.99 43.24
C TRP C 567 -52.94 50.94 44.33
N PHE C 568 -52.85 51.37 45.60
CA PHE C 568 -52.66 50.44 46.69
C PHE C 568 -53.81 49.45 46.83
N ASN C 569 -55.03 49.85 46.45
CA ASN C 569 -56.19 48.98 46.58
C ASN C 569 -56.08 47.73 45.72
N GLU C 570 -55.29 47.76 44.65
CA GLU C 570 -55.16 46.61 43.78
C GLU C 570 -54.27 45.52 44.37
N THR C 571 -53.65 45.77 45.52
CA THR C 571 -52.73 44.83 46.14
C THR C 571 -53.46 43.94 47.14
N THR C 572 -52.88 42.75 47.39
CA THR C 572 -53.41 41.88 48.43
C THR C 572 -53.14 42.42 49.83
N TYR C 573 -52.17 43.32 49.97
CA TYR C 573 -51.96 43.96 51.26
C TYR C 573 -53.16 44.81 51.66
N ALA C 574 -53.81 45.45 50.68
CA ALA C 574 -54.97 46.28 50.98
C ALA C 574 -56.07 45.48 51.67
N LYS C 575 -56.26 44.23 51.27
CA LYS C 575 -57.27 43.37 51.90
C LYS C 575 -56.80 42.78 53.22
N GLY C 576 -55.67 43.25 53.75
CA GLY C 576 -55.16 42.77 55.02
C GLY C 576 -54.45 41.44 54.96
N ILE C 577 -54.04 40.99 53.77
CA ILE C 577 -53.38 39.71 53.60
C ILE C 577 -51.87 39.93 53.51
N LEU C 578 -51.12 39.15 54.27
CA LEU C 578 -49.67 39.23 54.33
C LEU C 578 -49.03 38.02 53.66
N PRO C 579 -47.74 38.10 53.30
CA PRO C 579 -47.07 36.92 52.72
C PRO C 579 -47.09 35.70 53.63
N ILE C 580 -47.18 35.89 54.94
CA ILE C 580 -47.15 34.79 55.89
C ILE C 580 -48.44 33.98 55.85
N ASP C 581 -49.41 34.41 55.03
CA ASP C 581 -50.68 33.72 54.89
C ASP C 581 -50.80 32.90 53.62
N THR C 582 -50.30 33.41 52.49
CA THR C 582 -50.54 32.81 51.18
C THR C 582 -49.40 31.91 50.72
N TYR C 583 -48.36 31.72 51.53
CA TYR C 583 -47.21 30.96 51.10
C TYR C 583 -47.56 29.49 50.91
N LYS C 584 -46.68 28.78 50.21
CA LYS C 584 -46.90 27.36 49.95
C LYS C 584 -46.79 26.59 51.25
N LYS C 585 -47.87 25.89 51.63
CA LYS C 585 -47.93 25.25 52.93
C LYS C 585 -46.91 24.11 53.08
N ASP C 586 -46.35 23.61 51.97
CA ASP C 586 -45.34 22.58 52.06
C ASP C 586 -44.08 23.06 52.79
N LEU C 587 -43.89 24.38 52.89
CA LEU C 587 -42.74 24.91 53.60
C LEU C 587 -42.73 24.56 55.08
N ASP C 588 -43.89 24.20 55.63
CA ASP C 588 -43.97 23.88 57.06
C ASP C 588 -43.27 22.58 57.40
N THR C 589 -42.86 21.79 56.40
CA THR C 589 -42.17 20.53 56.63
C THR C 589 -40.66 20.65 56.54
N ILE C 590 -40.12 21.86 56.37
CA ILE C 590 -38.66 22.04 56.26
C ILE C 590 -38.19 23.18 57.15
N ALA C 591 -39.09 23.73 57.96
CA ALA C 591 -38.74 24.83 58.85
C ALA C 591 -39.77 24.93 59.95
N ASN C 592 -39.32 24.81 61.20
CA ASN C 592 -40.18 24.97 62.37
C ASN C 592 -39.86 26.26 63.14
N GLU C 593 -39.11 27.17 62.54
CA GLU C 593 -38.79 28.43 63.21
C GLU C 593 -40.06 29.26 63.38
N PRO C 594 -40.32 29.78 64.58
CA PRO C 594 -41.53 30.59 64.80
C PRO C 594 -41.33 32.04 64.35
N LEU C 595 -42.44 32.74 64.27
CA LEU C 595 -42.40 34.18 64.04
C LEU C 595 -41.96 34.92 65.29
N HIS C 596 -41.11 35.93 65.11
CA HIS C 596 -40.56 36.69 66.21
C HIS C 596 -41.07 38.11 66.29
N TYR C 597 -41.62 38.65 65.21
CA TYR C 597 -42.05 40.03 65.15
C TYR C 597 -43.57 40.13 65.13
N ASP C 598 -44.07 41.30 65.55
CA ASP C 598 -45.51 41.54 65.70
C ASP C 598 -46.12 41.72 64.32
N TRP C 599 -46.47 40.60 63.68
CA TRP C 599 -47.07 40.65 62.36
C TRP C 599 -48.53 41.06 62.40
N GLU C 600 -49.25 40.71 63.49
CA GLU C 600 -50.66 41.06 63.58
C GLU C 600 -50.86 42.56 63.81
N ALA C 601 -49.95 43.20 64.55
CA ALA C 601 -50.02 44.65 64.69
C ALA C 601 -49.61 45.33 63.39
N LEU C 602 -48.63 44.76 62.68
CA LEU C 602 -48.28 45.29 61.37
C LEU C 602 -49.39 45.05 60.35
N ARG C 603 -50.05 43.88 60.42
CA ARG C 603 -51.18 43.62 59.53
C ARG C 603 -52.28 44.67 59.73
N GLU C 604 -52.57 45.01 60.98
CA GLU C 604 -53.55 46.05 61.26
C GLU C 604 -53.06 47.40 60.77
N SER C 605 -51.76 47.70 60.98
CA SER C 605 -51.20 48.97 60.55
C SER C 605 -51.21 49.12 59.03
N ILE C 606 -50.99 48.02 58.30
CA ILE C 606 -51.07 48.08 56.85
C ILE C 606 -52.53 48.22 56.42
N LYS C 607 -53.43 47.48 57.08
CA LYS C 607 -54.86 47.60 56.82
C LYS C 607 -55.35 49.03 56.97
N THR C 608 -54.73 49.79 57.86
CA THR C 608 -55.18 51.13 58.22
C THR C 608 -54.54 52.21 57.36
N HIS C 609 -53.20 52.29 57.38
CA HIS C 609 -52.48 53.38 56.72
C HIS C 609 -51.98 53.03 55.34
N GLY C 610 -51.96 51.74 54.99
CA GLY C 610 -51.51 51.32 53.68
C GLY C 610 -50.00 51.21 53.59
N LEU C 611 -49.54 51.02 52.35
CA LEU C 611 -48.11 50.93 52.05
C LEU C 611 -47.76 51.91 50.94
N ARG C 612 -46.66 52.62 51.13
CA ARG C 612 -46.20 53.56 50.12
C ARG C 612 -45.81 52.86 48.83
N ASN C 613 -45.40 51.59 48.92
CA ASN C 613 -44.90 50.85 47.77
C ASN C 613 -45.62 49.51 47.68
N SER C 614 -46.04 49.15 46.47
CA SER C 614 -46.77 47.89 46.28
C SER C 614 -45.89 46.67 46.48
N THR C 615 -44.60 46.76 46.15
CA THR C 615 -43.65 45.69 46.39
C THR C 615 -42.40 46.27 47.05
N LEU C 616 -41.72 45.42 47.83
CA LEU C 616 -40.53 45.86 48.57
C LEU C 616 -39.34 44.92 48.40
N SER C 617 -39.56 43.61 48.44
CA SER C 617 -38.46 42.65 48.46
C SER C 617 -38.38 41.89 47.14
N ALA C 618 -37.15 41.67 46.68
CA ALA C 618 -36.86 40.83 45.52
C ALA C 618 -35.37 40.52 45.54
N LEU C 619 -35.02 39.24 45.44
CA LEU C 619 -33.63 38.82 45.58
C LEU C 619 -32.99 38.73 44.19
N MET C 620 -32.26 39.76 43.82
CA MET C 620 -31.56 39.78 42.55
C MET C 620 -30.15 39.24 42.72
N PRO C 621 -29.51 38.82 41.63
CA PRO C 621 -28.17 38.22 41.77
C PRO C 621 -27.11 39.22 42.23
N SER C 622 -27.29 40.51 41.95
CA SER C 622 -26.29 41.52 42.28
C SER C 622 -24.91 41.12 41.74
N GLU C 623 -24.90 40.68 40.49
CA GLU C 623 -23.67 40.16 39.88
C GLU C 623 -22.55 41.19 39.93
N THR C 624 -22.89 42.45 39.67
CA THR C 624 -21.92 43.54 39.67
C THR C 624 -21.95 44.36 40.95
N SER C 625 -23.15 44.71 41.46
CA SER C 625 -23.25 45.62 42.58
C SER C 625 -22.66 45.04 43.85
N SER C 626 -22.73 43.72 44.03
CA SER C 626 -22.15 43.11 45.22
C SER C 626 -20.64 43.13 45.21
N GLN C 627 -20.02 43.22 44.02
CA GLN C 627 -18.57 43.27 43.95
C GLN C 627 -17.99 44.52 44.59
N ILE C 628 -18.79 45.58 44.71
CA ILE C 628 -18.30 46.82 45.33
C ILE C 628 -17.95 46.57 46.79
N SER C 629 -18.79 45.82 47.51
CA SER C 629 -18.52 45.47 48.89
C SER C 629 -17.78 44.14 49.03
N ASN C 630 -17.22 43.64 47.93
CA ASN C 630 -16.53 42.34 47.91
C ASN C 630 -17.40 41.23 48.51
N ALA C 631 -18.71 41.37 48.35
CA ALA C 631 -19.66 40.43 48.89
C ALA C 631 -19.91 39.29 47.92
N THR C 632 -20.31 38.15 48.46
CA THR C 632 -20.76 37.05 47.62
C THR C 632 -22.08 37.43 46.96
N ASN C 633 -22.13 37.32 45.64
CA ASN C 633 -23.25 37.88 44.88
C ASN C 633 -24.57 37.24 45.29
N GLY C 634 -25.51 38.07 45.74
CA GLY C 634 -26.84 37.62 46.10
C GLY C 634 -26.81 36.51 47.13
N ILE C 635 -27.67 35.51 46.92
CA ILE C 635 -27.74 34.35 47.79
C ILE C 635 -26.91 33.19 47.25
N GLU C 636 -26.22 33.37 46.13
CA GLU C 636 -25.49 32.29 45.50
C GLU C 636 -24.19 31.99 46.27
N PRO C 637 -23.86 30.72 46.45
CA PRO C 637 -22.57 30.37 47.06
C PRO C 637 -21.42 30.68 46.11
N PRO C 638 -20.30 31.17 46.63
CA PRO C 638 -19.18 31.53 45.75
C PRO C 638 -18.62 30.31 45.06
N ARG C 639 -18.18 30.51 43.81
CA ARG C 639 -17.64 29.39 43.03
C ARG C 639 -16.34 28.88 43.63
N GLY C 640 -15.54 29.75 44.24
CA GLY C 640 -14.32 29.34 44.90
C GLY C 640 -13.90 30.35 45.92
N TYR C 641 -12.90 29.98 46.71
CA TYR C 641 -12.33 30.92 47.67
C TYR C 641 -11.84 32.18 46.96
N VAL C 642 -11.18 32.01 45.84
CA VAL C 642 -10.88 33.09 44.90
C VAL C 642 -11.73 32.83 43.67
N SER C 643 -12.78 33.64 43.50
CA SER C 643 -13.69 33.48 42.37
C SER C 643 -13.21 34.33 41.20
N ILE C 644 -13.47 33.84 40.00
CA ILE C 644 -13.07 34.53 38.77
C ILE C 644 -14.31 35.14 38.14
N LYS C 645 -14.33 36.47 38.06
CA LYS C 645 -15.43 37.21 37.44
C LYS C 645 -14.87 38.12 36.36
N ALA C 646 -15.76 38.57 35.48
CA ALA C 646 -15.39 39.26 34.25
C ALA C 646 -15.47 40.77 34.40
N SER C 647 -14.83 41.47 33.46
CA SER C 647 -14.83 42.91 33.40
C SER C 647 -14.58 43.35 31.97
N LYS C 648 -14.75 44.65 31.71
CA LYS C 648 -14.51 45.14 30.36
C LYS C 648 -13.04 45.01 29.97
N ASP C 649 -12.12 45.16 30.94
CA ASP C 649 -10.70 44.96 30.67
C ASP C 649 -10.38 43.48 30.51
N GLY C 650 -10.67 42.68 31.54
CA GLY C 650 -10.38 41.27 31.49
C GLY C 650 -10.90 40.52 32.71
N ILE C 651 -10.13 39.54 33.18
CA ILE C 651 -10.56 38.72 34.31
C ILE C 651 -10.28 39.43 35.62
N LEU C 652 -11.12 39.17 36.61
CA LEU C 652 -10.95 39.70 37.96
C LEU C 652 -10.95 38.55 38.95
N ARG C 653 -10.08 38.62 39.93
CA ARG C 653 -10.04 37.66 41.02
C ARG C 653 -10.69 38.28 42.25
N GLN C 654 -11.64 37.56 42.83
CA GLN C 654 -12.39 38.06 43.98
C GLN C 654 -12.28 37.05 45.11
N VAL C 655 -11.68 37.47 46.22
CA VAL C 655 -11.57 36.63 47.40
C VAL C 655 -12.89 36.66 48.16
N VAL C 656 -13.30 35.51 48.68
CA VAL C 656 -14.51 35.53 49.52
C VAL C 656 -14.22 36.34 50.77
N PRO C 657 -15.18 37.08 51.31
CA PRO C 657 -14.89 37.91 52.49
C PRO C 657 -14.47 37.06 53.69
N ASP C 658 -13.43 37.53 54.38
CA ASP C 658 -12.93 36.90 55.60
C ASP C 658 -12.48 35.46 55.34
N TYR C 659 -11.68 35.29 54.29
CA TYR C 659 -11.20 33.96 53.90
C TYR C 659 -10.32 33.35 54.99
N GLU C 660 -9.37 34.13 55.50
CA GLU C 660 -8.38 33.59 56.43
C GLU C 660 -9.02 32.96 57.65
N HIS C 661 -10.17 33.46 58.08
CA HIS C 661 -10.85 32.92 59.25
C HIS C 661 -11.97 31.95 58.92
N LEU C 662 -12.66 32.15 57.80
CA LEU C 662 -13.91 31.43 57.54
C LEU C 662 -13.85 30.53 56.30
N HIS C 663 -12.66 30.20 55.81
CA HIS C 663 -12.61 29.36 54.61
C HIS C 663 -13.13 27.95 54.85
N ASP C 664 -13.22 27.50 56.11
CA ASP C 664 -13.83 26.20 56.37
C ASP C 664 -15.35 26.29 56.40
N ALA C 665 -15.89 27.39 56.95
CA ALA C 665 -17.32 27.52 57.08
C ALA C 665 -18.00 27.65 55.72
N TYR C 666 -17.30 28.21 54.73
CA TYR C 666 -17.88 28.37 53.41
C TYR C 666 -18.15 27.01 52.78
N GLU C 667 -19.32 26.88 52.17
CA GLU C 667 -19.63 25.77 51.28
C GLU C 667 -19.61 26.31 49.85
N LEU C 668 -18.56 25.97 49.10
CA LEU C 668 -18.44 26.46 47.74
C LEU C 668 -19.50 25.85 46.84
N LEU C 669 -19.67 26.45 45.66
CA LEU C 669 -20.76 26.09 44.76
C LEU C 669 -20.71 24.60 44.41
N TRP C 670 -19.53 24.10 44.03
CA TRP C 670 -19.42 22.73 43.57
C TRP C 670 -19.12 21.74 44.68
N GLU C 671 -18.98 22.21 45.93
CA GLU C 671 -18.93 21.31 47.07
C GLU C 671 -20.30 20.82 47.50
N MET C 672 -21.37 21.34 46.90
CA MET C 672 -22.72 20.96 47.28
C MET C 672 -23.05 19.59 46.68
N PRO C 673 -23.56 18.65 47.48
CA PRO C 673 -23.95 17.35 46.92
C PRO C 673 -25.09 17.45 45.93
N GLY C 674 -25.99 18.40 46.12
CA GLY C 674 -27.12 18.55 45.24
C GLY C 674 -27.80 19.88 45.44
N ASN C 675 -28.95 20.02 44.78
CA ASN C 675 -29.73 21.26 44.83
C ASN C 675 -30.78 21.27 45.94
N ASP C 676 -30.95 20.16 46.66
CA ASP C 676 -32.04 20.08 47.62
C ASP C 676 -31.87 21.09 48.74
N GLY C 677 -30.64 21.26 49.23
CA GLY C 677 -30.40 22.23 50.28
C GLY C 677 -30.64 23.66 49.83
N TYR C 678 -30.11 24.01 48.65
CA TYR C 678 -30.29 25.35 48.11
C TYR C 678 -31.76 25.66 47.83
N LEU C 679 -32.44 24.77 47.10
CA LEU C 679 -33.82 25.01 46.73
C LEU C 679 -34.74 25.10 47.95
N GLN C 680 -34.44 24.35 49.01
CA GLN C 680 -35.23 24.47 50.23
C GLN C 680 -35.11 25.87 50.82
N LEU C 681 -33.90 26.44 50.82
CA LEU C 681 -33.70 27.79 51.32
C LEU C 681 -34.44 28.83 50.48
N VAL C 682 -34.37 28.69 49.15
CA VAL C 682 -35.06 29.62 48.27
C VAL C 682 -36.56 29.63 48.55
N GLY C 683 -37.15 28.44 48.75
CA GLY C 683 -38.56 28.38 49.09
C GLY C 683 -38.87 29.08 50.39
N ILE C 684 -37.97 28.94 51.38
CA ILE C 684 -38.16 29.58 52.67
C ILE C 684 -38.09 31.10 52.54
N MET C 685 -37.16 31.61 51.74
CA MET C 685 -37.11 33.04 51.48
C MET C 685 -38.38 33.52 50.77
N GLN C 686 -38.85 32.75 49.79
CA GLN C 686 -40.02 33.14 49.02
C GLN C 686 -41.27 33.25 49.89
N LYS C 687 -41.28 32.59 51.04
CA LYS C 687 -42.40 32.75 51.98
C LYS C 687 -42.60 34.21 52.36
N PHE C 688 -41.52 35.00 52.38
CA PHE C 688 -41.58 36.40 52.76
C PHE C 688 -41.29 37.36 51.61
N ILE C 689 -40.58 36.92 50.57
CA ILE C 689 -40.23 37.81 49.47
C ILE C 689 -41.48 38.20 48.70
N ASP C 690 -41.64 39.50 48.44
CA ASP C 690 -42.79 39.98 47.69
C ASP C 690 -42.82 39.40 46.27
N GLN C 691 -41.72 39.57 45.54
CA GLN C 691 -41.64 39.18 44.14
C GLN C 691 -40.98 37.79 44.06
N SER C 692 -39.93 37.59 43.26
CA SER C 692 -39.31 36.27 43.13
C SER C 692 -37.82 36.34 43.44
N ILE C 693 -37.11 35.23 43.17
CA ILE C 693 -35.70 35.09 43.51
C ILE C 693 -34.97 34.48 42.31
N SER C 694 -33.81 35.04 41.97
CA SER C 694 -32.99 34.56 40.86
C SER C 694 -32.25 33.29 41.28
N ALA C 695 -33.02 32.23 41.50
CA ALA C 695 -32.49 30.99 42.01
C ALA C 695 -31.80 30.21 40.90
N ASN C 696 -30.59 29.71 41.18
CA ASN C 696 -29.84 28.87 40.26
C ASN C 696 -30.00 27.41 40.61
N THR C 697 -29.93 26.56 39.60
CA THR C 697 -29.76 25.13 39.78
C THR C 697 -28.39 24.75 39.22
N ASN C 698 -27.62 23.98 39.99
CA ASN C 698 -26.25 23.66 39.64
C ASN C 698 -26.08 22.16 39.54
N TYR C 699 -25.30 21.71 38.56
CA TYR C 699 -25.09 20.29 38.34
C TYR C 699 -23.64 20.03 37.99
N ASP C 700 -23.03 19.08 38.70
CA ASP C 700 -21.68 18.65 38.42
C ASP C 700 -21.75 17.32 37.71
N PRO C 701 -21.47 17.24 36.41
CA PRO C 701 -21.61 15.97 35.70
C PRO C 701 -20.77 14.83 36.28
N SER C 702 -19.63 15.15 36.91
CA SER C 702 -18.78 14.12 37.50
C SER C 702 -19.43 13.45 38.70
N ARG C 703 -20.39 14.10 39.34
CA ARG C 703 -21.12 13.48 40.45
C ARG C 703 -22.18 12.49 39.98
N PHE C 704 -22.32 12.28 38.68
CA PHE C 704 -23.34 11.40 38.13
C PHE C 704 -22.72 10.25 37.34
N PRO C 705 -23.36 9.07 37.36
CA PRO C 705 -22.82 7.92 36.62
C PRO C 705 -22.75 8.19 35.13
N SER C 706 -21.70 7.65 34.50
CA SER C 706 -21.41 7.84 33.07
C SER C 706 -21.16 9.31 32.73
N GLY C 707 -20.90 10.14 33.73
CA GLY C 707 -20.53 11.53 33.54
C GLY C 707 -21.60 12.40 32.90
N LYS C 708 -22.78 11.86 32.62
CA LYS C 708 -23.88 12.62 32.05
C LYS C 708 -24.98 12.83 33.08
N VAL C 709 -25.57 14.02 33.07
CA VAL C 709 -26.61 14.41 34.02
C VAL C 709 -27.97 13.87 33.59
N PRO C 710 -28.63 13.08 34.42
CA PRO C 710 -29.88 12.43 34.00
C PRO C 710 -31.03 13.42 33.92
N MET C 711 -31.90 13.22 32.93
CA MET C 711 -33.13 14.00 32.84
C MET C 711 -34.02 13.76 34.06
N GLN C 712 -33.92 12.58 34.68
CA GLN C 712 -34.70 12.30 35.88
C GLN C 712 -34.37 13.28 37.00
N GLN C 713 -33.10 13.64 37.15
CA GLN C 713 -32.69 14.55 38.21
C GLN C 713 -33.13 15.98 37.91
N LEU C 714 -33.00 16.40 36.64
CA LEU C 714 -33.47 17.72 36.24
C LEU C 714 -34.96 17.89 36.52
N LEU C 715 -35.74 16.83 36.31
CA LEU C 715 -37.17 16.89 36.55
C LEU C 715 -37.48 16.77 38.04
N LYS C 716 -36.76 15.90 38.75
CA LYS C 716 -36.97 15.79 40.19
C LYS C 716 -36.64 17.10 40.89
N ASP C 717 -35.59 17.79 40.42
CA ASP C 717 -35.24 19.09 41.00
C ASP C 717 -36.26 20.16 40.62
N LEU C 718 -36.75 20.13 39.37
CA LEU C 718 -37.77 21.08 38.96
C LEU C 718 -39.08 20.86 39.72
N LEU C 719 -39.40 19.62 40.07
CA LEU C 719 -40.63 19.33 40.80
C LEU C 719 -40.49 19.65 42.29
N THR C 720 -39.38 19.25 42.91
CA THR C 720 -39.18 19.62 44.31
C THR C 720 -39.05 21.13 44.49
N ALA C 721 -38.61 21.84 43.44
CA ALA C 721 -38.60 23.30 43.49
C ALA C 721 -40.02 23.86 43.51
N TYR C 722 -40.88 23.32 42.64
CA TYR C 722 -42.27 23.75 42.63
C TYR C 722 -42.97 23.36 43.92
N LYS C 723 -42.59 22.23 44.51
CA LYS C 723 -43.26 21.76 45.73
C LYS C 723 -43.16 22.78 46.86
N PHE C 724 -42.03 23.48 46.95
CA PHE C 724 -41.83 24.46 48.01
C PHE C 724 -42.17 25.87 47.56
N GLY C 725 -42.94 26.01 46.49
CA GLY C 725 -43.46 27.31 46.10
C GLY C 725 -42.44 28.27 45.53
N VAL C 726 -41.32 27.79 44.98
CA VAL C 726 -40.38 28.67 44.32
C VAL C 726 -41.03 29.24 43.07
N LYS C 727 -40.95 30.56 42.90
CA LYS C 727 -41.67 31.20 41.81
C LYS C 727 -40.97 31.01 40.47
N THR C 728 -39.67 31.23 40.41
CA THR C 728 -38.94 31.17 39.14
C THR C 728 -37.60 30.47 39.32
N LEU C 729 -37.04 30.03 38.19
CA LEU C 729 -35.71 29.43 38.11
C LEU C 729 -34.85 30.19 37.12
N TYR C 730 -33.70 30.67 37.58
CA TYR C 730 -32.78 31.46 36.76
C TYR C 730 -31.77 30.55 36.05
N TYR C 731 -30.48 30.79 36.31
CA TYR C 731 -29.41 30.05 35.65
C TYR C 731 -29.47 28.56 35.96
N GLN C 732 -28.99 27.76 35.03
CA GLN C 732 -28.54 26.39 35.30
C GLN C 732 -27.06 26.31 34.96
N ASN C 733 -26.21 26.31 35.98
CA ASN C 733 -24.77 26.23 35.79
C ASN C 733 -24.34 24.77 35.79
N THR C 734 -23.60 24.37 34.76
CA THR C 734 -23.05 23.03 34.64
C THR C 734 -21.54 23.13 34.64
N ARG C 735 -20.90 22.40 35.55
CA ARG C 735 -19.46 22.56 35.75
C ARG C 735 -18.67 22.15 34.52
N ASP C 736 -17.60 22.90 34.24
CA ASP C 736 -16.75 22.64 33.08
C ASP C 736 -15.39 22.12 33.52
N ASN D 4 -64.76 0.24 -12.30
CA ASN D 4 -64.16 -0.49 -11.18
C ASN D 4 -63.46 0.46 -10.21
N LEU D 5 -62.70 1.40 -10.76
CA LEU D 5 -62.03 2.44 -9.98
C LEU D 5 -62.90 3.69 -9.91
N LEU D 6 -62.69 4.48 -8.85
CA LEU D 6 -63.52 5.66 -8.60
C LEU D 6 -62.67 6.91 -8.42
N VAL D 7 -63.14 8.01 -9.00
CA VAL D 7 -62.58 9.34 -8.79
C VAL D 7 -63.54 10.11 -7.88
N THR D 8 -63.01 11.14 -7.23
CA THR D 8 -63.79 11.98 -6.32
C THR D 8 -64.06 13.32 -6.99
N LYS D 9 -65.32 13.57 -7.33
CA LYS D 9 -65.72 14.80 -7.98
C LYS D 9 -65.51 16.00 -7.05
N ARG D 10 -65.76 17.20 -7.59
CA ARG D 10 -65.57 18.42 -6.80
C ARG D 10 -66.54 18.50 -5.63
N ASP D 11 -67.79 18.07 -5.84
CA ASP D 11 -68.78 18.15 -4.77
C ASP D 11 -68.71 16.99 -3.80
N GLY D 12 -67.62 16.22 -3.82
CA GLY D 12 -67.42 15.12 -2.89
C GLY D 12 -67.92 13.79 -3.39
N SER D 13 -68.92 13.78 -4.27
CA SER D 13 -69.45 12.53 -4.78
C SER D 13 -68.42 11.81 -5.64
N THR D 14 -68.66 10.53 -5.89
CA THR D 14 -67.72 9.69 -6.61
C THR D 14 -68.42 8.98 -7.77
N GLU D 15 -67.68 8.80 -8.86
CA GLU D 15 -68.14 8.03 -10.02
C GLU D 15 -66.96 7.26 -10.59
N ARG D 16 -67.25 6.30 -11.47
CA ARG D 16 -66.18 5.53 -12.09
C ARG D 16 -65.28 6.44 -12.93
N ILE D 17 -63.97 6.18 -12.84
CA ILE D 17 -63.00 6.92 -13.65
C ILE D 17 -63.33 6.75 -15.13
N ASN D 18 -63.37 7.86 -15.85
CA ASN D 18 -63.67 7.85 -17.28
C ASN D 18 -62.76 8.85 -17.97
N LEU D 19 -61.81 8.34 -18.75
CA LEU D 19 -60.81 9.19 -19.39
C LEU D 19 -61.41 10.10 -20.46
N ASP D 20 -62.62 9.81 -20.93
CA ASP D 20 -63.24 10.71 -21.90
C ASP D 20 -63.47 12.09 -21.32
N LYS D 21 -63.73 12.18 -20.01
CA LYS D 21 -63.89 13.48 -19.35
C LYS D 21 -62.60 14.29 -19.42
N ILE D 22 -61.44 13.63 -19.39
CA ILE D 22 -60.17 14.33 -19.50
C ILE D 22 -59.89 14.70 -20.95
N HIS D 23 -60.21 13.79 -21.87
CA HIS D 23 -60.08 14.10 -23.29
C HIS D 23 -60.91 15.33 -23.65
N ARG D 24 -62.15 15.38 -23.19
CA ARG D 24 -63.02 16.52 -23.48
C ARG D 24 -62.38 17.83 -23.06
N VAL D 25 -61.93 17.91 -21.80
CA VAL D 25 -61.38 19.16 -21.28
C VAL D 25 -60.17 19.60 -22.09
N LEU D 26 -59.25 18.67 -22.37
CA LEU D 26 -58.05 19.02 -23.11
C LEU D 26 -58.37 19.38 -24.57
N ASP D 27 -59.27 18.62 -25.21
CA ASP D 27 -59.68 18.97 -26.57
C ASP D 27 -60.25 20.38 -26.62
N TRP D 28 -61.01 20.76 -25.59
CA TRP D 28 -61.56 22.11 -25.54
C TRP D 28 -60.46 23.15 -25.40
N ALA D 29 -59.53 22.94 -24.47
CA ALA D 29 -58.49 23.92 -24.21
C ALA D 29 -57.48 24.06 -25.36
N ALA D 30 -57.38 23.05 -26.22
CA ALA D 30 -56.46 23.10 -27.35
C ALA D 30 -57.12 23.57 -28.64
N GLU D 31 -58.43 23.76 -28.63
CA GLU D 31 -59.15 24.17 -29.83
C GLU D 31 -58.64 25.50 -30.34
N GLY D 32 -58.43 25.59 -31.65
CA GLY D 32 -57.93 26.79 -32.27
C GLY D 32 -56.43 26.92 -32.24
N LEU D 33 -55.79 26.31 -31.24
CA LEU D 33 -54.35 26.43 -31.08
C LEU D 33 -53.62 25.63 -32.15
N HIS D 34 -52.44 26.12 -32.52
CA HIS D 34 -51.58 25.46 -33.49
C HIS D 34 -50.46 24.71 -32.78
N ASN D 35 -50.17 23.50 -33.27
CA ASN D 35 -48.97 22.76 -32.89
C ASN D 35 -49.01 22.27 -31.45
N VAL D 36 -50.20 21.94 -30.94
CA VAL D 36 -50.34 21.35 -29.62
C VAL D 36 -50.84 19.92 -29.75
N SER D 37 -50.62 19.14 -28.69
CA SER D 37 -50.94 17.71 -28.69
C SER D 37 -51.64 17.34 -27.40
N ILE D 38 -52.91 16.91 -27.52
CA ILE D 38 -53.62 16.35 -26.37
C ILE D 38 -52.86 15.15 -25.81
N SER D 39 -52.40 14.28 -26.69
CA SER D 39 -51.68 13.09 -26.25
C SER D 39 -50.44 13.45 -25.44
N GLN D 40 -49.70 14.47 -25.88
CA GLN D 40 -48.50 14.89 -25.18
C GLN D 40 -48.82 15.32 -23.75
N VAL D 41 -49.85 16.16 -23.58
CA VAL D 41 -50.23 16.63 -22.26
C VAL D 41 -50.56 15.44 -21.35
N GLU D 42 -51.40 14.52 -21.85
CA GLU D 42 -51.82 13.39 -21.03
C GLU D 42 -50.64 12.50 -20.64
N LEU D 43 -49.73 12.23 -21.57
CA LEU D 43 -48.62 11.33 -21.28
C LEU D 43 -47.56 12.00 -20.42
N ARG D 44 -47.26 13.28 -20.69
CA ARG D 44 -46.31 14.00 -19.86
C ARG D 44 -46.86 14.33 -18.49
N SER D 45 -48.17 14.16 -18.28
CA SER D 45 -48.75 14.33 -16.96
C SER D 45 -48.27 13.26 -15.99
N HIS D 46 -47.97 12.06 -16.49
CA HIS D 46 -47.64 10.90 -15.66
C HIS D 46 -48.66 10.75 -14.53
N ILE D 47 -49.93 10.99 -14.87
CA ILE D 47 -51.00 11.08 -13.89
C ILE D 47 -51.23 9.70 -13.29
N GLN D 48 -50.92 9.55 -12.00
CA GLN D 48 -51.01 8.28 -11.30
C GLN D 48 -52.39 8.13 -10.67
N PHE D 49 -53.20 7.22 -11.20
CA PHE D 49 -54.55 7.02 -10.72
C PHE D 49 -54.57 6.11 -9.49
N TYR D 50 -55.39 6.50 -8.50
CA TYR D 50 -55.67 5.64 -7.36
C TYR D 50 -57.16 5.74 -7.06
N ASP D 51 -57.69 4.72 -6.39
CA ASP D 51 -59.12 4.69 -6.09
C ASP D 51 -59.46 5.78 -5.08
N GLY D 52 -60.42 6.65 -5.44
CA GLY D 52 -60.76 7.78 -4.61
C GLY D 52 -59.97 9.04 -4.89
N ILE D 53 -59.34 9.13 -6.07
CA ILE D 53 -58.52 10.28 -6.41
C ILE D 53 -59.40 11.51 -6.61
N LYS D 54 -58.96 12.64 -6.05
CA LYS D 54 -59.70 13.88 -6.19
C LYS D 54 -59.69 14.34 -7.65
N THR D 55 -60.85 14.77 -8.14
CA THR D 55 -60.93 15.23 -9.52
C THR D 55 -60.20 16.55 -9.72
N SER D 56 -59.94 17.30 -8.64
CA SER D 56 -59.19 18.55 -8.76
C SER D 56 -57.70 18.28 -8.99
N ASP D 57 -57.15 17.29 -8.30
CA ASP D 57 -55.74 16.94 -8.49
C ASP D 57 -55.49 16.46 -9.92
N ILE D 58 -56.44 15.72 -10.49
CA ILE D 58 -56.31 15.31 -11.89
C ILE D 58 -56.18 16.53 -12.79
N HIS D 59 -57.02 17.54 -12.57
CA HIS D 59 -56.99 18.74 -13.40
C HIS D 59 -55.74 19.54 -13.14
N GLU D 60 -55.37 19.72 -11.87
CA GLU D 60 -54.17 20.49 -11.53
C GLU D 60 -52.91 19.85 -12.10
N THR D 61 -52.89 18.53 -12.23
CA THR D 61 -51.70 17.87 -12.77
C THR D 61 -51.55 18.16 -14.26
N ILE D 62 -52.65 18.07 -15.02
CA ILE D 62 -52.57 18.30 -16.46
C ILE D 62 -52.40 19.79 -16.77
N ILE D 63 -52.74 20.66 -15.82
CA ILE D 63 -52.43 22.07 -16.01
C ILE D 63 -50.93 22.29 -15.99
N LYS D 64 -50.27 21.77 -14.95
CA LYS D 64 -48.80 21.83 -14.89
C LYS D 64 -48.17 21.16 -16.10
N ALA D 65 -48.71 20.00 -16.50
CA ALA D 65 -48.15 19.27 -17.64
C ALA D 65 -48.22 20.10 -18.92
N ALA D 66 -49.39 20.67 -19.22
CA ALA D 66 -49.52 21.50 -20.41
C ALA D 66 -48.66 22.76 -20.31
N ALA D 67 -48.42 23.23 -19.09
CA ALA D 67 -47.63 24.45 -18.90
C ALA D 67 -46.15 24.21 -19.17
N ASP D 68 -45.66 23.01 -18.87
CA ASP D 68 -44.25 22.72 -19.09
C ASP D 68 -43.95 22.41 -20.54
N LEU D 69 -44.96 22.34 -21.38
CA LEU D 69 -44.79 22.14 -22.82
C LEU D 69 -44.66 23.46 -23.57
N ILE D 70 -44.80 24.59 -22.88
CA ILE D 70 -44.60 25.89 -23.51
C ILE D 70 -43.16 25.97 -24.00
N SER D 71 -42.98 26.17 -25.31
CA SER D 71 -41.65 26.18 -25.88
C SER D 71 -41.63 27.08 -27.10
N ARG D 72 -40.42 27.28 -27.63
CA ARG D 72 -40.26 28.03 -28.87
C ARG D 72 -40.94 27.34 -30.03
N ASP D 73 -40.81 26.00 -30.09
CA ASP D 73 -41.43 25.23 -31.17
C ASP D 73 -42.94 25.08 -31.00
N ALA D 74 -43.45 25.23 -29.78
CA ALA D 74 -44.89 25.11 -29.52
C ALA D 74 -45.32 26.21 -28.57
N PRO D 75 -45.48 27.43 -29.07
CA PRO D 75 -45.83 28.54 -28.18
C PRO D 75 -47.26 28.53 -27.72
N ASP D 76 -48.20 28.00 -28.52
CA ASP D 76 -49.61 28.09 -28.19
C ASP D 76 -50.00 27.28 -26.95
N TYR D 77 -49.07 26.53 -26.36
CA TYR D 77 -49.33 25.91 -25.06
C TYR D 77 -49.53 26.96 -23.96
N GLN D 78 -49.08 28.19 -24.18
CA GLN D 78 -49.31 29.26 -23.21
C GLN D 78 -50.79 29.56 -23.07
N TYR D 79 -51.58 29.27 -24.10
CA TYR D 79 -53.02 29.46 -24.05
C TYR D 79 -53.75 28.20 -23.66
N LEU D 80 -53.20 27.03 -23.99
CA LEU D 80 -53.80 25.78 -23.54
C LEU D 80 -53.78 25.69 -22.02
N ALA D 81 -52.61 25.94 -21.42
CA ALA D 81 -52.51 25.87 -19.97
C ALA D 81 -53.27 26.99 -19.29
N ALA D 82 -53.44 28.14 -19.96
CA ALA D 82 -54.23 29.22 -19.38
C ALA D 82 -55.71 28.86 -19.37
N ARG D 83 -56.21 28.31 -20.47
CA ARG D 83 -57.61 27.92 -20.54
C ARG D 83 -57.93 26.83 -19.53
N LEU D 84 -56.98 25.91 -19.32
CA LEU D 84 -57.17 24.90 -18.29
C LEU D 84 -57.22 25.53 -16.91
N ALA D 85 -56.38 26.53 -16.65
CA ALA D 85 -56.30 27.14 -15.33
C ALA D 85 -57.50 28.05 -15.07
N ILE D 86 -57.96 28.79 -16.09
CA ILE D 86 -59.15 29.62 -15.92
C ILE D 86 -60.36 28.74 -15.60
N PHE D 87 -60.52 27.65 -16.34
CA PHE D 87 -61.57 26.69 -16.03
C PHE D 87 -61.45 26.17 -14.60
N HIS D 88 -60.22 25.93 -14.14
CA HIS D 88 -60.01 25.50 -12.76
C HIS D 88 -60.43 26.59 -11.78
N LEU D 89 -60.06 27.85 -12.07
CA LEU D 89 -60.37 28.94 -11.16
C LEU D 89 -61.86 29.28 -11.15
N ARG D 90 -62.56 29.04 -12.26
CA ARG D 90 -64.00 29.25 -12.28
C ARG D 90 -64.69 28.31 -11.30
N LYS D 91 -64.35 27.02 -11.36
CA LYS D 91 -64.97 26.04 -10.47
C LYS D 91 -64.59 26.27 -9.01
N LYS D 92 -63.36 26.73 -8.76
CA LYS D 92 -62.91 26.95 -7.39
C LYS D 92 -63.68 28.08 -6.72
N ALA D 93 -64.15 29.05 -7.50
CA ALA D 93 -64.82 30.22 -6.95
C ALA D 93 -66.34 30.16 -7.04
N TYR D 94 -66.88 29.50 -8.07
CA TYR D 94 -68.31 29.51 -8.33
C TYR D 94 -68.98 28.15 -8.28
N GLY D 95 -68.21 27.06 -8.29
CA GLY D 95 -68.76 25.74 -8.40
C GLY D 95 -69.13 25.33 -9.81
N GLN D 96 -69.01 26.24 -10.77
CA GLN D 96 -69.29 25.94 -12.17
C GLN D 96 -68.39 26.82 -13.02
N PHE D 97 -68.53 26.67 -14.34
CA PHE D 97 -67.78 27.54 -15.24
C PHE D 97 -68.48 28.89 -15.41
N GLU D 98 -69.81 28.89 -15.42
CA GLU D 98 -70.59 30.10 -15.66
C GLU D 98 -70.49 31.06 -14.47
N PRO D 99 -70.02 32.30 -14.65
CA PRO D 99 -69.96 33.22 -13.53
C PRO D 99 -71.34 33.71 -13.15
N PRO D 100 -71.57 34.01 -11.87
CA PRO D 100 -72.89 34.52 -11.45
C PRO D 100 -73.12 35.96 -11.89
N ALA D 101 -74.28 36.51 -11.54
CA ALA D 101 -74.55 37.92 -11.83
C ALA D 101 -73.64 38.82 -10.98
N LEU D 102 -73.30 39.97 -11.55
CA LEU D 102 -72.40 40.89 -10.84
C LEU D 102 -72.98 41.31 -9.50
N TYR D 103 -74.29 41.52 -9.45
CA TYR D 103 -74.92 41.92 -8.20
C TYR D 103 -74.97 40.75 -7.22
N ASP D 104 -75.44 39.58 -7.67
CA ASP D 104 -75.53 38.42 -6.79
C ASP D 104 -74.19 38.11 -6.15
N HIS D 105 -73.09 38.31 -6.89
CA HIS D 105 -71.76 38.03 -6.35
C HIS D 105 -71.37 39.05 -5.29
N VAL D 106 -71.49 40.34 -5.61
CA VAL D 106 -71.10 41.40 -4.67
C VAL D 106 -71.87 41.27 -3.37
N VAL D 107 -73.15 40.91 -3.45
CA VAL D 107 -73.96 40.73 -2.25
C VAL D 107 -73.36 39.67 -1.35
N LYS D 108 -73.05 38.51 -1.92
CA LYS D 108 -72.49 37.40 -1.14
C LYS D 108 -71.12 37.74 -0.57
N MET D 109 -70.32 38.50 -1.33
CA MET D 109 -68.95 38.80 -0.90
C MET D 109 -68.93 39.84 0.23
N VAL D 110 -69.74 40.89 0.12
CA VAL D 110 -69.84 41.88 1.20
C VAL D 110 -70.37 41.20 2.46
N GLU D 111 -71.29 40.25 2.29
CA GLU D 111 -71.80 39.49 3.43
C GLU D 111 -70.71 38.67 4.09
N MET D 112 -69.75 38.16 3.31
CA MET D 112 -68.64 37.40 3.85
C MET D 112 -67.47 38.26 4.31
N GLY D 113 -67.54 39.58 4.12
CA GLY D 113 -66.43 40.43 4.50
C GLY D 113 -65.24 40.34 3.58
N LYS D 114 -65.41 39.79 2.38
CA LYS D 114 -64.33 39.71 1.41
C LYS D 114 -64.25 40.95 0.51
N TYR D 115 -65.35 41.65 0.34
CA TYR D 115 -65.39 42.95 -0.32
C TYR D 115 -65.67 44.04 0.70
N ASP D 116 -65.40 45.28 0.29
CA ASP D 116 -65.70 46.44 1.13
C ASP D 116 -67.20 46.70 1.08
N ASN D 117 -67.80 46.92 2.26
CA ASN D 117 -69.23 47.13 2.35
C ASN D 117 -69.69 48.40 1.63
N HIS D 118 -68.77 49.30 1.27
CA HIS D 118 -69.14 50.52 0.58
C HIS D 118 -69.68 50.26 -0.82
N LEU D 119 -69.35 49.11 -1.42
CA LEU D 119 -69.82 48.81 -2.76
C LEU D 119 -71.35 48.78 -2.80
N LEU D 120 -71.98 48.26 -1.75
CA LEU D 120 -73.43 48.24 -1.70
C LEU D 120 -74.02 49.58 -1.28
N GLU D 121 -73.26 50.40 -0.56
CA GLU D 121 -73.77 51.71 -0.15
C GLU D 121 -73.73 52.72 -1.29
N ASP D 122 -72.79 52.55 -2.23
CA ASP D 122 -72.61 53.54 -3.29
C ASP D 122 -73.29 53.17 -4.61
N TYR D 123 -73.54 51.89 -4.86
CA TYR D 123 -74.12 51.44 -6.11
C TYR D 123 -75.43 50.70 -5.87
N THR D 124 -76.43 51.00 -6.69
CA THR D 124 -77.73 50.34 -6.62
C THR D 124 -77.72 49.03 -7.42
N GLU D 125 -78.69 48.17 -7.11
CA GLU D 125 -78.83 46.92 -7.86
C GLU D 125 -79.10 47.20 -9.34
N GLU D 126 -79.79 48.30 -9.63
CA GLU D 126 -80.01 48.68 -11.02
C GLU D 126 -78.69 49.08 -11.70
N GLU D 127 -77.76 49.65 -10.94
CA GLU D 127 -76.45 49.98 -11.48
C GLU D 127 -75.57 48.73 -11.60
N PHE D 128 -75.60 47.85 -10.59
CA PHE D 128 -74.80 46.63 -10.65
C PHE D 128 -75.16 45.79 -11.87
N LYS D 129 -76.46 45.61 -12.13
CA LYS D 129 -76.88 44.88 -13.32
C LYS D 129 -76.50 45.62 -14.59
N GLN D 130 -76.33 46.95 -14.51
CA GLN D 130 -75.92 47.72 -15.67
C GLN D 130 -74.43 47.58 -15.93
N MET D 131 -73.62 47.39 -14.90
CA MET D 131 -72.21 47.11 -15.09
C MET D 131 -71.96 45.66 -15.48
N ASP D 132 -72.91 44.77 -15.19
CA ASP D 132 -72.79 43.38 -15.62
C ASP D 132 -72.85 43.23 -17.14
N THR D 133 -73.39 44.22 -17.85
CA THR D 133 -73.35 44.19 -19.31
C THR D 133 -72.02 44.67 -19.85
N PHE D 134 -71.31 45.51 -19.09
CA PHE D 134 -69.96 45.91 -19.50
C PHE D 134 -69.01 44.73 -19.49
N ILE D 135 -69.20 43.80 -18.56
CA ILE D 135 -68.30 42.67 -18.39
C ILE D 135 -68.35 41.77 -19.62
N ASP D 136 -67.18 41.33 -20.07
CA ASP D 136 -67.05 40.32 -21.12
C ASP D 136 -66.18 39.21 -20.53
N HIS D 137 -66.83 38.20 -19.95
CA HIS D 137 -66.09 37.12 -19.30
C HIS D 137 -65.27 36.30 -20.27
N ASP D 138 -65.47 36.47 -21.59
CA ASP D 138 -64.62 35.80 -22.55
C ASP D 138 -63.23 36.40 -22.64
N ARG D 139 -63.02 37.59 -22.08
CA ARG D 139 -61.68 38.16 -22.04
C ARG D 139 -60.75 37.39 -21.11
N ASP D 140 -61.29 36.49 -20.28
CA ASP D 140 -60.45 35.56 -19.55
C ASP D 140 -59.75 34.57 -20.49
N MET D 141 -60.23 34.46 -21.73
CA MET D 141 -59.63 33.57 -22.71
C MET D 141 -58.50 34.23 -23.48
N THR D 142 -58.08 35.42 -23.07
CA THR D 142 -56.96 36.11 -23.70
C THR D 142 -55.73 36.15 -22.80
N PHE D 143 -55.80 35.59 -21.60
CA PHE D 143 -54.63 35.52 -20.74
C PHE D 143 -53.70 34.39 -21.18
N SER D 144 -52.42 34.55 -20.89
CA SER D 144 -51.47 33.46 -21.01
C SER D 144 -51.37 32.73 -19.67
N TYR D 145 -50.69 31.58 -19.67
CA TYR D 145 -50.59 30.79 -18.45
C TYR D 145 -49.88 31.56 -17.35
N ALA D 146 -48.79 32.26 -17.70
CA ALA D 146 -48.12 33.09 -16.71
C ALA D 146 -49.06 34.14 -16.15
N ALA D 147 -49.93 34.70 -17.00
CA ALA D 147 -50.89 35.69 -16.54
C ALA D 147 -51.87 35.08 -15.54
N VAL D 148 -52.39 33.90 -15.85
CA VAL D 148 -53.40 33.30 -14.99
C VAL D 148 -52.79 32.90 -13.64
N LYS D 149 -51.55 32.43 -13.65
CA LYS D 149 -50.93 32.00 -12.39
C LYS D 149 -50.66 33.16 -11.45
N GLN D 150 -50.38 34.35 -12.00
CA GLN D 150 -50.25 35.51 -11.12
C GLN D 150 -51.60 35.88 -10.53
N LEU D 151 -52.67 35.73 -11.32
CA LEU D 151 -54.01 35.93 -10.78
C LEU D 151 -54.31 34.91 -9.70
N GLU D 152 -54.08 33.63 -10.00
CA GLU D 152 -54.35 32.58 -9.02
C GLU D 152 -53.46 32.73 -7.79
N GLY D 153 -52.22 33.16 -7.97
CA GLY D 153 -51.27 33.20 -6.87
C GLY D 153 -51.31 34.47 -6.06
N LYS D 154 -51.60 35.60 -6.69
CA LYS D 154 -51.47 36.90 -6.02
C LYS D 154 -52.73 37.75 -6.05
N TYR D 155 -53.29 37.98 -7.24
CA TYR D 155 -54.22 39.10 -7.42
C TYR D 155 -55.65 38.75 -6.98
N LEU D 156 -56.20 37.64 -7.48
CA LEU D 156 -57.58 37.28 -7.19
C LEU D 156 -57.82 37.22 -5.69
N VAL D 157 -58.94 37.80 -5.25
CA VAL D 157 -59.29 37.80 -3.84
C VAL D 157 -59.38 36.36 -3.38
N GLN D 158 -58.59 36.01 -2.37
CA GLN D 158 -58.49 34.61 -1.96
C GLN D 158 -58.21 34.53 -0.47
N ASN D 159 -58.33 33.32 0.05
CA ASN D 159 -57.98 33.02 1.43
C ASN D 159 -56.55 32.51 1.48
N ARG D 160 -55.73 33.14 2.33
CA ARG D 160 -54.31 32.80 2.41
C ARG D 160 -54.04 31.68 3.40
N VAL D 161 -55.09 31.10 3.99
CA VAL D 161 -54.96 29.90 4.82
C VAL D 161 -55.71 28.73 4.21
N THR D 162 -56.88 29.00 3.63
CA THR D 162 -57.65 27.97 2.93
C THR D 162 -57.11 27.70 1.53
N GLY D 163 -56.60 28.73 0.86
CA GLY D 163 -56.31 28.62 -0.56
C GLY D 163 -57.53 28.81 -1.42
N GLU D 164 -58.66 29.21 -0.83
CA GLU D 164 -59.93 29.32 -1.51
C GLU D 164 -59.94 30.57 -2.37
N ILE D 165 -60.15 30.41 -3.68
CA ILE D 165 -60.29 31.53 -4.61
C ILE D 165 -61.75 31.94 -4.65
N TYR D 166 -62.00 33.26 -4.63
CA TYR D 166 -63.34 33.79 -4.46
C TYR D 166 -63.93 34.47 -5.68
N GLU D 167 -63.12 34.86 -6.67
CA GLU D 167 -63.61 35.68 -7.76
C GLU D 167 -63.00 35.24 -9.09
N SER D 168 -63.56 35.77 -10.17
CA SER D 168 -63.04 35.61 -11.52
C SER D 168 -62.17 36.81 -11.86
N ALA D 169 -61.55 36.77 -13.03
CA ALA D 169 -60.66 37.85 -13.43
C ALA D 169 -61.45 39.09 -13.84
N GLN D 170 -62.56 38.90 -14.54
CA GLN D 170 -63.33 40.05 -15.00
C GLN D 170 -64.07 40.73 -13.86
N PHE D 171 -64.40 40.01 -12.78
CA PHE D 171 -64.96 40.67 -11.61
C PHE D 171 -63.93 41.57 -10.95
N LEU D 172 -62.68 41.12 -10.88
CA LEU D 172 -61.59 41.95 -10.37
C LEU D 172 -61.49 43.26 -11.14
N TYR D 173 -61.44 43.17 -12.47
CA TYR D 173 -61.30 44.36 -13.30
C TYR D 173 -62.48 45.32 -13.12
N ILE D 174 -63.70 44.79 -13.20
CA ILE D 174 -64.88 45.67 -13.18
C ILE D 174 -65.03 46.34 -11.82
N LEU D 175 -64.60 45.68 -10.74
CA LEU D 175 -64.72 46.25 -9.41
C LEU D 175 -63.59 47.23 -9.09
N VAL D 176 -62.40 47.01 -9.67
CA VAL D 176 -61.36 48.02 -9.57
C VAL D 176 -61.85 49.33 -10.20
N ALA D 177 -62.54 49.24 -11.34
CA ALA D 177 -63.12 50.42 -11.94
C ALA D 177 -64.25 50.99 -11.10
N ALA D 178 -65.09 50.12 -10.52
CA ALA D 178 -66.21 50.59 -9.72
C ALA D 178 -65.75 51.34 -8.49
N CYS D 179 -64.78 50.78 -7.76
CA CYS D 179 -64.33 51.41 -6.52
C CYS D 179 -63.61 52.72 -6.79
N LEU D 180 -62.72 52.74 -7.79
CA LEU D 180 -61.90 53.93 -8.02
C LEU D 180 -62.74 55.13 -8.48
N PHE D 181 -63.89 54.89 -9.09
CA PHE D 181 -64.76 55.96 -9.53
C PHE D 181 -66.05 56.04 -8.72
N SER D 182 -66.09 55.38 -7.56
CA SER D 182 -67.31 55.33 -6.77
C SER D 182 -67.74 56.72 -6.31
N ASN D 183 -66.79 57.63 -6.10
CA ASN D 183 -67.11 58.96 -5.62
C ASN D 183 -67.30 59.95 -6.76
N TYR D 184 -67.41 59.47 -7.98
CA TYR D 184 -67.64 60.36 -9.12
C TYR D 184 -69.12 60.71 -9.22
N PRO D 185 -69.44 61.84 -9.84
CA PRO D 185 -70.86 62.20 -10.02
C PRO D 185 -71.60 61.16 -10.85
N ARG D 186 -72.88 60.96 -10.50
CA ARG D 186 -73.69 59.95 -11.17
C ARG D 186 -73.79 60.20 -12.68
N GLU D 187 -73.69 61.46 -13.10
CA GLU D 187 -73.86 61.78 -14.51
C GLU D 187 -72.73 61.21 -15.36
N THR D 188 -71.54 61.05 -14.80
CA THR D 188 -70.40 60.55 -15.55
C THR D 188 -69.73 59.35 -14.87
N ARG D 189 -70.33 58.79 -13.83
CA ARG D 189 -69.69 57.72 -13.08
C ARG D 189 -69.55 56.46 -13.93
N LEU D 190 -70.67 55.87 -14.35
CA LEU D 190 -70.63 54.63 -15.12
C LEU D 190 -69.93 54.82 -16.46
N GLN D 191 -69.91 56.04 -16.99
CA GLN D 191 -69.12 56.31 -18.20
C GLN D 191 -67.64 56.01 -17.97
N TYR D 192 -67.11 56.49 -16.84
CA TYR D 192 -65.71 56.20 -16.51
C TYR D 192 -65.52 54.75 -16.09
N VAL D 193 -66.46 54.20 -15.30
CA VAL D 193 -66.34 52.82 -14.82
C VAL D 193 -66.23 51.86 -15.99
N LYS D 194 -67.10 52.01 -16.98
CA LYS D 194 -67.03 51.19 -18.19
C LYS D 194 -65.74 51.47 -18.95
N ARG D 195 -65.44 52.75 -19.18
CA ARG D 195 -64.28 53.11 -19.98
C ARG D 195 -62.99 52.65 -19.32
N PHE D 196 -62.91 52.74 -17.99
CA PHE D 196 -61.71 52.28 -17.29
C PHE D 196 -61.65 50.77 -17.21
N TYR D 197 -62.81 50.10 -17.14
CA TYR D 197 -62.82 48.65 -17.20
C TYR D 197 -62.27 48.15 -18.52
N ASP D 198 -62.75 48.70 -19.63
CA ASP D 198 -62.25 48.30 -20.95
C ASP D 198 -60.75 48.53 -21.06
N ALA D 199 -60.26 49.66 -20.54
CA ALA D 199 -58.84 49.98 -20.67
C ALA D 199 -57.97 48.94 -19.98
N VAL D 200 -58.38 48.45 -18.81
CA VAL D 200 -57.53 47.54 -18.06
C VAL D 200 -57.78 46.08 -18.40
N SER D 201 -59.01 45.72 -18.79
CA SER D 201 -59.30 44.33 -19.15
C SER D 201 -58.81 43.98 -20.54
N THR D 202 -58.57 44.97 -21.39
CA THR D 202 -57.97 44.75 -22.71
C THR D 202 -56.53 45.24 -22.76
N PHE D 203 -55.91 45.44 -21.59
CA PHE D 203 -54.47 45.66 -21.47
C PHE D 203 -54.00 46.95 -22.14
N LYS D 204 -54.83 47.98 -22.15
CA LYS D 204 -54.36 49.32 -22.52
C LYS D 204 -53.61 49.96 -21.35
N ILE D 205 -54.03 49.67 -20.13
CA ILE D 205 -53.41 50.19 -18.91
C ILE D 205 -53.03 49.00 -18.04
N SER D 206 -51.82 49.02 -17.49
CA SER D 206 -51.36 47.99 -16.57
C SER D 206 -51.54 48.49 -15.15
N LEU D 207 -52.07 47.62 -14.29
CA LEU D 207 -52.30 48.00 -12.90
C LEU D 207 -51.37 47.21 -11.97
N PRO D 208 -50.80 47.86 -10.95
CA PRO D 208 -49.80 47.21 -10.11
C PRO D 208 -50.43 46.20 -9.14
N THR D 209 -49.54 45.44 -8.50
CA THR D 209 -49.94 44.39 -7.57
C THR D 209 -50.90 44.86 -6.48
N PRO D 210 -50.63 45.94 -5.72
CA PRO D 210 -51.58 46.32 -4.67
C PRO D 210 -52.94 46.75 -5.20
N ILE D 211 -53.00 47.33 -6.40
CA ILE D 211 -54.29 47.71 -6.97
C ILE D 211 -55.05 46.45 -7.43
N MET D 212 -54.37 45.58 -8.18
CA MET D 212 -54.98 44.33 -8.60
C MET D 212 -55.45 43.51 -7.41
N SER D 213 -54.63 43.45 -6.37
CA SER D 213 -54.95 42.61 -5.23
C SER D 213 -56.02 43.23 -4.32
N GLY D 214 -56.00 44.54 -4.14
CA GLY D 214 -56.77 45.12 -3.05
C GLY D 214 -57.99 45.98 -3.35
N VAL D 215 -58.03 46.67 -4.48
CA VAL D 215 -59.09 47.63 -4.72
C VAL D 215 -60.42 46.90 -4.90
N ARG D 216 -61.17 46.78 -3.79
CA ARG D 216 -62.52 46.21 -3.66
C ARG D 216 -62.62 45.48 -2.33
N THR D 217 -61.51 45.33 -1.63
CA THR D 217 -61.47 44.62 -0.36
C THR D 217 -61.56 45.60 0.80
N PRO D 218 -61.96 45.11 1.98
CA PRO D 218 -62.05 46.03 3.14
C PRO D 218 -60.78 46.79 3.44
N THR D 219 -59.64 46.11 3.49
CA THR D 219 -58.37 46.76 3.83
C THR D 219 -57.87 47.59 2.65
N ARG D 220 -57.79 48.91 2.84
CA ARG D 220 -57.50 49.85 1.75
C ARG D 220 -56.09 50.42 1.88
N GLN D 221 -55.13 49.77 1.22
CA GLN D 221 -53.82 50.38 1.00
C GLN D 221 -53.33 49.91 -0.36
N PHE D 222 -53.05 50.85 -1.26
CA PHE D 222 -52.77 50.50 -2.65
C PHE D 222 -51.57 51.23 -3.24
N SER D 223 -50.77 51.93 -2.44
CA SER D 223 -49.57 52.58 -2.93
C SER D 223 -48.42 51.57 -2.92
N SER D 224 -47.78 51.39 -4.07
CA SER D 224 -46.71 50.40 -4.18
C SER D 224 -45.46 50.85 -3.41
N CYS D 225 -45.21 52.16 -3.37
CA CYS D 225 -43.95 52.71 -2.90
C CYS D 225 -44.17 53.54 -1.64
N VAL D 226 -43.40 53.23 -0.60
CA VAL D 226 -43.39 53.98 0.65
C VAL D 226 -41.95 54.41 0.91
N LEU D 227 -41.74 55.71 1.07
CA LEU D 227 -40.41 56.28 1.30
C LEU D 227 -40.38 56.91 2.68
N ILE D 228 -39.61 56.31 3.59
CA ILE D 228 -39.47 56.76 4.97
C ILE D 228 -38.05 57.26 5.18
N GLU D 229 -37.91 58.48 5.69
CA GLU D 229 -36.62 59.06 6.04
C GLU D 229 -36.41 58.99 7.55
N CYS D 230 -35.22 58.56 7.96
CA CYS D 230 -34.90 58.36 9.35
C CYS D 230 -33.95 59.45 9.83
N GLY D 231 -34.24 60.01 11.01
CA GLY D 231 -33.36 60.98 11.63
C GLY D 231 -32.38 60.33 12.59
N ASP D 232 -31.44 61.14 13.08
CA ASP D 232 -30.37 60.65 13.95
C ASP D 232 -30.79 60.74 15.42
N SER D 233 -31.87 60.02 15.74
CA SER D 233 -32.37 59.99 17.10
C SER D 233 -33.08 58.66 17.34
N LEU D 234 -33.14 58.26 18.60
CA LEU D 234 -33.85 57.02 18.95
C LEU D 234 -35.35 57.14 18.70
N ASP D 235 -35.93 58.32 18.91
CA ASP D 235 -37.35 58.50 18.63
C ASP D 235 -37.66 58.40 17.15
N SER D 236 -36.73 58.86 16.29
CA SER D 236 -36.96 58.79 14.85
C SER D 236 -36.78 57.36 14.34
N ILE D 237 -35.76 56.67 14.84
CA ILE D 237 -35.56 55.26 14.49
C ILE D 237 -36.78 54.44 14.91
N ASN D 238 -37.30 54.70 16.11
CA ASN D 238 -38.51 54.02 16.55
C ASN D 238 -39.69 54.31 15.64
N ALA D 239 -39.85 55.58 15.26
CA ALA D 239 -40.95 55.94 14.37
C ALA D 239 -40.78 55.28 13.01
N THR D 240 -39.55 55.24 12.50
CA THR D 240 -39.29 54.58 11.21
C THR D 240 -39.62 53.09 11.30
N SER D 241 -39.13 52.42 12.34
CA SER D 241 -39.43 51.00 12.51
C SER D 241 -40.93 50.77 12.55
N SER D 242 -41.66 51.60 13.30
CA SER D 242 -43.10 51.44 13.37
C SER D 242 -43.76 51.68 12.02
N ALA D 243 -43.27 52.67 11.26
CA ALA D 243 -43.84 52.95 9.94
C ALA D 243 -43.55 51.83 8.95
N ILE D 244 -42.33 51.28 8.99
CA ILE D 244 -42.00 50.14 8.13
C ILE D 244 -42.96 48.99 8.39
N VAL D 245 -43.06 48.57 9.65
CA VAL D 245 -43.93 47.46 10.04
C VAL D 245 -45.35 47.70 9.54
N LYS D 246 -45.85 48.91 9.70
CA LYS D 246 -47.22 49.21 9.29
C LYS D 246 -47.41 48.99 7.80
N TYR D 247 -46.50 49.52 6.97
CA TYR D 247 -46.73 49.52 5.53
C TYR D 247 -46.33 48.24 4.82
N VAL D 248 -45.41 47.43 5.36
CA VAL D 248 -45.09 46.17 4.70
C VAL D 248 -46.29 45.22 4.77
N SER D 249 -47.00 45.23 5.89
CA SER D 249 -48.22 44.44 6.02
C SER D 249 -49.38 45.02 5.22
N GLN D 250 -49.15 46.08 4.47
CA GLN D 250 -50.18 46.70 3.65
C GLN D 250 -49.73 46.74 2.20
N ARG D 251 -49.27 45.59 1.68
CA ARG D 251 -48.92 45.41 0.27
C ARG D 251 -47.86 46.39 -0.24
N ALA D 252 -47.04 46.99 0.63
CA ALA D 252 -46.14 48.03 0.18
C ALA D 252 -44.68 47.59 0.30
N GLY D 253 -43.84 48.24 -0.52
CA GLY D 253 -42.40 48.04 -0.49
C GLY D 253 -41.73 49.32 -0.04
N ILE D 254 -40.73 49.21 0.83
CA ILE D 254 -40.20 50.35 1.56
C ILE D 254 -38.88 50.80 0.94
N GLY D 255 -38.65 52.12 0.98
CA GLY D 255 -37.33 52.67 0.73
C GLY D 255 -36.93 53.45 1.97
N ILE D 256 -35.84 53.04 2.63
CA ILE D 256 -35.43 53.64 3.91
C ILE D 256 -34.20 54.51 3.68
N ASN D 257 -34.17 55.67 4.32
CA ASN D 257 -33.05 56.59 4.23
C ASN D 257 -32.44 56.74 5.62
N ALA D 258 -31.57 55.79 5.97
CA ALA D 258 -30.85 55.84 7.24
C ALA D 258 -29.46 56.41 7.10
N GLY D 259 -29.27 57.35 6.16
CA GLY D 259 -27.98 57.97 5.99
C GLY D 259 -27.64 58.98 7.06
N ARG D 260 -28.64 59.44 7.82
CA ARG D 260 -28.42 60.46 8.84
C ARG D 260 -27.86 59.89 10.14
N ILE D 261 -28.06 58.59 10.40
CA ILE D 261 -27.60 58.00 11.65
C ILE D 261 -26.08 58.15 11.73
N ARG D 262 -25.62 58.69 12.85
CA ARG D 262 -24.20 59.01 13.01
C ARG D 262 -23.36 57.74 13.02
N ALA D 263 -22.10 57.90 12.64
CA ALA D 263 -21.23 56.76 12.42
C ALA D 263 -20.85 56.08 13.73
N LEU D 264 -20.28 54.88 13.60
CA LEU D 264 -19.77 54.15 14.75
C LEU D 264 -18.69 54.93 15.47
N GLY D 265 -18.79 54.98 16.79
CA GLY D 265 -17.81 55.68 17.61
C GLY D 265 -18.16 57.13 17.92
N SER D 266 -19.18 57.69 17.28
CA SER D 266 -19.53 59.07 17.56
C SER D 266 -20.04 59.20 18.99
N PRO D 267 -19.75 60.34 19.64
CA PRO D 267 -20.21 60.52 21.02
C PRO D 267 -21.71 60.73 21.08
N ILE D 268 -22.30 60.22 22.16
CA ILE D 268 -23.73 60.34 22.42
C ILE D 268 -23.90 61.08 23.74
N ARG D 269 -24.70 62.14 23.72
CA ARG D 269 -24.87 63.02 24.87
C ARG D 269 -23.51 63.49 25.37
N GLY D 270 -22.67 63.91 24.43
CA GLY D 270 -21.37 64.48 24.80
C GLY D 270 -20.39 63.50 25.38
N GLY D 271 -20.58 62.20 25.17
CA GLY D 271 -19.69 61.20 25.70
C GLY D 271 -20.25 60.35 26.83
N GLU D 272 -21.55 60.46 27.12
CA GLU D 272 -22.18 59.55 28.07
C GLU D 272 -22.30 58.14 27.51
N ALA D 273 -22.27 58.00 26.18
CA ALA D 273 -22.41 56.71 25.55
C ALA D 273 -21.54 56.68 24.29
N PHE D 274 -21.28 55.46 23.81
CA PHE D 274 -20.43 55.22 22.65
C PHE D 274 -21.32 54.63 21.55
N HIS D 275 -21.43 55.35 20.44
CA HIS D 275 -22.33 54.92 19.38
C HIS D 275 -21.79 53.65 18.73
N THR D 276 -22.57 52.57 18.84
CA THR D 276 -22.16 51.26 18.35
C THR D 276 -22.24 51.11 16.83
N GLY D 277 -22.72 52.12 16.13
CA GLY D 277 -22.69 52.12 14.68
C GLY D 277 -24.07 52.02 14.06
N CYS D 278 -24.08 52.13 12.73
CA CYS D 278 -25.33 52.08 11.99
C CYS D 278 -25.84 50.65 11.86
N ILE D 279 -24.93 49.69 11.71
CA ILE D 279 -25.27 48.29 11.42
C ILE D 279 -26.24 47.71 12.46
N PRO D 280 -26.06 47.95 13.77
CA PRO D 280 -27.07 47.46 14.72
C PRO D 280 -28.47 48.00 14.47
N PHE D 281 -28.57 49.20 13.88
CA PHE D 281 -29.89 49.74 13.55
C PHE D 281 -30.39 49.20 12.21
N TYR D 282 -29.49 48.98 11.25
CA TYR D 282 -29.91 48.37 10.00
C TYR D 282 -30.53 47.01 10.24
N LYS D 283 -29.96 46.24 11.18
CA LYS D 283 -30.58 44.97 11.54
C LYS D 283 -31.96 45.17 12.14
N HIS D 284 -32.17 46.26 12.89
CA HIS D 284 -33.50 46.52 13.42
C HIS D 284 -34.45 46.90 12.30
N PHE D 285 -33.96 47.63 11.30
CA PHE D 285 -34.79 47.92 10.14
C PHE D 285 -35.09 46.66 9.34
N GLN D 286 -34.15 45.72 9.32
CA GLN D 286 -34.34 44.50 8.55
C GLN D 286 -35.43 43.63 9.16
N THR D 287 -35.36 43.38 10.47
CA THR D 287 -36.40 42.59 11.11
C THR D 287 -37.74 43.30 11.11
N ALA D 288 -37.76 44.63 11.00
CA ALA D 288 -39.01 45.36 10.81
C ALA D 288 -39.70 44.91 9.54
N VAL D 289 -38.94 44.83 8.44
CA VAL D 289 -39.50 44.35 7.18
C VAL D 289 -39.91 42.88 7.30
N LYS D 290 -38.99 42.03 7.78
CA LYS D 290 -39.21 40.60 7.81
C LYS D 290 -40.25 40.17 8.84
N SER D 291 -40.53 41.00 9.85
CA SER D 291 -41.49 40.63 10.88
C SER D 291 -42.84 40.24 10.28
N CYS D 292 -43.27 40.98 9.26
CA CYS D 292 -44.55 40.72 8.61
C CYS D 292 -44.45 40.96 7.10
N SER D 293 -43.29 40.66 6.52
CA SER D 293 -43.11 40.79 5.07
C SER D 293 -43.99 39.81 4.31
N GLN D 294 -43.91 38.53 4.66
CA GLN D 294 -44.67 37.51 3.96
C GLN D 294 -46.00 37.28 4.65
N GLY D 295 -46.88 36.53 3.98
CA GLY D 295 -48.21 36.23 4.47
C GLY D 295 -49.33 36.87 3.70
N GLY D 296 -49.05 37.94 2.96
CA GLY D 296 -50.09 38.62 2.21
C GLY D 296 -50.04 38.31 0.73
N VAL D 297 -50.08 39.35 -0.09
CA VAL D 297 -50.07 39.16 -1.53
C VAL D 297 -48.73 38.58 -1.98
N ARG D 298 -47.64 39.01 -1.34
CA ARG D 298 -46.30 38.51 -1.61
C ARG D 298 -45.40 39.02 -0.49
N GLY D 299 -44.15 38.56 -0.51
CA GLY D 299 -43.18 39.00 0.48
C GLY D 299 -42.62 40.38 0.18
N GLY D 300 -42.89 41.35 1.07
CA GLY D 300 -42.37 42.69 0.88
C GLY D 300 -40.89 42.79 1.21
N ALA D 301 -40.26 43.80 0.64
CA ALA D 301 -38.83 44.03 0.85
C ALA D 301 -38.58 45.52 1.05
N ALA D 302 -37.31 45.88 1.17
CA ALA D 302 -36.95 47.28 1.40
C ALA D 302 -35.51 47.51 0.97
N THR D 303 -35.23 48.74 0.55
CA THR D 303 -33.89 49.18 0.21
C THR D 303 -33.53 50.36 1.09
N LEU D 304 -32.35 50.28 1.72
CA LEU D 304 -31.87 51.31 2.62
C LEU D 304 -30.82 52.17 1.93
N PHE D 305 -30.84 53.47 2.18
CA PHE D 305 -29.98 54.42 1.49
C PHE D 305 -29.03 55.12 2.48
N TYR D 306 -27.82 55.36 2.01
CA TYR D 306 -26.78 56.07 2.76
C TYR D 306 -25.88 56.78 1.76
N PRO D 307 -25.33 57.94 2.12
CA PRO D 307 -24.40 58.63 1.22
C PRO D 307 -23.06 57.93 1.15
N MET D 308 -22.43 58.03 -0.03
CA MET D 308 -21.13 57.38 -0.24
C MET D 308 -20.06 57.92 0.70
N TRP D 309 -20.13 59.20 1.06
CA TRP D 309 -19.12 59.80 1.92
C TRP D 309 -19.34 59.49 3.39
N HIS D 310 -20.27 58.60 3.73
CA HIS D 310 -20.48 58.22 5.12
C HIS D 310 -19.23 57.55 5.68
N LEU D 311 -19.03 57.67 6.99
CA LEU D 311 -17.82 57.14 7.60
C LEU D 311 -17.80 55.61 7.54
N GLU D 312 -18.94 54.97 7.79
CA GLU D 312 -19.04 53.52 7.79
C GLU D 312 -19.22 52.94 6.39
N VAL D 313 -19.07 53.74 5.33
CA VAL D 313 -19.46 53.31 3.99
C VAL D 313 -18.72 52.05 3.58
N GLU D 314 -17.50 51.86 4.05
CA GLU D 314 -16.77 50.65 3.67
C GLU D 314 -17.38 49.42 4.30
N SER D 315 -18.05 49.58 5.45
CA SER D 315 -18.72 48.47 6.13
C SER D 315 -20.15 48.28 5.66
N LEU D 316 -20.77 49.32 5.10
CA LEU D 316 -22.15 49.23 4.63
C LEU D 316 -22.23 48.59 3.26
N LEU D 317 -21.16 48.71 2.46
CA LEU D 317 -21.15 48.11 1.12
C LEU D 317 -21.12 46.59 1.15
N VAL D 318 -20.53 46.00 2.20
CA VAL D 318 -20.31 44.57 2.25
C VAL D 318 -21.42 43.89 3.02
N LEU D 319 -22.50 44.62 3.30
CA LEU D 319 -23.55 44.08 4.16
C LEU D 319 -24.30 42.93 3.50
N LYS D 320 -24.40 42.92 2.17
CA LYS D 320 -25.09 41.84 1.48
C LYS D 320 -24.17 40.68 1.17
N ASN D 321 -22.86 40.87 1.25
CA ASN D 321 -21.92 39.80 0.95
C ASN D 321 -22.16 38.62 1.89
N ASN D 322 -22.08 37.41 1.34
CA ASN D 322 -22.43 36.21 2.11
C ASN D 322 -21.39 35.85 3.14
N ARG D 323 -20.12 36.16 2.89
CA ARG D 323 -19.06 35.83 3.83
C ARG D 323 -19.13 36.74 5.07
N GLY D 324 -18.16 36.63 5.95
CA GLY D 324 -18.11 37.43 7.15
C GLY D 324 -19.11 36.96 8.19
N VAL D 325 -18.90 37.43 9.43
CA VAL D 325 -19.76 37.01 10.53
C VAL D 325 -21.11 37.70 10.44
N GLU D 326 -22.11 37.11 11.11
CA GLU D 326 -23.44 37.71 11.14
C GLU D 326 -23.46 39.03 11.88
N GLY D 327 -22.48 39.30 12.75
CA GLY D 327 -22.49 40.53 13.51
C GLY D 327 -22.33 41.77 12.66
N ASN D 328 -21.68 41.64 11.51
CA ASN D 328 -21.44 42.77 10.62
C ASN D 328 -22.05 42.56 9.24
N ARG D 329 -23.08 41.73 9.13
CA ARG D 329 -23.74 41.46 7.85
C ARG D 329 -25.24 41.61 8.00
N VAL D 330 -25.83 42.41 7.11
CA VAL D 330 -27.29 42.57 7.02
C VAL D 330 -27.67 42.21 5.59
N ARG D 331 -27.94 40.92 5.36
CA ARG D 331 -27.96 40.41 3.99
C ARG D 331 -29.31 40.61 3.30
N HIS D 332 -30.41 40.47 4.02
CA HIS D 332 -31.74 40.32 3.43
C HIS D 332 -32.41 41.65 3.07
N MET D 333 -31.67 42.76 3.03
CA MET D 333 -32.15 44.01 2.46
C MET D 333 -31.27 44.42 1.28
N ASP D 334 -31.82 45.23 0.39
CA ASP D 334 -31.03 45.83 -0.67
C ASP D 334 -30.57 47.22 -0.24
N TYR D 335 -29.57 47.74 -0.95
CA TYR D 335 -28.97 49.01 -0.57
C TYR D 335 -28.76 49.91 -1.79
N GLY D 336 -28.92 51.20 -1.56
CA GLY D 336 -28.65 52.20 -2.58
C GLY D 336 -27.57 53.18 -2.15
N VAL D 337 -26.47 53.23 -2.90
CA VAL D 337 -25.36 54.13 -2.60
C VAL D 337 -25.62 55.46 -3.28
N GLN D 338 -25.57 56.55 -2.51
CA GLN D 338 -25.88 57.88 -3.01
C GLN D 338 -24.60 58.60 -3.41
N ILE D 339 -24.54 59.05 -4.67
CA ILE D 339 -23.37 59.65 -5.27
C ILE D 339 -23.76 60.94 -5.97
N ASN D 340 -22.86 61.93 -5.96
CA ASN D 340 -23.05 63.17 -6.70
C ASN D 340 -21.81 63.44 -7.56
N LYS D 341 -21.84 64.58 -8.26
CA LYS D 341 -20.77 64.90 -9.21
C LYS D 341 -19.40 64.93 -8.56
N LEU D 342 -19.31 65.46 -7.34
CA LEU D 342 -18.02 65.61 -6.68
C LEU D 342 -17.35 64.25 -6.43
N MET D 343 -18.15 63.24 -6.09
CA MET D 343 -17.59 61.91 -5.85
C MET D 343 -16.99 61.33 -7.12
N TYR D 344 -17.69 61.44 -8.24
CA TYR D 344 -17.16 60.93 -9.51
C TYR D 344 -15.92 61.70 -9.94
N THR D 345 -15.88 63.00 -9.67
CA THR D 345 -14.74 63.82 -10.05
C THR D 345 -13.45 63.32 -9.39
N ARG D 346 -13.53 62.97 -8.11
CA ARG D 346 -12.37 62.45 -7.40
C ARG D 346 -11.87 61.15 -8.04
N LEU D 347 -12.80 60.34 -8.56
CA LEU D 347 -12.43 59.09 -9.21
C LEU D 347 -11.67 59.36 -10.50
N LEU D 348 -12.16 60.30 -11.33
CA LEU D 348 -11.52 60.59 -12.60
C LEU D 348 -10.12 61.16 -12.41
N LYS D 349 -9.88 61.86 -11.31
CA LYS D 349 -8.58 62.44 -11.01
C LYS D 349 -7.69 61.53 -10.17
N GLY D 350 -8.19 60.37 -9.76
CA GLY D 350 -7.40 59.49 -8.92
C GLY D 350 -7.14 59.99 -7.52
N GLU D 351 -7.92 60.98 -7.08
CA GLU D 351 -7.72 61.59 -5.77
C GLU D 351 -8.42 60.75 -4.70
N ASP D 352 -8.53 61.29 -3.49
CA ASP D 352 -9.16 60.59 -2.38
C ASP D 352 -10.60 61.08 -2.19
N ILE D 353 -11.31 60.38 -1.32
CA ILE D 353 -12.64 60.78 -0.87
C ILE D 353 -12.64 60.76 0.65
N THR D 354 -12.94 61.90 1.25
CA THR D 354 -12.94 62.01 2.71
C THR D 354 -14.29 61.55 3.25
N LEU D 355 -14.24 60.63 4.21
CA LEU D 355 -15.43 60.06 4.83
C LEU D 355 -15.72 60.78 6.14
N PHE D 356 -16.95 61.25 6.31
CA PHE D 356 -17.37 61.94 7.51
C PHE D 356 -18.55 61.21 8.14
N SER D 357 -18.69 61.35 9.45
CA SER D 357 -19.98 61.05 10.05
C SER D 357 -20.91 62.21 9.80
N PRO D 358 -22.15 61.98 9.36
CA PRO D 358 -23.05 63.11 9.06
C PRO D 358 -23.33 63.99 10.26
N SER D 359 -23.04 63.52 11.48
CA SER D 359 -23.24 64.33 12.68
C SER D 359 -22.09 65.31 12.93
N ASP D 360 -20.90 65.03 12.41
CA ASP D 360 -19.73 65.87 12.65
C ASP D 360 -19.57 66.98 11.63
N VAL D 361 -20.44 67.04 10.62
CA VAL D 361 -20.29 68.01 9.54
C VAL D 361 -21.60 68.77 9.36
N PRO D 362 -21.78 69.90 10.04
CA PRO D 362 -23.08 70.57 10.03
C PRO D 362 -23.47 71.04 8.65
N GLY D 363 -24.71 70.75 8.27
CA GLY D 363 -25.25 71.16 6.98
C GLY D 363 -24.69 70.42 5.80
N LEU D 364 -23.73 69.52 6.00
CA LEU D 364 -23.16 68.79 4.89
C LEU D 364 -24.15 67.81 4.28
N TYR D 365 -25.04 67.25 5.12
CA TYR D 365 -25.99 66.26 4.62
C TYR D 365 -27.06 66.90 3.74
N ASP D 366 -27.72 67.94 4.23
CA ASP D 366 -28.80 68.55 3.46
C ASP D 366 -28.29 69.15 2.16
N ALA D 367 -27.08 69.70 2.18
CA ALA D 367 -26.49 70.27 0.97
C ALA D 367 -26.14 69.19 -0.05
N PHE D 368 -25.85 67.97 0.43
CA PHE D 368 -25.49 66.88 -0.47
C PHE D 368 -26.55 66.64 -1.54
N PHE D 369 -27.80 67.01 -1.26
CA PHE D 369 -28.90 66.84 -2.19
C PHE D 369 -29.35 68.14 -2.82
N ALA D 370 -29.62 69.17 -2.00
CA ALA D 370 -30.27 70.39 -2.47
C ALA D 370 -29.32 71.31 -3.23
N ASP D 371 -28.14 71.58 -2.66
CA ASP D 371 -27.24 72.62 -3.17
C ASP D 371 -25.90 71.98 -3.51
N GLN D 372 -25.66 71.75 -4.80
CA GLN D 372 -24.41 71.13 -5.21
C GLN D 372 -23.23 72.07 -4.99
N GLU D 373 -23.43 73.38 -5.13
CA GLU D 373 -22.37 74.33 -4.84
C GLU D 373 -22.05 74.35 -3.35
N GLU D 374 -23.08 74.50 -2.51
CA GLU D 374 -22.87 74.57 -1.07
C GLU D 374 -22.21 73.30 -0.53
N PHE D 375 -22.53 72.15 -1.11
CA PHE D 375 -21.90 70.91 -0.67
C PHE D 375 -20.40 70.93 -0.92
N GLU D 376 -19.99 71.25 -2.15
CA GLU D 376 -18.57 71.32 -2.47
C GLU D 376 -17.84 72.33 -1.59
N ARG D 377 -18.50 73.43 -1.25
CA ARG D 377 -17.91 74.39 -0.33
C ARG D 377 -17.74 73.78 1.07
N LEU D 378 -18.82 73.23 1.61
CA LEU D 378 -18.74 72.62 2.95
C LEU D 378 -17.80 71.42 2.95
N TYR D 379 -17.83 70.62 1.89
CA TYR D 379 -17.00 69.42 1.84
C TYR D 379 -15.52 69.77 1.89
N THR D 380 -15.08 70.67 0.99
CA THR D 380 -13.66 71.03 0.93
C THR D 380 -13.20 71.72 2.21
N LYS D 381 -14.06 72.52 2.83
CA LYS D 381 -13.69 73.14 4.11
C LYS D 381 -13.48 72.09 5.18
N TYR D 382 -14.41 71.14 5.29
CA TYR D 382 -14.31 70.09 6.29
C TYR D 382 -13.14 69.15 6.01
N GLU D 383 -12.73 69.01 4.75
CA GLU D 383 -11.57 68.20 4.42
C GLU D 383 -10.30 68.77 5.03
N LYS D 384 -10.18 70.09 5.09
CA LYS D 384 -8.98 70.71 5.65
C LYS D 384 -9.03 70.81 7.17
N ASP D 385 -10.22 70.79 7.75
CA ASP D 385 -10.36 70.86 9.20
C ASP D 385 -9.76 69.62 9.84
N ASP D 386 -8.80 69.81 10.74
CA ASP D 386 -8.19 68.70 11.46
C ASP D 386 -8.88 68.39 12.78
N SER D 387 -9.78 69.25 13.23
CA SER D 387 -10.54 68.98 14.45
C SER D 387 -11.79 68.14 14.19
N ILE D 388 -12.06 67.78 12.93
CA ILE D 388 -13.23 67.00 12.55
C ILE D 388 -12.79 65.58 12.25
N ARG D 389 -13.45 64.61 12.87
CA ARG D 389 -13.14 63.20 12.63
C ARG D 389 -13.40 62.83 11.17
N LYS D 390 -12.37 62.35 10.48
CA LYS D 390 -12.44 62.07 9.07
C LYS D 390 -11.75 60.74 8.75
N GLN D 391 -11.81 60.35 7.48
CA GLN D 391 -11.21 59.11 7.00
C GLN D 391 -10.99 59.25 5.51
N ARG D 392 -9.75 59.07 5.05
CA ARG D 392 -9.42 59.20 3.65
C ARG D 392 -9.35 57.82 3.00
N VAL D 393 -9.95 57.69 1.83
CA VAL D 393 -9.92 56.46 1.04
C VAL D 393 -9.68 56.86 -0.41
N LYS D 394 -8.82 56.11 -1.10
CA LYS D 394 -8.64 56.35 -2.53
C LYS D 394 -9.96 56.16 -3.25
N ALA D 395 -10.40 57.21 -3.95
CA ALA D 395 -11.67 57.14 -4.67
C ALA D 395 -11.71 55.96 -5.63
N VAL D 396 -10.57 55.60 -6.20
CA VAL D 396 -10.53 54.46 -7.12
C VAL D 396 -10.85 53.17 -6.38
N GLU D 397 -10.43 53.05 -5.11
CA GLU D 397 -10.71 51.84 -4.36
C GLU D 397 -12.11 51.86 -3.76
N LEU D 398 -12.56 53.02 -3.26
CA LEU D 398 -13.91 53.10 -2.72
C LEU D 398 -14.95 52.77 -3.77
N PHE D 399 -14.76 53.29 -4.99
CA PHE D 399 -15.66 52.94 -6.09
C PHE D 399 -15.53 51.47 -6.45
N SER D 400 -14.31 50.92 -6.39
CA SER D 400 -14.11 49.51 -6.69
C SER D 400 -14.82 48.62 -5.67
N LEU D 401 -14.71 48.96 -4.39
CA LEU D 401 -15.39 48.20 -3.34
C LEU D 401 -16.90 48.16 -3.58
N MET D 402 -17.49 49.32 -3.89
CA MET D 402 -18.92 49.39 -4.14
C MET D 402 -19.32 48.56 -5.37
N MET D 403 -18.63 48.80 -6.49
CA MET D 403 -18.96 48.10 -7.73
C MET D 403 -18.70 46.59 -7.63
N GLN D 404 -17.77 46.17 -6.77
CA GLN D 404 -17.54 44.73 -6.61
C GLN D 404 -18.67 44.08 -5.83
N GLU D 405 -19.18 44.77 -4.81
CA GLU D 405 -20.35 44.24 -4.08
C GLU D 405 -21.62 44.39 -4.89
N ARG D 406 -21.70 45.40 -5.75
CA ARG D 406 -22.82 45.49 -6.67
C ARG D 406 -22.79 44.37 -7.70
N ALA D 407 -21.59 43.96 -8.13
CA ALA D 407 -21.49 42.91 -9.12
C ALA D 407 -21.86 41.55 -8.53
N SER D 408 -21.25 41.20 -7.38
CA SER D 408 -21.45 39.86 -6.82
C SER D 408 -22.87 39.67 -6.34
N THR D 409 -23.42 40.65 -5.62
CA THR D 409 -24.78 40.53 -5.09
C THR D 409 -25.85 40.97 -6.08
N GLY D 410 -25.54 41.93 -6.95
CA GLY D 410 -26.53 42.44 -7.89
C GLY D 410 -27.54 43.39 -7.30
N ARG D 411 -27.53 43.57 -5.98
CA ARG D 411 -28.57 44.35 -5.29
C ARG D 411 -27.98 45.54 -4.53
N ILE D 412 -26.80 46.01 -4.93
CA ILE D 412 -26.26 47.26 -4.43
C ILE D 412 -26.52 48.33 -5.49
N TYR D 413 -27.48 49.22 -5.22
CA TYR D 413 -27.97 50.18 -6.20
C TYR D 413 -27.27 51.53 -6.06
N ILE D 414 -27.49 52.39 -7.05
CA ILE D 414 -26.81 53.68 -7.17
C ILE D 414 -27.85 54.76 -7.43
N GLN D 415 -27.75 55.87 -6.71
CA GLN D 415 -28.64 57.02 -6.90
C GLN D 415 -27.80 58.28 -7.02
N ASN D 416 -27.77 58.87 -8.22
CA ASN D 416 -27.11 60.15 -8.43
C ASN D 416 -28.00 61.25 -7.88
N VAL D 417 -27.69 61.71 -6.66
CA VAL D 417 -28.60 62.63 -5.97
C VAL D 417 -28.60 64.02 -6.62
N ASP D 418 -27.50 64.42 -7.27
CA ASP D 418 -27.51 65.74 -7.90
C ASP D 418 -28.43 65.75 -9.12
N HIS D 419 -28.48 64.63 -9.85
CA HIS D 419 -29.44 64.51 -10.94
C HIS D 419 -30.87 64.43 -10.41
N CYS D 420 -31.05 63.84 -9.23
CA CYS D 420 -32.37 63.73 -8.65
C CYS D 420 -32.90 65.06 -8.14
N ASN D 421 -32.13 66.14 -8.28
CA ASN D 421 -32.55 67.47 -7.85
C ASN D 421 -32.35 68.47 -8.97
N THR D 422 -31.38 68.19 -9.86
CA THR D 422 -31.19 69.03 -11.04
C THR D 422 -32.35 68.90 -12.01
N HIS D 423 -32.81 67.67 -12.22
CA HIS D 423 -33.88 67.39 -13.17
C HIS D 423 -35.08 66.78 -12.45
N SER D 424 -35.66 67.52 -11.52
CA SER D 424 -36.76 67.04 -10.70
C SER D 424 -37.94 67.99 -10.80
N PRO D 425 -39.14 67.52 -10.46
CA PRO D 425 -40.28 68.43 -10.40
C PRO D 425 -40.41 69.11 -9.04
N PHE D 426 -39.31 69.17 -8.29
CA PHE D 426 -39.34 69.76 -6.96
C PHE D 426 -38.23 70.79 -6.79
N ASP D 427 -38.52 71.80 -5.96
CA ASP D 427 -37.56 72.85 -5.62
C ASP D 427 -36.66 72.32 -4.50
N PRO D 428 -35.37 72.12 -4.76
CA PRO D 428 -34.47 71.61 -3.71
C PRO D 428 -34.46 72.48 -2.45
N ALA D 429 -34.77 73.78 -2.58
CA ALA D 429 -34.82 74.64 -1.41
C ALA D 429 -36.00 74.29 -0.52
N ILE D 430 -37.13 73.91 -1.11
CA ILE D 430 -38.36 73.65 -0.37
C ILE D 430 -38.53 72.18 -0.06
N ALA D 431 -38.43 71.32 -1.07
CA ALA D 431 -38.68 69.88 -0.92
C ALA D 431 -37.67 69.09 -1.74
N PRO D 432 -36.47 68.88 -1.20
CA PRO D 432 -35.45 68.13 -1.93
C PRO D 432 -35.73 66.63 -1.92
N VAL D 433 -35.17 65.95 -2.91
CA VAL D 433 -35.21 64.50 -2.97
C VAL D 433 -33.94 63.97 -2.32
N ARG D 434 -34.09 63.18 -1.26
CA ARG D 434 -32.96 62.65 -0.50
C ARG D 434 -32.98 61.12 -0.41
N GLN D 435 -33.74 60.45 -1.28
CA GLN D 435 -34.01 59.03 -1.05
C GLN D 435 -34.69 58.47 -2.29
N SER D 436 -34.78 57.14 -2.33
CA SER D 436 -35.53 56.45 -3.38
C SER D 436 -36.32 55.32 -2.74
N ASN D 437 -36.82 54.39 -3.57
CA ASN D 437 -37.68 53.32 -3.11
C ASN D 437 -36.99 51.96 -3.30
N LEU D 438 -37.79 50.89 -3.32
CA LEU D 438 -37.23 49.55 -3.45
C LEU D 438 -36.59 49.32 -4.81
N CYS D 439 -37.27 49.74 -5.88
CA CYS D 439 -36.83 49.45 -7.23
C CYS D 439 -36.18 50.66 -7.90
N LEU D 440 -35.93 51.73 -7.15
CA LEU D 440 -35.09 52.86 -7.58
C LEU D 440 -35.70 53.62 -8.76
N GLU D 441 -37.03 53.72 -8.81
CA GLU D 441 -37.68 54.53 -9.83
C GLU D 441 -38.49 55.67 -9.24
N ILE D 442 -38.57 55.78 -7.92
CA ILE D 442 -39.35 56.79 -7.24
C ILE D 442 -38.39 57.76 -6.56
N ALA D 443 -38.65 59.06 -6.74
CA ALA D 443 -37.84 60.10 -6.13
C ALA D 443 -38.78 61.17 -5.59
N LEU D 444 -39.04 61.13 -4.28
CA LEU D 444 -40.01 62.02 -3.67
C LEU D 444 -39.44 62.61 -2.38
N PRO D 445 -39.88 63.80 -1.99
CA PRO D 445 -39.36 64.43 -0.78
C PRO D 445 -39.88 63.77 0.49
N THR D 446 -39.07 63.85 1.54
CA THR D 446 -39.38 63.26 2.84
C THR D 446 -38.84 64.13 3.95
N LYS D 447 -39.44 63.98 5.14
CA LYS D 447 -38.98 64.62 6.37
C LYS D 447 -39.09 63.63 7.51
N PRO D 448 -38.01 63.34 8.24
CA PRO D 448 -38.06 62.30 9.29
C PRO D 448 -39.06 62.64 10.38
N LEU D 449 -39.46 61.62 11.12
CA LEU D 449 -40.50 61.70 12.13
C LEU D 449 -39.93 61.69 13.54
N ASN D 450 -40.70 62.26 14.47
CA ASN D 450 -40.38 62.24 15.89
C ASN D 450 -41.18 61.20 16.66
N ASP D 451 -42.39 60.90 16.19
CA ASP D 451 -43.21 59.82 16.71
C ASP D 451 -43.80 59.08 15.51
N VAL D 452 -44.43 57.94 15.78
CA VAL D 452 -45.14 57.22 14.73
C VAL D 452 -46.19 58.10 14.08
N ASN D 453 -46.79 59.01 14.86
CA ASN D 453 -47.86 59.88 14.39
C ASN D 453 -47.43 61.35 14.38
N ASP D 454 -46.13 61.61 14.23
CA ASP D 454 -45.63 62.97 14.15
C ASP D 454 -46.23 63.68 12.95
N GLU D 455 -47.01 64.74 13.22
CA GLU D 455 -47.65 65.47 12.13
C GLU D 455 -46.65 66.22 11.27
N ASN D 456 -45.50 66.61 11.85
CA ASN D 456 -44.57 67.46 11.12
C ASN D 456 -43.68 66.66 10.18
N GLY D 457 -43.60 65.34 10.34
CA GLY D 457 -42.86 64.52 9.41
C GLY D 457 -43.62 64.28 8.11
N GLU D 458 -42.89 63.77 7.11
CA GLU D 458 -43.47 63.45 5.82
C GLU D 458 -42.94 62.13 5.31
N ILE D 459 -43.84 61.18 5.07
CA ILE D 459 -43.54 59.93 4.38
C ILE D 459 -44.16 59.98 2.99
N ALA D 460 -43.33 59.78 1.97
CA ALA D 460 -43.76 59.91 0.58
C ALA D 460 -44.39 58.62 0.07
N LEU D 461 -45.60 58.74 -0.47
CA LEU D 461 -46.31 57.63 -1.09
C LEU D 461 -46.43 57.87 -2.59
N CYS D 462 -46.28 56.80 -3.37
CA CYS D 462 -46.46 56.87 -4.81
C CYS D 462 -47.37 55.74 -5.26
N THR D 463 -48.37 56.08 -6.05
CA THR D 463 -49.29 55.11 -6.64
C THR D 463 -48.97 54.95 -8.12
N LEU D 464 -49.00 53.72 -8.61
CA LEU D 464 -48.42 53.40 -9.91
C LEU D 464 -49.47 52.85 -10.87
N SER D 465 -49.08 52.83 -12.14
CA SER D 465 -49.81 52.21 -13.26
C SER D 465 -48.89 52.34 -14.47
N ALA D 466 -49.24 51.64 -15.56
CA ALA D 466 -48.39 51.62 -16.74
C ALA D 466 -49.21 51.63 -18.03
N PHE D 467 -48.60 52.17 -19.08
CA PHE D 467 -49.13 52.10 -20.45
C PHE D 467 -48.51 50.92 -21.18
N ASN D 468 -49.36 50.14 -21.85
CA ASN D 468 -48.90 49.01 -22.67
C ASN D 468 -48.54 49.52 -24.06
N LEU D 469 -47.23 49.68 -24.32
CA LEU D 469 -46.80 50.22 -25.60
C LEU D 469 -47.14 49.31 -26.77
N GLY D 470 -47.32 48.02 -26.54
CA GLY D 470 -47.77 47.14 -27.61
C GLY D 470 -49.24 47.33 -27.94
N ALA D 471 -50.02 47.82 -26.97
CA ALA D 471 -51.46 47.94 -27.17
C ALA D 471 -51.84 49.14 -28.02
N ILE D 472 -51.02 50.20 -28.03
CA ILE D 472 -51.36 51.40 -28.79
C ILE D 472 -50.91 51.25 -30.23
N ASN D 473 -51.64 51.92 -31.13
CA ASN D 473 -51.29 51.98 -32.54
C ASN D 473 -50.89 53.37 -33.00
N ASN D 474 -51.08 54.38 -32.16
CA ASN D 474 -50.72 55.76 -32.48
C ASN D 474 -50.46 56.50 -31.19
N LEU D 475 -49.47 57.39 -31.19
CA LEU D 475 -49.06 58.06 -29.96
C LEU D 475 -50.19 58.92 -29.38
N ASP D 476 -51.10 59.39 -30.24
CA ASP D 476 -52.20 60.23 -29.78
C ASP D 476 -53.25 59.44 -29.01
N GLU D 477 -53.23 58.10 -29.10
CA GLU D 477 -54.10 57.29 -28.25
C GLU D 477 -53.77 57.47 -26.77
N LEU D 478 -52.55 57.89 -26.47
CA LEU D 478 -52.14 58.10 -25.08
C LEU D 478 -52.93 59.20 -24.41
N GLU D 479 -53.41 60.18 -25.18
CA GLU D 479 -54.13 61.32 -24.61
C GLU D 479 -55.34 60.86 -23.80
N GLU D 480 -56.19 60.03 -24.41
CA GLU D 480 -57.36 59.55 -23.70
C GLU D 480 -56.97 58.55 -22.60
N LEU D 481 -55.92 57.76 -22.85
CA LEU D 481 -55.47 56.79 -21.87
C LEU D 481 -54.87 57.48 -20.63
N ALA D 482 -54.15 58.59 -20.84
CA ALA D 482 -53.59 59.32 -19.72
C ALA D 482 -54.69 59.90 -18.85
N ILE D 483 -55.79 60.34 -19.47
CA ILE D 483 -56.92 60.84 -18.70
C ILE D 483 -57.49 59.74 -17.81
N LEU D 484 -57.77 58.58 -18.39
CA LEU D 484 -58.33 57.48 -17.61
C LEU D 484 -57.39 57.04 -16.50
N ALA D 485 -56.09 57.00 -16.79
CA ALA D 485 -55.12 56.51 -15.81
C ALA D 485 -54.96 57.48 -14.65
N VAL D 486 -54.75 58.77 -14.95
CA VAL D 486 -54.55 59.75 -13.89
C VAL D 486 -55.80 59.91 -13.04
N ARG D 487 -56.98 59.97 -13.67
CA ARG D 487 -58.22 60.12 -12.92
C ARG D 487 -58.43 58.97 -11.95
N ALA D 488 -58.17 57.74 -12.39
CA ALA D 488 -58.37 56.58 -11.53
C ALA D 488 -57.39 56.58 -10.35
N LEU D 489 -56.13 56.93 -10.61
CA LEU D 489 -55.14 56.93 -9.54
C LEU D 489 -55.32 58.12 -8.60
N ASP D 490 -55.70 59.27 -9.15
CA ASP D 490 -55.88 60.45 -8.30
C ASP D 490 -57.06 60.27 -7.36
N ALA D 491 -58.17 59.72 -7.87
CA ALA D 491 -59.30 59.42 -7.01
C ALA D 491 -58.99 58.29 -6.04
N LEU D 492 -58.03 57.42 -6.40
CA LEU D 492 -57.59 56.38 -5.48
C LEU D 492 -56.98 56.96 -4.21
N LEU D 493 -56.28 58.09 -4.34
CA LEU D 493 -55.62 58.69 -3.19
C LEU D 493 -56.64 59.12 -2.14
N ASP D 494 -57.79 59.62 -2.57
CA ASP D 494 -58.85 59.96 -1.62
C ASP D 494 -59.62 58.74 -1.14
N TYR D 495 -59.58 57.64 -1.90
CA TYR D 495 -60.41 56.48 -1.59
C TYR D 495 -59.77 55.59 -0.53
N GLN D 496 -58.43 55.52 -0.49
CA GLN D 496 -57.75 54.58 0.39
C GLN D 496 -57.50 55.19 1.78
N ASP D 497 -57.07 54.34 2.70
CA ASP D 497 -56.71 54.72 4.06
C ASP D 497 -55.19 54.79 4.20
N TYR D 498 -54.75 55.38 5.30
CA TYR D 498 -53.33 55.66 5.53
C TYR D 498 -52.91 55.24 6.93
N PRO D 499 -52.21 54.12 7.08
CA PRO D 499 -51.80 53.67 8.42
C PRO D 499 -50.85 54.60 9.15
N ILE D 500 -50.16 55.50 8.46
CA ILE D 500 -49.21 56.42 9.08
C ILE D 500 -49.64 57.85 8.78
N PRO D 501 -49.83 58.71 9.80
CA PRO D 501 -50.21 60.10 9.52
C PRO D 501 -49.26 60.85 8.61
N ALA D 502 -47.94 60.74 8.85
CA ALA D 502 -46.99 61.47 8.02
C ALA D 502 -47.05 61.03 6.56
N ALA D 503 -47.48 59.80 6.31
CA ALA D 503 -47.62 59.33 4.93
C ALA D 503 -48.81 59.98 4.25
N LYS D 504 -49.93 60.11 4.97
CA LYS D 504 -51.10 60.77 4.39
C LYS D 504 -50.81 62.21 4.02
N ARG D 505 -49.96 62.89 4.78
CA ARG D 505 -49.66 64.29 4.50
C ARG D 505 -48.95 64.44 3.16
N GLY D 506 -47.97 63.59 2.88
CA GLY D 506 -47.31 63.65 1.58
C GLY D 506 -48.25 63.28 0.45
N ALA D 507 -49.01 62.19 0.63
CA ALA D 507 -49.90 61.71 -0.42
C ALA D 507 -51.00 62.72 -0.71
N MET D 508 -51.47 63.44 0.30
CA MET D 508 -52.55 64.40 0.09
C MET D 508 -52.04 65.78 -0.30
N GLY D 509 -50.84 66.16 0.15
CA GLY D 509 -50.29 67.45 -0.22
C GLY D 509 -49.61 67.45 -1.57
N ARG D 510 -48.98 66.33 -1.94
CA ARG D 510 -48.28 66.22 -3.21
C ARG D 510 -49.06 65.46 -4.27
N ARG D 511 -49.89 64.49 -3.85
CA ARG D 511 -50.67 63.67 -4.77
C ARG D 511 -49.78 63.06 -5.85
N THR D 512 -48.65 62.53 -5.41
CA THR D 512 -47.63 62.02 -6.32
C THR D 512 -48.08 60.73 -6.99
N LEU D 513 -47.99 60.68 -8.31
CA LEU D 513 -48.28 59.48 -9.08
C LEU D 513 -47.03 59.03 -9.82
N GLY D 514 -46.97 57.74 -10.13
CA GLY D 514 -45.87 57.19 -10.88
C GLY D 514 -46.33 56.27 -11.99
N ILE D 515 -46.63 56.83 -13.16
CA ILE D 515 -47.13 56.05 -14.29
C ILE D 515 -45.98 55.72 -15.22
N GLY D 516 -45.86 54.45 -15.60
CA GLY D 516 -44.78 54.00 -16.46
C GLY D 516 -45.23 53.32 -17.73
N VAL D 517 -44.38 52.45 -18.28
CA VAL D 517 -44.66 51.75 -19.53
C VAL D 517 -44.29 50.28 -19.38
N ILE D 518 -44.96 49.45 -20.18
CA ILE D 518 -44.61 48.04 -20.33
C ILE D 518 -44.57 47.71 -21.83
N ASN D 519 -44.12 46.49 -22.13
CA ASN D 519 -44.03 45.99 -23.51
C ASN D 519 -43.17 46.90 -24.39
N PHE D 520 -42.10 47.45 -23.80
CA PHE D 520 -41.25 48.36 -24.56
C PHE D 520 -40.38 47.61 -25.57
N ALA D 521 -39.89 46.42 -25.21
CA ALA D 521 -39.08 45.67 -26.16
C ALA D 521 -39.91 45.22 -27.35
N TYR D 522 -41.12 44.71 -27.09
CA TYR D 522 -42.05 44.39 -28.17
C TYR D 522 -42.43 45.63 -28.96
N TYR D 523 -42.44 46.79 -28.30
CA TYR D 523 -42.70 48.04 -29.00
C TYR D 523 -41.57 48.37 -29.97
N LEU D 524 -40.32 48.13 -29.57
CA LEU D 524 -39.20 48.33 -30.48
C LEU D 524 -39.21 47.28 -31.60
N ALA D 525 -39.62 46.05 -31.28
CA ALA D 525 -39.68 45.02 -32.30
C ALA D 525 -40.71 45.37 -33.37
N LYS D 526 -41.85 45.95 -32.96
CA LYS D 526 -42.86 46.34 -33.93
C LYS D 526 -42.39 47.49 -34.81
N HIS D 527 -41.46 48.31 -34.32
CA HIS D 527 -40.91 49.41 -35.09
C HIS D 527 -39.58 49.05 -35.74
N GLY D 528 -39.16 47.79 -35.65
CA GLY D 528 -37.91 47.39 -36.25
C GLY D 528 -36.70 48.14 -35.74
N LYS D 529 -36.64 48.37 -34.43
CA LYS D 529 -35.52 49.04 -33.79
C LYS D 529 -34.89 48.09 -32.75
N ARG D 530 -33.73 48.49 -32.24
CA ARG D 530 -33.01 47.68 -31.28
C ARG D 530 -32.42 48.55 -30.18
N TYR D 531 -32.11 47.91 -29.05
CA TYR D 531 -31.55 48.62 -27.91
C TYR D 531 -30.12 49.05 -28.17
N SER D 532 -29.26 48.13 -28.61
CA SER D 532 -27.82 48.33 -28.54
C SER D 532 -27.30 49.26 -29.63
N ASP D 533 -27.79 49.13 -30.86
CA ASP D 533 -27.22 49.89 -31.96
C ASP D 533 -27.51 51.38 -31.87
N GLY D 534 -28.52 51.78 -31.11
CA GLY D 534 -28.90 53.18 -31.02
C GLY D 534 -29.95 53.60 -32.01
N SER D 535 -30.58 52.65 -32.70
CA SER D 535 -31.60 52.95 -33.70
C SER D 535 -32.93 53.37 -33.08
N ALA D 536 -33.11 53.18 -31.78
CA ALA D 536 -34.33 53.55 -31.08
C ALA D 536 -34.23 54.90 -30.39
N ASN D 537 -33.10 55.58 -30.48
CA ASN D 537 -32.88 56.82 -29.75
C ASN D 537 -33.94 57.87 -30.10
N ASN D 538 -34.04 58.23 -31.39
CA ASN D 538 -35.01 59.24 -31.80
C ASN D 538 -36.44 58.75 -31.61
N LEU D 539 -36.69 57.46 -31.78
CA LEU D 539 -38.02 56.92 -31.53
C LEU D 539 -38.38 56.98 -30.05
N THR D 540 -37.43 56.66 -29.17
CA THR D 540 -37.68 56.75 -27.73
C THR D 540 -38.00 58.18 -27.32
N HIS D 541 -37.28 59.16 -27.87
CA HIS D 541 -37.56 60.56 -27.58
C HIS D 541 -38.96 60.93 -28.04
N LYS D 542 -39.34 60.52 -29.25
CA LYS D 542 -40.68 60.82 -29.75
C LYS D 542 -41.76 60.14 -28.92
N THR D 543 -41.52 58.89 -28.50
CA THR D 543 -42.51 58.14 -27.75
C THR D 543 -42.72 58.72 -26.36
N PHE D 544 -41.64 58.90 -25.60
CA PHE D 544 -41.75 59.35 -24.22
C PHE D 544 -42.05 60.84 -24.10
N GLU D 545 -41.79 61.64 -25.14
CA GLU D 545 -42.32 62.99 -25.16
C GLU D 545 -43.84 62.97 -25.12
N ALA D 546 -44.45 62.12 -25.95
CA ALA D 546 -45.90 61.99 -25.97
C ALA D 546 -46.43 61.48 -24.63
N ILE D 547 -45.70 60.55 -24.00
CA ILE D 547 -46.13 59.99 -22.72
C ILE D 547 -46.19 61.08 -21.65
N GLN D 548 -45.12 61.85 -21.53
CA GLN D 548 -45.07 62.88 -20.49
C GLN D 548 -46.03 64.03 -20.78
N TYR D 549 -46.15 64.42 -22.06
CA TYR D 549 -47.04 65.52 -22.42
C TYR D 549 -48.49 65.20 -22.08
N TYR D 550 -48.98 64.05 -22.53
CA TYR D 550 -50.38 63.70 -22.29
C TYR D 550 -50.65 63.40 -20.83
N LEU D 551 -49.63 63.02 -20.06
CA LEU D 551 -49.80 62.84 -18.62
C LEU D 551 -49.96 64.17 -17.92
N LEU D 552 -49.06 65.12 -18.20
CA LEU D 552 -49.18 66.47 -17.64
C LEU D 552 -50.50 67.12 -18.07
N LYS D 553 -50.81 67.04 -19.37
CA LYS D 553 -52.05 67.61 -19.88
C LYS D 553 -53.27 66.98 -19.23
N ALA D 554 -53.20 65.69 -18.91
CA ALA D 554 -54.30 65.04 -18.21
C ALA D 554 -54.43 65.55 -16.78
N SER D 555 -53.30 65.71 -16.08
CA SER D 555 -53.36 66.20 -14.71
C SER D 555 -53.67 67.69 -14.64
N ASN D 556 -53.29 68.45 -15.67
CA ASN D 556 -53.61 69.88 -15.68
C ASN D 556 -55.11 70.09 -15.86
N GLU D 557 -55.75 69.33 -16.74
CA GLU D 557 -57.20 69.39 -16.87
C GLU D 557 -57.87 68.94 -15.59
N LEU D 558 -57.34 67.89 -14.95
CA LEU D 558 -57.87 67.47 -13.65
C LEU D 558 -57.61 68.54 -12.60
N ALA D 559 -56.54 69.31 -12.73
CA ALA D 559 -56.30 70.41 -11.80
C ALA D 559 -57.33 71.52 -11.97
N LYS D 560 -57.83 71.74 -13.19
CA LYS D 560 -58.92 72.69 -13.37
C LYS D 560 -60.19 72.20 -12.68
N GLU D 561 -60.50 70.92 -12.82
CA GLU D 561 -61.77 70.40 -12.33
C GLU D 561 -61.79 70.32 -10.80
N GLN D 562 -60.67 69.93 -10.19
CA GLN D 562 -60.64 69.65 -8.76
C GLN D 562 -59.64 70.51 -8.00
N GLY D 563 -58.89 71.37 -8.68
CA GLY D 563 -57.90 72.18 -7.99
C GLY D 563 -56.56 71.48 -7.93
N ALA D 564 -55.46 72.21 -8.12
CA ALA D 564 -54.14 71.61 -8.04
C ALA D 564 -53.90 71.06 -6.64
N CYS D 565 -52.88 70.22 -6.52
CA CYS D 565 -52.56 69.64 -5.22
C CYS D 565 -52.15 70.74 -4.26
N PRO D 566 -52.49 70.62 -2.96
CA PRO D 566 -52.26 71.73 -2.03
C PRO D 566 -50.84 72.27 -2.03
N TRP D 567 -49.83 71.41 -2.14
CA TRP D 567 -48.44 71.82 -2.04
C TRP D 567 -47.80 72.01 -3.42
N PHE D 568 -48.61 72.38 -4.42
CA PHE D 568 -48.11 72.55 -5.78
C PHE D 568 -47.06 73.65 -5.87
N ASN D 569 -47.12 74.64 -4.96
CA ASN D 569 -46.18 75.76 -5.00
C ASN D 569 -44.73 75.31 -4.79
N GLU D 570 -44.51 74.15 -4.17
CA GLU D 570 -43.18 73.63 -3.91
C GLU D 570 -42.52 72.99 -5.13
N THR D 571 -43.25 72.88 -6.25
CA THR D 571 -42.77 72.21 -7.45
C THR D 571 -42.10 73.19 -8.41
N THR D 572 -41.23 72.65 -9.26
CA THR D 572 -40.62 73.45 -10.33
C THR D 572 -41.62 73.77 -11.43
N TYR D 573 -42.70 72.99 -11.54
CA TYR D 573 -43.74 73.32 -12.51
C TYR D 573 -44.41 74.65 -12.17
N ALA D 574 -44.61 74.91 -10.88
CA ALA D 574 -45.22 76.17 -10.44
C ALA D 574 -44.40 77.36 -10.91
N LYS D 575 -43.08 77.22 -10.94
CA LYS D 575 -42.19 78.25 -11.44
C LYS D 575 -42.13 78.27 -12.97
N GLY D 576 -42.98 77.51 -13.63
CA GLY D 576 -43.01 77.49 -15.08
C GLY D 576 -41.91 76.70 -15.72
N ILE D 577 -41.22 75.83 -14.97
CA ILE D 577 -40.11 75.04 -15.48
C ILE D 577 -40.59 73.64 -15.82
N LEU D 578 -40.23 73.16 -17.00
CA LEU D 578 -40.61 71.86 -17.51
C LEU D 578 -39.41 70.91 -17.55
N PRO D 579 -39.64 69.60 -17.64
CA PRO D 579 -38.52 68.68 -17.81
C PRO D 579 -37.67 68.96 -19.04
N ILE D 580 -38.26 69.59 -20.07
CA ILE D 580 -37.55 69.90 -21.31
C ILE D 580 -36.57 71.05 -21.06
N ASP D 581 -36.58 71.59 -19.85
CA ASP D 581 -35.69 72.66 -19.45
C ASP D 581 -34.54 72.19 -18.56
N THR D 582 -34.83 71.28 -17.63
CA THR D 582 -33.86 70.88 -16.61
C THR D 582 -33.13 69.60 -16.95
N TYR D 583 -33.40 68.99 -18.11
CA TYR D 583 -32.77 67.74 -18.47
C TYR D 583 -31.28 67.94 -18.73
N LYS D 584 -30.54 66.83 -18.69
CA LYS D 584 -29.10 66.87 -18.94
C LYS D 584 -28.85 67.20 -20.40
N LYS D 585 -28.17 68.32 -20.65
CA LYS D 585 -28.01 68.79 -22.03
C LYS D 585 -27.17 67.85 -22.88
N ASP D 586 -26.41 66.95 -22.26
CA ASP D 586 -25.62 65.98 -23.01
C ASP D 586 -26.48 65.06 -23.86
N LEU D 587 -27.77 64.94 -23.53
CA LEU D 587 -28.66 64.08 -24.30
C LEU D 587 -28.83 64.52 -25.75
N ASP D 588 -28.56 65.79 -26.05
CA ASP D 588 -28.73 66.28 -27.42
C ASP D 588 -27.70 65.73 -28.38
N THR D 589 -26.68 65.03 -27.90
CA THR D 589 -25.67 64.43 -28.75
C THR D 589 -25.94 62.97 -29.09
N ILE D 590 -27.09 62.44 -28.68
CA ILE D 590 -27.48 61.06 -28.99
C ILE D 590 -28.93 61.03 -29.46
N ALA D 591 -29.52 62.22 -29.65
CA ALA D 591 -30.90 62.31 -30.13
C ALA D 591 -31.13 63.68 -30.71
N ASN D 592 -31.47 63.75 -32.00
CA ASN D 592 -31.79 65.00 -32.66
C ASN D 592 -33.27 65.12 -32.99
N GLU D 593 -34.10 64.25 -32.43
CA GLU D 593 -35.54 64.33 -32.66
C GLU D 593 -36.09 65.60 -32.02
N PRO D 594 -36.86 66.39 -32.74
CA PRO D 594 -37.41 67.63 -32.17
C PRO D 594 -38.62 67.35 -31.30
N LEU D 595 -39.02 68.37 -30.54
CA LEU D 595 -40.28 68.28 -29.82
C LEU D 595 -41.44 68.42 -30.78
N HIS D 596 -42.47 67.58 -30.58
CA HIS D 596 -43.59 67.50 -31.50
C HIS D 596 -44.89 68.06 -30.94
N TYR D 597 -45.01 68.19 -29.62
CA TYR D 597 -46.22 68.64 -28.98
C TYR D 597 -46.07 70.06 -28.44
N ASP D 598 -47.20 70.73 -28.27
CA ASP D 598 -47.24 72.14 -27.87
C ASP D 598 -46.95 72.25 -26.38
N TRP D 599 -45.65 72.27 -26.06
CA TRP D 599 -45.21 72.35 -24.67
C TRP D 599 -45.34 73.77 -24.12
N GLU D 600 -45.21 74.78 -24.97
CA GLU D 600 -45.29 76.16 -24.49
C GLU D 600 -46.71 76.52 -24.09
N ALA D 601 -47.72 75.95 -24.76
CA ALA D 601 -49.09 76.16 -24.33
C ALA D 601 -49.38 75.43 -23.03
N LEU D 602 -48.81 74.24 -22.86
CA LEU D 602 -48.93 73.54 -21.58
C LEU D 602 -48.16 74.25 -20.47
N ARG D 603 -46.98 74.81 -20.80
CA ARG D 603 -46.21 75.55 -19.81
C ARG D 603 -47.01 76.71 -19.24
N GLU D 604 -47.68 77.46 -20.12
CA GLU D 604 -48.54 78.54 -19.65
C GLU D 604 -49.75 77.98 -18.91
N SER D 605 -50.34 76.91 -19.44
CA SER D 605 -51.53 76.33 -18.81
C SER D 605 -51.22 75.77 -17.43
N ILE D 606 -50.03 75.22 -17.24
CA ILE D 606 -49.63 74.76 -15.91
C ILE D 606 -49.35 75.95 -15.01
N LYS D 607 -48.69 76.98 -15.54
CA LYS D 607 -48.44 78.20 -14.78
C LYS D 607 -49.72 78.79 -14.21
N THR D 608 -50.83 78.64 -14.94
CA THR D 608 -52.09 79.29 -14.57
C THR D 608 -52.94 78.37 -13.69
N HIS D 609 -53.25 77.18 -14.18
CA HIS D 609 -54.17 76.29 -13.49
C HIS D 609 -53.48 75.23 -12.64
N GLY D 610 -52.17 75.01 -12.84
CA GLY D 610 -51.43 74.06 -12.02
C GLY D 610 -51.54 72.61 -12.46
N LEU D 611 -51.05 71.74 -11.57
CA LEU D 611 -51.10 70.30 -11.77
C LEU D 611 -51.77 69.65 -10.57
N ARG D 612 -52.69 68.72 -10.86
CA ARG D 612 -53.36 67.98 -9.80
C ARG D 612 -52.36 67.11 -9.03
N ASN D 613 -51.27 66.70 -9.68
CA ASN D 613 -50.31 65.78 -9.11
C ASN D 613 -48.91 66.35 -9.24
N SER D 614 -48.13 66.24 -8.17
CA SER D 614 -46.76 66.76 -8.20
C SER D 614 -45.86 65.95 -9.10
N THR D 615 -46.08 64.63 -9.19
CA THR D 615 -45.35 63.77 -10.10
C THR D 615 -46.32 62.87 -10.84
N LEU D 616 -45.92 62.46 -12.04
CA LEU D 616 -46.79 61.62 -12.85
C LEU D 616 -46.09 60.40 -13.43
N SER D 617 -44.85 60.55 -13.91
CA SER D 617 -44.18 59.49 -14.64
C SER D 617 -43.05 58.88 -13.81
N ALA D 618 -42.96 57.55 -13.90
CA ALA D 618 -41.87 56.79 -13.30
C ALA D 618 -41.90 55.40 -13.93
N LEU D 619 -40.75 54.94 -14.42
CA LEU D 619 -40.68 53.67 -15.15
C LEU D 619 -40.33 52.57 -14.15
N MET D 620 -41.33 51.80 -13.75
CA MET D 620 -41.17 50.71 -12.81
C MET D 620 -40.87 49.42 -13.55
N PRO D 621 -40.29 48.43 -12.86
CA PRO D 621 -39.96 47.17 -13.56
C PRO D 621 -41.18 46.37 -14.00
N SER D 622 -42.32 46.53 -13.31
CA SER D 622 -43.54 45.78 -13.62
C SER D 622 -43.26 44.27 -13.69
N GLU D 623 -42.50 43.77 -12.72
CA GLU D 623 -42.10 42.37 -12.72
C GLU D 623 -43.29 41.43 -12.73
N THR D 624 -44.31 41.74 -11.92
CA THR D 624 -45.49 40.90 -11.79
C THR D 624 -46.65 41.40 -12.63
N SER D 625 -46.93 42.70 -12.58
CA SER D 625 -48.12 43.23 -13.22
C SER D 625 -48.08 43.10 -14.74
N SER D 626 -46.90 43.17 -15.34
CA SER D 626 -46.82 43.05 -16.79
C SER D 626 -47.12 41.63 -17.26
N GLN D 627 -46.97 40.65 -16.38
CA GLN D 627 -47.30 39.28 -16.76
C GLN D 627 -48.78 39.11 -17.04
N ILE D 628 -49.63 39.98 -16.50
CA ILE D 628 -51.07 39.88 -16.75
C ILE D 628 -51.37 40.07 -18.24
N SER D 629 -50.71 41.03 -18.87
CA SER D 629 -50.88 41.26 -20.30
C SER D 629 -49.84 40.51 -21.12
N ASN D 630 -49.10 39.58 -20.49
CA ASN D 630 -48.05 38.80 -21.13
C ASN D 630 -47.06 39.69 -21.89
N ALA D 631 -46.88 40.91 -21.40
CA ALA D 631 -46.01 41.89 -22.01
C ALA D 631 -44.58 41.72 -21.53
N THR D 632 -43.63 42.19 -22.35
CA THR D 632 -42.25 42.26 -21.89
C THR D 632 -42.16 43.30 -20.78
N ASN D 633 -41.63 42.89 -19.62
CA ASN D 633 -41.72 43.70 -18.41
C ASN D 633 -40.99 45.03 -18.54
N GLY D 634 -41.74 46.12 -18.32
CA GLY D 634 -41.16 47.46 -18.30
C GLY D 634 -40.40 47.78 -19.57
N ILE D 635 -39.24 48.41 -19.39
CA ILE D 635 -38.38 48.77 -20.52
C ILE D 635 -37.30 47.72 -20.77
N GLU D 636 -37.30 46.64 -20.01
CA GLU D 636 -36.24 45.63 -20.08
C GLU D 636 -36.43 44.74 -21.31
N PRO D 637 -35.36 44.41 -22.01
CA PRO D 637 -35.46 43.41 -23.07
C PRO D 637 -35.66 42.02 -22.47
N PRO D 638 -36.49 41.19 -23.11
CA PRO D 638 -36.78 39.86 -22.53
C PRO D 638 -35.54 38.99 -22.50
N ARG D 639 -35.43 38.16 -21.45
CA ARG D 639 -34.28 37.28 -21.31
C ARG D 639 -34.25 36.22 -22.39
N GLY D 640 -35.41 35.76 -22.85
CA GLY D 640 -35.49 34.83 -23.95
C GLY D 640 -36.86 34.91 -24.60
N TYR D 641 -36.97 34.26 -25.75
CA TYR D 641 -38.28 34.17 -26.41
C TYR D 641 -39.29 33.52 -25.48
N VAL D 642 -38.87 32.47 -24.79
CA VAL D 642 -39.60 31.90 -23.67
C VAL D 642 -38.79 32.24 -22.42
N SER D 643 -39.29 33.19 -21.64
CA SER D 643 -38.60 33.60 -20.43
C SER D 643 -39.11 32.80 -19.23
N ILE D 644 -38.23 32.61 -18.26
CA ILE D 644 -38.55 31.86 -17.05
C ILE D 644 -38.77 32.86 -15.92
N LYS D 645 -39.98 32.91 -15.39
CA LYS D 645 -40.32 33.78 -14.28
C LYS D 645 -40.93 32.95 -13.15
N ALA D 646 -40.92 33.53 -11.95
CA ALA D 646 -41.21 32.79 -10.73
C ALA D 646 -42.66 32.98 -10.27
N SER D 647 -43.10 32.05 -9.41
CA SER D 647 -44.42 32.11 -8.80
C SER D 647 -44.37 31.30 -7.50
N LYS D 648 -45.43 31.45 -6.69
CA LYS D 648 -45.52 30.71 -5.44
C LYS D 648 -45.62 29.21 -5.68
N ASP D 649 -46.27 28.79 -6.77
CA ASP D 649 -46.32 27.38 -7.10
C ASP D 649 -44.97 26.89 -7.59
N GLY D 650 -44.45 27.53 -8.65
CA GLY D 650 -43.17 27.14 -9.20
C GLY D 650 -42.75 28.02 -10.35
N ILE D 651 -42.15 27.41 -11.36
CA ILE D 651 -41.65 28.13 -12.52
C ILE D 651 -42.78 28.40 -13.50
N LEU D 652 -42.67 29.51 -14.23
CA LEU D 652 -43.63 29.89 -15.25
C LEU D 652 -42.87 30.18 -16.54
N ARG D 653 -43.44 29.74 -17.66
CA ARG D 653 -42.89 30.03 -18.97
C ARG D 653 -43.71 31.12 -19.64
N GLN D 654 -43.04 32.15 -20.13
CA GLN D 654 -43.71 33.30 -20.75
C GLN D 654 -43.14 33.54 -22.14
N VAL D 655 -44.00 33.41 -23.15
CA VAL D 655 -43.60 33.70 -24.53
C VAL D 655 -43.68 35.20 -24.77
N VAL D 656 -42.71 35.72 -25.50
CA VAL D 656 -42.74 37.14 -25.89
C VAL D 656 -43.93 37.37 -26.83
N PRO D 657 -44.61 38.51 -26.73
CA PRO D 657 -45.78 38.74 -27.59
C PRO D 657 -45.41 38.73 -29.06
N ASP D 658 -46.27 38.13 -29.87
CA ASP D 658 -46.11 38.06 -31.32
C ASP D 658 -44.79 37.37 -31.68
N TYR D 659 -44.54 36.23 -31.03
CA TYR D 659 -43.31 35.49 -31.28
C TYR D 659 -43.26 34.99 -32.73
N GLU D 660 -44.37 34.45 -33.22
CA GLU D 660 -44.39 33.82 -34.53
C GLU D 660 -43.96 34.79 -35.64
N HIS D 661 -44.26 36.08 -35.48
CA HIS D 661 -43.94 37.07 -36.50
C HIS D 661 -42.67 37.87 -36.20
N LEU D 662 -42.38 38.12 -34.92
CA LEU D 662 -41.33 39.07 -34.56
C LEU D 662 -40.15 38.42 -33.84
N HIS D 663 -39.98 37.10 -33.94
CA HIS D 663 -38.88 36.47 -33.23
C HIS D 663 -37.53 36.93 -33.78
N ASP D 664 -37.50 37.49 -34.98
CA ASP D 664 -36.28 38.07 -35.50
C ASP D 664 -36.07 39.49 -35.00
N ALA D 665 -37.16 40.26 -34.88
CA ALA D 665 -37.07 41.65 -34.50
C ALA D 665 -36.60 41.84 -33.06
N TYR D 666 -36.90 40.89 -32.18
CA TYR D 666 -36.49 41.00 -30.80
C TYR D 666 -34.98 40.96 -30.66
N GLU D 667 -34.45 41.84 -29.83
CA GLU D 667 -33.07 41.76 -29.36
C GLU D 667 -33.12 41.31 -27.90
N LEU D 668 -32.76 40.05 -27.66
CA LEU D 668 -32.82 39.51 -26.32
C LEU D 668 -31.75 40.14 -25.43
N LEU D 669 -31.92 39.97 -24.11
CA LEU D 669 -31.07 40.66 -23.15
C LEU D 669 -29.60 40.40 -23.39
N TRP D 670 -29.24 39.14 -23.58
CA TRP D 670 -27.84 38.77 -23.74
C TRP D 670 -27.37 38.83 -25.19
N GLU D 671 -28.26 39.20 -26.10
CA GLU D 671 -27.86 39.52 -27.47
C GLU D 671 -27.28 40.93 -27.57
N MET D 672 -27.38 41.74 -26.52
CA MET D 672 -26.84 43.10 -26.53
C MET D 672 -25.34 43.07 -26.30
N PRO D 673 -24.55 43.75 -27.14
CA PRO D 673 -23.09 43.77 -26.91
C PRO D 673 -22.69 44.45 -25.62
N GLY D 674 -23.45 45.42 -25.13
CA GLY D 674 -23.07 46.12 -23.92
C GLY D 674 -24.23 46.92 -23.37
N ASN D 675 -23.93 47.74 -22.36
CA ASN D 675 -24.93 48.55 -21.70
C ASN D 675 -25.10 49.94 -22.33
N ASP D 676 -24.20 50.31 -23.25
CA ASP D 676 -24.21 51.67 -23.78
C ASP D 676 -25.48 51.97 -24.56
N GLY D 677 -25.94 51.02 -25.38
CA GLY D 677 -27.17 51.25 -26.12
C GLY D 677 -28.37 51.38 -25.20
N TYR D 678 -28.48 50.48 -24.22
CA TYR D 678 -29.56 50.53 -23.26
C TYR D 678 -29.51 51.82 -22.43
N LEU D 679 -28.34 52.13 -21.87
CA LEU D 679 -28.23 53.29 -21.00
C LEU D 679 -28.59 54.58 -21.72
N GLN D 680 -28.31 54.68 -23.02
CA GLN D 680 -28.69 55.88 -23.77
C GLN D 680 -30.20 56.02 -23.82
N LEU D 681 -30.93 54.91 -24.03
CA LEU D 681 -32.39 54.99 -24.04
C LEU D 681 -32.91 55.40 -22.67
N VAL D 682 -32.33 54.86 -21.59
CA VAL D 682 -32.74 55.24 -20.25
C VAL D 682 -32.55 56.74 -20.04
N GLY D 683 -31.42 57.28 -20.50
CA GLY D 683 -31.19 58.71 -20.38
C GLY D 683 -32.21 59.52 -21.17
N ILE D 684 -32.56 59.05 -22.37
CA ILE D 684 -33.53 59.76 -23.20
C ILE D 684 -34.91 59.74 -22.55
N MET D 685 -35.30 58.61 -21.95
CA MET D 685 -36.55 58.57 -21.20
C MET D 685 -36.51 59.53 -20.02
N GLN D 686 -35.39 59.58 -19.30
CA GLN D 686 -35.28 60.41 -18.11
C GLN D 686 -35.44 61.90 -18.43
N LYS D 687 -35.22 62.29 -19.69
CA LYS D 687 -35.47 63.68 -20.09
C LYS D 687 -36.91 64.07 -19.82
N PHE D 688 -37.84 63.12 -19.88
CA PHE D 688 -39.25 63.40 -19.68
C PHE D 688 -39.82 62.79 -18.42
N ILE D 689 -39.23 61.71 -17.90
CA ILE D 689 -39.77 61.05 -16.72
C ILE D 689 -39.61 61.94 -15.50
N ASP D 690 -40.69 62.09 -14.73
CA ASP D 690 -40.66 62.92 -13.53
C ASP D 690 -39.66 62.41 -12.51
N GLN D 691 -39.76 61.14 -12.14
CA GLN D 691 -38.95 60.54 -11.10
C GLN D 691 -37.78 59.81 -11.77
N SER D 692 -37.53 58.53 -11.49
CA SER D 692 -36.40 57.84 -12.09
C SER D 692 -36.85 56.58 -12.82
N ILE D 693 -35.89 55.75 -13.22
CA ILE D 693 -36.13 54.54 -14.01
C ILE D 693 -35.33 53.39 -13.40
N SER D 694 -35.99 52.23 -13.26
CA SER D 694 -35.35 51.03 -12.71
C SER D 694 -34.45 50.38 -13.75
N ALA D 695 -33.38 51.10 -14.10
CA ALA D 695 -32.47 50.68 -15.16
C ALA D 695 -31.54 49.58 -14.65
N ASN D 696 -31.37 48.53 -15.46
CA ASN D 696 -30.45 47.43 -15.18
C ASN D 696 -29.15 47.63 -15.95
N THR D 697 -28.06 47.12 -15.38
CA THR D 697 -26.81 46.95 -16.10
C THR D 697 -26.52 45.46 -16.21
N ASN D 698 -26.20 45.00 -17.41
CA ASN D 698 -26.04 43.57 -17.67
C ASN D 698 -24.67 43.28 -18.24
N TYR D 699 -24.07 42.17 -17.81
CA TYR D 699 -22.72 41.80 -18.22
C TYR D 699 -22.64 40.30 -18.48
N ASP D 700 -22.08 39.94 -19.64
CA ASP D 700 -21.84 38.55 -20.00
C ASP D 700 -20.36 38.26 -19.81
N PRO D 701 -19.96 37.54 -18.77
CA PRO D 701 -18.51 37.31 -18.55
C PRO D 701 -17.82 36.65 -19.73
N SER D 702 -18.55 35.83 -20.49
CA SER D 702 -17.96 35.18 -21.66
C SER D 702 -17.62 36.18 -22.76
N ARG D 703 -18.26 37.34 -22.77
CA ARG D 703 -17.93 38.38 -23.74
C ARG D 703 -16.64 39.10 -23.43
N PHE D 704 -15.94 38.74 -22.35
CA PHE D 704 -14.75 39.44 -21.96
C PHE D 704 -13.55 38.51 -21.96
N PRO D 705 -12.36 39.01 -22.31
CA PRO D 705 -11.18 38.14 -22.33
C PRO D 705 -10.90 37.56 -20.96
N SER D 706 -10.45 36.30 -20.97
CA SER D 706 -10.18 35.53 -19.75
C SER D 706 -11.44 35.34 -18.91
N GLY D 707 -12.63 35.55 -19.49
CA GLY D 707 -13.88 35.28 -18.81
C GLY D 707 -14.22 36.11 -17.59
N LYS D 708 -13.40 37.11 -17.28
CA LYS D 708 -13.64 37.97 -16.13
C LYS D 708 -14.14 39.33 -16.60
N VAL D 709 -15.13 39.86 -15.88
CA VAL D 709 -15.71 41.16 -16.21
C VAL D 709 -14.84 42.26 -15.62
N PRO D 710 -14.31 43.18 -16.44
CA PRO D 710 -13.34 44.14 -15.92
C PRO D 710 -13.99 45.19 -15.05
N MET D 711 -13.29 45.55 -13.97
CA MET D 711 -13.73 46.66 -13.13
C MET D 711 -13.70 47.97 -13.90
N GLN D 712 -12.82 48.06 -14.90
CA GLN D 712 -12.78 49.24 -15.76
C GLN D 712 -14.12 49.45 -16.46
N GLN D 713 -14.72 48.36 -16.93
CA GLN D 713 -15.98 48.48 -17.67
C GLN D 713 -17.14 48.80 -16.75
N LEU D 714 -17.17 48.21 -15.55
CA LEU D 714 -18.21 48.54 -14.58
C LEU D 714 -18.24 50.03 -14.30
N LEU D 715 -17.05 50.66 -14.24
CA LEU D 715 -16.98 52.10 -14.00
C LEU D 715 -17.26 52.91 -15.25
N LYS D 716 -16.75 52.47 -16.42
CA LYS D 716 -17.02 53.21 -17.64
C LYS D 716 -18.51 53.21 -17.96
N ASP D 717 -19.19 52.10 -17.68
CA ASP D 717 -20.63 52.08 -17.85
C ASP D 717 -21.32 52.94 -16.78
N LEU D 718 -20.78 52.93 -15.56
CA LEU D 718 -21.33 53.78 -14.51
C LEU D 718 -21.13 55.25 -14.85
N LEU D 719 -20.05 55.59 -15.55
CA LEU D 719 -19.80 56.98 -15.91
C LEU D 719 -20.69 57.43 -17.06
N THR D 720 -20.80 56.63 -18.12
CA THR D 720 -21.68 56.98 -19.23
C THR D 720 -23.14 57.06 -18.79
N ALA D 721 -23.51 56.35 -17.73
CA ALA D 721 -24.86 56.48 -17.20
C ALA D 721 -25.07 57.86 -16.57
N TYR D 722 -24.10 58.31 -15.78
CA TYR D 722 -24.20 59.64 -15.19
C TYR D 722 -24.11 60.74 -16.25
N LYS D 723 -23.29 60.53 -17.29
CA LYS D 723 -23.09 61.55 -18.31
C LYS D 723 -24.41 61.93 -18.97
N PHE D 724 -25.30 60.96 -19.17
CA PHE D 724 -26.59 61.19 -19.80
C PHE D 724 -27.71 61.44 -18.80
N GLY D 725 -27.35 61.79 -17.57
CA GLY D 725 -28.36 62.19 -16.59
C GLY D 725 -29.21 61.08 -16.06
N VAL D 726 -28.74 59.83 -16.09
CA VAL D 726 -29.48 58.74 -15.46
C VAL D 726 -29.48 58.96 -13.96
N LYS D 727 -30.66 58.89 -13.36
CA LYS D 727 -30.78 59.20 -11.93
C LYS D 727 -30.34 58.04 -11.06
N THR D 728 -30.81 56.82 -11.37
CA THR D 728 -30.54 55.66 -10.52
C THR D 728 -30.20 54.45 -11.39
N LEU D 729 -29.53 53.49 -10.75
CA LEU D 729 -29.21 52.20 -11.35
C LEU D 729 -29.77 51.10 -10.46
N TYR D 730 -30.59 50.23 -11.05
CA TYR D 730 -31.24 49.16 -10.30
C TYR D 730 -30.38 47.90 -10.29
N TYR D 731 -30.93 46.80 -10.79
CA TYR D 731 -30.22 45.53 -10.79
C TYR D 731 -28.95 45.61 -11.63
N GLN D 732 -27.96 44.81 -11.27
CA GLN D 732 -26.88 44.43 -12.18
C GLN D 732 -26.94 42.93 -12.36
N ASN D 733 -27.44 42.49 -13.51
CA ASN D 733 -27.54 41.08 -13.82
C ASN D 733 -26.27 40.62 -14.50
N THR D 734 -25.69 39.53 -14.01
CA THR D 734 -24.49 38.96 -14.59
C THR D 734 -24.81 37.55 -15.07
N ARG D 735 -24.56 37.30 -16.36
CA ARG D 735 -24.97 36.05 -16.97
C ARG D 735 -24.19 34.88 -16.37
N ASP D 736 -24.88 33.77 -16.15
CA ASP D 736 -24.22 32.59 -15.60
C ASP D 736 -23.66 31.70 -16.71
N ALA E 1 47.90 11.13 68.45
CA ALA E 1 48.33 11.27 67.06
C ALA E 1 47.33 10.64 66.11
N TYR E 2 47.14 11.29 64.95
CA TYR E 2 46.19 10.79 63.96
C TYR E 2 46.77 9.62 63.19
N THR E 3 45.95 8.60 62.98
CA THR E 3 46.31 7.45 62.18
C THR E 3 45.31 7.26 61.06
N THR E 4 45.81 7.08 59.84
CA THR E 4 44.95 6.86 58.68
C THR E 4 44.27 5.51 58.72
N PHE E 5 44.77 4.57 59.52
CA PHE E 5 44.11 3.29 59.72
C PHE E 5 44.34 2.90 61.18
N SER E 6 43.34 3.18 62.02
CA SER E 6 43.42 2.84 63.43
C SER E 6 43.54 1.34 63.61
N GLN E 7 44.52 0.91 64.41
CA GLN E 7 44.83 -0.50 64.55
C GLN E 7 43.80 -1.26 65.39
N THR E 8 43.21 -0.61 66.39
CA THR E 8 42.26 -1.28 67.27
C THR E 8 41.00 -1.66 66.51
N LYS E 9 40.53 -2.89 66.75
CA LYS E 9 39.25 -3.35 66.21
C LYS E 9 38.14 -2.86 67.13
N ASN E 10 37.38 -1.87 66.68
CA ASN E 10 36.35 -1.23 67.49
C ASN E 10 34.98 -1.41 66.85
N ASP E 11 33.96 -1.52 67.69
CA ASP E 11 32.59 -1.49 67.21
C ASP E 11 32.30 -0.05 66.81
N GLN E 12 32.28 0.20 65.50
CA GLN E 12 32.09 1.56 64.98
C GLN E 12 30.71 2.12 65.33
N LEU E 13 29.77 1.26 65.70
CA LEU E 13 28.42 1.72 66.03
C LEU E 13 28.38 2.43 67.37
N LYS E 14 29.28 2.11 68.29
CA LYS E 14 29.27 2.72 69.61
C LYS E 14 30.20 3.92 69.71
N GLU E 15 31.00 4.19 68.69
CA GLU E 15 31.84 5.37 68.66
C GLU E 15 31.00 6.63 68.61
N PRO E 16 31.54 7.77 69.04
CA PRO E 16 30.87 9.05 68.83
C PRO E 16 31.12 9.55 67.42
N MET E 17 30.41 10.64 67.07
CA MET E 17 30.64 11.24 65.77
C MET E 17 32.06 11.79 65.66
N PHE E 18 32.53 12.48 66.69
CA PHE E 18 33.83 13.13 66.67
C PHE E 18 34.65 12.71 67.87
N PHE E 19 35.97 12.85 67.72
CA PHE E 19 36.97 12.70 68.77
C PHE E 19 37.12 11.27 69.26
N GLY E 20 36.30 10.34 68.78
CA GLY E 20 36.48 8.95 69.11
C GLY E 20 37.65 8.35 68.37
N GLN E 21 37.68 7.03 68.26
CA GLN E 21 38.76 6.37 67.55
C GLN E 21 38.67 6.67 66.05
N PRO E 22 39.75 7.12 65.42
CA PRO E 22 39.70 7.40 63.98
C PRO E 22 39.25 6.17 63.22
N VAL E 23 38.41 6.39 62.21
CA VAL E 23 37.85 5.29 61.44
C VAL E 23 38.97 4.45 60.83
N ASN E 24 38.77 3.13 60.83
CA ASN E 24 39.70 2.21 60.19
C ASN E 24 39.07 1.63 58.92
N VAL E 25 38.05 0.80 59.05
CA VAL E 25 37.43 0.12 57.91
C VAL E 25 36.25 0.94 57.43
N ALA E 26 36.24 1.26 56.14
CA ALA E 26 35.14 2.01 55.53
C ALA E 26 34.08 1.02 55.07
N ARG E 27 33.04 0.85 55.87
CA ARG E 27 31.91 -0.02 55.57
C ARG E 27 30.62 0.79 55.58
N TYR E 28 29.66 0.37 54.76
CA TYR E 28 28.40 1.09 54.61
C TYR E 28 27.18 0.19 54.72
N ASP E 29 27.32 -0.99 55.31
CA ASP E 29 26.18 -1.87 55.55
C ASP E 29 25.44 -1.54 56.83
N GLN E 30 25.97 -0.62 57.63
CA GLN E 30 25.39 -0.24 58.91
C GLN E 30 25.85 1.18 59.24
N GLN E 31 25.02 1.90 60.00
CA GLN E 31 25.33 3.26 60.42
C GLN E 31 24.87 3.45 61.86
N LYS E 32 25.63 4.26 62.60
CA LYS E 32 25.11 4.73 63.89
C LYS E 32 23.98 5.73 63.65
N TYR E 33 24.21 6.70 62.78
CA TYR E 33 23.19 7.64 62.33
C TYR E 33 23.06 7.50 60.81
N ASP E 34 21.94 6.91 60.37
CA ASP E 34 21.73 6.67 58.95
C ASP E 34 21.43 7.95 58.18
N ILE E 35 21.33 9.09 58.86
CA ILE E 35 21.08 10.35 58.16
C ILE E 35 22.19 10.63 57.16
N PHE E 36 23.44 10.35 57.52
CA PHE E 36 24.56 10.66 56.64
C PHE E 36 24.68 9.68 55.48
N GLU E 37 24.32 8.41 55.67
CA GLU E 37 24.31 7.49 54.55
C GLU E 37 23.25 7.88 53.52
N LYS E 38 22.10 8.37 54.00
CA LYS E 38 21.09 8.88 53.09
C LYS E 38 21.54 10.16 52.40
N LEU E 39 22.31 11.00 53.10
CA LEU E 39 22.87 12.20 52.47
C LEU E 39 23.87 11.85 51.37
N ILE E 40 24.68 10.81 51.59
CA ILE E 40 25.63 10.37 50.56
C ILE E 40 24.87 9.87 49.33
N GLU E 41 23.91 8.96 49.55
CA GLU E 41 23.16 8.38 48.44
C GLU E 41 22.44 9.46 47.64
N LYS E 42 21.91 10.47 48.33
CA LYS E 42 21.21 11.55 47.63
C LYS E 42 22.19 12.48 46.93
N GLN E 43 23.32 12.80 47.58
CA GLN E 43 24.33 13.63 46.94
C GLN E 43 24.98 12.93 45.76
N LEU E 44 25.14 11.60 45.84
CA LEU E 44 25.70 10.87 44.71
C LEU E 44 24.76 10.86 43.51
N SER E 45 23.44 10.89 43.77
CA SER E 45 22.48 10.87 42.67
C SER E 45 22.36 12.22 41.99
N PHE E 46 22.66 13.30 42.70
CA PHE E 46 22.59 14.63 42.11
C PHE E 46 23.81 14.98 41.27
N PHE E 47 24.72 14.03 41.04
CA PHE E 47 25.98 14.35 40.37
C PHE E 47 25.72 14.98 39.01
N TRP E 48 26.30 16.15 38.80
CA TRP E 48 26.17 16.87 37.54
C TRP E 48 27.51 17.47 37.17
N ARG E 49 27.66 17.80 35.89
CA ARG E 49 28.87 18.46 35.45
C ARG E 49 28.55 19.86 34.95
N PRO E 50 29.41 20.84 35.23
CA PRO E 50 29.09 22.22 34.85
C PRO E 50 29.08 22.45 33.35
N GLU E 51 30.00 21.81 32.62
CA GLU E 51 30.12 22.05 31.19
C GLU E 51 28.87 21.63 30.43
N GLU E 52 28.05 20.76 31.00
CA GLU E 52 26.84 20.28 30.35
C GLU E 52 25.69 21.28 30.38
N VAL E 53 25.93 22.50 30.84
CA VAL E 53 24.92 23.55 30.87
C VAL E 53 25.32 24.60 29.84
N ASP E 54 24.37 25.01 29.01
CA ASP E 54 24.64 26.01 27.98
C ASP E 54 24.72 27.39 28.61
N VAL E 55 25.88 28.03 28.47
CA VAL E 55 26.11 29.37 29.00
C VAL E 55 26.50 30.35 27.90
N SER E 56 26.38 29.95 26.64
CA SER E 56 26.80 30.82 25.54
C SER E 56 25.89 32.03 25.41
N ARG E 57 24.61 31.88 25.75
CA ARG E 57 23.68 33.01 25.69
C ARG E 57 23.94 34.02 26.79
N ASP E 58 24.68 33.64 27.84
CA ASP E 58 24.87 34.54 28.98
C ASP E 58 25.90 35.64 28.71
N ARG E 59 26.85 35.43 27.79
CA ARG E 59 27.79 36.50 27.47
C ARG E 59 27.08 37.71 26.88
N ILE E 60 26.19 37.46 25.91
CA ILE E 60 25.44 38.55 25.30
C ILE E 60 24.50 39.18 26.32
N ASP E 61 23.81 38.34 27.10
CA ASP E 61 22.96 38.86 28.17
C ASP E 61 23.77 39.72 29.13
N TYR E 62 25.00 39.29 29.44
CA TYR E 62 25.83 40.01 30.42
C TYR E 62 26.30 41.35 29.87
N GLN E 63 26.85 41.36 28.65
CA GLN E 63 27.29 42.61 28.05
C GLN E 63 26.12 43.54 27.76
N ALA E 64 24.90 43.01 27.63
CA ALA E 64 23.73 43.85 27.46
C ALA E 64 23.22 44.42 28.77
N LEU E 65 23.68 43.90 29.91
CA LEU E 65 23.25 44.41 31.20
C LEU E 65 23.70 45.85 31.37
N PRO E 66 22.97 46.64 32.16
CA PRO E 66 23.48 47.95 32.56
C PRO E 66 24.76 47.78 33.36
N GLU E 67 25.57 48.85 33.39
CA GLU E 67 26.86 48.75 34.06
C GLU E 67 26.70 48.46 35.56
N HIS E 68 25.63 48.96 36.18
CA HIS E 68 25.40 48.67 37.59
C HIS E 68 24.83 47.28 37.82
N GLU E 69 24.19 46.69 36.81
CA GLU E 69 23.73 45.30 36.94
C GLU E 69 24.85 44.32 36.62
N LYS E 70 25.80 44.72 35.77
CA LYS E 70 27.06 43.98 35.68
C LYS E 70 27.74 43.91 37.04
N HIS E 71 27.71 45.02 37.77
CA HIS E 71 28.29 45.06 39.10
C HIS E 71 27.58 44.09 40.05
N ILE E 72 26.24 44.16 40.08
CA ILE E 72 25.46 43.29 40.97
C ILE E 72 25.80 41.82 40.69
N PHE E 73 25.78 41.44 39.41
CA PHE E 73 26.00 40.04 39.06
C PHE E 73 27.43 39.62 39.36
N ILE E 74 28.42 40.39 38.90
CA ILE E 74 29.80 39.97 39.01
C ILE E 74 30.28 40.02 40.45
N SER E 75 29.69 40.89 41.28
CA SER E 75 30.04 40.90 42.69
C SER E 75 29.45 39.69 43.40
N ASN E 76 28.19 39.36 43.10
CA ASN E 76 27.58 38.18 43.67
C ASN E 76 28.29 36.91 43.22
N LEU E 77 28.95 36.95 42.05
CA LEU E 77 29.68 35.79 41.57
C LEU E 77 31.01 35.62 42.32
N LYS E 78 31.75 36.72 42.49
CA LYS E 78 33.03 36.65 43.20
C LYS E 78 32.84 36.14 44.62
N TYR E 79 31.77 36.57 45.28
CA TYR E 79 31.50 36.08 46.63
C TYR E 79 31.21 34.58 46.62
N GLN E 80 30.43 34.12 45.65
CA GLN E 80 30.16 32.69 45.52
C GLN E 80 31.44 31.89 45.30
N THR E 81 32.29 32.34 44.38
CA THR E 81 33.53 31.62 44.11
C THR E 81 34.39 31.53 45.36
N LEU E 82 34.43 32.60 46.15
CA LEU E 82 35.21 32.58 47.38
C LEU E 82 34.61 31.64 48.40
N LEU E 83 33.28 31.69 48.58
CA LEU E 83 32.64 30.86 49.60
C LEU E 83 32.86 29.38 49.32
N ASP E 84 32.62 28.96 48.09
CA ASP E 84 32.84 27.56 47.75
C ASP E 84 34.32 27.24 47.52
N SER E 85 35.20 28.25 47.52
CA SER E 85 36.64 27.96 47.56
C SER E 85 37.05 27.52 48.95
N ILE E 86 36.59 28.23 49.98
CA ILE E 86 36.79 27.77 51.35
C ILE E 86 36.10 26.42 51.56
N GLN E 87 34.82 26.34 51.16
CA GLN E 87 34.05 25.12 51.34
C GLN E 87 34.59 23.94 50.53
N GLY E 88 35.41 24.19 49.53
CA GLY E 88 35.98 23.10 48.76
C GLY E 88 36.95 22.26 49.58
N ARG E 89 37.87 22.94 50.27
CA ARG E 89 38.96 22.28 51.00
C ARG E 89 38.66 22.06 52.48
N SER E 90 37.96 23.01 53.11
CA SER E 90 37.93 23.05 54.58
C SER E 90 37.27 21.84 55.22
N PRO E 91 36.11 21.34 54.78
CA PRO E 91 35.54 20.16 55.45
C PRO E 91 36.48 18.96 55.50
N ASN E 92 37.33 18.79 54.49
CA ASN E 92 38.29 17.68 54.53
C ASN E 92 39.38 17.91 55.57
N VAL E 93 39.94 19.13 55.60
CA VAL E 93 41.05 19.41 56.50
C VAL E 93 40.57 19.52 57.94
N ALA E 94 39.39 20.10 58.16
CA ALA E 94 38.93 20.43 59.49
C ALA E 94 38.12 19.33 60.15
N LEU E 95 37.45 18.47 59.37
CA LEU E 95 36.55 17.48 59.95
C LEU E 95 37.11 16.06 59.89
N LEU E 96 37.82 15.68 58.84
CA LEU E 96 38.31 14.31 58.73
C LEU E 96 39.19 13.84 59.88
N PRO E 97 40.16 14.62 60.39
CA PRO E 97 40.96 14.12 61.52
C PRO E 97 40.18 13.94 62.81
N LEU E 98 38.93 14.39 62.86
CA LEU E 98 38.13 14.32 64.07
C LEU E 98 37.00 13.30 64.00
N ILE E 99 36.58 12.91 62.81
CA ILE E 99 35.44 12.00 62.66
C ILE E 99 35.85 10.59 63.10
N SER E 100 34.93 9.90 63.77
CA SER E 100 35.20 8.56 64.29
C SER E 100 34.19 7.52 63.84
N ILE E 101 33.26 7.86 62.95
CA ILE E 101 32.32 6.90 62.38
C ILE E 101 32.39 6.97 60.86
N PRO E 102 32.25 5.84 60.15
CA PRO E 102 32.51 5.87 58.70
C PRO E 102 31.51 6.70 57.91
N GLU E 103 30.22 6.63 58.25
CA GLU E 103 29.21 7.31 57.44
C GLU E 103 29.37 8.82 57.47
N LEU E 104 29.89 9.36 58.58
CA LEU E 104 30.14 10.79 58.64
C LEU E 104 31.42 11.16 57.91
N GLU E 105 32.43 10.27 57.97
CA GLU E 105 33.67 10.51 57.25
C GLU E 105 33.42 10.59 55.74
N THR E 106 32.74 9.58 55.19
CA THR E 106 32.49 9.55 53.76
C THR E 106 31.58 10.70 53.33
N TRP E 107 30.60 11.07 54.15
CA TRP E 107 29.73 12.19 53.79
C TRP E 107 30.53 13.47 53.64
N VAL E 108 31.44 13.74 54.59
CA VAL E 108 32.25 14.94 54.52
C VAL E 108 33.12 14.93 53.26
N GLU E 109 33.65 13.76 52.90
CA GLU E 109 34.45 13.67 51.68
C GLU E 109 33.57 13.79 50.44
N THR E 110 32.35 13.23 50.50
CA THR E 110 31.39 13.45 49.42
C THR E 110 30.91 14.90 49.42
N TRP E 111 30.63 15.47 50.59
CA TRP E 111 30.25 16.87 50.70
C TRP E 111 31.33 17.78 50.11
N ALA E 112 32.58 17.59 50.51
CA ALA E 112 33.66 18.44 50.02
C ALA E 112 33.82 18.31 48.50
N PHE E 113 33.70 17.09 47.98
CA PHE E 113 33.84 16.91 46.54
C PHE E 113 32.79 17.69 45.76
N SER E 114 31.52 17.60 46.19
CA SER E 114 30.47 18.33 45.49
C SER E 114 30.71 19.82 45.49
N GLU E 115 31.48 20.33 46.47
CA GLU E 115 31.85 21.73 46.47
C GLU E 115 32.88 22.04 45.40
N THR E 116 33.77 21.09 45.10
CA THR E 116 34.76 21.32 44.05
C THR E 116 34.10 21.41 42.68
N ILE E 117 32.97 20.73 42.49
CA ILE E 117 32.21 20.90 41.25
C ILE E 117 31.65 22.31 41.16
N HIS E 118 31.20 22.86 42.29
CA HIS E 118 30.74 24.23 42.32
C HIS E 118 31.87 25.19 41.97
N SER E 119 33.05 24.96 42.53
CA SER E 119 34.21 25.77 42.16
C SER E 119 34.49 25.68 40.66
N ARG E 120 34.35 24.49 40.09
CA ARG E 120 34.54 24.34 38.65
C ARG E 120 33.44 25.04 37.86
N SER E 121 32.21 25.01 38.37
CA SER E 121 31.11 25.65 37.66
C SER E 121 31.24 27.17 37.65
N TYR E 122 31.78 27.75 38.72
CA TYR E 122 32.03 29.18 38.72
C TYR E 122 33.09 29.55 37.70
N THR E 123 34.12 28.71 37.55
CA THR E 123 35.09 28.91 36.48
C THR E 123 34.43 28.83 35.11
N HIS E 124 33.41 27.98 34.98
CA HIS E 124 32.69 27.88 33.72
C HIS E 124 31.94 29.17 33.42
N ILE E 125 31.22 29.70 34.41
CA ILE E 125 30.43 30.91 34.22
C ILE E 125 31.35 32.12 33.98
N ILE E 126 32.40 32.25 34.78
CA ILE E 126 33.27 33.43 34.69
C ILE E 126 33.90 33.53 33.32
N ARG E 127 34.47 32.41 32.84
CA ARG E 127 35.17 32.42 31.55
C ARG E 127 34.24 32.59 30.37
N ASN E 128 32.93 32.60 30.58
CA ASN E 128 31.96 32.74 29.51
C ASN E 128 31.25 34.09 29.49
N ILE E 129 31.57 35.00 30.41
CA ILE E 129 30.91 36.30 30.44
C ILE E 129 31.92 37.45 30.39
N VAL E 130 33.11 37.24 30.93
CA VAL E 130 34.15 38.27 30.93
C VAL E 130 35.21 37.92 29.90
N ASN E 131 36.03 38.92 29.56
CA ASN E 131 37.05 38.72 28.52
C ASN E 131 38.31 38.09 29.11
N ASP E 132 38.77 38.59 30.24
CA ASP E 132 39.95 38.05 30.92
C ASP E 132 39.53 37.59 32.30
N PRO E 133 39.40 36.28 32.52
CA PRO E 133 39.00 35.79 33.85
C PRO E 133 39.98 36.15 34.95
N SER E 134 41.25 36.37 34.61
CA SER E 134 42.23 36.74 35.63
C SER E 134 41.82 38.01 36.35
N VAL E 135 41.11 38.91 35.66
CA VAL E 135 40.63 40.13 36.31
C VAL E 135 39.66 39.78 37.42
N VAL E 136 38.74 38.85 37.16
CA VAL E 136 37.72 38.50 38.15
C VAL E 136 38.34 37.74 39.31
N PHE E 137 39.20 36.76 39.00
CA PHE E 137 39.76 35.90 40.05
C PHE E 137 40.68 36.69 40.97
N ASP E 138 41.54 37.54 40.41
CA ASP E 138 42.49 38.28 41.24
C ASP E 138 41.80 39.33 42.10
N ASP E 139 40.58 39.75 41.74
CA ASP E 139 39.83 40.68 42.56
C ASP E 139 39.24 40.02 43.80
N ILE E 140 39.00 38.70 43.75
CA ILE E 140 38.39 38.01 44.89
C ILE E 140 39.31 38.12 46.10
N VAL E 141 40.62 38.10 45.88
CA VAL E 141 41.58 38.12 46.98
C VAL E 141 41.77 39.53 47.53
N THR E 142 41.78 40.54 46.66
CA THR E 142 42.08 41.90 47.08
C THR E 142 40.84 42.71 47.47
N ASN E 143 39.67 42.37 46.97
CA ASN E 143 38.47 43.14 47.25
C ASN E 143 38.19 43.17 48.75
N GLU E 144 37.94 44.36 49.28
CA GLU E 144 37.80 44.52 50.73
C GLU E 144 36.50 43.92 51.25
N GLN E 145 35.40 44.12 50.51
CA GLN E 145 34.11 43.65 51.01
C GLN E 145 34.02 42.13 51.04
N ILE E 146 34.80 41.45 50.21
CA ILE E 146 34.86 39.99 50.25
C ILE E 146 35.86 39.52 51.28
N GLN E 147 37.05 40.11 51.27
CA GLN E 147 38.12 39.71 52.18
C GLN E 147 37.67 39.83 53.63
N LYS E 148 36.86 40.85 53.94
CA LYS E 148 36.37 41.03 55.30
C LYS E 148 35.60 39.80 55.77
N ARG E 149 34.66 39.32 54.96
CA ARG E 149 33.89 38.15 55.34
C ARG E 149 34.69 36.87 55.18
N ALA E 150 35.67 36.86 54.26
CA ALA E 150 36.47 35.66 54.03
C ALA E 150 37.32 35.30 55.24
N GLU E 151 38.06 36.28 55.78
CA GLU E 151 38.91 35.99 56.92
C GLU E 151 38.10 35.68 58.17
N GLY E 152 36.89 36.25 58.27
CA GLY E 152 36.03 35.92 59.39
C GLY E 152 35.55 34.48 59.32
N ILE E 153 35.22 33.99 58.13
CA ILE E 153 34.75 32.62 57.97
C ILE E 153 35.90 31.64 58.12
N SER E 154 37.05 31.93 57.49
CA SER E 154 38.19 31.02 57.54
C SER E 154 38.77 30.91 58.94
N SER E 155 38.56 31.91 59.80
CA SER E 155 39.09 31.87 61.15
C SER E 155 38.50 30.69 61.93
N TYR E 156 37.19 30.51 61.84
CA TYR E 156 36.55 29.36 62.50
C TYR E 156 37.14 28.05 62.00
N TYR E 157 37.46 27.98 60.72
CA TYR E 157 38.07 26.77 60.16
C TYR E 157 39.50 26.61 60.65
N ASP E 158 40.31 27.67 60.52
CA ASP E 158 41.72 27.59 60.86
C ASP E 158 41.93 27.23 62.33
N GLU E 159 41.15 27.83 63.23
CA GLU E 159 41.34 27.55 64.66
C GLU E 159 41.04 26.09 64.98
N LEU E 160 40.00 25.53 64.36
CA LEU E 160 39.67 24.13 64.61
C LEU E 160 40.78 23.20 64.13
N ILE E 161 41.38 23.52 62.98
CA ILE E 161 42.51 22.73 62.49
C ILE E 161 43.68 22.84 63.45
N GLU E 162 44.01 24.07 63.86
CA GLU E 162 45.15 24.31 64.73
C GLU E 162 45.02 23.57 66.04
N MET E 163 43.89 23.74 66.73
CA MET E 163 43.66 23.02 67.98
C MET E 163 43.68 21.51 67.76
N THR E 164 43.15 21.05 66.62
CA THR E 164 43.20 19.63 66.31
C THR E 164 44.63 19.14 66.16
N SER E 165 45.51 19.96 65.57
CA SER E 165 46.90 19.58 65.41
C SER E 165 47.58 19.40 66.77
N TYR E 166 47.37 20.34 67.69
CA TYR E 166 47.92 20.20 69.03
C TYR E 166 47.34 18.99 69.75
N TRP E 167 46.05 18.72 69.55
CA TRP E 167 45.43 17.58 70.21
C TRP E 167 46.00 16.26 69.74
N HIS E 168 46.48 16.21 68.48
CA HIS E 168 47.10 15.00 67.96
C HIS E 168 48.55 14.88 68.39
N LEU E 169 49.32 15.97 68.23
CA LEU E 169 50.76 15.92 68.49
C LEU E 169 51.07 15.72 69.97
N LEU E 170 50.52 16.59 70.82
CA LEU E 170 50.84 16.57 72.24
C LEU E 170 49.84 15.78 73.09
N GLY E 171 48.59 15.71 72.68
CA GLY E 171 47.56 15.12 73.51
C GLY E 171 46.98 16.13 74.48
N GLU E 172 45.96 15.67 75.21
CA GLU E 172 45.28 16.54 76.16
C GLU E 172 46.16 16.83 77.37
N GLY E 173 46.12 18.07 77.84
CA GLY E 173 46.87 18.48 79.01
C GLY E 173 47.64 19.77 78.76
N THR E 174 48.25 20.26 79.83
CA THR E 174 49.06 21.46 79.78
C THR E 174 50.50 21.11 79.41
N HIS E 175 51.03 21.81 78.40
CA HIS E 175 52.37 21.57 77.88
C HIS E 175 53.11 22.89 77.81
N THR E 176 54.41 22.81 77.47
CA THR E 176 55.25 23.98 77.29
C THR E 176 56.01 23.84 75.97
N VAL E 177 55.90 24.84 75.11
CA VAL E 177 56.48 24.82 73.77
C VAL E 177 57.35 26.04 73.60
N ASN E 178 58.67 25.84 73.63
CA ASN E 178 59.66 26.90 73.40
C ASN E 178 59.45 28.05 74.38
N GLY E 179 59.50 27.70 75.67
CA GLY E 179 59.38 28.66 76.75
C GLY E 179 57.97 29.15 77.03
N LYS E 180 57.04 28.95 76.10
CA LYS E 180 55.64 29.33 76.28
C LYS E 180 54.83 28.10 76.67
N THR E 181 53.87 28.30 77.56
CA THR E 181 52.97 27.23 77.99
C THR E 181 51.78 27.15 77.04
N VAL E 182 51.44 25.93 76.62
CA VAL E 182 50.36 25.67 75.68
C VAL E 182 49.44 24.62 76.28
N THR E 183 48.16 24.98 76.45
CA THR E 183 47.16 24.10 77.05
C THR E 183 46.24 23.53 75.97
N VAL E 184 46.12 22.21 75.94
CA VAL E 184 45.29 21.48 74.98
C VAL E 184 44.12 20.88 75.74
N SER E 185 42.94 21.47 75.57
CA SER E 185 41.72 21.02 76.24
C SER E 185 40.80 20.33 75.23
N LEU E 186 40.45 19.07 75.51
CA LEU E 186 39.48 18.38 74.65
C LEU E 186 38.11 19.04 74.74
N ARG E 187 37.73 19.50 75.93
CA ARG E 187 36.46 20.20 76.08
C ARG E 187 36.46 21.50 75.28
N GLU E 188 37.61 22.17 75.22
CA GLU E 188 37.72 23.37 74.38
C GLU E 188 37.80 23.02 72.90
N LEU E 189 38.39 21.87 72.57
CA LEU E 189 38.38 21.41 71.19
C LEU E 189 36.98 21.05 70.73
N LYS E 190 36.23 20.32 71.57
CA LYS E 190 34.82 20.07 71.28
C LYS E 190 34.05 21.37 71.14
N LYS E 191 34.45 22.39 71.89
CA LYS E 191 33.79 23.70 71.80
C LYS E 191 34.12 24.38 70.48
N LYS E 192 35.38 24.28 70.03
CA LYS E 192 35.76 24.91 68.77
C LYS E 192 35.12 24.22 67.57
N LEU E 193 34.86 22.91 67.68
CA LEU E 193 34.14 22.21 66.62
C LEU E 193 32.71 22.69 66.52
N TYR E 194 32.00 22.73 67.65
CA TYR E 194 30.59 23.13 67.65
C TYR E 194 30.42 24.54 67.08
N LEU E 195 31.27 25.48 67.53
CA LEU E 195 31.18 26.84 67.01
C LEU E 195 31.51 26.90 65.53
N CYS E 196 32.46 26.08 65.08
CA CYS E 196 32.83 26.08 63.67
C CYS E 196 31.67 25.56 62.81
N LEU E 197 31.06 24.44 63.21
CA LEU E 197 29.92 23.91 62.47
C LEU E 197 28.77 24.91 62.43
N MET E 198 28.56 25.64 63.52
CA MET E 198 27.54 26.69 63.52
C MET E 198 27.83 27.75 62.46
N SER E 199 29.10 28.13 62.31
CA SER E 199 29.46 29.06 61.24
C SER E 199 29.22 28.44 59.87
N VAL E 200 29.52 27.15 59.72
CA VAL E 200 29.29 26.46 58.46
C VAL E 200 27.80 26.39 58.14
N ASN E 201 26.98 26.14 59.16
CA ASN E 201 25.54 26.14 58.94
C ASN E 201 25.06 27.50 58.46
N ALA E 202 25.57 28.59 59.05
CA ALA E 202 25.19 29.91 58.59
C ALA E 202 25.72 30.22 57.20
N LEU E 203 26.91 29.71 56.86
CA LEU E 203 27.45 29.92 55.52
C LEU E 203 26.52 29.32 54.46
N GLU E 204 26.18 28.04 54.62
CA GLU E 204 25.49 27.30 53.57
C GLU E 204 23.99 27.49 53.61
N ALA E 205 23.41 27.80 54.77
CA ALA E 205 21.97 27.91 54.91
C ALA E 205 21.48 29.36 54.91
N ILE E 206 22.37 30.33 55.04
CA ILE E 206 21.97 31.74 55.02
C ILE E 206 22.76 32.50 53.95
N ARG E 207 24.08 32.53 54.08
CA ARG E 207 24.91 33.31 53.17
C ARG E 207 24.67 32.94 51.72
N PHE E 208 24.73 31.64 51.41
CA PHE E 208 24.56 31.20 50.02
C PHE E 208 23.14 31.41 49.54
N TYR E 209 22.15 31.28 50.43
CA TYR E 209 20.77 31.50 50.01
C TYR E 209 20.49 32.97 49.73
N VAL E 210 21.22 33.88 50.40
CA VAL E 210 21.20 35.28 50.00
C VAL E 210 21.71 35.44 48.58
N SER E 211 22.80 34.73 48.27
CA SER E 211 23.36 34.77 46.92
C SER E 211 22.41 34.14 45.91
N PHE E 212 21.74 33.05 46.28
CA PHE E 212 20.81 32.40 45.37
C PHE E 212 19.75 33.39 44.90
N ALA E 213 19.31 34.27 45.79
CA ALA E 213 18.30 35.27 45.42
C ALA E 213 18.77 36.14 44.27
N CYS E 214 20.05 36.54 44.27
CA CYS E 214 20.55 37.42 43.23
C CYS E 214 20.67 36.71 41.88
N SER E 215 21.19 35.48 41.88
CA SER E 215 21.34 34.75 40.62
C SER E 215 19.99 34.44 39.99
N PHE E 216 18.99 34.09 40.81
CA PHE E 216 17.69 33.74 40.28
C PHE E 216 16.85 34.96 39.93
N ALA E 217 17.12 36.11 40.58
CA ALA E 217 16.43 37.34 40.21
C ALA E 217 16.73 37.74 38.78
N PHE E 218 17.95 37.49 38.31
CA PHE E 218 18.25 37.70 36.90
C PHE E 218 17.45 36.75 36.03
N ALA E 219 17.21 35.53 36.51
CA ALA E 219 16.48 34.55 35.70
C ALA E 219 15.00 34.90 35.60
N GLU E 220 14.44 35.55 36.63
CA GLU E 220 13.06 35.97 36.56
C GLU E 220 12.84 37.02 35.47
N ARG E 221 13.89 37.73 35.08
CA ARG E 221 13.86 38.63 33.93
C ARG E 221 14.41 37.95 32.67
N GLU E 222 14.53 36.63 32.69
CA GLU E 222 15.02 35.85 31.55
C GLU E 222 16.43 36.29 31.14
N LEU E 223 17.26 36.60 32.13
CA LEU E 223 18.64 36.98 31.92
C LEU E 223 19.57 36.07 32.71
N MET E 224 20.75 35.84 32.15
CA MET E 224 21.76 34.97 32.76
C MET E 224 21.20 33.60 33.09
N GLU E 225 20.50 33.02 32.11
CA GLU E 225 19.79 31.76 32.36
C GLU E 225 20.72 30.55 32.35
N GLY E 226 21.89 30.65 31.74
CA GLY E 226 22.88 29.58 31.88
C GLY E 226 23.44 29.52 33.28
N ASN E 227 23.78 30.68 33.85
CA ASN E 227 24.15 30.76 35.26
C ASN E 227 23.04 30.23 36.15
N ALA E 228 21.80 30.68 35.92
CA ALA E 228 20.69 30.30 36.78
C ALA E 228 20.52 28.78 36.85
N LYS E 229 20.66 28.09 35.72
CA LYS E 229 20.60 26.63 35.74
C LYS E 229 21.69 26.04 36.63
N ILE E 230 22.90 26.58 36.55
CA ILE E 230 23.99 26.08 37.39
C ILE E 230 23.70 26.35 38.87
N ILE E 231 23.32 27.58 39.19
CA ILE E 231 22.98 27.93 40.58
C ILE E 231 21.82 27.06 41.05
N ARG E 232 20.91 26.70 40.15
CA ARG E 232 19.80 25.81 40.50
C ARG E 232 20.31 24.44 40.92
N LEU E 233 21.30 23.92 40.20
CA LEU E 233 21.93 22.66 40.58
C LEU E 233 22.71 22.80 41.89
N ILE E 234 23.43 23.90 42.06
CA ILE E 234 24.19 24.13 43.28
C ILE E 234 23.28 24.18 44.49
N ALA E 235 22.17 24.93 44.37
CA ALA E 235 21.23 25.03 45.49
C ALA E 235 20.65 23.69 45.87
N ARG E 236 20.47 22.79 44.90
CA ARG E 236 19.98 21.46 45.23
C ARG E 236 20.98 20.70 46.07
N ASP E 237 22.28 20.85 45.76
CA ASP E 237 23.34 20.32 46.62
C ASP E 237 23.37 21.05 47.95
N GLU E 238 23.23 22.38 47.92
CA GLU E 238 23.35 23.18 49.13
C GLU E 238 22.29 22.84 50.16
N ALA E 239 21.14 22.31 49.71
CA ALA E 239 20.14 21.84 50.65
C ALA E 239 20.63 20.61 51.40
N LEU E 240 21.32 19.71 50.72
CA LEU E 240 21.90 18.55 51.37
C LEU E 240 22.97 18.96 52.37
N HIS E 241 23.77 19.96 52.00
CA HIS E 241 24.89 20.37 52.84
C HIS E 241 24.40 20.91 54.18
N LEU E 242 23.46 21.85 54.15
CA LEU E 242 22.94 22.41 55.39
C LEU E 242 22.17 21.37 56.21
N THR E 243 21.53 20.41 55.54
CA THR E 243 20.93 19.31 56.28
C THR E 243 21.98 18.52 57.03
N GLY E 244 23.16 18.35 56.42
CA GLY E 244 24.24 17.65 57.10
C GLY E 244 24.69 18.37 58.35
N THR E 245 25.02 19.66 58.23
CA THR E 245 25.47 20.41 59.40
C THR E 245 24.36 20.56 60.43
N GLN E 246 23.09 20.61 60.00
CA GLN E 246 21.99 20.69 60.95
C GLN E 246 21.90 19.45 61.82
N HIS E 247 21.94 18.27 61.20
CA HIS E 247 21.85 17.03 61.97
C HIS E 247 23.06 16.87 62.88
N MET E 248 24.25 17.28 62.43
CA MET E 248 25.42 17.26 63.29
C MET E 248 25.20 18.16 64.50
N LEU E 249 24.83 19.41 64.26
CA LEU E 249 24.61 20.35 65.35
C LEU E 249 23.53 19.86 66.30
N ASN E 250 22.47 19.26 65.77
CA ASN E 250 21.37 18.81 66.62
C ASN E 250 21.76 17.56 67.41
N LEU E 251 22.47 16.63 66.77
CA LEU E 251 22.95 15.44 67.49
C LEU E 251 23.91 15.82 68.61
N LEU E 252 24.80 16.77 68.36
CA LEU E 252 25.71 17.23 69.39
C LEU E 252 24.95 17.94 70.51
N ARG E 253 24.04 18.83 70.15
CA ARG E 253 23.34 19.64 71.15
C ARG E 253 22.41 18.79 71.99
N SER E 254 21.77 17.78 71.40
CA SER E 254 20.84 16.93 72.14
C SER E 254 21.54 15.93 73.05
N GLY E 255 22.86 15.79 72.95
CA GLY E 255 23.61 14.86 73.77
C GLY E 255 23.45 13.40 73.45
N ALA E 256 22.70 13.04 72.40
CA ALA E 256 22.54 11.63 72.04
C ALA E 256 23.88 10.99 71.74
N ASP E 257 24.73 11.69 70.97
CA ASP E 257 26.03 11.16 70.58
C ASP E 257 27.05 11.28 71.69
N ASP E 258 27.13 12.45 72.32
CA ASP E 258 28.11 12.69 73.37
C ASP E 258 27.46 13.46 74.52
N PRO E 259 27.32 12.84 75.70
CA PRO E 259 26.71 13.56 76.83
C PRO E 259 27.47 14.81 77.23
N GLU E 260 28.80 14.77 77.19
CA GLU E 260 29.59 15.97 77.48
C GLU E 260 29.30 17.08 76.49
N MET E 261 29.02 16.73 75.23
CA MET E 261 28.81 17.74 74.21
C MET E 261 27.57 18.59 74.47
N ALA E 262 26.53 18.00 75.04
CA ALA E 262 25.31 18.75 75.33
C ALA E 262 25.59 19.93 76.25
N GLU E 263 26.43 19.72 77.27
CA GLU E 263 26.85 20.80 78.15
C GLU E 263 27.59 21.88 77.38
N ILE E 264 28.53 21.47 76.52
CA ILE E 264 29.31 22.44 75.74
C ILE E 264 28.39 23.22 74.81
N ALA E 265 27.32 22.59 74.32
CA ALA E 265 26.38 23.29 73.45
C ALA E 265 25.74 24.47 74.18
N GLU E 266 25.45 24.32 75.47
CA GLU E 266 24.80 25.39 76.22
C GLU E 266 25.73 26.55 76.48
N GLU E 267 27.03 26.29 76.62
CA GLU E 267 28.00 27.37 76.82
C GLU E 267 28.15 28.23 75.58
N CYS E 268 27.87 27.67 74.40
CA CYS E 268 28.02 28.39 73.14
C CYS E 268 26.72 29.00 72.64
N LYS E 269 25.58 28.67 73.24
CA LYS E 269 24.29 29.12 72.71
C LYS E 269 24.27 30.63 72.50
N GLN E 270 24.95 31.38 73.36
CA GLN E 270 25.04 32.83 73.15
C GLN E 270 26.07 33.16 72.08
N GLU E 271 27.20 32.44 72.06
CA GLU E 271 28.19 32.66 71.02
C GLU E 271 27.63 32.30 69.65
N CYS E 272 26.87 31.20 69.57
CA CYS E 272 26.27 30.79 68.31
C CYS E 272 25.22 31.79 67.84
N TYR E 273 24.39 32.27 68.76
CA TYR E 273 23.39 33.28 68.42
C TYR E 273 24.06 34.54 67.88
N ASP E 274 25.04 35.07 68.61
CA ASP E 274 25.78 36.24 68.12
C ASP E 274 26.53 35.93 66.83
N LEU E 275 26.93 34.67 66.65
CA LEU E 275 27.60 34.25 65.43
C LEU E 275 26.67 34.38 64.23
N PHE E 276 25.44 33.86 64.36
CA PHE E 276 24.47 33.96 63.28
C PHE E 276 24.09 35.41 63.00
N VAL E 277 23.81 36.18 64.06
CA VAL E 277 23.40 37.57 63.87
C VAL E 277 24.48 38.36 63.15
N GLN E 278 25.75 38.19 63.56
CA GLN E 278 26.84 38.88 62.88
C GLN E 278 26.91 38.48 61.41
N ALA E 279 26.73 37.19 61.14
CA ALA E 279 26.70 36.72 59.75
C ALA E 279 25.55 37.37 58.99
N ALA E 280 24.36 37.40 59.60
CA ALA E 280 23.22 38.04 58.96
C ALA E 280 23.46 39.52 58.73
N GLN E 281 24.11 40.19 59.69
CA GLN E 281 24.41 41.60 59.53
C GLN E 281 25.43 41.85 58.44
N GLN E 282 26.38 40.92 58.24
CA GLN E 282 27.32 41.06 57.14
C GLN E 282 26.64 40.92 55.79
N GLU E 283 25.69 39.98 55.68
CA GLU E 283 24.98 39.83 54.41
C GLU E 283 24.10 41.03 54.11
N LYS E 284 23.53 41.65 55.14
CA LYS E 284 22.82 42.92 54.93
C LYS E 284 23.79 43.99 54.43
N ASP E 285 24.95 44.12 55.09
CA ASP E 285 25.96 45.06 54.64
C ASP E 285 26.45 44.69 53.24
N TRP E 286 26.49 43.40 52.92
CA TRP E 286 26.86 42.96 51.58
C TRP E 286 25.83 43.43 50.56
N ALA E 287 24.54 43.42 50.94
CA ALA E 287 23.50 43.91 50.06
C ALA E 287 23.70 45.39 49.73
N ASP E 288 24.15 46.17 50.71
CA ASP E 288 24.40 47.59 50.48
C ASP E 288 25.49 47.80 49.43
N TYR E 289 26.47 46.90 49.38
CA TYR E 289 27.54 47.05 48.38
C TYR E 289 27.06 46.65 46.99
N LEU E 290 26.09 45.72 46.91
CA LEU E 290 25.59 45.30 45.62
C LEU E 290 24.82 46.42 44.92
N PHE E 291 23.96 47.14 45.65
CA PHE E 291 23.05 48.11 45.07
C PHE E 291 23.48 49.55 45.30
N ARG E 292 24.77 49.79 45.59
CA ARG E 292 25.22 51.16 45.78
C ARG E 292 25.19 51.97 44.50
N ASP E 293 25.25 51.31 43.34
CA ASP E 293 25.16 51.98 42.05
C ASP E 293 23.78 51.88 41.43
N GLY E 294 22.82 51.28 42.14
CA GLY E 294 21.47 51.15 41.62
C GLY E 294 20.87 49.78 41.83
N SER E 295 19.56 49.65 41.64
CA SER E 295 18.87 48.40 41.82
C SER E 295 18.36 47.89 40.47
N MET E 296 17.59 46.81 40.50
CA MET E 296 17.04 46.20 39.30
C MET E 296 15.61 45.77 39.57
N ILE E 297 14.91 45.43 38.50
CA ILE E 297 13.50 45.03 38.59
C ILE E 297 13.39 43.76 39.43
N GLY E 298 12.81 43.89 40.62
CA GLY E 298 12.58 42.76 41.49
C GLY E 298 13.53 42.62 42.65
N LEU E 299 14.56 43.45 42.74
CA LEU E 299 15.58 43.27 43.77
C LEU E 299 16.26 44.60 44.06
N ASN E 300 16.30 44.97 45.34
CA ASN E 300 17.09 46.10 45.80
C ASN E 300 17.65 45.75 47.18
N LYS E 301 18.31 46.72 47.81
CA LYS E 301 18.86 46.49 49.14
C LYS E 301 17.77 46.11 50.13
N ASP E 302 16.63 46.79 50.08
CA ASP E 302 15.57 46.56 51.05
C ASP E 302 14.96 45.16 50.87
N ILE E 303 14.65 44.78 49.63
CA ILE E 303 14.07 43.47 49.36
C ILE E 303 14.99 42.37 49.88
N LEU E 304 16.28 42.46 49.57
CA LEU E 304 17.24 41.42 49.93
C LEU E 304 17.44 41.32 51.44
N CYS E 305 17.54 42.46 52.11
CA CYS E 305 17.74 42.45 53.56
C CYS E 305 16.55 41.83 54.28
N GLN E 306 15.34 42.03 53.78
CA GLN E 306 14.18 41.35 54.36
C GLN E 306 14.30 39.84 54.20
N TYR E 307 14.84 39.39 53.07
CA TYR E 307 15.06 37.97 52.88
C TYR E 307 16.08 37.43 53.88
N VAL E 308 17.12 38.22 54.17
CA VAL E 308 18.11 37.82 55.16
C VAL E 308 17.44 37.55 56.50
N GLU E 309 16.56 38.47 56.93
CA GLU E 309 15.83 38.26 58.18
C GLU E 309 14.89 37.07 58.07
N TYR E 310 14.31 36.87 56.89
CA TYR E 310 13.40 35.74 56.70
C TYR E 310 14.15 34.41 56.79
N ILE E 311 15.20 34.26 55.98
CA ILE E 311 15.90 32.98 55.93
C ILE E 311 16.68 32.70 57.21
N THR E 312 17.13 33.75 57.91
CA THR E 312 17.89 33.54 59.14
C THR E 312 17.01 32.92 60.22
N ASN E 313 15.80 33.45 60.40
CA ASN E 313 14.88 32.90 61.40
C ASN E 313 14.64 31.41 61.17
N ILE E 314 14.48 31.01 59.90
CA ILE E 314 14.18 29.62 59.59
C ILE E 314 15.37 28.72 59.95
N ARG E 315 16.57 29.12 59.55
CA ARG E 315 17.75 28.30 59.79
C ARG E 315 18.07 28.23 61.28
N MET E 316 17.96 29.35 61.99
CA MET E 316 18.30 29.37 63.41
C MET E 316 17.33 28.53 64.23
N GLN E 317 16.05 28.56 63.90
CA GLN E 317 15.10 27.70 64.59
C GLN E 317 15.44 26.23 64.38
N ALA E 318 15.98 25.89 63.21
CA ALA E 318 16.33 24.51 62.90
C ALA E 318 17.49 23.99 63.75
N VAL E 319 18.27 24.87 64.37
CA VAL E 319 19.39 24.44 65.19
C VAL E 319 19.18 24.84 66.66
N GLY E 320 17.95 25.16 67.04
CA GLY E 320 17.62 25.44 68.42
C GLY E 320 18.13 26.76 68.98
N LEU E 321 18.10 27.82 68.18
CA LEU E 321 18.47 29.16 68.63
C LEU E 321 17.28 30.10 68.53
N ASP E 322 17.28 31.12 69.37
CA ASP E 322 16.21 32.09 69.39
C ASP E 322 16.26 32.98 68.16
N LEU E 323 15.10 33.42 67.71
CA LEU E 323 15.00 34.19 66.48
C LEU E 323 15.45 35.62 66.71
N PRO E 324 16.36 36.15 65.91
CA PRO E 324 16.88 37.50 66.14
C PRO E 324 16.04 38.58 65.48
N PHE E 325 15.26 38.21 64.47
CA PHE E 325 14.47 39.16 63.70
C PHE E 325 12.98 38.94 63.92
N GLN E 326 12.20 39.93 63.50
CA GLN E 326 10.75 39.85 63.58
C GLN E 326 10.22 38.77 62.63
N THR E 327 9.07 38.21 62.98
CA THR E 327 8.42 37.24 62.11
C THR E 327 8.05 37.91 60.79
N ARG E 328 8.36 37.24 59.68
CA ARG E 328 8.14 37.85 58.37
C ARG E 328 7.79 36.77 57.35
N SER E 329 6.92 37.12 56.42
CA SER E 329 6.60 36.27 55.28
C SER E 329 7.68 36.41 54.21
N ASN E 330 7.81 35.37 53.38
CA ASN E 330 8.82 35.30 52.34
C ASN E 330 8.69 36.49 51.37
N PRO E 331 9.67 37.41 51.37
CA PRO E 331 9.58 38.58 50.49
C PRO E 331 9.87 38.28 49.03
N ILE E 332 10.43 37.12 48.69
CA ILE E 332 10.64 36.73 47.30
C ILE E 332 10.10 35.32 47.09
N PRO E 333 8.78 35.15 47.03
CA PRO E 333 8.21 33.79 46.91
C PRO E 333 8.64 33.07 45.65
N TRP E 334 9.05 33.80 44.61
CA TRP E 334 9.44 33.17 43.37
C TRP E 334 10.71 32.33 43.51
N ILE E 335 11.47 32.53 44.59
CA ILE E 335 12.71 31.76 44.75
C ILE E 335 12.42 30.31 45.11
N ASN E 336 11.24 30.02 45.69
CA ASN E 336 10.92 28.65 46.05
C ASN E 336 10.75 27.77 44.81
N THR E 337 10.47 28.37 43.65
CA THR E 337 10.45 27.62 42.40
C THR E 337 11.80 26.97 42.13
N TRP E 338 12.87 27.65 42.50
CA TRP E 338 14.23 27.23 42.18
C TRP E 338 14.85 26.32 43.23
N LEU E 339 14.44 26.43 44.49
CA LEU E 339 15.06 25.67 45.56
C LEU E 339 14.53 24.23 45.63
N SER E 363 -30.86 10.87 30.10
CA SER E 363 -31.98 11.51 29.42
C SER E 363 -33.29 10.74 29.62
N GLU E 364 -33.17 9.47 30.03
CA GLU E 364 -34.32 8.61 30.21
C GLU E 364 -35.18 9.08 31.37
N VAL E 365 -36.48 8.86 31.27
CA VAL E 365 -37.43 9.35 32.26
C VAL E 365 -38.31 8.21 32.74
N ASP E 366 -38.64 8.24 34.03
CA ASP E 366 -39.49 7.25 34.69
C ASP E 366 -40.70 7.96 35.28
N THR E 367 -41.84 7.87 34.60
CA THR E 367 -43.05 8.54 35.07
C THR E 367 -43.51 7.97 36.40
N ASP E 368 -43.29 6.68 36.64
CA ASP E 368 -43.67 6.08 37.92
C ASP E 368 -42.90 6.72 39.07
N ASP E 369 -41.60 6.95 38.89
CA ASP E 369 -40.82 7.65 39.91
C ASP E 369 -41.28 9.10 40.04
N LEU E 370 -41.65 9.73 38.93
CA LEU E 370 -42.18 11.10 38.98
C LEU E 370 -43.57 11.13 39.57
N SER E 371 -44.39 10.10 39.30
CA SER E 371 -45.72 10.02 39.90
C SER E 371 -45.66 9.84 41.41
N ASN E 372 -44.52 9.40 41.95
CA ASN E 372 -44.30 9.30 43.38
C ASN E 372 -44.02 10.69 43.97
N PHE E 373 -44.89 11.66 43.69
CA PHE E 373 -44.66 13.03 44.12
C PHE E 373 -45.96 13.80 44.09
N GLN E 374 -46.19 14.60 45.14
CA GLN E 374 -47.38 15.43 45.27
C GLN E 374 -46.97 16.89 45.23
N LEU E 375 -47.57 17.66 44.32
CA LEU E 375 -47.25 19.07 44.17
C LEU E 375 -47.89 19.92 45.27
N ALA F 1 -56.64 -20.97 -57.81
CA ALA F 1 -55.78 -19.80 -57.96
C ALA F 1 -55.08 -19.48 -56.64
N TYR F 2 -53.83 -19.05 -56.73
CA TYR F 2 -53.05 -18.76 -55.54
C TYR F 2 -53.50 -17.46 -54.90
N THR F 3 -53.65 -17.49 -53.58
CA THR F 3 -53.99 -16.30 -52.81
C THR F 3 -52.93 -16.09 -51.74
N THR F 4 -52.46 -14.86 -51.62
CA THR F 4 -51.45 -14.54 -50.63
C THR F 4 -51.99 -14.62 -49.21
N PHE F 5 -53.31 -14.59 -49.04
CA PHE F 5 -53.91 -14.79 -47.72
C PHE F 5 -55.25 -15.50 -47.92
N SER F 6 -55.24 -16.83 -47.78
CA SER F 6 -56.46 -17.60 -47.93
C SER F 6 -57.47 -17.26 -46.83
N GLN F 7 -58.74 -17.13 -47.23
CA GLN F 7 -59.79 -16.72 -46.29
C GLN F 7 -60.23 -17.86 -45.38
N THR F 8 -60.16 -19.10 -45.85
CA THR F 8 -60.63 -20.23 -45.07
C THR F 8 -59.77 -20.44 -43.84
N LYS F 9 -60.40 -20.67 -42.69
CA LYS F 9 -59.67 -21.05 -41.48
C LYS F 9 -59.42 -22.55 -41.52
N ASN F 10 -58.17 -22.94 -41.69
CA ASN F 10 -57.78 -24.33 -41.77
C ASN F 10 -56.86 -24.67 -40.61
N ASP F 11 -56.96 -25.89 -40.11
CA ASP F 11 -56.00 -26.39 -39.14
C ASP F 11 -54.69 -26.65 -39.86
N GLN F 12 -53.72 -25.76 -39.64
CA GLN F 12 -52.46 -25.86 -40.36
C GLN F 12 -51.70 -27.14 -40.01
N LEU F 13 -52.07 -27.79 -38.90
CA LEU F 13 -51.40 -29.01 -38.49
C LEU F 13 -51.81 -30.20 -39.37
N LYS F 14 -53.01 -30.17 -39.93
CA LYS F 14 -53.50 -31.26 -40.77
C LYS F 14 -53.24 -31.04 -42.26
N GLU F 15 -52.76 -29.86 -42.65
CA GLU F 15 -52.44 -29.62 -44.04
C GLU F 15 -51.24 -30.46 -44.46
N PRO F 16 -51.11 -30.77 -45.75
CA PRO F 16 -49.89 -31.41 -46.24
C PRO F 16 -48.78 -30.37 -46.44
N MET F 17 -47.58 -30.87 -46.71
CA MET F 17 -46.46 -29.98 -46.97
C MET F 17 -46.71 -29.15 -48.22
N PHE F 18 -47.19 -29.80 -49.28
CA PHE F 18 -47.40 -29.13 -50.56
C PHE F 18 -48.82 -29.37 -51.06
N PHE F 19 -49.27 -28.46 -51.91
CA PHE F 19 -50.51 -28.50 -52.67
C PHE F 19 -51.77 -28.37 -51.83
N GLY F 20 -51.66 -28.27 -50.50
CA GLY F 20 -52.82 -28.00 -49.67
C GLY F 20 -53.25 -26.55 -49.76
N GLN F 21 -54.02 -26.10 -48.78
CA GLN F 21 -54.49 -24.71 -48.79
C GLN F 21 -53.33 -23.75 -48.53
N PRO F 22 -53.17 -22.71 -49.34
CA PRO F 22 -52.08 -21.75 -49.12
C PRO F 22 -52.08 -21.20 -47.70
N VAL F 23 -50.89 -21.06 -47.13
CA VAL F 23 -50.76 -20.56 -45.77
C VAL F 23 -51.35 -19.16 -45.66
N ASN F 24 -52.03 -18.90 -44.55
CA ASN F 24 -52.56 -17.56 -44.27
C ASN F 24 -51.80 -16.90 -43.14
N VAL F 25 -51.94 -17.37 -41.90
CA VAL F 25 -51.31 -16.75 -40.73
C VAL F 25 -50.00 -17.46 -40.44
N ALA F 26 -48.91 -16.70 -40.34
CA ALA F 26 -47.59 -17.24 -40.05
C ALA F 26 -47.39 -17.31 -38.55
N ARG F 27 -47.56 -18.50 -37.99
CA ARG F 27 -47.37 -18.75 -36.56
C ARG F 27 -46.27 -19.78 -36.39
N TYR F 28 -45.54 -19.67 -35.27
CA TYR F 28 -44.38 -20.52 -35.04
C TYR F 28 -44.41 -21.14 -33.65
N ASP F 29 -45.59 -21.20 -33.03
CA ASP F 29 -45.78 -21.87 -31.76
C ASP F 29 -46.07 -23.36 -31.89
N GLN F 30 -46.29 -23.86 -33.09
CA GLN F 30 -46.59 -25.27 -33.30
C GLN F 30 -46.21 -25.64 -34.72
N GLN F 31 -45.87 -26.91 -34.93
CA GLN F 31 -45.52 -27.39 -36.25
C GLN F 31 -46.09 -28.79 -36.49
N LYS F 32 -46.47 -29.05 -37.74
CA LYS F 32 -46.76 -30.42 -38.15
C LYS F 32 -45.49 -31.23 -38.21
N TYR F 33 -44.45 -30.69 -38.85
CA TYR F 33 -43.11 -31.28 -38.88
C TYR F 33 -42.15 -30.27 -38.26
N ASP F 34 -41.69 -30.58 -37.06
CA ASP F 34 -40.80 -29.65 -36.35
C ASP F 34 -39.39 -29.63 -36.91
N ILE F 35 -39.07 -30.48 -37.88
CA ILE F 35 -37.73 -30.46 -38.47
C ILE F 35 -37.47 -29.10 -39.10
N PHE F 36 -38.49 -28.51 -39.72
CA PHE F 36 -38.30 -27.24 -40.39
C PHE F 36 -38.20 -26.08 -39.41
N GLU F 37 -38.90 -26.15 -38.28
CA GLU F 37 -38.74 -25.12 -37.26
C GLU F 37 -37.34 -25.15 -36.66
N LYS F 38 -36.78 -26.35 -36.47
CA LYS F 38 -35.42 -26.44 -35.96
C LYS F 38 -34.41 -25.93 -37.00
N LEU F 39 -34.68 -26.18 -38.28
CA LEU F 39 -33.80 -25.67 -39.33
C LEU F 39 -33.83 -24.15 -39.40
N ILE F 40 -35.00 -23.54 -39.20
CA ILE F 40 -35.08 -22.07 -39.20
C ILE F 40 -34.23 -21.51 -38.05
N GLU F 41 -34.46 -22.02 -36.84
CA GLU F 41 -33.73 -21.52 -35.68
C GLU F 41 -32.23 -21.68 -35.85
N LYS F 42 -31.81 -22.79 -36.47
CA LYS F 42 -30.38 -23.02 -36.65
C LYS F 42 -29.80 -22.13 -37.74
N GLN F 43 -30.55 -21.95 -38.84
CA GLN F 43 -30.10 -21.05 -39.89
C GLN F 43 -30.07 -19.60 -39.42
N LEU F 44 -31.01 -19.21 -38.56
CA LEU F 44 -30.99 -17.85 -38.02
C LEU F 44 -29.79 -17.63 -37.11
N SER F 45 -29.33 -18.68 -36.44
CA SER F 45 -28.18 -18.57 -35.55
C SER F 45 -26.87 -18.54 -36.32
N PHE F 46 -26.84 -19.13 -37.52
CA PHE F 46 -25.65 -19.14 -38.35
C PHE F 46 -25.45 -17.84 -39.14
N PHE F 47 -26.26 -16.81 -38.87
CA PHE F 47 -26.26 -15.60 -39.68
C PHE F 47 -24.87 -14.99 -39.76
N TRP F 48 -24.38 -14.80 -40.97
CA TRP F 48 -23.08 -14.18 -41.19
C TRP F 48 -23.17 -13.24 -42.39
N ARG F 49 -22.23 -12.29 -42.44
CA ARG F 49 -22.08 -11.35 -43.54
C ARG F 49 -20.72 -11.53 -44.19
N PRO F 50 -20.63 -11.40 -45.51
CA PRO F 50 -19.35 -11.67 -46.17
C PRO F 50 -18.26 -10.67 -45.81
N GLU F 51 -18.59 -9.39 -45.67
CA GLU F 51 -17.57 -8.38 -45.40
C GLU F 51 -16.87 -8.60 -44.06
N GLU F 52 -17.48 -9.35 -43.13
CA GLU F 52 -16.85 -9.56 -41.84
C GLU F 52 -15.71 -10.58 -41.89
N VAL F 53 -15.35 -11.05 -43.09
CA VAL F 53 -14.24 -11.98 -43.27
C VAL F 53 -13.13 -11.29 -44.04
N ASP F 54 -11.91 -11.38 -43.55
CA ASP F 54 -10.77 -10.79 -44.22
C ASP F 54 -10.35 -11.68 -45.38
N VAL F 55 -10.44 -11.15 -46.61
CA VAL F 55 -10.05 -11.86 -47.81
C VAL F 55 -8.97 -11.12 -48.58
N SER F 56 -8.41 -10.05 -48.00
CA SER F 56 -7.42 -9.24 -48.70
C SER F 56 -6.10 -9.99 -48.86
N ARG F 57 -5.75 -10.89 -47.93
CA ARG F 57 -4.53 -11.65 -48.09
C ARG F 57 -4.65 -12.68 -49.22
N ASP F 58 -5.86 -12.98 -49.67
CA ASP F 58 -6.04 -14.00 -50.69
C ASP F 58 -5.60 -13.52 -52.07
N ARG F 59 -5.56 -12.21 -52.28
CA ARG F 59 -5.08 -11.69 -53.55
C ARG F 59 -3.63 -12.09 -53.80
N ILE F 60 -2.78 -12.02 -52.77
CA ILE F 60 -1.38 -12.44 -52.92
C ILE F 60 -1.31 -13.93 -53.21
N ASP F 61 -2.06 -14.71 -52.44
CA ASP F 61 -2.10 -16.16 -52.63
C ASP F 61 -2.55 -16.52 -54.05
N TYR F 62 -3.54 -15.80 -54.57
CA TYR F 62 -4.09 -16.13 -55.89
C TYR F 62 -3.08 -15.86 -56.99
N GLN F 63 -2.47 -14.66 -56.97
CA GLN F 63 -1.49 -14.31 -58.01
C GLN F 63 -0.25 -15.19 -57.95
N ALA F 64 0.07 -15.77 -56.78
CA ALA F 64 1.21 -16.67 -56.65
C ALA F 64 0.92 -18.07 -57.13
N LEU F 65 -0.36 -18.41 -57.34
CA LEU F 65 -0.72 -19.72 -57.81
C LEU F 65 -0.13 -19.97 -59.20
N PRO F 66 0.13 -21.21 -59.56
CA PRO F 66 0.43 -21.52 -60.95
C PRO F 66 -0.77 -21.17 -61.83
N GLU F 67 -0.54 -21.08 -63.13
CA GLU F 67 -1.61 -20.63 -64.02
C GLU F 67 -2.73 -21.67 -64.13
N HIS F 68 -2.38 -22.96 -64.04
CA HIS F 68 -3.42 -23.98 -64.08
C HIS F 68 -4.17 -24.08 -62.75
N GLU F 69 -3.57 -23.62 -61.66
CA GLU F 69 -4.26 -23.59 -60.37
C GLU F 69 -5.14 -22.36 -60.22
N LYS F 70 -4.76 -21.23 -60.84
CA LYS F 70 -5.69 -20.12 -61.00
C LYS F 70 -6.94 -20.59 -61.73
N HIS F 71 -6.76 -21.42 -62.76
CA HIS F 71 -7.87 -21.98 -63.50
C HIS F 71 -8.76 -22.84 -62.61
N ILE F 72 -8.16 -23.76 -61.85
CA ILE F 72 -8.93 -24.63 -60.97
C ILE F 72 -9.76 -23.80 -60.01
N PHE F 73 -9.14 -22.82 -59.36
CA PHE F 73 -9.84 -22.03 -58.36
C PHE F 73 -10.93 -21.18 -58.99
N ILE F 74 -10.60 -20.47 -60.05
CA ILE F 74 -11.54 -19.50 -60.62
C ILE F 74 -12.68 -20.22 -61.35
N SER F 75 -12.45 -21.43 -61.85
CA SER F 75 -13.55 -22.18 -62.45
C SER F 75 -14.52 -22.68 -61.39
N ASN F 76 -13.99 -23.21 -60.29
CA ASN F 76 -14.84 -23.66 -59.20
C ASN F 76 -15.61 -22.50 -58.58
N LEU F 77 -15.08 -21.28 -58.71
CA LEU F 77 -15.75 -20.09 -58.19
C LEU F 77 -16.90 -19.68 -59.10
N LYS F 78 -16.67 -19.66 -60.42
CA LYS F 78 -17.75 -19.34 -61.34
C LYS F 78 -18.89 -20.33 -61.21
N TYR F 79 -18.57 -21.61 -61.09
CA TYR F 79 -19.60 -22.63 -60.92
C TYR F 79 -20.35 -22.45 -59.61
N GLN F 80 -19.62 -22.18 -58.53
CA GLN F 80 -20.29 -21.88 -57.26
C GLN F 80 -21.21 -20.68 -57.42
N THR F 81 -20.71 -19.62 -58.06
CA THR F 81 -21.51 -18.42 -58.25
C THR F 81 -22.77 -18.71 -59.04
N LEU F 82 -22.67 -19.59 -60.04
CA LEU F 82 -23.85 -19.95 -60.81
C LEU F 82 -24.81 -20.78 -59.98
N LEU F 83 -24.31 -21.76 -59.24
CA LEU F 83 -25.18 -22.64 -58.48
C LEU F 83 -25.99 -21.87 -57.44
N ASP F 84 -25.32 -21.05 -56.63
CA ASP F 84 -26.06 -20.30 -55.64
C ASP F 84 -26.79 -19.10 -56.22
N SER F 85 -26.61 -18.82 -57.52
CA SER F 85 -27.46 -17.84 -58.19
C SER F 85 -28.84 -18.42 -58.45
N ILE F 86 -28.88 -19.64 -58.98
CA ILE F 86 -30.13 -20.37 -59.11
C ILE F 86 -30.77 -20.57 -57.73
N GLN F 87 -29.96 -21.04 -56.78
CA GLN F 87 -30.47 -21.30 -55.44
C GLN F 87 -30.92 -20.03 -54.73
N GLY F 88 -30.51 -18.85 -55.22
CA GLY F 88 -30.95 -17.62 -54.59
C GLY F 88 -32.43 -17.36 -54.75
N ARG F 89 -32.93 -17.47 -55.98
CA ARG F 89 -34.31 -17.15 -56.31
C ARG F 89 -35.23 -18.36 -56.33
N SER F 90 -34.73 -19.51 -56.79
CA SER F 90 -35.60 -20.61 -57.18
C SER F 90 -36.42 -21.21 -56.05
N PRO F 91 -35.88 -21.50 -54.85
CA PRO F 91 -36.74 -22.06 -53.79
C PRO F 91 -37.96 -21.19 -53.49
N ASN F 92 -37.84 -19.87 -53.60
CA ASN F 92 -39.01 -19.01 -53.40
C ASN F 92 -39.97 -19.11 -54.59
N VAL F 93 -39.43 -19.04 -55.81
CA VAL F 93 -40.30 -19.00 -56.98
C VAL F 93 -40.98 -20.34 -57.21
N ALA F 94 -40.27 -21.43 -56.95
CA ALA F 94 -40.79 -22.76 -57.30
C ALA F 94 -41.59 -23.41 -56.19
N LEU F 95 -41.31 -23.06 -54.93
CA LEU F 95 -41.93 -23.75 -53.79
C LEU F 95 -42.98 -22.92 -53.06
N LEU F 96 -42.80 -21.60 -52.95
CA LEU F 96 -43.76 -20.80 -52.19
C LEU F 96 -45.20 -20.94 -52.69
N PRO F 97 -45.49 -20.98 -54.01
CA PRO F 97 -46.88 -21.16 -54.44
C PRO F 97 -47.46 -22.53 -54.11
N LEU F 98 -46.63 -23.47 -53.64
CA LEU F 98 -47.08 -24.82 -53.36
C LEU F 98 -47.14 -25.15 -51.88
N ILE F 99 -46.44 -24.40 -51.03
CA ILE F 99 -46.37 -24.75 -49.62
C ILE F 99 -47.70 -24.48 -48.95
N SER F 100 -48.10 -25.38 -48.05
CA SER F 100 -49.39 -25.28 -47.37
C SER F 100 -49.29 -25.35 -45.86
N ILE F 101 -48.07 -25.38 -45.30
CA ILE F 101 -47.88 -25.33 -43.85
C ILE F 101 -46.92 -24.19 -43.52
N PRO F 102 -47.16 -23.45 -42.43
CA PRO F 102 -46.37 -22.22 -42.21
C PRO F 102 -44.90 -22.47 -41.94
N GLU F 103 -44.58 -23.50 -41.15
CA GLU F 103 -43.19 -23.71 -40.75
C GLU F 103 -42.31 -24.04 -41.95
N LEU F 104 -42.88 -24.67 -42.98
CA LEU F 104 -42.12 -24.98 -44.19
C LEU F 104 -42.02 -23.77 -45.11
N GLU F 105 -43.05 -22.94 -45.18
CA GLU F 105 -42.98 -21.74 -46.00
C GLU F 105 -41.88 -20.81 -45.52
N THR F 106 -41.84 -20.53 -44.21
CA THR F 106 -40.82 -19.65 -43.66
C THR F 106 -39.42 -20.24 -43.83
N TRP F 107 -39.29 -21.56 -43.69
CA TRP F 107 -37.98 -22.18 -43.89
C TRP F 107 -37.47 -21.96 -45.31
N VAL F 108 -38.34 -22.14 -46.31
CA VAL F 108 -37.92 -21.95 -47.70
C VAL F 108 -37.49 -20.51 -47.93
N GLU F 109 -38.18 -19.55 -47.31
CA GLU F 109 -37.79 -18.15 -47.44
C GLU F 109 -36.51 -17.85 -46.69
N THR F 110 -36.32 -18.48 -45.53
CA THR F 110 -35.04 -18.38 -44.84
C THR F 110 -33.94 -19.08 -45.63
N TRP F 111 -34.25 -20.26 -46.18
CA TRP F 111 -33.31 -20.98 -47.03
C TRP F 111 -32.87 -20.13 -48.22
N ALA F 112 -33.84 -19.55 -48.94
CA ALA F 112 -33.50 -18.75 -50.11
C ALA F 112 -32.71 -17.51 -49.73
N PHE F 113 -33.08 -16.87 -48.62
CA PHE F 113 -32.34 -15.69 -48.17
C PHE F 113 -30.89 -16.03 -47.89
N SER F 114 -30.65 -17.13 -47.17
CA SER F 114 -29.29 -17.54 -46.85
C SER F 114 -28.48 -17.80 -48.12
N GLU F 115 -29.16 -18.15 -49.22
CA GLU F 115 -28.46 -18.31 -50.49
C GLU F 115 -28.03 -16.97 -51.07
N THR F 116 -28.81 -15.92 -50.84
CA THR F 116 -28.41 -14.59 -51.33
C THR F 116 -27.17 -14.08 -50.61
N ILE F 117 -26.97 -14.48 -49.35
CA ILE F 117 -25.72 -14.14 -48.66
C ILE F 117 -24.55 -14.87 -49.32
N HIS F 118 -24.76 -16.12 -49.74
CA HIS F 118 -23.74 -16.84 -50.49
C HIS F 118 -23.44 -16.13 -51.80
N SER F 119 -24.47 -15.69 -52.52
CA SER F 119 -24.26 -14.95 -53.76
C SER F 119 -23.45 -13.69 -53.51
N ARG F 120 -23.73 -12.99 -52.40
CA ARG F 120 -22.98 -11.78 -52.08
C ARG F 120 -21.54 -12.10 -51.73
N SER F 121 -21.30 -13.22 -51.03
CA SER F 121 -19.94 -13.55 -50.65
C SER F 121 -19.09 -13.93 -51.85
N TYR F 122 -19.68 -14.53 -52.88
CA TYR F 122 -18.93 -14.80 -54.11
C TYR F 122 -18.52 -13.50 -54.77
N THR F 123 -19.39 -12.49 -54.73
CA THR F 123 -19.01 -11.15 -55.20
C THR F 123 -17.90 -10.58 -54.33
N HIS F 124 -17.90 -10.88 -53.04
CA HIS F 124 -16.85 -10.41 -52.16
C HIS F 124 -15.50 -11.04 -52.51
N ILE F 125 -15.49 -12.36 -52.70
CA ILE F 125 -14.25 -13.06 -53.00
C ILE F 125 -13.69 -12.62 -54.34
N ILE F 126 -14.56 -12.54 -55.36
CA ILE F 126 -14.11 -12.24 -56.71
C ILE F 126 -13.45 -10.86 -56.77
N ARG F 127 -14.11 -9.85 -56.21
CA ARG F 127 -13.56 -8.50 -56.26
C ARG F 127 -12.32 -8.32 -55.41
N ASN F 128 -11.95 -9.33 -54.61
CA ASN F 128 -10.79 -9.26 -53.75
C ASN F 128 -9.63 -10.16 -54.18
N ILE F 129 -9.76 -10.91 -55.28
CA ILE F 129 -8.64 -11.73 -55.73
C ILE F 129 -8.28 -11.39 -57.17
N VAL F 130 -9.28 -11.00 -57.97
CA VAL F 130 -9.03 -10.65 -59.36
C VAL F 130 -9.12 -9.14 -59.51
N ASN F 131 -8.61 -8.65 -60.64
CA ASN F 131 -8.57 -7.22 -60.87
C ASN F 131 -9.88 -6.69 -61.43
N ASP F 132 -10.47 -7.40 -62.39
CA ASP F 132 -11.74 -7.01 -63.00
C ASP F 132 -12.77 -8.09 -62.73
N PRO F 133 -13.70 -7.88 -61.79
CA PRO F 133 -14.74 -8.88 -61.53
C PRO F 133 -15.61 -9.16 -62.74
N SER F 134 -15.74 -8.20 -63.66
CA SER F 134 -16.56 -8.41 -64.85
C SER F 134 -16.06 -9.58 -65.69
N VAL F 135 -14.75 -9.84 -65.68
CA VAL F 135 -14.21 -10.97 -66.43
C VAL F 135 -14.78 -12.29 -65.89
N VAL F 136 -14.83 -12.43 -64.57
CA VAL F 136 -15.31 -13.66 -63.97
C VAL F 136 -16.81 -13.79 -64.15
N PHE F 137 -17.55 -12.71 -63.88
CA PHE F 137 -19.01 -12.77 -63.91
C PHE F 137 -19.55 -12.98 -65.32
N ASP F 138 -19.00 -12.25 -66.29
CA ASP F 138 -19.53 -12.33 -67.65
C ASP F 138 -19.25 -13.68 -68.30
N ASP F 139 -18.25 -14.41 -67.80
CA ASP F 139 -17.95 -15.73 -68.32
C ASP F 139 -18.90 -16.81 -67.82
N ILE F 140 -19.58 -16.57 -66.68
CA ILE F 140 -20.43 -17.62 -66.10
C ILE F 140 -21.57 -18.00 -67.03
N VAL F 141 -22.14 -17.02 -67.73
CA VAL F 141 -23.33 -17.30 -68.53
C VAL F 141 -22.96 -17.97 -69.85
N THR F 142 -21.81 -17.62 -70.42
CA THR F 142 -21.39 -18.13 -71.73
C THR F 142 -20.58 -19.42 -71.62
N ASN F 143 -19.96 -19.67 -70.46
CA ASN F 143 -19.06 -20.81 -70.32
C ASN F 143 -19.78 -22.12 -70.62
N GLU F 144 -19.16 -22.95 -71.47
CA GLU F 144 -19.83 -24.16 -71.93
C GLU F 144 -19.93 -25.21 -70.82
N GLN F 145 -18.86 -25.37 -70.03
CA GLN F 145 -18.86 -26.43 -69.03
C GLN F 145 -19.86 -26.16 -67.92
N ILE F 146 -20.17 -24.89 -67.66
CA ILE F 146 -21.19 -24.54 -66.69
C ILE F 146 -22.57 -24.52 -67.32
N GLN F 147 -22.68 -23.89 -68.49
CA GLN F 147 -23.97 -23.73 -69.16
C GLN F 147 -24.66 -25.07 -69.38
N LYS F 148 -23.89 -26.12 -69.68
CA LYS F 148 -24.48 -27.44 -69.90
C LYS F 148 -25.26 -27.88 -68.67
N ARG F 149 -24.65 -27.78 -67.50
CA ARG F 149 -25.32 -28.14 -66.25
C ARG F 149 -26.26 -27.06 -65.73
N ALA F 150 -26.00 -25.79 -66.08
CA ALA F 150 -26.87 -24.73 -65.60
C ALA F 150 -28.29 -24.87 -66.14
N GLU F 151 -28.41 -25.09 -67.46
CA GLU F 151 -29.74 -25.23 -68.07
C GLU F 151 -30.41 -26.54 -67.65
N GLY F 152 -29.61 -27.58 -67.38
CA GLY F 152 -30.20 -28.81 -66.88
C GLY F 152 -30.77 -28.66 -65.49
N ILE F 153 -30.06 -27.92 -64.63
CA ILE F 153 -30.50 -27.74 -63.25
C ILE F 153 -31.73 -26.86 -63.19
N SER F 154 -31.73 -25.76 -63.95
CA SER F 154 -32.84 -24.83 -63.95
C SER F 154 -34.10 -25.42 -64.55
N SER F 155 -33.98 -26.45 -65.41
CA SER F 155 -35.16 -27.01 -66.07
C SER F 155 -36.14 -27.61 -65.06
N TYR F 156 -35.63 -28.42 -64.12
CA TYR F 156 -36.52 -28.98 -63.09
C TYR F 156 -37.22 -27.87 -62.33
N TYR F 157 -36.52 -26.76 -62.12
CA TYR F 157 -37.13 -25.60 -61.48
C TYR F 157 -38.18 -24.97 -62.40
N ASP F 158 -37.79 -24.70 -63.66
CA ASP F 158 -38.69 -24.01 -64.58
C ASP F 158 -39.96 -24.81 -64.83
N GLU F 159 -39.82 -26.12 -65.02
CA GLU F 159 -40.97 -26.97 -65.32
C GLU F 159 -41.93 -27.02 -64.14
N LEU F 160 -41.42 -27.05 -62.92
CA LEU F 160 -42.29 -27.05 -61.74
C LEU F 160 -43.06 -25.73 -61.64
N ILE F 161 -42.41 -24.61 -61.94
CA ILE F 161 -43.10 -23.33 -61.93
C ILE F 161 -44.20 -23.31 -62.98
N GLU F 162 -43.85 -23.72 -64.21
CA GLU F 162 -44.81 -23.68 -65.31
C GLU F 162 -46.04 -24.51 -65.01
N MET F 163 -45.84 -25.79 -64.64
CA MET F 163 -46.97 -26.64 -64.28
C MET F 163 -47.75 -26.06 -63.11
N THR F 164 -47.05 -25.46 -62.15
CA THR F 164 -47.74 -24.83 -61.03
C THR F 164 -48.63 -23.69 -61.51
N SER F 165 -48.17 -22.91 -62.49
CA SER F 165 -48.96 -21.81 -63.00
C SER F 165 -50.26 -22.30 -63.66
N TYR F 166 -50.16 -23.34 -64.50
CA TYR F 166 -51.36 -23.91 -65.09
C TYR F 166 -52.30 -24.46 -64.01
N TRP F 167 -51.74 -25.06 -62.96
CA TRP F 167 -52.57 -25.61 -61.90
C TRP F 167 -53.32 -24.52 -61.13
N HIS F 168 -52.73 -23.32 -61.04
CA HIS F 168 -53.42 -22.22 -60.38
C HIS F 168 -54.43 -21.57 -61.30
N LEU F 169 -54.02 -21.29 -62.55
CA LEU F 169 -54.89 -20.56 -63.47
C LEU F 169 -56.08 -21.41 -63.90
N LEU F 170 -55.82 -22.61 -64.41
CA LEU F 170 -56.89 -23.40 -65.02
C LEU F 170 -57.54 -24.38 -64.05
N GLY F 171 -56.78 -24.87 -63.07
CA GLY F 171 -57.26 -25.93 -62.21
C GLY F 171 -57.01 -27.29 -62.84
N GLU F 172 -57.31 -28.32 -62.07
CA GLU F 172 -57.06 -29.67 -62.57
C GLU F 172 -58.11 -30.04 -63.61
N GLY F 173 -57.67 -30.75 -64.65
CA GLY F 173 -58.53 -31.20 -65.71
C GLY F 173 -57.92 -30.92 -67.07
N THR F 174 -58.61 -31.40 -68.10
CA THR F 174 -58.20 -31.20 -69.48
C THR F 174 -58.75 -29.87 -69.98
N HIS F 175 -57.88 -29.05 -70.55
CA HIS F 175 -58.25 -27.71 -70.99
C HIS F 175 -57.83 -27.51 -72.44
N THR F 176 -58.26 -26.38 -73.01
CA THR F 176 -57.91 -26.00 -74.37
C THR F 176 -57.42 -24.56 -74.38
N VAL F 177 -56.21 -24.35 -74.90
CA VAL F 177 -55.56 -23.04 -74.91
C VAL F 177 -55.15 -22.74 -76.35
N ASN F 178 -55.91 -21.86 -77.02
CA ASN F 178 -55.60 -21.41 -78.37
C ASN F 178 -55.46 -22.58 -79.34
N GLY F 179 -56.53 -23.39 -79.39
CA GLY F 179 -56.57 -24.53 -80.28
C GLY F 179 -55.78 -25.74 -79.84
N LYS F 180 -54.88 -25.59 -78.88
CA LYS F 180 -54.07 -26.69 -78.36
C LYS F 180 -54.69 -27.22 -77.07
N THR F 181 -54.62 -28.53 -76.89
CA THR F 181 -55.14 -29.18 -75.69
C THR F 181 -54.08 -29.20 -74.59
N VAL F 182 -54.48 -28.82 -73.39
CA VAL F 182 -53.60 -28.74 -72.22
C VAL F 182 -54.25 -29.52 -71.08
N THR F 183 -53.57 -30.55 -70.60
CA THR F 183 -54.05 -31.37 -69.50
C THR F 183 -53.27 -31.01 -68.23
N VAL F 184 -53.99 -30.64 -67.18
CA VAL F 184 -53.41 -30.26 -65.91
C VAL F 184 -53.71 -31.39 -64.93
N SER F 185 -52.69 -32.18 -64.63
CA SER F 185 -52.81 -33.30 -63.69
C SER F 185 -52.08 -32.93 -62.40
N LEU F 186 -52.80 -32.96 -61.28
CA LEU F 186 -52.16 -32.71 -59.99
C LEU F 186 -51.14 -33.79 -59.69
N ARG F 187 -51.41 -35.03 -60.10
CA ARG F 187 -50.45 -36.10 -59.91
C ARG F 187 -49.16 -35.84 -60.66
N GLU F 188 -49.26 -35.25 -61.86
CA GLU F 188 -48.05 -34.89 -62.59
C GLU F 188 -47.36 -33.69 -61.96
N LEU F 189 -48.13 -32.80 -61.35
CA LEU F 189 -47.52 -31.68 -60.64
C LEU F 189 -46.77 -32.17 -59.41
N LYS F 190 -47.38 -33.08 -58.63
CA LYS F 190 -46.68 -33.71 -57.52
C LYS F 190 -45.44 -34.45 -57.99
N LYS F 191 -45.50 -35.03 -59.19
CA LYS F 191 -44.35 -35.74 -59.73
C LYS F 191 -43.23 -34.78 -60.09
N LYS F 192 -43.58 -33.63 -60.66
CA LYS F 192 -42.54 -32.66 -61.04
C LYS F 192 -41.93 -31.99 -59.82
N LEU F 193 -42.69 -31.85 -58.73
CA LEU F 193 -42.11 -31.35 -57.49
C LEU F 193 -41.09 -32.32 -56.93
N TYR F 194 -41.48 -33.60 -56.81
CA TYR F 194 -40.58 -34.60 -56.25
C TYR F 194 -39.29 -34.70 -57.05
N LEU F 195 -39.41 -34.71 -58.38
CA LEU F 195 -38.22 -34.77 -59.21
C LEU F 195 -37.37 -33.51 -59.04
N CYS F 196 -38.00 -32.36 -58.84
CA CYS F 196 -37.25 -31.13 -58.64
C CYS F 196 -36.50 -31.17 -57.31
N LEU F 197 -37.17 -31.57 -56.24
CA LEU F 197 -36.52 -31.68 -54.94
C LEU F 197 -35.34 -32.64 -54.98
N MET F 198 -35.50 -33.75 -55.71
CA MET F 198 -34.38 -34.67 -55.89
C MET F 198 -33.22 -34.01 -56.61
N SER F 199 -33.51 -33.21 -57.64
CA SER F 199 -32.46 -32.49 -58.35
C SER F 199 -31.80 -31.46 -57.44
N VAL F 200 -32.59 -30.78 -56.62
CA VAL F 200 -32.05 -29.81 -55.66
C VAL F 200 -31.19 -30.53 -54.62
N ASN F 201 -31.62 -31.72 -54.19
CA ASN F 201 -30.83 -32.49 -53.24
C ASN F 201 -29.45 -32.81 -53.81
N ALA F 202 -29.40 -33.25 -55.07
CA ALA F 202 -28.12 -33.51 -55.70
C ALA F 202 -27.33 -32.22 -55.92
N LEU F 203 -28.04 -31.10 -56.17
CA LEU F 203 -27.36 -29.81 -56.30
C LEU F 203 -26.59 -29.48 -55.04
N GLU F 204 -27.29 -29.50 -53.90
CA GLU F 204 -26.73 -29.00 -52.66
C GLU F 204 -25.92 -30.04 -51.88
N ALA F 205 -26.23 -31.33 -52.06
CA ALA F 205 -25.56 -32.37 -51.29
C ALA F 205 -24.47 -33.11 -52.05
N ILE F 206 -24.39 -32.95 -53.37
CA ILE F 206 -23.34 -33.60 -54.16
C ILE F 206 -22.54 -32.56 -54.92
N ARG F 207 -23.20 -31.84 -55.83
CA ARG F 207 -22.52 -30.86 -56.68
C ARG F 207 -21.72 -29.85 -55.86
N PHE F 208 -22.36 -29.22 -54.87
CA PHE F 208 -21.66 -28.23 -54.06
C PHE F 208 -20.56 -28.84 -53.21
N TYR F 209 -20.77 -30.04 -52.68
CA TYR F 209 -19.73 -30.64 -51.85
C TYR F 209 -18.53 -31.08 -52.67
N VAL F 210 -18.73 -31.43 -53.94
CA VAL F 210 -17.60 -31.62 -54.83
C VAL F 210 -16.81 -30.32 -54.93
N SER F 211 -17.52 -29.20 -55.05
CA SER F 211 -16.87 -27.91 -55.10
C SER F 211 -16.17 -27.59 -53.78
N PHE F 212 -16.79 -27.93 -52.65
CA PHE F 212 -16.18 -27.65 -51.35
C PHE F 212 -14.79 -28.27 -51.26
N ALA F 213 -14.61 -29.45 -51.86
CA ALA F 213 -13.31 -30.10 -51.84
C ALA F 213 -12.24 -29.20 -52.45
N CYS F 214 -12.57 -28.53 -53.56
CA CYS F 214 -11.58 -27.68 -54.22
C CYS F 214 -11.28 -26.44 -53.39
N SER F 215 -12.32 -25.84 -52.78
CA SER F 215 -12.10 -24.64 -51.98
C SER F 215 -11.24 -24.94 -50.76
N PHE F 216 -11.47 -26.09 -50.12
CA PHE F 216 -10.76 -26.47 -48.90
C PHE F 216 -9.41 -27.12 -49.19
N ALA F 217 -9.24 -27.73 -50.36
CA ALA F 217 -7.94 -28.29 -50.71
C ALA F 217 -6.87 -27.20 -50.80
N PHE F 218 -7.25 -26.01 -51.27
CA PHE F 218 -6.34 -24.88 -51.21
C PHE F 218 -6.08 -24.45 -49.77
N ALA F 219 -7.08 -24.58 -48.90
CA ALA F 219 -6.89 -24.17 -47.52
C ALA F 219 -5.99 -25.14 -46.77
N GLU F 220 -6.00 -26.42 -47.17
CA GLU F 220 -5.09 -27.38 -46.58
C GLU F 220 -3.64 -27.06 -46.91
N ARG F 221 -3.40 -26.28 -47.97
CA ARG F 221 -2.08 -25.76 -48.29
C ARG F 221 -1.87 -24.35 -47.76
N GLU F 222 -2.76 -23.90 -46.86
CA GLU F 222 -2.68 -22.56 -46.28
C GLU F 222 -2.69 -21.48 -47.35
N LEU F 223 -3.47 -21.71 -48.41
CA LEU F 223 -3.64 -20.77 -49.51
C LEU F 223 -5.12 -20.44 -49.65
N MET F 224 -5.40 -19.21 -50.07
CA MET F 224 -6.77 -18.74 -50.23
C MET F 224 -7.55 -18.92 -48.93
N GLU F 225 -6.94 -18.49 -47.83
CA GLU F 225 -7.50 -18.76 -46.52
C GLU F 225 -8.67 -17.85 -46.15
N GLY F 226 -8.77 -16.67 -46.76
CA GLY F 226 -9.96 -15.86 -46.57
C GLY F 226 -11.17 -16.47 -47.25
N ASN F 227 -10.99 -16.96 -48.47
CA ASN F 227 -12.03 -17.71 -49.16
C ASN F 227 -12.50 -18.89 -48.32
N ALA F 228 -11.55 -19.69 -47.81
CA ALA F 228 -11.91 -20.89 -47.07
C ALA F 228 -12.81 -20.59 -45.88
N LYS F 229 -12.54 -19.50 -45.16
CA LYS F 229 -13.41 -19.11 -44.06
C LYS F 229 -14.83 -18.89 -44.54
N ILE F 230 -14.99 -18.22 -45.69
CA ILE F 230 -16.31 -17.98 -46.26
C ILE F 230 -16.93 -19.29 -46.73
N ILE F 231 -16.16 -20.09 -47.48
CA ILE F 231 -16.67 -21.38 -47.94
C ILE F 231 -17.02 -22.28 -46.76
N ARG F 232 -16.27 -22.19 -45.67
CA ARG F 232 -16.60 -22.98 -44.49
C ARG F 232 -17.94 -22.54 -43.91
N LEU F 233 -18.19 -21.22 -43.89
CA LEU F 233 -19.48 -20.72 -43.44
C LEU F 233 -20.59 -21.19 -44.36
N ILE F 234 -20.32 -21.20 -45.67
CA ILE F 234 -21.30 -21.67 -46.64
C ILE F 234 -21.60 -23.15 -46.41
N ALA F 235 -20.56 -23.96 -46.18
CA ALA F 235 -20.77 -25.38 -45.95
C ALA F 235 -21.63 -25.64 -44.73
N ARG F 236 -21.52 -24.79 -43.70
CA ARG F 236 -22.37 -24.94 -42.53
C ARG F 236 -23.83 -24.67 -42.87
N ASP F 237 -24.08 -23.66 -43.71
CA ASP F 237 -25.43 -23.45 -44.21
C ASP F 237 -25.83 -24.58 -45.15
N GLU F 238 -24.93 -24.97 -46.05
CA GLU F 238 -25.23 -26.00 -47.04
C GLU F 238 -25.58 -27.34 -46.40
N ALA F 239 -25.10 -27.60 -45.19
CA ALA F 239 -25.52 -28.81 -44.48
C ALA F 239 -26.98 -28.73 -44.08
N LEU F 240 -27.42 -27.55 -43.61
CA LEU F 240 -28.83 -27.37 -43.27
C LEU F 240 -29.72 -27.51 -44.50
N HIS F 241 -29.24 -27.00 -45.63
CA HIS F 241 -30.06 -26.98 -46.84
C HIS F 241 -30.41 -28.39 -47.30
N LEU F 242 -29.39 -29.24 -47.46
CA LEU F 242 -29.65 -30.60 -47.92
C LEU F 242 -30.48 -31.40 -46.92
N THR F 243 -30.34 -31.11 -45.62
CA THR F 243 -31.20 -31.74 -44.62
C THR F 243 -32.66 -31.40 -44.87
N GLY F 244 -32.95 -30.15 -45.24
CA GLY F 244 -34.31 -29.76 -45.55
C GLY F 244 -34.88 -30.56 -46.71
N THR F 245 -34.16 -30.60 -47.83
CA THR F 245 -34.62 -31.35 -48.99
C THR F 245 -34.69 -32.85 -48.68
N GLN F 246 -33.82 -33.34 -47.80
CA GLN F 246 -33.88 -34.74 -47.39
C GLN F 246 -35.17 -35.05 -46.65
N HIS F 247 -35.51 -34.23 -45.65
CA HIS F 247 -36.73 -34.47 -44.89
C HIS F 247 -37.97 -34.31 -45.74
N MET F 248 -37.97 -33.35 -46.68
CA MET F 248 -39.09 -33.23 -47.60
C MET F 248 -39.24 -34.50 -48.44
N LEU F 249 -38.15 -34.93 -49.09
CA LEU F 249 -38.21 -36.12 -49.93
C LEU F 249 -38.63 -37.34 -49.15
N ASN F 250 -38.14 -37.50 -47.91
CA ASN F 250 -38.45 -38.69 -47.13
C ASN F 250 -39.89 -38.65 -46.60
N LEU F 251 -40.35 -37.47 -46.18
CA LEU F 251 -41.73 -37.33 -45.75
C LEU F 251 -42.69 -37.63 -46.90
N LEU F 252 -42.35 -37.17 -48.12
CA LEU F 252 -43.17 -37.48 -49.28
C LEU F 252 -43.12 -38.96 -49.63
N ARG F 253 -41.92 -39.54 -49.66
CA ARG F 253 -41.75 -40.92 -50.11
C ARG F 253 -42.37 -41.92 -49.15
N SER F 254 -42.29 -41.64 -47.84
CA SER F 254 -42.84 -42.54 -46.83
C SER F 254 -44.35 -42.46 -46.73
N GLY F 255 -44.99 -41.54 -47.45
CA GLY F 255 -46.43 -41.39 -47.39
C GLY F 255 -46.98 -40.75 -46.13
N ALA F 256 -46.10 -40.26 -45.25
CA ALA F 256 -46.57 -39.59 -44.05
C ALA F 256 -47.41 -38.37 -44.38
N ASP F 257 -46.92 -37.54 -45.31
CA ASP F 257 -47.58 -36.29 -45.63
C ASP F 257 -48.74 -36.48 -46.60
N ASP F 258 -48.52 -37.26 -47.65
CA ASP F 258 -49.53 -37.47 -48.69
C ASP F 258 -49.53 -38.93 -49.10
N PRO F 259 -50.63 -39.66 -48.86
CA PRO F 259 -50.65 -41.09 -49.25
C PRO F 259 -50.40 -41.31 -50.73
N GLU F 260 -50.96 -40.43 -51.57
CA GLU F 260 -50.71 -40.50 -53.00
C GLU F 260 -49.23 -40.31 -53.33
N MET F 261 -48.55 -39.47 -52.54
CA MET F 261 -47.16 -39.13 -52.85
C MET F 261 -46.24 -40.34 -52.74
N ALA F 262 -46.53 -41.24 -51.80
CA ALA F 262 -45.72 -42.45 -51.67
C ALA F 262 -45.75 -43.28 -52.95
N GLU F 263 -46.93 -43.40 -53.57
CA GLU F 263 -47.02 -44.08 -54.86
C GLU F 263 -46.20 -43.36 -55.91
N ILE F 264 -46.32 -42.03 -55.96
CA ILE F 264 -45.60 -41.25 -56.96
C ILE F 264 -44.10 -41.41 -56.78
N ALA F 265 -43.64 -41.54 -55.53
CA ALA F 265 -42.22 -41.71 -55.27
C ALA F 265 -41.69 -42.99 -55.92
N GLU F 266 -42.47 -44.07 -55.90
CA GLU F 266 -42.00 -45.32 -56.46
C GLU F 266 -41.97 -45.29 -57.99
N GLU F 267 -42.88 -44.56 -58.61
CA GLU F 267 -42.86 -44.45 -60.08
C GLU F 267 -41.65 -43.66 -60.54
N CYS F 268 -41.11 -42.78 -59.69
CA CYS F 268 -39.98 -41.95 -60.02
C CYS F 268 -38.65 -42.54 -59.55
N LYS F 269 -38.70 -43.62 -58.76
CA LYS F 269 -37.47 -44.17 -58.19
C LYS F 269 -36.40 -44.40 -59.26
N GLN F 270 -36.81 -44.77 -60.47
CA GLN F 270 -35.85 -44.95 -61.55
C GLN F 270 -35.37 -43.61 -62.11
N GLU F 271 -36.28 -42.64 -62.28
CA GLU F 271 -35.88 -41.32 -62.77
C GLU F 271 -34.96 -40.62 -61.79
N CYS F 272 -35.25 -40.70 -60.50
CA CYS F 272 -34.40 -40.06 -59.49
C CYS F 272 -33.02 -40.68 -59.46
N TYR F 273 -32.95 -42.01 -59.55
CA TYR F 273 -31.66 -42.68 -59.60
C TYR F 273 -30.83 -42.19 -60.78
N ASP F 274 -31.41 -42.21 -61.98
CA ASP F 274 -30.72 -41.70 -63.14
C ASP F 274 -30.41 -40.21 -63.01
N LEU F 275 -31.26 -39.49 -62.28
CA LEU F 275 -31.01 -38.07 -62.03
C LEU F 275 -29.74 -37.87 -61.22
N PHE F 276 -29.61 -38.62 -60.12
CA PHE F 276 -28.40 -38.53 -59.30
C PHE F 276 -27.18 -39.02 -60.07
N VAL F 277 -27.33 -40.14 -60.78
CA VAL F 277 -26.21 -40.70 -61.55
C VAL F 277 -25.73 -39.70 -62.59
N GLN F 278 -26.66 -39.05 -63.29
CA GLN F 278 -26.27 -38.02 -64.26
C GLN F 278 -25.48 -36.91 -63.60
N ALA F 279 -25.89 -36.49 -62.40
CA ALA F 279 -25.18 -35.44 -61.68
C ALA F 279 -23.74 -35.85 -61.36
N ALA F 280 -23.57 -37.07 -60.85
CA ALA F 280 -22.23 -37.54 -60.52
C ALA F 280 -21.33 -37.59 -61.74
N GLN F 281 -21.85 -38.09 -62.87
CA GLN F 281 -21.05 -38.10 -64.10
C GLN F 281 -20.72 -36.69 -64.54
N GLN F 282 -21.65 -35.76 -64.36
CA GLN F 282 -21.39 -34.37 -64.76
C GLN F 282 -20.28 -33.77 -63.92
N GLU F 283 -20.29 -34.05 -62.61
CA GLU F 283 -19.23 -33.54 -61.75
C GLU F 283 -17.90 -34.21 -62.03
N LYS F 284 -17.92 -35.49 -62.40
CA LYS F 284 -16.68 -36.15 -62.83
C LYS F 284 -16.10 -35.50 -64.08
N ASP F 285 -16.95 -35.29 -65.09
CA ASP F 285 -16.49 -34.59 -66.30
C ASP F 285 -16.04 -33.18 -65.96
N TRP F 286 -16.67 -32.56 -64.95
CA TRP F 286 -16.23 -31.26 -64.48
C TRP F 286 -14.84 -31.34 -63.87
N ALA F 287 -14.57 -32.41 -63.12
CA ALA F 287 -13.23 -32.61 -62.58
C ALA F 287 -12.21 -32.79 -63.70
N ASP F 288 -12.61 -33.47 -64.78
CA ASP F 288 -11.72 -33.64 -65.93
C ASP F 288 -11.37 -32.29 -66.54
N TYR F 289 -12.30 -31.33 -66.50
CA TYR F 289 -12.02 -29.98 -67.00
C TYR F 289 -11.19 -29.17 -66.03
N LEU F 290 -11.35 -29.40 -64.72
CA LEU F 290 -10.60 -28.61 -63.74
C LEU F 290 -9.11 -28.88 -63.82
N PHE F 291 -8.72 -30.15 -63.95
CA PHE F 291 -7.31 -30.55 -63.91
C PHE F 291 -6.73 -30.82 -65.28
N ARG F 292 -7.38 -30.33 -66.35
CA ARG F 292 -6.93 -30.65 -67.70
C ARG F 292 -5.54 -30.08 -67.98
N ASP F 293 -5.16 -29.00 -67.31
CA ASP F 293 -3.85 -28.39 -67.48
C ASP F 293 -2.87 -28.78 -66.38
N GLY F 294 -3.27 -29.68 -65.48
CA GLY F 294 -2.40 -30.10 -64.39
C GLY F 294 -3.15 -30.21 -63.08
N SER F 295 -2.51 -30.81 -62.08
CA SER F 295 -3.12 -31.02 -60.78
C SER F 295 -2.40 -30.18 -59.73
N MET F 296 -2.76 -30.39 -58.47
CA MET F 296 -2.18 -29.66 -57.35
C MET F 296 -1.92 -30.61 -56.19
N ILE F 297 -1.19 -30.12 -55.20
CA ILE F 297 -0.85 -30.92 -54.02
C ILE F 297 -2.15 -31.26 -53.30
N GLY F 298 -2.55 -32.53 -53.37
CA GLY F 298 -3.71 -32.99 -52.65
C GLY F 298 -4.96 -33.20 -53.49
N LEU F 299 -4.92 -32.88 -54.78
CA LEU F 299 -6.15 -32.95 -55.56
C LEU F 299 -5.83 -33.16 -57.03
N ASN F 300 -6.42 -34.18 -57.64
CA ASN F 300 -6.34 -34.39 -59.07
C ASN F 300 -7.69 -34.93 -59.55
N LYS F 301 -7.75 -35.32 -60.83
CA LYS F 301 -8.99 -35.86 -61.38
C LYS F 301 -9.43 -37.12 -60.61
N ASP F 302 -8.48 -38.00 -60.31
CA ASP F 302 -8.83 -39.26 -59.66
C ASP F 302 -9.33 -39.04 -58.24
N ILE F 303 -8.60 -38.24 -57.45
CA ILE F 303 -8.99 -37.98 -56.08
C ILE F 303 -10.39 -37.37 -56.03
N LEU F 304 -10.63 -36.36 -56.87
CA LEU F 304 -11.92 -35.69 -56.87
C LEU F 304 -13.03 -36.62 -57.35
N CYS F 305 -12.77 -37.40 -58.40
CA CYS F 305 -13.77 -38.34 -58.87
C CYS F 305 -14.10 -39.38 -57.83
N GLN F 306 -13.11 -39.80 -57.04
CA GLN F 306 -13.38 -40.72 -55.94
C GLN F 306 -14.30 -40.08 -54.90
N TYR F 307 -14.08 -38.80 -54.61
CA TYR F 307 -14.97 -38.11 -53.67
C TYR F 307 -16.38 -38.02 -54.25
N VAL F 308 -16.49 -37.81 -55.56
CA VAL F 308 -17.79 -37.78 -56.22
C VAL F 308 -18.52 -39.10 -55.98
N GLU F 309 -17.83 -40.23 -56.21
CA GLU F 309 -18.45 -41.53 -55.97
C GLU F 309 -18.75 -41.73 -54.48
N TYR F 310 -17.87 -41.23 -53.62
CA TYR F 310 -18.06 -41.41 -52.19
C TYR F 310 -19.28 -40.64 -51.70
N ILE F 311 -19.31 -39.33 -51.95
CA ILE F 311 -20.39 -38.51 -51.42
C ILE F 311 -21.72 -38.87 -52.07
N THR F 312 -21.70 -39.34 -53.32
CA THR F 312 -22.95 -39.69 -54.00
C THR F 312 -23.63 -40.86 -53.33
N ASN F 313 -22.88 -41.91 -53.00
CA ASN F 313 -23.45 -43.05 -52.30
C ASN F 313 -24.11 -42.62 -50.99
N ILE F 314 -23.47 -41.70 -50.28
CA ILE F 314 -24.00 -41.26 -48.99
C ILE F 314 -25.31 -40.52 -49.18
N ARG F 315 -25.35 -39.60 -50.14
CA ARG F 315 -26.55 -38.79 -50.33
C ARG F 315 -27.71 -39.63 -50.83
N MET F 316 -27.47 -40.52 -51.80
CA MET F 316 -28.56 -41.29 -52.38
C MET F 316 -29.15 -42.26 -51.37
N GLN F 317 -28.30 -42.89 -50.55
CA GLN F 317 -28.80 -43.77 -49.52
C GLN F 317 -29.66 -43.03 -48.51
N ALA F 318 -29.36 -41.75 -48.26
CA ALA F 318 -30.14 -40.96 -47.31
C ALA F 318 -31.55 -40.67 -47.83
N VAL F 319 -31.80 -40.82 -49.12
CA VAL F 319 -33.12 -40.59 -49.70
C VAL F 319 -33.71 -41.87 -50.28
N GLY F 320 -33.16 -43.03 -49.91
CA GLY F 320 -33.73 -44.30 -50.30
C GLY F 320 -33.57 -44.68 -51.76
N LEU F 321 -32.40 -44.42 -52.35
CA LEU F 321 -32.10 -44.84 -53.70
C LEU F 321 -30.91 -45.80 -53.65
N ASP F 322 -30.85 -46.72 -54.61
CA ASP F 322 -29.77 -47.68 -54.63
C ASP F 322 -28.46 -47.00 -55.00
N LEU F 323 -27.38 -47.52 -54.44
CA LEU F 323 -26.07 -46.89 -54.62
C LEU F 323 -25.52 -47.23 -56.00
N PRO F 324 -25.08 -46.23 -56.76
CA PRO F 324 -24.61 -46.51 -58.12
C PRO F 324 -23.13 -46.88 -58.17
N PHE F 325 -22.37 -46.53 -57.14
CA PHE F 325 -20.94 -46.78 -57.12
C PHE F 325 -20.58 -47.83 -56.08
N GLN F 326 -19.35 -48.34 -56.20
CA GLN F 326 -18.82 -49.31 -55.27
C GLN F 326 -18.64 -48.68 -53.89
N THR F 327 -18.68 -49.51 -52.86
CA THR F 327 -18.38 -49.02 -51.52
C THR F 327 -16.95 -48.53 -51.49
N ARG F 328 -16.75 -47.35 -50.89
CA ARG F 328 -15.43 -46.72 -50.91
C ARG F 328 -15.21 -45.98 -49.61
N SER F 329 -13.95 -45.96 -49.17
CA SER F 329 -13.55 -45.13 -48.05
C SER F 329 -13.37 -43.69 -48.50
N ASN F 330 -13.53 -42.76 -47.54
CA ASN F 330 -13.41 -41.33 -47.81
C ASN F 330 -12.05 -40.99 -48.40
N PRO F 331 -11.99 -40.57 -49.67
CA PRO F 331 -10.70 -40.30 -50.30
C PRO F 331 -10.06 -38.99 -49.85
N ILE F 332 -10.82 -38.08 -49.24
CA ILE F 332 -10.25 -36.85 -48.71
C ILE F 332 -10.72 -36.66 -47.28
N PRO F 333 -10.20 -37.43 -46.32
CA PRO F 333 -10.69 -37.32 -44.94
C PRO F 333 -10.50 -35.95 -44.33
N TRP F 334 -9.55 -35.16 -44.82
CA TRP F 334 -9.28 -33.84 -44.28
C TRP F 334 -10.42 -32.85 -44.49
N ILE F 335 -11.36 -33.16 -45.40
CA ILE F 335 -12.46 -32.25 -45.66
C ILE F 335 -13.43 -32.20 -44.50
N ASN F 336 -13.47 -33.25 -43.68
CA ASN F 336 -14.41 -33.30 -42.57
C ASN F 336 -14.11 -32.26 -41.51
N THR F 337 -12.88 -31.74 -41.46
CA THR F 337 -12.59 -30.61 -40.58
C THR F 337 -13.48 -29.42 -40.91
N TRP F 338 -13.74 -29.21 -42.21
CA TRP F 338 -14.46 -28.03 -42.69
C TRP F 338 -15.97 -28.24 -42.81
N LEU F 339 -16.42 -29.47 -43.04
CA LEU F 339 -17.84 -29.70 -43.32
C LEU F 339 -18.68 -29.75 -42.05
N VAL F 340 -18.14 -30.25 -40.94
CA VAL F 340 -18.85 -30.31 -39.68
C VAL F 340 -18.12 -29.41 -38.68
N SER F 341 -18.79 -28.33 -38.27
CA SER F 341 -18.19 -27.37 -37.34
C SER F 341 -19.25 -26.77 -36.42
N GLN F 360 4.41 -40.21 -4.32
CA GLN F 360 2.98 -40.46 -4.50
C GLN F 360 2.64 -41.93 -4.23
N ILE F 361 3.10 -42.45 -3.09
CA ILE F 361 2.91 -43.86 -2.74
C ILE F 361 2.44 -43.94 -1.28
N ASP F 362 1.36 -44.69 -1.06
CA ASP F 362 0.89 -45.00 0.28
C ASP F 362 1.92 -45.90 0.97
N SER F 363 2.61 -45.35 1.97
CA SER F 363 3.73 -46.05 2.59
C SER F 363 3.30 -47.12 3.59
N GLU F 364 2.05 -47.14 4.03
CA GLU F 364 1.63 -48.02 5.11
C GLU F 364 1.76 -49.49 4.72
N VAL F 365 2.16 -50.30 5.69
CA VAL F 365 2.39 -51.74 5.49
C VAL F 365 1.73 -52.51 6.62
N ASP F 366 1.17 -53.68 6.29
CA ASP F 366 0.54 -54.58 7.27
C ASP F 366 1.23 -55.94 7.18
N THR F 367 2.18 -56.19 8.08
CA THR F 367 2.94 -57.45 8.04
C THR F 367 2.06 -58.66 8.35
N ASP F 368 1.05 -58.49 9.21
CA ASP F 368 0.13 -59.59 9.49
C ASP F 368 -0.61 -60.02 8.23
N ASP F 369 -1.03 -59.06 7.41
CA ASP F 369 -1.65 -59.39 6.13
C ASP F 369 -0.66 -60.10 5.22
N LEU F 370 0.61 -59.68 5.25
CA LEU F 370 1.64 -60.36 4.48
C LEU F 370 2.00 -61.71 5.09
N SER F 371 1.92 -61.84 6.41
CA SER F 371 2.19 -63.11 7.06
C SER F 371 1.17 -64.18 6.67
N ASN F 372 0.00 -63.77 6.19
CA ASN F 372 -1.02 -64.68 5.66
C ASN F 372 -0.59 -65.17 4.28
N PHE F 373 0.62 -65.71 4.18
CA PHE F 373 1.19 -66.05 2.89
C PHE F 373 2.30 -67.07 3.09
N GLN F 374 2.33 -68.10 2.25
CA GLN F 374 3.37 -69.13 2.32
C GLN F 374 4.19 -69.12 1.04
N LEU F 375 5.50 -68.93 1.19
CA LEU F 375 6.42 -68.90 0.06
C LEU F 375 6.81 -70.30 -0.41
N ALA G 1 -42.09 -17.19 -70.89
CA ALA G 1 -42.07 -18.12 -69.77
C ALA G 1 -40.91 -17.82 -68.83
N TYR G 2 -41.15 -17.97 -67.54
CA TYR G 2 -40.13 -17.67 -66.54
C TYR G 2 -39.10 -18.79 -66.48
N THR G 3 -37.83 -18.40 -66.43
CA THR G 3 -36.73 -19.34 -66.25
C THR G 3 -35.90 -18.90 -65.05
N THR G 4 -35.55 -19.86 -64.19
CA THR G 4 -34.76 -19.56 -63.01
C THR G 4 -33.33 -19.18 -63.35
N PHE G 5 -32.87 -19.49 -64.55
CA PHE G 5 -31.55 -19.04 -65.02
C PHE G 5 -31.67 -18.75 -66.51
N SER G 6 -31.89 -17.48 -66.85
CA SER G 6 -32.02 -17.10 -68.25
C SER G 6 -30.73 -17.36 -69.01
N GLN G 7 -30.87 -17.92 -70.21
CA GLN G 7 -29.72 -18.35 -71.01
C GLN G 7 -28.95 -17.15 -71.58
N THR G 8 -29.63 -16.04 -71.80
CA THR G 8 -29.03 -14.91 -72.51
C THR G 8 -28.06 -14.16 -71.62
N LYS G 9 -26.90 -13.83 -72.18
CA LYS G 9 -25.94 -12.94 -71.51
C LYS G 9 -26.36 -11.50 -71.77
N ASN G 10 -26.92 -10.84 -70.76
CA ASN G 10 -27.43 -9.48 -70.91
C ASN G 10 -26.70 -8.53 -69.98
N ASP G 11 -26.54 -7.29 -70.43
CA ASP G 11 -26.03 -6.22 -69.57
C ASP G 11 -27.10 -5.87 -68.54
N GLN G 12 -26.93 -6.37 -67.32
CA GLN G 12 -27.92 -6.17 -66.27
C GLN G 12 -28.05 -4.71 -65.89
N LEU G 13 -27.08 -3.88 -66.25
CA LEU G 13 -27.18 -2.46 -65.93
C LEU G 13 -28.19 -1.76 -66.81
N LYS G 14 -28.43 -2.28 -68.01
CA LYS G 14 -29.36 -1.66 -68.95
C LYS G 14 -30.76 -2.27 -68.92
N GLU G 15 -30.97 -3.37 -68.20
CA GLU G 15 -32.30 -3.93 -68.05
C GLU G 15 -33.17 -2.99 -67.23
N PRO G 16 -34.50 -3.09 -67.36
CA PRO G 16 -35.39 -2.34 -66.48
C PRO G 16 -35.53 -3.04 -65.14
N MET G 17 -36.19 -2.35 -64.20
CA MET G 17 -36.42 -2.97 -62.90
C MET G 17 -37.31 -4.20 -63.02
N PHE G 18 -38.37 -4.12 -63.80
CA PHE G 18 -39.32 -5.22 -63.94
C PHE G 18 -39.55 -5.52 -65.41
N PHE G 19 -40.00 -6.75 -65.67
CA PHE G 19 -40.48 -7.26 -66.95
C PHE G 19 -39.36 -7.41 -67.99
N GLY G 20 -38.13 -7.04 -67.67
CA GLY G 20 -37.01 -7.31 -68.56
C GLY G 20 -36.64 -8.77 -68.51
N GLN G 21 -35.42 -9.10 -68.93
CA GLN G 21 -34.97 -10.49 -68.89
C GLN G 21 -34.79 -10.94 -67.44
N PRO G 22 -35.36 -12.08 -67.05
CA PRO G 22 -35.17 -12.57 -65.68
C PRO G 22 -33.69 -12.69 -65.36
N VAL G 23 -33.33 -12.29 -64.13
CA VAL G 23 -31.94 -12.29 -63.71
C VAL G 23 -31.34 -13.69 -63.83
N ASN G 24 -30.09 -13.75 -64.27
CA ASN G 24 -29.36 -15.02 -64.35
C ASN G 24 -28.27 -15.08 -63.29
N VAL G 25 -27.20 -14.30 -63.42
CA VAL G 25 -26.08 -14.34 -62.49
C VAL G 25 -26.25 -13.24 -61.46
N ALA G 26 -26.18 -13.61 -60.18
CA ALA G 26 -26.32 -12.66 -59.07
C ALA G 26 -24.94 -12.07 -58.76
N ARG G 27 -24.73 -10.84 -59.23
CA ARG G 27 -23.50 -10.11 -58.95
C ARG G 27 -23.85 -8.81 -58.23
N TYR G 28 -22.94 -8.36 -57.37
CA TYR G 28 -23.19 -7.19 -56.54
C TYR G 28 -22.01 -6.21 -56.59
N ASP G 29 -21.16 -6.31 -57.60
CA ASP G 29 -20.08 -5.36 -57.77
C ASP G 29 -20.53 -4.10 -58.50
N GLN G 30 -21.76 -4.10 -59.00
CA GLN G 30 -22.30 -2.97 -59.73
C GLN G 30 -23.83 -3.00 -59.61
N GLN G 31 -24.43 -1.82 -59.69
CA GLN G 31 -25.88 -1.71 -59.63
C GLN G 31 -26.35 -0.68 -60.63
N LYS G 32 -27.52 -0.93 -61.22
CA LYS G 32 -28.19 0.12 -61.98
C LYS G 32 -28.72 1.18 -61.04
N TYR G 33 -29.40 0.78 -59.97
CA TYR G 33 -29.85 1.66 -58.92
C TYR G 33 -29.23 1.21 -57.61
N ASP G 34 -28.27 1.99 -57.11
CA ASP G 34 -27.56 1.61 -55.90
C ASP G 34 -28.42 1.79 -54.65
N ILE G 35 -29.63 2.33 -54.78
CA ILE G 35 -30.51 2.46 -53.62
C ILE G 35 -30.81 1.09 -53.02
N PHE G 36 -31.00 0.09 -53.87
CA PHE G 36 -31.37 -1.23 -53.37
C PHE G 36 -30.19 -1.96 -52.76
N GLU G 37 -28.98 -1.78 -53.29
CA GLU G 37 -27.79 -2.34 -52.68
C GLU G 37 -27.53 -1.69 -51.32
N LYS G 38 -27.80 -0.40 -51.21
CA LYS G 38 -27.68 0.26 -49.91
C LYS G 38 -28.76 -0.24 -48.96
N LEU G 39 -29.96 -0.50 -49.48
CA LEU G 39 -31.03 -1.05 -48.65
C LEU G 39 -30.68 -2.45 -48.16
N ILE G 40 -30.03 -3.26 -49.01
CA ILE G 40 -29.61 -4.59 -48.58
C ILE G 40 -28.61 -4.51 -47.44
N GLU G 41 -27.54 -3.73 -47.64
CA GLU G 41 -26.50 -3.63 -46.62
C GLU G 41 -27.05 -3.11 -45.30
N LYS G 42 -28.01 -2.18 -45.36
CA LYS G 42 -28.58 -1.65 -44.14
C LYS G 42 -29.52 -2.66 -43.48
N GLN G 43 -30.32 -3.38 -44.28
CA GLN G 43 -31.20 -4.38 -43.72
C GLN G 43 -30.41 -5.55 -43.13
N LEU G 44 -29.29 -5.92 -43.75
CA LEU G 44 -28.46 -6.98 -43.20
C LEU G 44 -27.77 -6.55 -41.91
N SER G 45 -27.47 -5.24 -41.78
CA SER G 45 -26.83 -4.76 -40.56
C SER G 45 -27.83 -4.61 -39.42
N PHE G 46 -29.11 -4.39 -39.73
CA PHE G 46 -30.13 -4.28 -38.70
C PHE G 46 -30.60 -5.64 -38.23
N PHE G 47 -29.94 -6.72 -38.65
CA PHE G 47 -30.41 -8.07 -38.36
C PHE G 47 -30.55 -8.27 -36.86
N TRP G 48 -31.74 -8.67 -36.43
CA TRP G 48 -32.01 -8.96 -35.02
C TRP G 48 -32.88 -10.20 -34.94
N ARG G 49 -32.83 -10.84 -33.77
CA ARG G 49 -33.66 -11.99 -33.49
C ARG G 49 -34.60 -11.68 -32.34
N PRO G 50 -35.84 -12.18 -32.39
CA PRO G 50 -36.80 -11.79 -31.35
C PRO G 50 -36.46 -12.34 -29.99
N GLU G 51 -35.96 -13.58 -29.92
CA GLU G 51 -35.69 -14.19 -28.62
C GLU G 51 -34.64 -13.44 -27.82
N GLU G 52 -33.80 -12.65 -28.49
CA GLU G 52 -32.77 -11.88 -27.80
C GLU G 52 -33.34 -10.64 -27.11
N VAL G 53 -34.67 -10.49 -27.08
CA VAL G 53 -35.33 -9.36 -26.46
C VAL G 53 -36.06 -9.84 -25.21
N ASP G 54 -35.88 -9.10 -24.11
CA ASP G 54 -36.53 -9.43 -22.86
C ASP G 54 -38.00 -9.02 -22.92
N VAL G 55 -38.90 -9.99 -22.86
CA VAL G 55 -40.34 -9.75 -22.88
C VAL G 55 -41.03 -10.34 -21.66
N SER G 56 -40.25 -10.80 -20.68
CA SER G 56 -40.83 -11.50 -19.54
C SER G 56 -41.63 -10.56 -18.65
N ARG G 57 -41.25 -9.29 -18.56
CA ARG G 57 -42.02 -8.34 -17.78
C ARG G 57 -43.35 -8.00 -18.43
N ASP G 58 -43.52 -8.34 -19.72
CA ASP G 58 -44.73 -8.01 -20.45
C ASP G 58 -45.90 -8.92 -20.10
N ARG G 59 -45.65 -10.14 -19.63
CA ARG G 59 -46.74 -11.01 -19.19
C ARG G 59 -47.48 -10.39 -18.02
N ILE G 60 -46.75 -9.89 -17.02
CA ILE G 60 -47.37 -9.27 -15.86
C ILE G 60 -48.05 -7.96 -16.24
N ASP G 61 -47.36 -7.11 -17.00
CA ASP G 61 -47.96 -5.85 -17.42
C ASP G 61 -49.27 -6.08 -18.18
N TYR G 62 -49.30 -7.07 -19.06
CA TYR G 62 -50.49 -7.30 -19.88
C TYR G 62 -51.66 -7.78 -19.03
N GLN G 63 -51.43 -8.78 -18.18
CA GLN G 63 -52.50 -9.30 -17.33
C GLN G 63 -52.99 -8.26 -16.33
N ALA G 64 -52.16 -7.27 -16.01
CA ALA G 64 -52.58 -6.18 -15.13
C ALA G 64 -53.38 -5.11 -15.86
N LEU G 65 -53.34 -5.09 -17.20
CA LEU G 65 -54.07 -4.08 -17.96
C LEU G 65 -55.58 -4.22 -17.76
N PRO G 66 -56.32 -3.12 -17.91
CA PRO G 66 -57.78 -3.22 -17.92
C PRO G 66 -58.25 -4.08 -19.08
N GLU G 67 -59.52 -4.49 -19.01
CA GLU G 67 -60.06 -5.34 -20.05
C GLU G 67 -60.06 -4.63 -21.40
N HIS G 68 -60.42 -3.35 -21.42
CA HIS G 68 -60.44 -2.61 -22.69
C HIS G 68 -59.04 -2.28 -23.19
N GLU G 69 -58.05 -2.19 -22.31
CA GLU G 69 -56.69 -1.97 -22.78
C GLU G 69 -56.03 -3.27 -23.19
N LYS G 70 -56.44 -4.40 -22.59
CA LYS G 70 -56.08 -5.69 -23.14
C LYS G 70 -56.60 -5.82 -24.57
N HIS G 71 -57.82 -5.33 -24.81
CA HIS G 71 -58.43 -5.39 -26.14
C HIS G 71 -57.61 -4.60 -27.15
N ILE G 72 -57.28 -3.36 -26.83
CA ILE G 72 -56.51 -2.52 -27.74
C ILE G 72 -55.20 -3.20 -28.11
N PHE G 73 -54.45 -3.69 -27.11
CA PHE G 73 -53.15 -4.28 -27.37
C PHE G 73 -53.25 -5.56 -28.16
N ILE G 74 -54.13 -6.47 -27.74
CA ILE G 74 -54.20 -7.77 -28.39
C ILE G 74 -54.82 -7.64 -29.78
N SER G 75 -55.68 -6.63 -29.99
CA SER G 75 -56.21 -6.42 -31.33
C SER G 75 -55.16 -5.81 -32.24
N ASN G 76 -54.41 -4.82 -31.74
CA ASN G 76 -53.33 -4.25 -32.54
C ASN G 76 -52.24 -5.28 -32.82
N LEU G 77 -52.13 -6.28 -31.95
CA LEU G 77 -51.14 -7.33 -32.16
C LEU G 77 -51.61 -8.28 -33.25
N LYS G 78 -52.88 -8.70 -33.20
CA LYS G 78 -53.42 -9.58 -34.24
C LYS G 78 -53.33 -8.93 -35.60
N TYR G 79 -53.62 -7.64 -35.70
CA TYR G 79 -53.55 -6.95 -36.97
C TYR G 79 -52.12 -6.95 -37.51
N GLN G 80 -51.16 -6.69 -36.63
CA GLN G 80 -49.76 -6.76 -37.02
C GLN G 80 -49.40 -8.15 -37.54
N THR G 81 -49.84 -9.18 -36.83
CA THR G 81 -49.54 -10.55 -37.23
C THR G 81 -50.10 -10.86 -38.63
N LEU G 82 -51.28 -10.34 -38.93
CA LEU G 82 -51.88 -10.56 -40.25
C LEU G 82 -51.11 -9.82 -41.33
N LEU G 83 -50.77 -8.56 -41.09
CA LEU G 83 -50.11 -7.73 -42.10
C LEU G 83 -48.74 -8.29 -42.47
N ASP G 84 -47.90 -8.59 -41.48
CA ASP G 84 -46.59 -9.14 -41.77
C ASP G 84 -46.62 -10.61 -42.13
N SER G 85 -47.79 -11.27 -42.03
CA SER G 85 -47.92 -12.61 -42.60
C SER G 85 -48.04 -12.55 -44.11
N ILE G 86 -48.85 -11.60 -44.62
CA ILE G 86 -48.91 -11.34 -46.04
C ILE G 86 -47.55 -10.89 -46.55
N GLN G 87 -46.92 -9.93 -45.86
CA GLN G 87 -45.64 -9.38 -46.29
C GLN G 87 -44.50 -10.40 -46.23
N GLY G 88 -44.68 -11.51 -45.52
CA GLY G 88 -43.64 -12.51 -45.47
C GLY G 88 -43.44 -13.19 -46.81
N ARG G 89 -44.54 -13.61 -47.44
CA ARG G 89 -44.49 -14.37 -48.67
C ARG G 89 -44.68 -13.51 -49.91
N SER G 90 -45.53 -12.49 -49.85
CA SER G 90 -46.03 -11.86 -51.06
C SER G 90 -44.96 -11.18 -51.89
N PRO G 91 -44.05 -10.36 -51.32
CA PRO G 91 -43.00 -9.77 -52.17
C PRO G 91 -42.19 -10.82 -52.92
N ASN G 92 -42.00 -12.00 -52.34
CA ASN G 92 -41.29 -13.08 -53.03
C ASN G 92 -42.16 -13.67 -54.14
N VAL G 93 -43.43 -13.93 -53.85
CA VAL G 93 -44.30 -14.60 -54.81
C VAL G 93 -44.69 -13.65 -55.93
N ALA G 94 -44.96 -12.38 -55.61
CA ALA G 94 -45.53 -11.47 -56.58
C ALA G 94 -44.50 -10.68 -57.37
N LEU G 95 -43.31 -10.47 -56.82
CA LEU G 95 -42.30 -9.63 -57.46
C LEU G 95 -41.13 -10.40 -58.05
N LEU G 96 -40.69 -11.49 -57.42
CA LEU G 96 -39.53 -12.23 -57.92
C LEU G 96 -39.68 -12.71 -59.35
N PRO G 97 -40.83 -13.24 -59.81
CA PRO G 97 -40.92 -13.65 -61.21
C PRO G 97 -40.87 -12.49 -62.19
N LEU G 98 -40.90 -11.25 -61.71
CA LEU G 98 -40.93 -10.08 -62.59
C LEU G 98 -39.64 -9.26 -62.58
N ILE G 99 -38.81 -9.37 -61.55
CA ILE G 99 -37.63 -8.52 -61.43
C ILE G 99 -36.59 -8.94 -62.46
N SER G 100 -35.91 -7.94 -63.04
CA SER G 100 -34.93 -8.18 -64.09
C SER G 100 -33.56 -7.57 -63.79
N ILE G 101 -33.34 -7.02 -62.60
CA ILE G 101 -32.00 -6.57 -62.22
C ILE G 101 -31.63 -7.23 -60.90
N PRO G 102 -30.37 -7.65 -60.71
CA PRO G 102 -30.04 -8.47 -59.53
C PRO G 102 -30.15 -7.74 -58.20
N GLU G 103 -29.73 -6.47 -58.13
CA GLU G 103 -29.75 -5.78 -56.84
C GLU G 103 -31.17 -5.64 -56.30
N LEU G 104 -32.15 -5.56 -57.19
CA LEU G 104 -33.55 -5.47 -56.75
C LEU G 104 -34.11 -6.85 -56.38
N GLU G 105 -33.68 -7.89 -57.09
CA GLU G 105 -34.11 -9.24 -56.76
C GLU G 105 -33.65 -9.63 -55.36
N THR G 106 -32.38 -9.42 -55.07
CA THR G 106 -31.85 -9.74 -53.75
C THR G 106 -32.50 -8.88 -52.67
N TRP G 107 -32.76 -7.61 -52.97
CA TRP G 107 -33.44 -6.77 -51.98
C TRP G 107 -34.81 -7.30 -51.65
N VAL G 108 -35.57 -7.71 -52.67
CA VAL G 108 -36.91 -8.23 -52.41
C VAL G 108 -36.86 -9.47 -51.55
N GLU G 109 -35.88 -10.34 -51.78
CA GLU G 109 -35.74 -11.52 -50.95
C GLU G 109 -35.25 -11.16 -49.56
N THR G 110 -34.35 -10.19 -49.45
CA THR G 110 -33.93 -9.71 -48.14
C THR G 110 -35.09 -9.03 -47.44
N TRP G 111 -35.85 -8.21 -48.18
CA TRP G 111 -37.03 -7.56 -47.64
C TRP G 111 -38.04 -8.56 -47.10
N ALA G 112 -38.37 -9.57 -47.90
CA ALA G 112 -39.34 -10.57 -47.45
C ALA G 112 -38.81 -11.34 -46.25
N PHE G 113 -37.51 -11.68 -46.27
CA PHE G 113 -36.92 -12.43 -45.17
C PHE G 113 -37.06 -11.67 -43.85
N SER G 114 -36.74 -10.38 -43.87
CA SER G 114 -36.85 -9.57 -42.65
C SER G 114 -38.29 -9.55 -42.14
N GLU G 115 -39.27 -9.75 -43.03
CA GLU G 115 -40.65 -9.83 -42.58
C GLU G 115 -40.92 -11.13 -41.83
N THR G 116 -40.24 -12.21 -42.21
CA THR G 116 -40.45 -13.48 -41.53
C THR G 116 -39.98 -13.42 -40.08
N ILE G 117 -38.94 -12.62 -39.81
CA ILE G 117 -38.52 -12.42 -38.43
C ILE G 117 -39.60 -11.68 -37.64
N HIS G 118 -40.27 -10.73 -38.29
CA HIS G 118 -41.39 -10.03 -37.65
C HIS G 118 -42.48 -11.03 -37.29
N SER G 119 -42.82 -11.92 -38.23
CA SER G 119 -43.81 -12.95 -37.94
C SER G 119 -43.37 -13.81 -36.76
N ARG G 120 -42.08 -14.14 -36.70
CA ARG G 120 -41.57 -14.92 -35.57
C ARG G 120 -41.62 -14.13 -34.28
N SER G 121 -41.36 -12.82 -34.37
CA SER G 121 -41.40 -12.01 -33.15
C SER G 121 -42.81 -11.87 -32.62
N TYR G 122 -43.82 -11.81 -33.50
CA TYR G 122 -45.19 -11.75 -33.03
C TYR G 122 -45.56 -13.03 -32.30
N THR G 123 -45.10 -14.17 -32.81
CA THR G 123 -45.29 -15.42 -32.10
C THR G 123 -44.55 -15.40 -30.77
N HIS G 124 -43.39 -14.74 -30.71
CA HIS G 124 -42.65 -14.62 -29.46
C HIS G 124 -43.42 -13.79 -28.45
N ILE G 125 -43.93 -12.63 -28.86
CA ILE G 125 -44.65 -11.76 -27.94
C ILE G 125 -45.94 -12.43 -27.48
N ILE G 126 -46.68 -13.01 -28.42
CA ILE G 126 -47.97 -13.62 -28.10
C ILE G 126 -47.80 -14.74 -27.09
N ARG G 127 -46.85 -15.65 -27.34
CA ARG G 127 -46.65 -16.80 -26.46
C ARG G 127 -46.08 -16.41 -25.10
N ASN G 128 -45.71 -15.16 -24.91
CA ASN G 128 -45.13 -14.70 -23.64
C ASN G 128 -46.08 -13.84 -22.84
N ILE G 129 -47.29 -13.58 -23.32
CA ILE G 129 -48.24 -12.76 -22.57
C ILE G 129 -49.54 -13.51 -22.34
N VAL G 130 -49.89 -14.41 -23.25
CA VAL G 130 -51.13 -15.17 -23.13
C VAL G 130 -50.80 -16.60 -22.71
N ASN G 131 -51.84 -17.30 -22.24
CA ASN G 131 -51.70 -18.68 -21.77
C ASN G 131 -51.81 -19.68 -22.90
N ASP G 132 -52.78 -19.50 -23.79
CA ASP G 132 -52.94 -20.37 -24.95
C ASP G 132 -52.80 -19.52 -26.21
N PRO G 133 -51.65 -19.55 -26.88
CA PRO G 133 -51.50 -18.76 -28.11
C PRO G 133 -52.47 -19.17 -29.19
N SER G 134 -52.96 -20.41 -29.17
CA SER G 134 -53.90 -20.86 -30.18
C SER G 134 -55.15 -19.99 -30.19
N VAL G 135 -55.53 -19.45 -29.02
CA VAL G 135 -56.68 -18.56 -28.96
C VAL G 135 -56.44 -17.30 -29.78
N VAL G 136 -55.24 -16.71 -29.65
CA VAL G 136 -54.94 -15.46 -30.32
C VAL G 136 -54.82 -15.68 -31.83
N PHE G 137 -54.10 -16.72 -32.23
CA PHE G 137 -53.86 -16.94 -33.66
C PHE G 137 -55.15 -17.33 -34.39
N ASP G 138 -55.96 -18.22 -33.81
CA ASP G 138 -57.16 -18.69 -34.49
C ASP G 138 -58.20 -17.60 -34.65
N ASP G 139 -58.12 -16.53 -33.87
CA ASP G 139 -59.06 -15.43 -34.03
C ASP G 139 -58.75 -14.56 -35.24
N ILE G 140 -57.49 -14.54 -35.69
CA ILE G 140 -57.13 -13.64 -36.79
C ILE G 140 -57.92 -13.99 -38.04
N VAL G 141 -58.16 -15.28 -38.28
CA VAL G 141 -58.86 -15.69 -39.48
C VAL G 141 -60.37 -15.53 -39.32
N THR G 142 -60.90 -15.74 -38.11
CA THR G 142 -62.34 -15.69 -37.89
C THR G 142 -62.83 -14.29 -37.52
N ASN G 143 -61.97 -13.45 -36.95
CA ASN G 143 -62.38 -12.11 -36.56
C ASN G 143 -62.81 -11.29 -37.76
N GLU G 144 -63.96 -10.63 -37.63
CA GLU G 144 -64.54 -9.93 -38.77
C GLU G 144 -63.78 -8.66 -39.11
N GLN G 145 -63.35 -7.89 -38.10
CA GLN G 145 -62.68 -6.62 -38.38
C GLN G 145 -61.29 -6.82 -38.98
N ILE G 146 -60.67 -7.97 -38.71
CA ILE G 146 -59.35 -8.25 -39.27
C ILE G 146 -59.46 -8.90 -40.65
N GLN G 147 -60.26 -9.97 -40.77
CA GLN G 147 -60.36 -10.69 -42.04
C GLN G 147 -60.83 -9.79 -43.18
N LYS G 148 -61.72 -8.85 -42.87
CA LYS G 148 -62.18 -7.90 -43.88
C LYS G 148 -61.01 -7.11 -44.47
N ARG G 149 -60.10 -6.63 -43.61
CA ARG G 149 -58.97 -5.84 -44.08
C ARG G 149 -57.96 -6.68 -44.84
N ALA G 150 -57.93 -7.99 -44.59
CA ALA G 150 -57.02 -8.87 -45.31
C ALA G 150 -57.33 -8.89 -46.80
N GLU G 151 -58.61 -8.96 -47.18
CA GLU G 151 -58.98 -9.05 -48.59
C GLU G 151 -58.59 -7.81 -49.37
N GLY G 152 -58.58 -6.64 -48.73
CA GLY G 152 -58.20 -5.44 -49.45
C GLY G 152 -56.74 -5.43 -49.86
N ILE G 153 -55.85 -5.88 -48.98
CA ILE G 153 -54.43 -5.87 -49.28
C ILE G 153 -54.05 -7.01 -50.22
N SER G 154 -54.54 -8.21 -49.93
CA SER G 154 -54.16 -9.38 -50.71
C SER G 154 -54.67 -9.33 -52.16
N SER G 155 -55.72 -8.56 -52.43
CA SER G 155 -56.26 -8.52 -53.79
C SER G 155 -55.23 -7.97 -54.77
N TYR G 156 -54.60 -6.84 -54.44
CA TYR G 156 -53.55 -6.29 -55.30
C TYR G 156 -52.41 -7.28 -55.47
N TYR G 157 -52.10 -8.05 -54.43
CA TYR G 157 -51.08 -9.09 -54.53
C TYR G 157 -51.56 -10.23 -55.40
N ASP G 158 -52.76 -10.76 -55.12
CA ASP G 158 -53.27 -11.90 -55.86
C ASP G 158 -53.46 -11.58 -57.33
N GLU G 159 -54.00 -10.39 -57.64
CA GLU G 159 -54.26 -10.02 -59.03
C GLU G 159 -52.96 -9.91 -59.82
N LEU G 160 -51.91 -9.35 -59.22
CA LEU G 160 -50.64 -9.24 -59.91
C LEU G 160 -50.03 -10.61 -60.19
N ILE G 161 -50.15 -11.55 -59.25
CA ILE G 161 -49.63 -12.90 -59.45
C ILE G 161 -50.36 -13.60 -60.59
N GLU G 162 -51.70 -13.54 -60.58
CA GLU G 162 -52.47 -14.23 -61.61
C GLU G 162 -52.12 -13.71 -63.01
N MET G 163 -52.18 -12.39 -63.19
CA MET G 163 -51.80 -11.79 -64.47
C MET G 163 -50.36 -12.12 -64.83
N THR G 164 -49.48 -12.18 -63.84
CA THR G 164 -48.09 -12.56 -64.08
C THR G 164 -48.01 -13.98 -64.65
N SER G 165 -48.84 -14.88 -64.15
CA SER G 165 -48.84 -16.25 -64.65
C SER G 165 -49.29 -16.32 -66.11
N TYR G 166 -50.35 -15.59 -66.46
CA TYR G 166 -50.78 -15.55 -67.86
C TYR G 166 -49.69 -14.97 -68.76
N TRP G 167 -49.02 -13.92 -68.29
CA TRP G 167 -47.96 -13.31 -69.09
C TRP G 167 -46.77 -14.24 -69.28
N HIS G 168 -46.53 -15.13 -68.32
CA HIS G 168 -45.46 -16.11 -68.48
C HIS G 168 -45.92 -17.28 -69.35
N LEU G 169 -47.10 -17.83 -69.07
CA LEU G 169 -47.56 -19.01 -69.80
C LEU G 169 -47.90 -18.65 -71.25
N LEU G 170 -48.78 -17.67 -71.46
CA LEU G 170 -49.30 -17.37 -72.77
C LEU G 170 -48.53 -16.27 -73.50
N GLY G 171 -47.99 -15.31 -72.76
CA GLY G 171 -47.40 -14.14 -73.38
C GLY G 171 -48.45 -13.08 -73.68
N GLU G 172 -47.96 -11.94 -74.14
CA GLU G 172 -48.85 -10.82 -74.44
C GLU G 172 -49.67 -11.10 -75.69
N GLY G 173 -50.93 -10.68 -75.67
CA GLY G 173 -51.83 -10.84 -76.81
C GLY G 173 -53.18 -11.39 -76.38
N THR G 174 -54.07 -11.44 -77.38
CA THR G 174 -55.41 -11.98 -77.17
C THR G 174 -55.39 -13.49 -77.37
N HIS G 175 -55.91 -14.22 -76.38
CA HIS G 175 -55.93 -15.67 -76.39
C HIS G 175 -57.34 -16.16 -76.09
N THR G 176 -57.52 -17.47 -76.22
CA THR G 176 -58.78 -18.12 -75.88
C THR G 176 -58.44 -19.31 -74.99
N VAL G 177 -59.03 -19.35 -73.80
CA VAL G 177 -58.74 -20.39 -72.82
C VAL G 177 -60.07 -21.01 -72.40
N ASN G 178 -60.34 -22.21 -72.91
CA ASN G 178 -61.55 -22.98 -72.55
C ASN G 178 -62.82 -22.18 -72.83
N GLY G 179 -62.98 -21.78 -74.09
CA GLY G 179 -64.16 -21.07 -74.52
C GLY G 179 -64.21 -19.61 -74.13
N LYS G 180 -63.36 -19.18 -73.20
CA LYS G 180 -63.30 -17.78 -72.79
C LYS G 180 -62.17 -17.08 -73.52
N THR G 181 -62.40 -15.81 -73.86
CA THR G 181 -61.37 -14.98 -74.46
C THR G 181 -60.54 -14.34 -73.35
N VAL G 182 -59.23 -14.43 -73.47
CA VAL G 182 -58.30 -13.89 -72.47
C VAL G 182 -57.29 -12.99 -73.17
N THR G 183 -57.30 -11.71 -72.85
CA THR G 183 -56.38 -10.74 -73.42
C THR G 183 -55.31 -10.43 -72.37
N VAL G 184 -54.06 -10.64 -72.72
CA VAL G 184 -52.94 -10.42 -71.82
C VAL G 184 -52.20 -9.20 -72.33
N SER G 185 -52.33 -8.09 -71.60
CA SER G 185 -51.68 -6.83 -71.97
C SER G 185 -50.53 -6.58 -71.02
N LEU G 186 -49.33 -6.43 -71.57
CA LEU G 186 -48.18 -6.07 -70.74
C LEU G 186 -48.37 -4.69 -70.12
N ARG G 187 -49.02 -3.78 -70.85
CA ARG G 187 -49.34 -2.48 -70.29
C ARG G 187 -50.30 -2.62 -69.11
N GLU G 188 -51.23 -3.57 -69.18
CA GLU G 188 -52.11 -3.83 -68.04
C GLU G 188 -51.37 -4.53 -66.92
N LEU G 189 -50.39 -5.37 -67.25
CA LEU G 189 -49.58 -6.00 -66.22
C LEU G 189 -48.70 -4.98 -65.52
N LYS G 190 -48.04 -4.09 -66.29
CA LYS G 190 -47.31 -2.98 -65.68
C LYS G 190 -48.24 -2.12 -64.85
N LYS G 191 -49.49 -2.00 -65.27
CA LYS G 191 -50.48 -1.25 -64.50
C LYS G 191 -50.81 -1.97 -63.19
N LYS G 192 -50.90 -3.30 -63.24
CA LYS G 192 -51.20 -4.07 -62.03
C LYS G 192 -50.01 -4.09 -61.07
N LEU G 193 -48.79 -4.06 -61.60
CA LEU G 193 -47.62 -3.99 -60.73
C LEU G 193 -47.59 -2.67 -59.97
N TYR G 194 -47.73 -1.56 -60.69
CA TYR G 194 -47.69 -0.25 -60.07
C TYR G 194 -48.75 -0.11 -58.99
N LEU G 195 -49.97 -0.57 -59.27
CA LEU G 195 -51.03 -0.49 -58.27
C LEU G 195 -50.71 -1.37 -57.06
N CYS G 196 -50.07 -2.52 -57.28
CA CYS G 196 -49.73 -3.37 -56.16
C CYS G 196 -48.68 -2.70 -55.27
N LEU G 197 -47.63 -2.15 -55.88
CA LEU G 197 -46.61 -1.47 -55.10
C LEU G 197 -47.20 -0.29 -54.32
N MET G 198 -48.15 0.43 -54.93
CA MET G 198 -48.82 1.50 -54.20
C MET G 198 -49.53 0.99 -52.97
N SER G 199 -50.21 -0.16 -53.09
CA SER G 199 -50.89 -0.74 -51.93
C SER G 199 -49.88 -1.17 -50.87
N VAL G 200 -48.76 -1.74 -51.30
CA VAL G 200 -47.73 -2.17 -50.34
C VAL G 200 -47.11 -0.95 -49.66
N ASN G 201 -46.88 0.13 -50.41
CA ASN G 201 -46.38 1.36 -49.82
C ASN G 201 -47.36 1.89 -48.77
N ALA G 202 -48.66 1.87 -49.09
CA ALA G 202 -49.65 2.29 -48.11
C ALA G 202 -49.72 1.34 -46.92
N LEU G 203 -49.51 0.04 -47.16
CA LEU G 203 -49.46 -0.91 -46.05
C LEU G 203 -48.32 -0.57 -45.11
N GLU G 204 -47.11 -0.42 -45.65
CA GLU G 204 -45.92 -0.33 -44.82
C GLU G 204 -45.65 1.08 -44.32
N ALA G 205 -46.11 2.11 -45.03
CA ALA G 205 -45.83 3.48 -44.62
C ALA G 205 -47.00 4.13 -43.90
N ILE G 206 -48.20 3.57 -43.98
CA ILE G 206 -49.36 4.13 -43.29
C ILE G 206 -49.93 3.11 -42.31
N ARG G 207 -50.39 1.96 -42.83
CA ARG G 207 -51.11 0.99 -42.02
C ARG G 207 -50.29 0.54 -40.81
N PHE G 208 -49.04 0.15 -41.05
CA PHE G 208 -48.18 -0.33 -39.97
C PHE G 208 -47.81 0.77 -38.99
N TYR G 209 -47.63 2.00 -39.47
CA TYR G 209 -47.30 3.08 -38.56
C TYR G 209 -48.49 3.44 -37.67
N VAL G 210 -49.71 3.22 -38.14
CA VAL G 210 -50.87 3.34 -37.26
C VAL G 210 -50.74 2.34 -36.11
N SER G 211 -50.32 1.12 -36.41
CA SER G 211 -50.10 0.13 -35.37
C SER G 211 -48.97 0.54 -34.43
N PHE G 212 -47.89 1.12 -34.99
CA PHE G 212 -46.76 1.53 -34.17
C PHE G 212 -47.19 2.49 -33.08
N ALA G 213 -48.14 3.37 -33.38
CA ALA G 213 -48.63 4.30 -32.37
C ALA G 213 -49.20 3.55 -31.17
N CYS G 214 -49.94 2.47 -31.42
CA CYS G 214 -50.55 1.75 -30.31
C CYS G 214 -49.50 1.02 -29.47
N SER G 215 -48.51 0.40 -30.12
CA SER G 215 -47.49 -0.32 -29.36
C SER G 215 -46.68 0.65 -28.50
N PHE G 216 -46.36 1.83 -29.04
CA PHE G 216 -45.54 2.79 -28.31
C PHE G 216 -46.33 3.59 -27.30
N ALA G 217 -47.64 3.76 -27.50
CA ALA G 217 -48.45 4.45 -26.50
C ALA G 217 -48.47 3.70 -25.18
N PHE G 218 -48.44 2.37 -25.23
CA PHE G 218 -48.28 1.60 -24.00
C PHE G 218 -46.89 1.79 -23.41
N ALA G 219 -45.89 1.95 -24.25
CA ALA G 219 -44.53 2.10 -23.76
C ALA G 219 -44.29 3.46 -23.14
N GLU G 220 -44.99 4.49 -23.62
CA GLU G 220 -44.86 5.82 -23.01
C GLU G 220 -45.34 5.84 -21.58
N ARG G 221 -46.19 4.88 -21.19
CA ARG G 221 -46.62 4.69 -19.81
C ARG G 221 -45.81 3.61 -19.11
N GLU G 222 -44.66 3.23 -19.67
CA GLU G 222 -43.77 2.21 -19.10
C GLU G 222 -44.48 0.87 -18.93
N LEU G 223 -45.33 0.53 -19.89
CA LEU G 223 -46.04 -0.73 -19.92
C LEU G 223 -45.74 -1.44 -21.23
N MET G 224 -45.71 -2.77 -21.19
CA MET G 224 -45.45 -3.59 -22.37
C MET G 224 -44.17 -3.14 -23.08
N GLU G 225 -43.12 -2.92 -22.29
CA GLU G 225 -41.89 -2.38 -22.84
C GLU G 225 -41.06 -3.42 -23.57
N GLY G 226 -41.27 -4.71 -23.28
CA GLY G 226 -40.62 -5.74 -24.07
C GLY G 226 -41.18 -5.80 -25.48
N ASN G 227 -42.51 -5.74 -25.61
CA ASN G 227 -43.13 -5.57 -26.92
C ASN G 227 -42.57 -4.35 -27.63
N ALA G 228 -42.54 -3.21 -26.92
CA ALA G 228 -42.09 -1.96 -27.53
C ALA G 228 -40.69 -2.08 -28.09
N LYS G 229 -39.78 -2.75 -27.38
CA LYS G 229 -38.43 -2.94 -27.90
C LYS G 229 -38.46 -3.65 -29.26
N ILE G 230 -39.28 -4.70 -29.37
CA ILE G 230 -39.39 -5.43 -30.63
C ILE G 230 -40.02 -4.55 -31.70
N ILE G 231 -41.12 -3.88 -31.36
CA ILE G 231 -41.80 -3.03 -32.34
C ILE G 231 -40.87 -1.93 -32.84
N ARG G 232 -40.01 -1.41 -31.96
CA ARG G 232 -39.06 -0.39 -32.40
C ARG G 232 -38.05 -0.97 -33.39
N LEU G 233 -37.60 -2.21 -33.15
CA LEU G 233 -36.73 -2.88 -34.11
C LEU G 233 -37.46 -3.12 -35.43
N ILE G 234 -38.74 -3.53 -35.35
CA ILE G 234 -39.56 -3.71 -36.55
C ILE G 234 -39.74 -2.40 -37.28
N ALA G 235 -40.06 -1.33 -36.54
CA ALA G 235 -40.22 -0.02 -37.15
C ALA G 235 -38.95 0.43 -37.85
N ARG G 236 -37.79 0.04 -37.33
CA ARG G 236 -36.54 0.38 -38.01
C ARG G 236 -36.43 -0.35 -39.34
N ASP G 237 -36.85 -1.63 -39.37
CA ASP G 237 -36.93 -2.33 -40.64
C ASP G 237 -38.00 -1.71 -41.52
N GLU G 238 -39.17 -1.41 -40.95
CA GLU G 238 -40.28 -0.89 -41.70
C GLU G 238 -39.96 0.45 -42.36
N ALA G 239 -38.98 1.19 -41.81
CA ALA G 239 -38.53 2.41 -42.47
C ALA G 239 -37.79 2.10 -43.75
N LEU G 240 -36.96 1.04 -43.74
CA LEU G 240 -36.28 0.63 -44.96
C LEU G 240 -37.27 0.12 -46.00
N HIS G 241 -38.30 -0.60 -45.56
CA HIS G 241 -39.26 -1.20 -46.49
C HIS G 241 -40.01 -0.12 -47.27
N LEU G 242 -40.59 0.85 -46.57
CA LEU G 242 -41.34 1.89 -47.27
C LEU G 242 -40.41 2.72 -48.15
N THR G 243 -39.15 2.87 -47.75
CA THR G 243 -38.17 3.52 -48.61
C THR G 243 -37.98 2.75 -49.92
N GLY G 244 -37.97 1.42 -49.85
CA GLY G 244 -37.84 0.63 -51.07
C GLY G 244 -39.00 0.84 -52.02
N THR G 245 -40.23 0.69 -51.51
CA THR G 245 -41.40 0.85 -52.37
C THR G 245 -41.52 2.29 -52.88
N GLN G 246 -41.04 3.26 -52.11
CA GLN G 246 -41.04 4.64 -52.59
C GLN G 246 -40.12 4.79 -53.80
N HIS G 247 -38.90 4.27 -53.70
CA HIS G 247 -37.95 4.40 -54.80
C HIS G 247 -38.41 3.63 -56.04
N MET G 248 -39.02 2.46 -55.85
CA MET G 248 -39.57 1.74 -56.99
C MET G 248 -40.65 2.56 -57.67
N LEU G 249 -41.63 3.04 -56.89
CA LEU G 249 -42.72 3.81 -57.45
C LEU G 249 -42.22 5.07 -58.16
N ASN G 250 -41.23 5.75 -57.57
CA ASN G 250 -40.76 7.00 -58.16
C ASN G 250 -39.94 6.75 -59.42
N LEU G 251 -39.10 5.72 -59.41
CA LEU G 251 -38.36 5.37 -60.61
C LEU G 251 -39.31 4.99 -61.74
N LEU G 252 -40.38 4.26 -61.41
CA LEU G 252 -41.39 3.90 -62.41
C LEU G 252 -42.14 5.14 -62.90
N ARG G 253 -42.58 5.99 -61.96
CA ARG G 253 -43.45 7.11 -62.29
C ARG G 253 -42.74 8.16 -63.14
N SER G 254 -41.44 8.37 -62.91
CA SER G 254 -40.68 9.37 -63.64
C SER G 254 -40.32 8.94 -65.05
N GLY G 255 -40.56 7.68 -65.41
CA GLY G 255 -40.15 7.20 -66.71
C GLY G 255 -38.66 7.03 -66.88
N ALA G 256 -37.87 7.27 -65.83
CA ALA G 256 -36.43 7.08 -65.93
C ALA G 256 -36.10 5.64 -66.25
N ASP G 257 -36.74 4.70 -65.56
CA ASP G 257 -36.45 3.28 -65.74
C ASP G 257 -37.14 2.73 -66.98
N ASP G 258 -38.41 3.06 -67.16
CA ASP G 258 -39.17 2.58 -68.31
C ASP G 258 -40.01 3.73 -68.82
N PRO G 259 -39.71 4.26 -70.01
CA PRO G 259 -40.48 5.42 -70.51
C PRO G 259 -41.95 5.14 -70.65
N GLU G 260 -42.31 3.93 -71.07
CA GLU G 260 -43.71 3.54 -71.14
C GLU G 260 -44.38 3.61 -69.78
N MET G 261 -43.61 3.34 -68.71
CA MET G 261 -44.17 3.33 -67.36
C MET G 261 -44.66 4.70 -66.91
N ALA G 262 -43.99 5.77 -67.34
CA ALA G 262 -44.43 7.11 -66.96
C ALA G 262 -45.85 7.38 -67.44
N GLU G 263 -46.17 6.94 -68.66
CA GLU G 263 -47.54 7.07 -69.17
C GLU G 263 -48.52 6.31 -68.29
N ILE G 264 -48.19 5.05 -67.98
CA ILE G 264 -49.08 4.21 -67.20
C ILE G 264 -49.29 4.78 -65.79
N ALA G 265 -48.25 5.39 -65.23
CA ALA G 265 -48.35 5.95 -63.89
C ALA G 265 -49.43 7.02 -63.81
N GLU G 266 -49.56 7.83 -64.87
CA GLU G 266 -50.55 8.90 -64.85
C GLU G 266 -51.97 8.36 -64.99
N GLU G 267 -52.14 7.25 -65.72
CA GLU G 267 -53.48 6.67 -65.85
C GLU G 267 -53.97 6.10 -64.52
N CYS G 268 -53.04 5.71 -63.63
CA CYS G 268 -53.39 5.14 -62.35
C CYS G 268 -53.41 6.17 -61.24
N LYS G 269 -52.91 7.38 -61.49
CA LYS G 269 -52.77 8.39 -60.45
C LYS G 269 -54.07 8.60 -59.69
N GLN G 270 -55.21 8.47 -60.38
CA GLN G 270 -56.49 8.55 -59.68
C GLN G 270 -56.77 7.27 -58.90
N GLU G 271 -56.45 6.11 -59.48
CA GLU G 271 -56.63 4.86 -58.75
C GLU G 271 -55.73 4.82 -57.52
N CYS G 272 -54.49 5.27 -57.67
CA CYS G 272 -53.55 5.28 -56.55
C CYS G 272 -54.00 6.22 -55.45
N TYR G 273 -54.48 7.41 -55.83
CA TYR G 273 -55.00 8.34 -54.83
C TYR G 273 -56.15 7.72 -54.05
N ASP G 274 -57.15 7.18 -54.77
CA ASP G 274 -58.26 6.51 -54.10
C ASP G 274 -57.78 5.31 -53.31
N LEU G 275 -56.72 4.65 -53.77
CA LEU G 275 -56.15 3.52 -53.05
C LEU G 275 -55.59 3.94 -51.69
N PHE G 276 -54.80 5.02 -51.67
CA PHE G 276 -54.25 5.53 -50.42
C PHE G 276 -55.36 6.09 -49.51
N VAL G 277 -56.26 6.88 -50.08
CA VAL G 277 -57.33 7.47 -49.28
C VAL G 277 -58.16 6.38 -48.63
N GLN G 278 -58.50 5.35 -49.40
CA GLN G 278 -59.24 4.21 -48.86
C GLN G 278 -58.46 3.54 -47.72
N ALA G 279 -57.14 3.38 -47.89
CA ALA G 279 -56.33 2.78 -46.85
C ALA G 279 -56.38 3.61 -45.57
N ALA G 280 -56.22 4.91 -45.70
CA ALA G 280 -56.34 5.77 -44.51
C ALA G 280 -57.74 5.68 -43.93
N GLN G 281 -58.74 5.67 -44.80
CA GLN G 281 -60.12 5.53 -44.35
C GLN G 281 -60.36 4.19 -43.67
N GLN G 282 -59.65 3.14 -44.09
CA GLN G 282 -59.82 1.85 -43.46
C GLN G 282 -59.19 1.81 -42.07
N GLU G 283 -58.02 2.44 -41.91
CA GLU G 283 -57.36 2.44 -40.61
C GLU G 283 -58.14 3.25 -39.59
N LYS G 284 -58.82 4.31 -40.04
CA LYS G 284 -59.73 5.04 -39.16
C LYS G 284 -60.82 4.12 -38.63
N ASP G 285 -61.42 3.34 -39.53
CA ASP G 285 -62.42 2.36 -39.13
C ASP G 285 -61.82 1.32 -38.18
N TRP G 286 -60.55 0.98 -38.38
CA TRP G 286 -59.87 0.06 -37.47
C TRP G 286 -59.71 0.67 -36.08
N ALA G 287 -59.42 1.98 -36.03
CA ALA G 287 -59.30 2.65 -34.74
C ALA G 287 -60.61 2.60 -33.96
N ASP G 288 -61.74 2.66 -34.66
CA ASP G 288 -63.03 2.58 -34.00
C ASP G 288 -63.21 1.24 -33.29
N TYR G 289 -62.65 0.16 -33.84
CA TYR G 289 -62.75 -1.14 -33.19
C TYR G 289 -61.81 -1.27 -32.00
N LEU G 290 -60.66 -0.58 -32.04
CA LEU G 290 -59.73 -0.66 -30.92
C LEU G 290 -60.33 -0.02 -29.67
N PHE G 291 -60.97 1.13 -29.83
CA PHE G 291 -61.46 1.91 -28.71
C PHE G 291 -62.96 1.82 -28.53
N ARG G 292 -63.59 0.75 -29.05
CA ARG G 292 -65.02 0.59 -28.87
C ARG G 292 -65.39 0.33 -27.42
N ASP G 293 -64.47 -0.22 -26.63
CA ASP G 293 -64.71 -0.51 -25.23
C ASP G 293 -64.07 0.51 -24.29
N GLY G 294 -63.46 1.56 -24.84
CA GLY G 294 -62.84 2.57 -24.02
C GLY G 294 -61.48 2.97 -24.55
N SER G 295 -60.94 4.08 -24.04
CA SER G 295 -59.65 4.59 -24.47
C SER G 295 -58.64 4.47 -23.32
N MET G 296 -57.45 5.02 -23.54
CA MET G 296 -56.39 4.98 -22.54
C MET G 296 -55.70 6.33 -22.50
N ILE G 297 -54.86 6.51 -21.49
CA ILE G 297 -54.15 7.77 -21.30
C ILE G 297 -53.22 7.99 -22.48
N GLY G 298 -53.54 9.00 -23.31
CA GLY G 298 -52.70 9.38 -24.41
C GLY G 298 -53.16 8.92 -25.78
N LEU G 299 -54.23 8.14 -25.87
CA LEU G 299 -54.65 7.60 -27.16
C LEU G 299 -56.12 7.26 -27.14
N ASN G 300 -56.86 7.78 -28.13
CA ASN G 300 -58.26 7.40 -28.33
C ASN G 300 -58.52 7.34 -29.84
N LYS G 301 -59.78 7.16 -30.20
CA LYS G 301 -60.14 7.08 -31.62
C LYS G 301 -59.72 8.34 -32.37
N ASP G 302 -59.99 9.52 -31.78
CA ASP G 302 -59.69 10.77 -32.48
C ASP G 302 -58.19 10.96 -32.66
N ILE G 303 -57.42 10.75 -31.58
CA ILE G 303 -55.97 10.95 -31.67
C ILE G 303 -55.37 10.09 -32.78
N LEU G 304 -55.74 8.82 -32.83
CA LEU G 304 -55.17 7.92 -33.83
C LEU G 304 -55.63 8.30 -35.23
N CYS G 305 -56.91 8.66 -35.38
CA CYS G 305 -57.41 9.07 -36.69
C CYS G 305 -56.73 10.33 -37.18
N GLN G 306 -56.40 11.25 -36.27
CA GLN G 306 -55.63 12.42 -36.68
C GLN G 306 -54.25 12.02 -37.19
N TYR G 307 -53.63 11.03 -36.54
CA TYR G 307 -52.34 10.53 -36.99
C TYR G 307 -52.46 9.86 -38.35
N VAL G 308 -53.57 9.13 -38.58
CA VAL G 308 -53.79 8.53 -39.89
C VAL G 308 -53.81 9.61 -40.97
N GLU G 309 -54.58 10.68 -40.74
CA GLU G 309 -54.66 11.78 -41.69
C GLU G 309 -53.31 12.49 -41.82
N TYR G 310 -52.58 12.61 -40.69
CA TYR G 310 -51.27 13.24 -40.71
C TYR G 310 -50.27 12.41 -41.52
N ILE G 311 -50.11 11.13 -41.16
CA ILE G 311 -49.11 10.29 -41.80
C ILE G 311 -49.47 9.99 -43.25
N THR G 312 -50.77 10.01 -43.58
CA THR G 312 -51.16 9.74 -44.96
C THR G 312 -50.68 10.85 -45.89
N ASN G 313 -50.89 12.11 -45.49
CA ASN G 313 -50.43 13.24 -46.29
C ASN G 313 -48.95 13.14 -46.58
N ILE G 314 -48.15 12.73 -45.58
CA ILE G 314 -46.71 12.67 -45.77
C ILE G 314 -46.34 11.62 -46.80
N ARG G 315 -46.91 10.42 -46.66
CA ARG G 315 -46.54 9.32 -47.55
C ARG G 315 -47.02 9.58 -48.96
N MET G 316 -48.24 10.09 -49.11
CA MET G 316 -48.80 10.30 -50.45
C MET G 316 -48.02 11.38 -51.19
N GLN G 317 -47.62 12.43 -50.49
CA GLN G 317 -46.78 13.45 -51.11
C GLN G 317 -45.44 12.87 -51.54
N ALA G 318 -44.92 11.89 -50.79
CA ALA G 318 -43.64 11.28 -51.11
C ALA G 318 -43.68 10.45 -52.38
N VAL G 319 -44.86 10.08 -52.86
CA VAL G 319 -45.01 9.29 -54.07
C VAL G 319 -45.74 10.07 -55.17
N GLY G 320 -45.81 11.39 -55.02
CA GLY G 320 -46.40 12.21 -56.06
C GLY G 320 -47.90 12.10 -56.16
N LEU G 321 -48.59 12.06 -55.02
CA LEU G 321 -50.04 12.05 -54.98
C LEU G 321 -50.55 13.28 -54.25
N ASP G 322 -51.76 13.71 -54.61
CA ASP G 322 -52.34 14.89 -53.99
C ASP G 322 -52.74 14.59 -52.54
N LEU G 323 -52.65 15.61 -51.69
CA LEU G 323 -52.94 15.39 -50.28
C LEU G 323 -54.46 15.34 -50.06
N PRO G 324 -54.97 14.29 -49.41
CA PRO G 324 -56.42 14.17 -49.23
C PRO G 324 -56.94 14.79 -47.94
N PHE G 325 -56.09 14.99 -46.94
CA PHE G 325 -56.53 15.52 -45.66
C PHE G 325 -55.96 16.91 -45.44
N GLN G 326 -56.53 17.62 -44.47
CA GLN G 326 -56.05 18.96 -44.16
C GLN G 326 -54.66 18.90 -43.55
N THR G 327 -53.90 19.97 -43.75
CA THR G 327 -52.58 20.07 -43.12
C THR G 327 -52.74 20.09 -41.60
N ARG G 328 -51.92 19.32 -40.92
CA ARG G 328 -52.04 19.17 -39.48
C ARG G 328 -50.65 18.98 -38.87
N SER G 329 -50.47 19.50 -37.66
CA SER G 329 -49.26 19.20 -36.91
C SER G 329 -49.39 17.81 -36.29
N ASN G 330 -48.24 17.20 -36.04
CA ASN G 330 -48.19 15.83 -35.51
C ASN G 330 -48.95 15.72 -34.20
N PRO G 331 -50.05 14.94 -34.17
CA PRO G 331 -50.84 14.85 -32.94
C PRO G 331 -50.20 13.98 -31.88
N ILE G 332 -49.21 13.17 -32.22
CA ILE G 332 -48.48 12.38 -31.24
C ILE G 332 -46.99 12.58 -31.48
N PRO G 333 -46.43 13.75 -31.15
CA PRO G 333 -45.01 13.99 -31.44
C PRO G 333 -44.07 13.04 -30.74
N TRP G 334 -44.49 12.43 -29.64
CA TRP G 334 -43.64 11.51 -28.90
C TRP G 334 -43.28 10.26 -29.70
N ILE G 335 -44.01 9.98 -30.78
CA ILE G 335 -43.76 8.77 -31.56
C ILE G 335 -42.46 8.85 -32.34
N ASN G 336 -41.96 10.05 -32.63
CA ASN G 336 -40.74 10.21 -33.39
C ASN G 336 -39.50 9.75 -32.65
N THR G 337 -39.56 9.69 -31.31
CA THR G 337 -38.46 9.14 -30.53
C THR G 337 -38.19 7.69 -30.90
N TRP G 338 -39.24 6.95 -31.23
CA TRP G 338 -39.13 5.52 -31.50
C TRP G 338 -38.83 5.21 -32.96
N LEU G 339 -39.24 6.08 -33.89
CA LEU G 339 -39.13 5.74 -35.30
C LEU G 339 -37.71 5.96 -35.84
N VAL G 340 -37.03 7.01 -35.43
CA VAL G 340 -35.69 7.32 -35.92
C VAL G 340 -34.74 7.37 -34.73
N SER G 341 -33.86 6.37 -34.66
CA SER G 341 -32.83 6.28 -33.61
C SER G 341 -33.41 6.44 -32.21
N GLN G 360 -15.50 36.92 -9.94
CA GLN G 360 -15.27 36.74 -11.37
C GLN G 360 -15.09 38.10 -12.09
N ILE G 361 -14.35 39.02 -11.47
CA ILE G 361 -14.18 40.37 -11.98
C ILE G 361 -12.69 40.70 -12.03
N ASP G 362 -12.24 41.18 -13.19
CA ASP G 362 -10.90 41.72 -13.32
C ASP G 362 -10.78 43.00 -12.49
N SER G 363 -9.76 43.05 -11.62
CA SER G 363 -9.65 44.12 -10.64
C SER G 363 -8.95 45.38 -11.17
N GLU G 364 -8.21 45.27 -12.26
CA GLU G 364 -7.38 46.39 -12.72
C GLU G 364 -8.23 47.57 -13.19
N VAL G 365 -7.75 48.78 -12.89
CA VAL G 365 -8.41 50.02 -13.25
C VAL G 365 -7.37 50.97 -13.83
N ASP G 366 -7.78 51.78 -14.81
CA ASP G 366 -6.88 52.76 -15.43
C ASP G 366 -7.50 54.14 -15.26
N THR G 367 -7.00 54.89 -14.26
CA THR G 367 -7.56 56.22 -14.00
C THR G 367 -7.27 57.19 -15.13
N ASP G 368 -6.13 57.04 -15.81
CA ASP G 368 -5.83 57.87 -16.96
C ASP G 368 -6.87 57.67 -18.06
N ASP G 369 -7.29 56.43 -18.28
CA ASP G 369 -8.38 56.16 -19.21
C ASP G 369 -9.67 56.77 -18.72
N LEU G 370 -9.88 56.78 -17.39
CA LEU G 370 -11.05 57.44 -16.82
C LEU G 370 -10.95 58.95 -16.91
N SER G 371 -9.74 59.52 -16.81
CA SER G 371 -9.58 60.95 -16.99
C SER G 371 -9.93 61.38 -18.42
N ASN G 372 -9.83 60.46 -19.37
CA ASN G 372 -10.28 60.67 -20.74
C ASN G 372 -11.80 60.57 -20.80
N PHE G 373 -12.49 61.36 -19.98
CA PHE G 373 -13.94 61.24 -19.85
C PHE G 373 -14.49 62.54 -19.32
N GLN G 374 -15.61 62.97 -19.90
CA GLN G 374 -16.30 64.20 -19.51
C GLN G 374 -17.66 63.84 -18.95
N LEU G 375 -17.93 64.27 -17.71
CA LEU G 375 -19.21 64.00 -17.05
C LEU G 375 -20.30 64.96 -17.54
N ALA H 1 51.58 28.46 59.80
CA ALA H 1 50.29 27.89 60.14
C ALA H 1 49.39 27.80 58.91
N TYR H 2 48.61 26.72 58.84
CA TYR H 2 47.74 26.50 57.69
C TYR H 2 46.51 27.38 57.81
N THR H 3 46.14 28.02 56.69
CA THR H 3 44.94 28.84 56.60
C THR H 3 44.09 28.36 55.44
N THR H 4 42.78 28.20 55.67
CA THR H 4 41.88 27.75 54.62
C THR H 4 41.69 28.77 53.51
N PHE H 5 42.05 30.03 53.75
CA PHE H 5 42.04 31.04 52.69
C PHE H 5 43.19 32.00 52.97
N SER H 6 44.31 31.78 52.28
CA SER H 6 45.49 32.63 52.47
C SER H 6 45.19 34.07 52.07
N GLN H 7 45.59 35.02 52.92
CA GLN H 7 45.29 36.42 52.69
C GLN H 7 46.05 36.96 51.48
N THR H 8 47.24 36.42 51.21
CA THR H 8 48.10 36.98 50.16
C THR H 8 47.55 36.67 48.77
N LYS H 9 47.56 37.68 47.90
CA LYS H 9 47.29 37.47 46.49
C LYS H 9 48.59 37.03 45.81
N ASN H 10 48.67 35.76 45.44
CA ASN H 10 49.87 35.21 44.83
C ASN H 10 49.55 34.68 43.44
N ASP H 11 50.53 34.79 42.55
CA ASP H 11 50.43 34.19 41.22
C ASP H 11 50.52 32.67 41.38
N GLN H 12 49.37 32.00 41.29
CA GLN H 12 49.32 30.55 41.53
C GLN H 12 50.11 29.76 40.49
N LEU H 13 50.41 30.35 39.33
CA LEU H 13 51.15 29.64 38.32
C LEU H 13 52.62 29.49 38.69
N LYS H 14 53.14 30.40 39.51
CA LYS H 14 54.53 30.36 39.91
C LYS H 14 54.74 29.61 41.22
N GLU H 15 53.67 29.26 41.93
CA GLU H 15 53.77 28.47 43.14
C GLU H 15 54.25 27.05 42.81
N PRO H 16 54.87 26.37 43.77
CA PRO H 16 55.22 24.97 43.58
C PRO H 16 54.02 24.08 43.87
N MET H 17 54.21 22.78 43.58
CA MET H 17 53.17 21.79 43.87
C MET H 17 52.88 21.71 45.36
N PHE H 18 53.94 21.68 46.18
CA PHE H 18 53.80 21.51 47.61
C PHE H 18 54.56 22.58 48.37
N PHE H 19 54.12 22.79 49.61
CA PHE H 19 54.75 23.60 50.66
C PHE H 19 54.72 25.10 50.38
N GLY H 20 54.21 25.53 49.23
CA GLY H 20 54.07 26.96 48.98
C GLY H 20 52.93 27.57 49.77
N GLN H 21 52.45 28.72 49.32
CA GLN H 21 51.34 29.38 50.00
C GLN H 21 50.06 28.54 49.84
N PRO H 22 49.35 28.23 50.93
CA PRO H 22 48.11 27.47 50.80
C PRO H 22 47.14 28.13 49.83
N VAL H 23 46.49 27.30 49.01
CA VAL H 23 45.58 27.81 47.99
C VAL H 23 44.46 28.61 48.65
N ASN H 24 44.10 29.72 48.00
CA ASN H 24 43.00 30.56 48.44
C ASN H 24 41.83 30.46 47.47
N VAL H 25 41.96 30.97 46.25
CA VAL H 25 40.86 30.99 45.28
C VAL H 25 40.97 29.78 44.38
N ALA H 26 39.88 29.02 44.27
CA ALA H 26 39.81 27.82 43.43
C ALA H 26 39.40 28.23 42.01
N ARG H 27 40.38 28.34 41.12
CA ARG H 27 40.14 28.66 39.73
C ARG H 27 40.68 27.56 38.83
N TYR H 28 40.05 27.39 37.67
CA TYR H 28 40.40 26.31 36.75
C TYR H 28 40.55 26.80 35.32
N ASP H 29 40.77 28.09 35.11
CA ASP H 29 41.02 28.65 33.79
C ASP H 29 42.49 28.58 33.38
N GLN H 30 43.38 28.18 34.29
CA GLN H 30 44.80 28.07 34.04
C GLN H 30 45.39 27.04 34.99
N GLN H 31 46.49 26.41 34.57
CA GLN H 31 47.17 25.45 35.43
C GLN H 31 48.68 25.61 35.26
N LYS H 32 49.41 25.43 36.37
CA LYS H 32 50.86 25.29 36.26
C LYS H 32 51.22 23.96 35.61
N TYR H 33 50.61 22.88 36.09
CA TYR H 33 50.71 21.57 35.48
C TYR H 33 49.29 21.14 35.11
N ASP H 34 48.98 21.16 33.81
CA ASP H 34 47.63 20.82 33.38
C ASP H 34 47.33 19.33 33.44
N ILE H 35 48.32 18.50 33.78
CA ILE H 35 48.07 17.06 33.90
C ILE H 35 47.00 16.79 34.93
N PHE H 36 46.99 17.55 36.02
CA PHE H 36 46.03 17.32 37.08
C PHE H 36 44.64 17.82 36.71
N GLU H 37 44.56 18.89 35.91
CA GLU H 37 43.26 19.31 35.40
C GLU H 37 42.69 18.30 34.42
N LYS H 38 43.55 17.69 33.60
CA LYS H 38 43.08 16.63 32.71
C LYS H 38 42.65 15.41 33.51
N LEU H 39 43.35 15.11 34.60
CA LEU H 39 42.96 13.99 35.45
C LEU H 39 41.60 14.24 36.09
N ILE H 40 41.32 15.48 36.46
CA ILE H 40 40.01 15.82 37.02
C ILE H 40 38.92 15.60 35.99
N GLU H 41 39.08 16.19 34.79
CA GLU H 41 38.04 16.08 33.77
C GLU H 41 37.77 14.63 33.39
N LYS H 42 38.82 13.80 33.33
CA LYS H 42 38.64 12.41 32.94
C LYS H 42 37.99 11.62 34.06
N GLN H 43 38.40 11.87 35.31
CA GLN H 43 37.79 11.18 36.44
C GLN H 43 36.32 11.58 36.61
N LEU H 44 36.00 12.83 36.30
CA LEU H 44 34.61 13.28 36.38
C LEU H 44 33.73 12.61 35.34
N SER H 45 34.31 12.25 34.19
CA SER H 45 33.54 11.56 33.16
C SER H 45 33.35 10.08 33.48
N PHE H 46 34.26 9.49 34.26
CA PHE H 46 34.19 8.09 34.66
C PHE H 46 33.23 7.86 35.83
N PHE H 47 32.47 8.87 36.24
CA PHE H 47 31.64 8.74 37.43
C PHE H 47 30.69 7.57 37.31
N TRP H 48 30.76 6.65 38.27
CA TRP H 48 29.89 5.48 38.29
C TRP H 48 29.44 5.21 39.71
N ARG H 49 28.32 4.51 39.83
CA ARG H 49 27.79 4.07 41.11
C ARG H 49 27.76 2.55 41.18
N PRO H 50 28.06 1.98 42.35
CA PRO H 50 28.10 0.51 42.45
C PRO H 50 26.74 -0.12 42.29
N GLU H 51 25.68 0.54 42.79
CA GLU H 51 24.35 -0.04 42.75
C GLU H 51 23.85 -0.29 41.35
N GLU H 52 24.42 0.38 40.34
CA GLU H 52 24.01 0.21 38.95
C GLU H 52 24.60 -1.06 38.30
N VAL H 53 25.26 -1.93 39.07
CA VAL H 53 25.85 -3.15 38.55
C VAL H 53 25.08 -4.35 39.11
N ASP H 54 24.72 -5.28 38.22
CA ASP H 54 24.01 -6.48 38.65
C ASP H 54 24.98 -7.45 39.29
N VAL H 55 24.73 -7.78 40.56
CA VAL H 55 25.55 -8.70 41.33
C VAL H 55 24.74 -9.87 41.86
N SER H 56 23.49 -10.04 41.40
CA SER H 56 22.62 -11.07 41.96
C SER H 56 23.09 -12.46 41.60
N ARG H 57 23.67 -12.65 40.41
CA ARG H 57 24.19 -13.95 40.05
C ARG H 57 25.45 -14.30 40.82
N ASP H 58 26.08 -13.31 41.46
CA ASP H 58 27.35 -13.55 42.15
C ASP H 58 27.17 -14.29 43.47
N ARG H 59 25.99 -14.16 44.10
CA ARG H 59 25.74 -14.93 45.31
C ARG H 59 25.75 -16.42 45.01
N ILE H 60 25.08 -16.81 43.93
CA ILE H 60 25.03 -18.21 43.54
C ILE H 60 26.42 -18.68 43.09
N ASP H 61 27.10 -17.88 42.26
CA ASP H 61 28.44 -18.23 41.82
C ASP H 61 29.38 -18.44 43.00
N TYR H 62 29.29 -17.56 44.02
CA TYR H 62 30.22 -17.63 45.14
C TYR H 62 30.01 -18.89 45.97
N GLN H 63 28.77 -19.18 46.33
CA GLN H 63 28.50 -20.38 47.13
C GLN H 63 28.83 -21.65 46.35
N ALA H 64 28.84 -21.59 45.02
CA ALA H 64 29.22 -22.73 44.20
C ALA H 64 30.73 -22.89 44.09
N LEU H 65 31.51 -21.88 44.48
CA LEU H 65 32.95 -21.99 44.39
C LEU H 65 33.46 -23.11 45.28
N PRO H 66 34.58 -23.73 44.93
CA PRO H 66 35.23 -24.67 45.86
C PRO H 66 35.69 -23.95 47.12
N GLU H 67 35.92 -24.74 48.17
CA GLU H 67 36.24 -24.14 49.47
C GLU H 67 37.48 -23.25 49.39
N HIS H 68 38.48 -23.66 48.60
CA HIS H 68 39.70 -22.86 48.47
C HIS H 68 39.52 -21.65 47.57
N GLU H 69 38.53 -21.69 46.66
CA GLU H 69 38.28 -20.52 45.83
C GLU H 69 37.42 -19.49 46.57
N LYS H 70 36.54 -19.94 47.48
CA LYS H 70 35.97 -19.01 48.44
C LYS H 70 37.08 -18.31 49.20
N HIS H 71 38.10 -19.07 49.59
CA HIS H 71 39.24 -18.49 50.28
C HIS H 71 39.95 -17.46 49.40
N ILE H 72 40.30 -17.86 48.17
CA ILE H 72 41.00 -16.94 47.27
C ILE H 72 40.20 -15.67 47.04
N PHE H 73 38.91 -15.82 46.71
CA PHE H 73 38.09 -14.65 46.38
C PHE H 73 37.85 -13.77 47.60
N ILE H 74 37.43 -14.36 48.72
CA ILE H 74 37.03 -13.55 49.86
C ILE H 74 38.24 -12.91 50.52
N SER H 75 39.42 -13.50 50.39
CA SER H 75 40.63 -12.87 50.92
C SER H 75 41.03 -11.68 50.06
N ASN H 76 40.97 -11.84 48.74
CA ASN H 76 41.29 -10.71 47.86
C ASN H 76 40.32 -9.56 48.05
N LEU H 77 39.10 -9.87 48.51
CA LEU H 77 38.12 -8.81 48.76
C LEU H 77 38.42 -8.05 50.04
N LYS H 78 38.77 -8.77 51.12
CA LYS H 78 39.12 -8.09 52.36
C LYS H 78 40.32 -7.18 52.17
N TYR H 79 41.33 -7.65 51.45
CA TYR H 79 42.51 -6.81 51.20
C TYR H 79 42.14 -5.59 50.37
N GLN H 80 41.27 -5.78 49.36
CA GLN H 80 40.78 -4.65 48.58
C GLN H 80 40.06 -3.65 49.48
N THR H 81 39.17 -4.15 50.36
CA THR H 81 38.42 -3.26 51.24
C THR H 81 39.34 -2.44 52.13
N LEU H 82 40.41 -3.05 52.63
CA LEU H 82 41.35 -2.34 53.49
C LEU H 82 42.12 -1.28 52.71
N LEU H 83 42.62 -1.63 51.53
CA LEU H 83 43.44 -0.72 50.76
C LEU H 83 42.68 0.54 50.39
N ASP H 84 41.48 0.39 49.83
CA ASP H 84 40.69 1.56 49.47
C ASP H 84 40.00 2.22 50.66
N SER H 85 40.06 1.61 51.85
CA SER H 85 39.64 2.30 53.06
C SER H 85 40.67 3.34 53.47
N ILE H 86 41.95 2.96 53.43
CA ILE H 86 43.03 3.91 53.65
C ILE H 86 43.00 5.00 52.58
N GLN H 87 42.90 4.58 51.31
CA GLN H 87 42.92 5.52 50.19
C GLN H 87 41.74 6.46 50.17
N GLY H 88 40.66 6.13 50.88
CA GLY H 88 39.52 7.04 50.91
C GLY H 88 39.84 8.32 51.65
N ARG H 89 40.44 8.21 52.83
CA ARG H 89 40.68 9.33 53.72
C ARG H 89 42.07 9.93 53.57
N SER H 90 43.09 9.10 53.32
CA SER H 90 44.48 9.54 53.49
C SER H 90 44.89 10.65 52.55
N PRO H 91 44.62 10.60 51.24
CA PRO H 91 45.04 11.72 50.37
C PRO H 91 44.51 13.07 50.81
N ASN H 92 43.31 13.12 51.41
CA ASN H 92 42.78 14.38 51.91
C ASN H 92 43.52 14.84 53.16
N VAL H 93 43.75 13.91 54.09
CA VAL H 93 44.35 14.28 55.37
C VAL H 93 45.84 14.56 55.22
N ALA H 94 46.53 13.79 54.37
CA ALA H 94 47.99 13.86 54.29
C ALA H 94 48.50 14.86 53.26
N LEU H 95 47.74 15.14 52.21
CA LEU H 95 48.23 15.97 51.11
C LEU H 95 47.61 17.35 51.07
N LEU H 96 46.33 17.50 51.42
CA LEU H 96 45.68 18.81 51.32
C LEU H 96 46.39 19.90 52.10
N PRO H 97 46.88 19.70 53.32
CA PRO H 97 47.60 20.78 54.02
C PRO H 97 48.91 21.20 53.38
N LEU H 98 49.40 20.48 52.36
CA LEU H 98 50.68 20.79 51.74
C LEU H 98 50.56 21.37 50.33
N ILE H 99 49.42 21.18 49.67
CA ILE H 99 49.29 21.60 48.28
C ILE H 99 49.21 23.12 48.20
N SER H 100 49.86 23.68 47.17
CA SER H 100 49.91 25.13 46.98
C SER H 100 49.45 25.60 45.61
N ILE H 101 48.92 24.70 44.77
CA ILE H 101 48.32 25.09 43.49
C ILE H 101 46.92 24.49 43.41
N PRO H 102 45.94 25.20 42.83
CA PRO H 102 44.54 24.73 42.92
C PRO H 102 44.26 23.45 42.15
N GLU H 103 44.83 23.30 40.95
CA GLU H 103 44.49 22.14 40.13
C GLU H 103 44.94 20.83 40.76
N LEU H 104 46.00 20.84 41.56
CA LEU H 104 46.42 19.64 42.26
C LEU H 104 45.59 19.39 43.51
N GLU H 105 45.18 20.46 44.20
CA GLU H 105 44.34 20.31 45.38
C GLU H 105 43.00 19.68 45.02
N THR H 106 42.33 20.21 43.98
CA THR H 106 41.04 19.67 43.59
C THR H 106 41.15 18.23 43.11
N TRP H 107 42.24 17.91 42.40
CA TRP H 107 42.42 16.53 41.95
C TRP H 107 42.51 15.58 43.12
N VAL H 108 43.25 15.96 44.17
CA VAL H 108 43.38 15.10 45.34
C VAL H 108 42.02 14.89 46.00
N GLU H 109 41.19 15.94 46.03
CA GLU H 109 39.85 15.80 46.57
C GLU H 109 38.97 14.95 45.66
N THR H 110 39.16 15.08 44.35
CA THR H 110 38.49 14.19 43.41
C THR H 110 39.03 12.77 43.53
N TRP H 111 40.36 12.63 43.63
CA TRP H 111 40.97 11.32 43.83
C TRP H 111 40.43 10.63 45.07
N ALA H 112 40.42 11.33 46.21
CA ALA H 112 39.92 10.70 47.43
C ALA H 112 38.45 10.35 47.31
N PHE H 113 37.66 11.22 46.68
CA PHE H 113 36.24 10.95 46.54
C PHE H 113 35.99 9.68 45.75
N SER H 114 36.67 9.53 44.62
CA SER H 114 36.50 8.33 43.81
C SER H 114 36.87 7.06 44.57
N GLU H 115 37.74 7.17 45.59
CA GLU H 115 38.06 6.02 46.42
C GLU H 115 36.90 5.63 47.31
N THR H 116 36.10 6.61 47.76
CA THR H 116 34.95 6.29 48.60
C THR H 116 33.90 5.52 47.82
N ILE H 117 33.78 5.77 46.52
CA ILE H 117 32.88 4.97 45.70
C ILE H 117 33.38 3.53 45.61
N HIS H 118 34.70 3.34 45.53
CA HIS H 118 35.26 2.00 45.56
C HIS H 118 34.94 1.30 46.88
N SER H 119 35.12 2.00 48.01
CA SER H 119 34.76 1.43 49.30
C SER H 119 33.27 1.09 49.35
N ARG H 120 32.43 1.95 48.76
CA ARG H 120 31.00 1.66 48.73
C ARG H 120 30.73 0.42 47.89
N SER H 121 31.47 0.24 46.80
CA SER H 121 31.27 -0.92 45.95
C SER H 121 31.72 -2.21 46.64
N TYR H 122 32.76 -2.15 47.47
CA TYR H 122 33.15 -3.34 48.23
C TYR H 122 32.07 -3.71 49.23
N THR H 123 31.42 -2.72 49.84
CA THR H 123 30.26 -3.01 50.68
C THR H 123 29.13 -3.59 49.83
N HIS H 124 29.02 -3.15 48.58
CA HIS H 124 28.01 -3.68 47.68
C HIS H 124 28.28 -5.15 47.35
N ILE H 125 29.53 -5.47 47.02
CA ILE H 125 29.87 -6.86 46.68
C ILE H 125 29.71 -7.77 47.88
N ILE H 126 30.24 -7.35 49.04
CA ILE H 126 30.24 -8.20 50.23
C ILE H 126 28.82 -8.52 50.67
N ARG H 127 27.98 -7.49 50.79
CA ARG H 127 26.64 -7.69 51.31
C ARG H 127 25.75 -8.50 50.36
N ASN H 128 26.22 -8.77 49.14
CA ASN H 128 25.43 -9.49 48.15
C ASN H 128 25.93 -10.90 47.89
N ILE H 129 26.96 -11.36 48.59
CA ILE H 129 27.45 -12.71 48.38
C ILE H 129 27.43 -13.50 49.68
N VAL H 130 27.60 -12.80 50.80
CA VAL H 130 27.62 -13.45 52.11
C VAL H 130 26.31 -13.14 52.84
N ASN H 131 26.05 -13.90 53.90
CA ASN H 131 24.84 -13.73 54.67
C ASN H 131 24.99 -12.65 55.73
N ASP H 132 26.12 -12.63 56.44
CA ASP H 132 26.39 -11.60 57.44
C ASP H 132 27.64 -10.85 57.03
N PRO H 133 27.51 -9.63 56.49
CA PRO H 133 28.70 -8.86 56.11
C PRO H 133 29.62 -8.56 57.26
N SER H 134 29.12 -8.54 58.50
CA SER H 134 29.98 -8.30 59.65
C SER H 134 31.08 -9.35 59.77
N VAL H 135 30.84 -10.56 59.28
CA VAL H 135 31.85 -11.61 59.30
C VAL H 135 33.06 -11.21 58.48
N VAL H 136 32.82 -10.68 57.27
CA VAL H 136 33.91 -10.32 56.38
C VAL H 136 34.62 -9.06 56.88
N PHE H 137 33.85 -8.04 57.29
CA PHE H 137 34.45 -6.76 57.66
C PHE H 137 35.29 -6.90 58.92
N ASP H 138 34.79 -7.63 59.93
CA ASP H 138 35.49 -7.70 61.21
C ASP H 138 36.82 -8.44 61.12
N ASP H 139 37.02 -9.24 60.07
CA ASP H 139 38.29 -9.92 59.90
C ASP H 139 39.38 -8.99 59.37
N ILE H 140 38.99 -7.88 58.72
CA ILE H 140 39.96 -7.00 58.05
C ILE H 140 40.94 -6.38 59.05
N VAL H 141 40.47 -6.04 60.25
CA VAL H 141 41.34 -5.32 61.18
C VAL H 141 42.32 -6.25 61.89
N THR H 142 41.88 -7.47 62.22
CA THR H 142 42.70 -8.39 62.99
C THR H 142 43.54 -9.34 62.15
N ASN H 143 43.16 -9.60 60.91
CA ASN H 143 43.85 -10.60 60.10
C ASN H 143 45.34 -10.30 59.97
N GLU H 144 46.16 -11.33 60.15
CA GLU H 144 47.61 -11.15 60.22
C GLU H 144 48.20 -10.79 58.86
N GLN H 145 47.72 -11.44 57.79
CA GLN H 145 48.33 -11.24 56.47
C GLN H 145 48.08 -9.82 55.95
N ILE H 146 47.02 -9.18 56.40
CA ILE H 146 46.70 -7.82 56.00
C ILE H 146 47.39 -6.79 56.89
N GLN H 147 47.30 -7.03 58.21
CA GLN H 147 47.74 -6.05 59.20
C GLN H 147 49.20 -5.64 59.04
N LYS H 148 50.08 -6.57 58.66
CA LYS H 148 51.48 -6.24 58.49
C LYS H 148 51.67 -5.12 57.46
N ARG H 149 51.02 -5.26 56.31
CA ARG H 149 51.11 -4.24 55.26
C ARG H 149 50.24 -3.04 55.56
N ALA H 150 49.16 -3.22 56.34
CA ALA H 150 48.28 -2.10 56.66
C ALA H 150 49.02 -1.05 57.48
N GLU H 151 49.73 -1.49 58.52
CA GLU H 151 50.50 -0.55 59.33
C GLU H 151 51.68 0.00 58.54
N GLY H 152 52.21 -0.79 57.61
CA GLY H 152 53.29 -0.31 56.76
C GLY H 152 52.84 0.78 55.80
N ILE H 153 51.64 0.63 55.23
CA ILE H 153 51.15 1.63 54.29
C ILE H 153 50.75 2.89 55.03
N SER H 154 49.99 2.74 56.13
CA SER H 154 49.53 3.89 56.88
C SER H 154 50.66 4.65 57.56
N SER H 155 51.79 3.98 57.84
CA SER H 155 52.91 4.66 58.49
C SER H 155 53.43 5.79 57.61
N TYR H 156 53.63 5.53 56.32
CA TYR H 156 54.07 6.58 55.41
C TYR H 156 53.07 7.73 55.39
N TYR H 157 51.78 7.40 55.51
CA TYR H 157 50.76 8.44 55.57
C TYR H 157 50.81 9.20 56.89
N ASP H 158 50.81 8.46 58.01
CA ASP H 158 50.73 9.10 59.31
C ASP H 158 51.94 9.99 59.58
N GLU H 159 53.15 9.52 59.26
CA GLU H 159 54.34 10.31 59.54
C GLU H 159 54.35 11.61 58.74
N LEU H 160 53.89 11.57 57.48
CA LEU H 160 53.81 12.78 56.69
C LEU H 160 52.82 13.77 57.31
N ILE H 161 51.70 13.26 57.83
CA ILE H 161 50.73 14.12 58.50
C ILE H 161 51.35 14.74 59.75
N GLU H 162 52.01 13.91 60.58
CA GLU H 162 52.56 14.38 61.85
C GLU H 162 53.61 15.46 61.63
N MET H 163 54.60 15.20 60.77
CA MET H 163 55.61 16.21 60.48
C MET H 163 54.98 17.47 59.91
N THR H 164 53.94 17.32 59.09
CA THR H 164 53.25 18.49 58.55
C THR H 164 52.65 19.33 59.66
N SER H 165 52.10 18.69 60.70
CA SER H 165 51.53 19.43 61.81
C SER H 165 52.59 20.26 62.53
N TYR H 166 53.75 19.65 62.80
CA TYR H 166 54.85 20.41 63.40
C TYR H 166 55.29 21.53 62.47
N TRP H 167 55.31 21.29 61.17
CA TRP H 167 55.73 22.31 60.21
C TRP H 167 54.76 23.48 60.15
N HIS H 168 53.47 23.24 60.42
CA HIS H 168 52.50 24.32 60.44
C HIS H 168 52.55 25.08 61.77
N LEU H 169 52.57 24.34 62.89
CA LEU H 169 52.49 24.95 64.20
C LEU H 169 53.77 25.72 64.54
N LEU H 170 54.92 25.05 64.48
CA LEU H 170 56.17 25.63 64.97
C LEU H 170 56.99 26.32 63.88
N GLY H 171 56.91 25.86 62.64
CA GLY H 171 57.79 26.35 61.60
C GLY H 171 59.12 25.62 61.59
N GLU H 172 59.92 25.94 60.59
CA GLU H 172 61.21 25.27 60.43
C GLU H 172 62.19 25.76 61.49
N GLY H 173 63.00 24.82 62.01
CA GLY H 173 64.00 25.12 63.01
C GLY H 173 63.95 24.13 64.16
N THR H 174 64.91 24.28 65.07
CA THR H 174 65.01 23.44 66.25
C THR H 174 64.15 24.01 67.37
N HIS H 175 63.32 23.15 67.97
CA HIS H 175 62.40 23.56 69.02
C HIS H 175 62.53 22.64 70.23
N THR H 176 61.87 23.02 71.33
CA THR H 176 61.83 22.22 72.55
C THR H 176 60.40 22.13 73.05
N VAL H 177 59.91 20.91 73.25
CA VAL H 177 58.52 20.68 73.65
C VAL H 177 58.52 19.77 74.89
N ASN H 178 58.23 20.36 76.05
CA ASN H 178 58.07 19.63 77.31
C ASN H 178 59.31 18.80 77.66
N GLY H 179 60.45 19.49 77.75
CA GLY H 179 61.70 18.86 78.14
C GLY H 179 62.38 18.06 77.07
N LYS H 180 61.66 17.68 76.00
CA LYS H 180 62.25 16.97 74.88
C LYS H 180 62.52 17.96 73.76
N THR H 181 63.65 17.78 73.07
CA THR H 181 64.01 18.64 71.95
C THR H 181 63.41 18.06 70.66
N VAL H 182 62.76 18.92 69.88
CA VAL H 182 62.09 18.51 68.64
C VAL H 182 62.57 19.42 67.51
N THR H 183 63.17 18.83 66.49
CA THR H 183 63.68 19.57 65.34
C THR H 183 62.72 19.40 64.15
N VAL H 184 62.27 20.52 63.60
CA VAL H 184 61.36 20.53 62.47
C VAL H 184 62.13 21.05 61.26
N SER H 185 62.48 20.15 60.35
CA SER H 185 63.23 20.50 59.15
C SER H 185 62.30 20.41 57.95
N LEU H 186 62.19 21.50 57.19
CA LEU H 186 61.40 21.47 55.96
C LEU H 186 61.99 20.49 54.96
N ARG H 187 63.32 20.40 54.93
CA ARG H 187 63.97 19.42 54.06
C ARG H 187 63.60 17.99 54.43
N GLU H 188 63.40 17.74 55.73
CA GLU H 188 62.94 16.42 56.17
C GLU H 188 61.47 16.18 55.84
N LEU H 189 60.65 17.23 55.86
CA LEU H 189 59.25 17.08 55.47
C LEU H 189 59.11 16.78 53.99
N LYS H 190 59.87 17.50 53.15
CA LYS H 190 59.89 17.20 51.72
C LYS H 190 60.32 15.77 51.47
N LYS H 191 61.21 15.24 52.32
CA LYS H 191 61.63 13.86 52.18
C LYS H 191 60.51 12.90 52.56
N LYS H 192 59.75 13.21 53.62
CA LYS H 192 58.67 12.34 54.03
C LYS H 192 57.49 12.38 53.07
N LEU H 193 57.27 13.52 52.41
CA LEU H 193 56.25 13.57 51.37
C LEU H 193 56.61 12.67 50.21
N TYR H 194 57.84 12.80 49.70
CA TYR H 194 58.29 12.00 48.57
C TYR H 194 58.21 10.51 48.87
N LEU H 195 58.67 10.10 50.07
CA LEU H 195 58.60 8.69 50.43
C LEU H 195 57.15 8.21 50.52
N CYS H 196 56.24 9.07 50.97
CA CYS H 196 54.84 8.68 51.03
C CYS H 196 54.26 8.50 49.63
N LEU H 197 54.52 9.46 48.74
CA LEU H 197 54.03 9.35 47.37
C LEU H 197 54.59 8.11 46.68
N MET H 198 55.85 7.77 46.97
CA MET H 198 56.44 6.53 46.46
C MET H 198 55.67 5.32 46.97
N SER H 199 55.32 5.32 48.26
CA SER H 199 54.57 4.21 48.82
C SER H 199 53.16 4.15 48.22
N VAL H 200 52.52 5.30 48.02
CA VAL H 200 51.19 5.31 47.44
C VAL H 200 51.22 4.81 46.00
N ASN H 201 52.28 5.17 45.25
CA ASN H 201 52.41 4.66 43.89
C ASN H 201 52.50 3.14 43.88
N ALA H 202 53.29 2.57 44.78
CA ALA H 202 53.34 1.11 44.86
C ALA H 202 52.00 0.53 45.30
N LEU H 203 51.27 1.24 46.15
CA LEU H 203 49.95 0.80 46.57
C LEU H 203 49.02 0.67 45.37
N GLU H 204 48.89 1.74 44.60
CA GLU H 204 47.87 1.79 43.55
C GLU H 204 48.35 1.19 42.24
N ALA H 205 49.65 1.19 41.98
CA ALA H 205 50.16 0.71 40.70
C ALA H 205 50.69 -0.71 40.74
N ILE H 206 50.90 -1.28 41.92
CA ILE H 206 51.37 -2.65 42.03
C ILE H 206 50.40 -3.47 42.86
N ARG H 207 50.23 -3.09 44.14
CA ARG H 207 49.44 -3.88 45.06
C ARG H 207 48.02 -4.11 44.53
N PHE H 208 47.35 -3.02 44.12
CA PHE H 208 45.97 -3.16 43.63
C PHE H 208 45.91 -3.92 42.32
N TYR H 209 46.91 -3.77 41.46
CA TYR H 209 46.91 -4.50 40.20
C TYR H 209 47.17 -5.99 40.42
N VAL H 210 47.91 -6.34 41.48
CA VAL H 210 48.00 -7.74 41.88
C VAL H 210 46.63 -8.27 42.26
N SER H 211 45.87 -7.47 43.01
CA SER H 211 44.52 -7.86 43.38
C SER H 211 43.59 -7.96 42.17
N PHE H 212 43.71 -7.02 41.23
CA PHE H 212 42.84 -7.02 40.05
C PHE H 212 42.94 -8.35 39.30
N ALA H 213 44.14 -8.91 39.22
CA ALA H 213 44.33 -10.17 38.52
C ALA H 213 43.44 -11.26 39.11
N CYS H 214 43.32 -11.30 40.44
CA CYS H 214 42.53 -12.35 41.07
C CYS H 214 41.04 -12.16 40.80
N SER H 215 40.57 -10.92 40.84
CA SER H 215 39.16 -10.65 40.57
C SER H 215 38.80 -11.00 39.13
N PHE H 216 39.70 -10.69 38.19
CA PHE H 216 39.40 -10.91 36.77
C PHE H 216 39.61 -12.36 36.36
N ALA H 217 40.47 -13.09 37.07
CA ALA H 217 40.66 -14.51 36.77
C ALA H 217 39.38 -15.30 37.01
N PHE H 218 38.59 -14.90 38.02
CA PHE H 218 37.28 -15.51 38.19
C PHE H 218 36.36 -15.15 37.03
N ALA H 219 36.51 -13.95 36.48
CA ALA H 219 35.67 -13.52 35.37
C ALA H 219 36.03 -14.22 34.07
N GLU H 220 37.31 -14.60 33.91
CA GLU H 220 37.72 -15.33 32.71
C GLU H 220 37.06 -16.69 32.63
N ARG H 221 36.60 -17.22 33.75
CA ARG H 221 35.79 -18.43 33.79
C ARG H 221 34.31 -18.12 33.89
N GLU H 222 33.92 -16.86 33.61
CA GLU H 222 32.52 -16.41 33.66
C GLU H 222 31.91 -16.61 35.05
N LEU H 223 32.70 -16.37 36.09
CA LEU H 223 32.27 -16.48 37.46
C LEU H 223 32.52 -15.15 38.19
N MET H 224 31.65 -14.83 39.14
CA MET H 224 31.74 -13.60 39.91
C MET H 224 31.84 -12.39 38.98
N GLU H 225 30.95 -12.38 37.99
CA GLU H 225 31.02 -11.37 36.95
C GLU H 225 30.45 -10.03 37.40
N GLY H 226 29.59 -10.01 38.42
CA GLY H 226 29.16 -8.73 38.97
C GLY H 226 30.29 -8.02 39.68
N ASN H 227 31.04 -8.76 40.49
CA ASN H 227 32.27 -8.22 41.07
C ASN H 227 33.20 -7.73 39.96
N ALA H 228 33.41 -8.57 38.94
CA ALA H 228 34.33 -8.21 37.86
C ALA H 228 33.92 -6.91 37.18
N LYS H 229 32.62 -6.71 36.94
CA LYS H 229 32.17 -5.46 36.35
C LYS H 229 32.56 -4.28 37.22
N ILE H 230 32.36 -4.41 38.53
CA ILE H 230 32.71 -3.35 39.47
C ILE H 230 34.23 -3.18 39.54
N ILE H 231 34.96 -4.28 39.70
CA ILE H 231 36.42 -4.21 39.77
C ILE H 231 36.99 -3.63 38.48
N ARG H 232 36.35 -3.90 37.35
CA ARG H 232 36.79 -3.32 36.08
C ARG H 232 36.62 -1.80 36.10
N LEU H 233 35.50 -1.32 36.64
CA LEU H 233 35.32 0.12 36.80
C LEU H 233 36.34 0.69 37.77
N ILE H 234 36.61 -0.04 38.86
CA ILE H 234 37.62 0.40 39.83
C ILE H 234 38.99 0.47 39.17
N ALA H 235 39.34 -0.57 38.40
CA ALA H 235 40.63 -0.59 37.72
C ALA H 235 40.78 0.58 36.76
N ARG H 236 39.68 1.03 36.14
CA ARG H 236 39.75 2.19 35.27
C ARG H 236 40.08 3.46 36.06
N ASP H 237 39.49 3.61 37.24
CA ASP H 237 39.87 4.72 38.12
C ASP H 237 41.29 4.57 38.61
N GLU H 238 41.68 3.36 39.00
CA GLU H 238 43.00 3.12 39.54
C GLU H 238 44.10 3.45 38.53
N ALA H 239 43.78 3.43 37.24
CA ALA H 239 44.76 3.85 36.24
C ALA H 239 45.03 5.34 36.32
N LEU H 240 43.98 6.14 36.53
CA LEU H 240 44.17 7.58 36.68
C LEU H 240 44.96 7.92 37.93
N HIS H 241 44.72 7.17 39.02
CA HIS H 241 45.36 7.49 40.29
C HIS H 241 46.87 7.37 40.19
N LEU H 242 47.36 6.23 39.68
CA LEU H 242 48.80 6.05 39.58
C LEU H 242 49.42 7.04 38.60
N THR H 243 48.67 7.46 37.58
CA THR H 243 49.16 8.54 36.72
C THR H 243 49.39 9.81 37.51
N GLY H 244 48.49 10.10 38.47
CA GLY H 244 48.67 11.28 39.30
C GLY H 244 49.94 11.23 40.12
N THR H 245 50.13 10.15 40.87
CA THR H 245 51.33 10.02 41.71
C THR H 245 52.60 9.94 40.87
N GLN H 246 52.53 9.38 39.67
CA GLN H 246 53.70 9.31 38.80
C GLN H 246 54.16 10.72 38.40
N HIS H 247 53.21 11.56 37.95
CA HIS H 247 53.55 12.91 37.56
C HIS H 247 54.06 13.73 38.75
N MET H 248 53.46 13.52 39.93
CA MET H 248 53.96 14.17 41.13
C MET H 248 55.39 13.74 41.44
N LEU H 249 55.61 12.43 41.51
CA LEU H 249 56.95 11.92 41.84
C LEU H 249 57.98 12.38 40.81
N ASN H 250 57.62 12.41 39.54
CA ASN H 250 58.58 12.77 38.50
C ASN H 250 58.86 14.27 38.49
N LEU H 251 57.83 15.10 38.69
CA LEU H 251 58.06 16.54 38.78
C LEU H 251 58.94 16.89 39.96
N LEU H 252 58.76 16.20 41.10
CA LEU H 252 59.62 16.39 42.24
C LEU H 252 61.04 15.94 41.93
N ARG H 253 61.17 14.75 41.32
CA ARG H 253 62.48 14.16 41.09
C ARG H 253 63.28 14.97 40.08
N SER H 254 62.62 15.54 39.08
CA SER H 254 63.31 16.31 38.05
C SER H 254 63.71 17.69 38.50
N GLY H 255 63.25 18.15 39.68
CA GLY H 255 63.56 19.49 40.11
C GLY H 255 62.84 20.57 39.34
N ALA H 256 61.97 20.21 38.40
CA ALA H 256 61.22 21.21 37.65
C ALA H 256 60.36 22.05 38.60
N ASP H 257 59.68 21.40 39.55
CA ASP H 257 58.81 22.12 40.47
C ASP H 257 59.62 22.74 41.60
N ASP H 258 60.51 21.97 42.19
CA ASP H 258 61.34 22.43 43.31
C ASP H 258 62.76 21.92 43.12
N PRO H 259 63.73 22.82 42.89
CA PRO H 259 65.12 22.36 42.68
C PRO H 259 65.66 21.57 43.85
N GLU H 260 65.30 21.96 45.07
CA GLU H 260 65.74 21.23 46.25
C GLU H 260 65.19 19.80 46.26
N MET H 261 63.99 19.60 45.70
CA MET H 261 63.37 18.27 45.72
C MET H 261 64.18 17.26 44.91
N ALA H 262 64.80 17.71 43.81
CA ALA H 262 65.62 16.81 43.01
C ALA H 262 66.77 16.24 43.83
N GLU H 263 67.40 17.07 44.65
CA GLU H 263 68.44 16.57 45.56
C GLU H 263 67.86 15.55 46.52
N ILE H 264 66.71 15.86 47.12
CA ILE H 264 66.09 14.95 48.07
C ILE H 264 65.69 13.65 47.39
N ALA H 265 65.25 13.74 46.12
CA ALA H 265 64.86 12.54 45.39
C ALA H 265 66.01 11.57 45.25
N GLU H 266 67.22 12.08 45.02
CA GLU H 266 68.37 11.21 44.82
C GLU H 266 68.82 10.57 46.13
N GLU H 267 68.63 11.26 47.26
CA GLU H 267 68.98 10.68 48.55
C GLU H 267 68.07 9.53 48.92
N CYS H 268 66.85 9.53 48.42
CA CYS H 268 65.88 8.50 48.75
C CYS H 268 65.86 7.36 47.74
N LYS H 269 66.55 7.52 46.61
CA LYS H 269 66.48 6.53 45.54
C LYS H 269 66.75 5.12 46.05
N GLN H 270 67.62 4.98 47.05
CA GLN H 270 67.82 3.66 47.63
C GLN H 270 66.68 3.27 48.56
N GLU H 271 66.18 4.22 49.35
CA GLU H 271 65.05 3.93 50.22
C GLU H 271 63.81 3.60 49.41
N CYS H 272 63.57 4.33 48.32
CA CYS H 272 62.40 4.08 47.48
C CYS H 272 62.50 2.71 46.78
N TYR H 273 63.68 2.37 46.28
CA TYR H 273 63.88 1.05 45.69
C TYR H 273 63.58 -0.03 46.71
N ASP H 274 64.19 0.06 47.89
CA ASP H 274 63.91 -0.90 48.96
C ASP H 274 62.45 -0.84 49.38
N LEU H 275 61.82 0.34 49.26
CA LEU H 275 60.40 0.48 49.57
C LEU H 275 59.55 -0.31 48.59
N PHE H 276 59.80 -0.14 47.29
CA PHE H 276 59.06 -0.86 46.27
C PHE H 276 59.34 -2.36 46.33
N VAL H 277 60.62 -2.73 46.45
CA VAL H 277 60.99 -4.14 46.49
C VAL H 277 60.30 -4.84 47.66
N GLN H 278 60.28 -4.17 48.82
CA GLN H 278 59.59 -4.73 49.98
C GLN H 278 58.11 -4.99 49.69
N ALA H 279 57.47 -4.05 48.97
CA ALA H 279 56.05 -4.22 48.63
C ALA H 279 55.83 -5.44 47.75
N ALA H 280 56.67 -5.62 46.71
CA ALA H 280 56.51 -6.76 45.82
C ALA H 280 56.72 -8.08 46.56
N GLN H 281 57.77 -8.15 47.39
CA GLN H 281 58.00 -9.36 48.17
C GLN H 281 56.82 -9.67 49.10
N GLN H 282 56.10 -8.63 49.53
CA GLN H 282 54.93 -8.84 50.38
C GLN H 282 53.76 -9.42 49.60
N GLU H 283 53.55 -8.92 48.38
CA GLU H 283 52.45 -9.45 47.58
C GLU H 283 52.73 -10.88 47.14
N LYS H 284 54.00 -11.23 46.91
CA LYS H 284 54.35 -12.62 46.68
C LYS H 284 53.99 -13.47 47.90
N ASP H 285 54.33 -12.99 49.09
CA ASP H 285 53.91 -13.68 50.31
C ASP H 285 52.39 -13.73 50.41
N TRP H 286 51.71 -12.68 49.93
CA TRP H 286 50.25 -12.67 49.90
C TRP H 286 49.71 -13.71 48.92
N ALA H 287 50.37 -13.87 47.77
CA ALA H 287 49.95 -14.89 46.82
C ALA H 287 50.11 -16.27 47.42
N ASP H 288 51.19 -16.50 48.18
CA ASP H 288 51.40 -17.81 48.80
C ASP H 288 50.28 -18.13 49.77
N TYR H 289 49.71 -17.12 50.42
CA TYR H 289 48.58 -17.34 51.31
C TYR H 289 47.28 -17.56 50.54
N LEU H 290 47.14 -16.95 49.37
CA LEU H 290 45.90 -17.11 48.61
C LEU H 290 45.73 -18.53 48.10
N PHE H 291 46.79 -19.13 47.57
CA PHE H 291 46.71 -20.43 46.93
C PHE H 291 47.24 -21.56 47.80
N ARG H 292 47.39 -21.30 49.10
CA ARG H 292 47.89 -22.33 50.02
C ARG H 292 46.98 -23.55 50.06
N ASP H 293 45.68 -23.37 49.85
CA ASP H 293 44.74 -24.46 49.85
C ASP H 293 44.44 -24.98 48.45
N GLY H 294 45.10 -24.45 47.43
CA GLY H 294 44.88 -24.88 46.07
C GLY H 294 44.81 -23.71 45.11
N SER H 295 44.89 -24.02 43.81
CA SER H 295 44.84 -23.02 42.76
C SER H 295 43.57 -23.18 41.95
N MET H 296 43.48 -22.42 40.86
CA MET H 296 42.33 -22.47 39.97
C MET H 296 42.82 -22.38 38.54
N ILE H 297 41.93 -22.66 37.60
CA ILE H 297 42.30 -22.62 36.18
C ILE H 297 42.69 -21.19 35.83
N GLY H 298 43.97 -20.97 35.56
CA GLY H 298 44.48 -19.68 35.14
C GLY H 298 45.24 -18.89 36.18
N LEU H 299 45.32 -19.37 37.43
CA LEU H 299 45.99 -18.58 38.45
C LEU H 299 46.48 -19.48 39.57
N ASN H 300 47.77 -19.38 39.90
CA ASN H 300 48.36 -20.03 41.08
C ASN H 300 49.41 -19.09 41.66
N LYS H 301 50.15 -19.59 42.65
CA LYS H 301 51.18 -18.78 43.28
C LYS H 301 52.20 -18.28 42.26
N ASP H 302 52.68 -19.17 41.40
CA ASP H 302 53.71 -18.80 40.44
C ASP H 302 53.19 -17.81 39.41
N ILE H 303 52.03 -18.10 38.82
CA ILE H 303 51.47 -17.19 37.83
C ILE H 303 51.31 -15.80 38.42
N LEU H 304 50.73 -15.72 39.62
CA LEU H 304 50.51 -14.43 40.25
C LEU H 304 51.84 -13.77 40.65
N CYS H 305 52.77 -14.55 41.20
CA CYS H 305 54.06 -14.00 41.60
C CYS H 305 54.84 -13.48 40.40
N GLN H 306 54.74 -14.17 39.26
CA GLN H 306 55.37 -13.67 38.05
C GLN H 306 54.77 -12.35 37.63
N TYR H 307 53.46 -12.19 37.81
CA TYR H 307 52.83 -10.91 37.53
C TYR H 307 53.34 -9.84 38.47
N VAL H 308 53.57 -10.19 39.73
CA VAL H 308 54.14 -9.25 40.70
C VAL H 308 55.49 -8.74 40.20
N GLU H 309 56.36 -9.65 39.74
CA GLU H 309 57.64 -9.22 39.19
C GLU H 309 57.45 -8.41 37.91
N TYR H 310 56.46 -8.78 37.10
CA TYR H 310 56.23 -8.08 35.84
C TYR H 310 55.73 -6.66 36.10
N ILE H 311 54.64 -6.52 36.86
CA ILE H 311 54.03 -5.21 37.04
C ILE H 311 54.96 -4.29 37.83
N THR H 312 55.81 -4.85 38.69
CA THR H 312 56.71 -4.02 39.49
C THR H 312 57.75 -3.33 38.61
N ASN H 313 58.39 -4.08 37.71
CA ASN H 313 59.39 -3.48 36.81
C ASN H 313 58.80 -2.31 36.03
N ILE H 314 57.54 -2.43 35.60
CA ILE H 314 56.91 -1.38 34.83
C ILE H 314 56.72 -0.12 35.67
N ARG H 315 56.19 -0.29 36.88
CA ARG H 315 55.90 0.86 37.73
C ARG H 315 57.18 1.54 38.21
N MET H 316 58.19 0.75 38.61
CA MET H 316 59.42 1.32 39.14
C MET H 316 60.18 2.08 38.05
N GLN H 317 60.19 1.55 36.82
CA GLN H 317 60.81 2.28 35.71
C GLN H 317 60.10 3.60 35.43
N ALA H 318 58.78 3.64 35.65
CA ALA H 318 58.01 4.85 35.38
C ALA H 318 58.35 5.97 36.36
N VAL H 319 58.98 5.67 37.48
CA VAL H 319 59.36 6.68 38.47
C VAL H 319 60.88 6.78 38.61
N GLY H 320 61.63 6.25 37.65
CA GLY H 320 63.07 6.41 37.66
C GLY H 320 63.78 5.59 38.73
N LEU H 321 63.33 4.36 38.96
CA LEU H 321 63.97 3.46 39.90
C LEU H 321 64.50 2.25 39.14
N ASP H 322 65.56 1.65 39.67
CA ASP H 322 66.17 0.51 39.02
C ASP H 322 65.26 -0.71 39.10
N LEU H 323 65.31 -1.55 38.07
CA LEU H 323 64.41 -2.70 38.02
C LEU H 323 64.94 -3.81 38.93
N PRO H 324 64.13 -4.34 39.83
CA PRO H 324 64.63 -5.34 40.78
C PRO H 324 64.56 -6.76 40.25
N PHE H 325 63.68 -7.01 39.29
CA PHE H 325 63.47 -8.36 38.77
C PHE H 325 63.96 -8.45 37.33
N GLN H 326 64.10 -9.70 36.88
CA GLN H 326 64.50 -9.95 35.50
C GLN H 326 63.41 -9.48 34.54
N THR H 327 63.83 -9.12 33.33
CA THR H 327 62.87 -8.75 32.30
C THR H 327 61.96 -9.94 31.99
N ARG H 328 60.66 -9.67 31.91
CA ARG H 328 59.66 -10.72 31.75
C ARG H 328 58.51 -10.20 30.92
N SER H 329 57.94 -11.10 30.11
CA SER H 329 56.71 -10.81 29.40
C SER H 329 55.51 -10.98 30.34
N ASN H 330 54.42 -10.30 30.01
CA ASN H 330 53.20 -10.33 30.81
C ASN H 330 52.70 -11.77 30.97
N PRO H 331 52.76 -12.33 32.18
CA PRO H 331 52.35 -13.72 32.36
C PRO H 331 50.84 -13.91 32.34
N ILE H 332 50.06 -12.83 32.45
CA ILE H 332 48.61 -12.94 32.35
C ILE H 332 48.13 -11.91 31.33
N PRO H 333 48.35 -12.13 30.03
CA PRO H 333 47.95 -11.14 29.03
C PRO H 333 46.45 -10.88 29.00
N TRP H 334 45.64 -11.83 29.44
CA TRP H 334 44.19 -11.65 29.41
C TRP H 334 43.72 -10.53 30.33
N ILE H 335 44.57 -10.07 31.25
CA ILE H 335 44.16 -9.02 32.16
C ILE H 335 44.05 -7.69 31.44
N ASN H 336 44.73 -7.52 30.31
CA ASN H 336 44.66 -6.27 29.57
C ASN H 336 43.28 -6.04 28.98
N THR H 337 42.49 -7.11 28.82
CA THR H 337 41.09 -6.95 28.41
C THR H 337 40.32 -6.09 29.39
N TRP H 338 40.60 -6.23 30.69
CA TRP H 338 39.83 -5.54 31.71
C TRP H 338 40.40 -4.16 32.02
N LEU H 339 41.70 -3.98 31.82
CA LEU H 339 42.39 -2.74 32.16
C LEU H 339 42.16 -1.75 31.01
N VAL H 340 41.42 -0.67 31.30
CA VAL H 340 41.11 0.31 30.27
C VAL H 340 41.78 1.64 30.60
N ILE H 361 37.03 -9.90 -14.02
CA ILE H 361 38.23 -9.69 -14.82
C ILE H 361 37.95 -8.80 -16.04
N ASP H 362 38.83 -7.82 -16.28
CA ASP H 362 38.75 -6.98 -17.47
C ASP H 362 39.08 -7.83 -18.69
N SER H 363 38.11 -7.95 -19.61
CA SER H 363 38.24 -8.86 -20.75
C SER H 363 38.99 -8.26 -21.93
N GLU H 364 39.15 -6.93 -21.97
CA GLU H 364 39.72 -6.26 -23.14
C GLU H 364 41.18 -6.66 -23.37
N VAL H 365 41.55 -6.81 -24.65
CA VAL H 365 42.88 -7.22 -25.06
C VAL H 365 43.38 -6.28 -26.13
N ASP H 366 44.68 -5.97 -26.10
CA ASP H 366 45.33 -5.11 -27.08
C ASP H 366 46.48 -5.89 -27.71
N THR H 367 46.24 -6.44 -28.90
CA THR H 367 47.26 -7.26 -29.57
C THR H 367 48.46 -6.42 -30.01
N ASP H 368 48.24 -5.16 -30.38
CA ASP H 368 49.36 -4.29 -30.74
C ASP H 368 50.30 -4.10 -29.57
N ASP H 369 49.75 -3.91 -28.37
CA ASP H 369 50.58 -3.81 -27.17
C ASP H 369 51.30 -5.11 -26.87
N LEU H 370 50.65 -6.25 -27.12
CA LEU H 370 51.30 -7.54 -26.90
C LEU H 370 52.39 -7.79 -27.94
N SER H 371 52.20 -7.30 -29.17
CA SER H 371 53.23 -7.44 -30.20
C SER H 371 54.50 -6.69 -29.84
N ASN H 372 54.43 -5.71 -28.93
CA ASN H 372 55.61 -5.02 -28.44
C ASN H 372 56.37 -5.93 -27.48
N PHE H 373 56.71 -7.14 -27.95
CA PHE H 373 57.28 -8.18 -27.11
C PHE H 373 58.07 -9.15 -27.96
N GLN H 374 59.24 -9.53 -27.48
CA GLN H 374 60.10 -10.50 -28.16
C GLN H 374 60.18 -11.75 -27.28
N LEU H 375 59.78 -12.88 -27.83
CA LEU H 375 59.76 -14.14 -27.07
C LEU H 375 61.15 -14.78 -26.98
PG DGT I . 43.52 -56.50 1.28
O1G DGT I . 42.81 -57.36 0.26
O2G DGT I . 42.67 -55.37 1.79
O3G DGT I . 44.22 -57.28 2.36
O3B DGT I . 44.74 -55.70 0.55
PB DGT I . 45.23 -55.76 -0.99
O1B DGT I . 45.11 -57.16 -1.56
O2B DGT I . 46.61 -55.15 -1.03
O3A DGT I . 44.21 -54.72 -1.70
PA DGT I . 43.04 -55.04 -2.77
O1A DGT I . 43.50 -54.65 -4.15
O2A DGT I . 42.43 -56.39 -2.51
O5' DGT I . 41.90 -54.00 -2.32
C5' DGT I . 40.78 -54.52 -1.60
C4' DGT I . 39.62 -53.55 -1.66
O4' DGT I . 40.01 -52.27 -1.19
C3' DGT I . 39.21 -53.37 -3.10
O3' DGT I . 37.78 -53.34 -3.12
C2' DGT I . 39.77 -52.03 -3.53
C1' DGT I . 39.93 -51.28 -2.22
N9 DGT I . 41.14 -50.42 -2.09
C8 DGT I . 42.43 -50.78 -2.22
N7 DGT I . 43.24 -49.72 -2.00
C5 DGT I . 42.46 -48.66 -1.72
C6 DGT I . 42.67 -47.22 -1.40
O6 DGT I . 43.82 -46.74 -1.32
N1 DGT I . 41.59 -46.46 -1.17
C2 DGT I . 40.35 -46.96 -1.24
N2 DGT I . 39.30 -46.14 -1.01
N3 DGT I . 40.08 -48.26 -1.54
C4 DGT I . 41.08 -49.13 -1.79
MG MG J . 43.25 -58.11 -1.65
PB ADP K . 16.88 -56.27 -28.77
O1B ADP K . 16.68 -54.78 -28.67
O2B ADP K . 15.63 -57.06 -29.08
O3B ADP K . 18.07 -56.71 -29.60
PA ADP K . 16.25 -57.19 -26.15
O1A ADP K . 15.28 -56.07 -25.86
O2A ADP K . 15.79 -58.58 -26.53
O3A ADP K . 17.30 -56.75 -27.29
O5' ADP K . 17.22 -57.38 -24.86
C5' ADP K . 17.94 -58.61 -24.73
C4' ADP K . 19.42 -58.33 -24.49
O4' ADP K . 19.92 -57.39 -25.43
C3' ADP K . 19.69 -57.73 -23.12
O3' ADP K . 19.90 -58.73 -22.14
C2' ADP K . 20.94 -56.90 -23.34
O2' ADP K . 22.09 -57.70 -23.10
C1' ADP K . 20.87 -56.52 -24.80
N9 ADP K . 20.40 -55.12 -24.86
C8 ADP K . 19.12 -54.71 -24.80
N7 ADP K . 19.03 -53.36 -24.86
C5 ADP K . 20.28 -52.88 -24.94
C6 ADP K . 20.91 -51.54 -25.04
N6 ADP K . 20.15 -50.41 -25.05
N1 ADP K . 22.25 -51.47 -25.11
C2 ADP K . 23.02 -52.58 -25.09
N3 ADP K . 22.52 -53.83 -25.02
C4 ADP K . 21.19 -54.04 -24.94
PB DAT L . 14.22 -39.26 -58.95
O1B DAT L . 14.43 -37.79 -58.74
O2B DAT L . 13.06 -39.52 -59.91
O3B DAT L . 15.49 -40.04 -59.22
PA DAT L . 13.00 -41.15 -57.07
O1A DAT L . 14.00 -42.01 -56.30
O2A DAT L . 12.23 -41.79 -58.21
O3A DAT L . 13.73 -39.77 -57.49
O5' DAT L . 11.91 -40.61 -56.01
C5' DAT L . 12.04 -39.36 -55.33
C4' DAT L . 10.65 -38.75 -55.12
O4' DAT L . 10.58 -37.49 -55.78
C3' DAT L . 9.56 -39.64 -55.70
O3' DAT L . 8.54 -39.88 -54.73
C2' DAT L . 8.96 -38.86 -56.86
C1' DAT L . 9.41 -37.44 -56.61
N9 DAT L . 9.70 -36.73 -57.87
C8 DAT L . 10.36 -37.21 -58.94
N7 DAT L . 10.42 -36.27 -59.93
C5 DAT L . 9.80 -35.17 -59.48
C6 DAT L . 9.50 -33.81 -60.01
N6 DAT L . 9.90 -33.44 -61.25
N1 DAT L . 8.82 -32.95 -59.21
C2 DAT L . 8.41 -33.31 -57.98
N3 DAT L . 8.65 -34.51 -57.43
C4 DAT L . 9.32 -35.48 -58.13
MG MG M . 12.01 -41.30 -60.25
PB ADP N . 54.82 -33.23 -0.52
O1B ADP N . 55.17 -31.88 0.05
O2B ADP N . 53.42 -33.68 -0.12
O3B ADP N . 55.89 -34.28 -0.39
PA ADP N . 54.68 -31.57 -2.83
O1A ADP N . 53.54 -30.76 -2.25
O2A ADP N . 56.09 -31.06 -2.91
O3A ADP N . 54.72 -33.02 -2.11
O5' ADP N . 54.35 -31.99 -4.33
C5' ADP N . 55.37 -32.76 -4.94
C4' ADP N . 54.76 -33.96 -5.61
O4' ADP N . 53.93 -34.66 -4.69
C3' ADP N . 53.87 -33.49 -6.72
O3' ADP N . 54.59 -33.39 -7.95
C2' ADP N . 52.79 -34.57 -6.78
O2' ADP N . 53.16 -35.55 -7.76
C1' ADP N . 52.81 -35.19 -5.41
N9 ADP N . 51.54 -34.83 -4.75
C8 ADP N . 51.18 -33.61 -4.31
N7 ADP N . 49.94 -33.63 -3.79
C5 ADP N . 49.47 -34.88 -3.90
C6 ADP N . 48.22 -35.60 -3.55
N6 ADP N . 47.19 -34.97 -2.95
N1 ADP N . 48.15 -36.92 -3.85
C2 ADP N . 49.17 -37.57 -4.44
N3 ADP N . 50.33 -36.99 -4.79
C4 ADP N . 50.53 -35.66 -4.55
PB DAT O . 48.08 -39.89 32.99
O1B DAT O . 48.86 -39.19 34.10
O2B DAT O . 46.59 -39.89 33.25
O3B DAT O . 48.64 -41.21 32.52
PA DAT O . 49.30 -37.96 31.13
O1A DAT O . 50.54 -37.95 32.01
O2A DAT O . 49.43 -38.22 29.64
O3A DAT O . 48.17 -38.98 31.65
O5' DAT O . 48.48 -36.57 31.33
C5' DAT O . 47.75 -35.98 30.27
C4' DAT O . 47.03 -34.74 30.78
O4' DAT O . 46.17 -35.06 31.87
C3' DAT O . 48.00 -33.68 31.28
O3' DAT O . 47.72 -32.46 30.61
C2' DAT O . 47.68 -33.48 32.76
C1' DAT O . 46.30 -34.08 32.90
N9 DAT O . 46.09 -34.71 34.22
C8 DAT O . 46.72 -35.80 34.72
N7 DAT O . 46.28 -36.09 35.96
C5 DAT O . 45.33 -35.19 36.28
C6 DAT O . 44.45 -34.93 37.46
N6 DAT O . 44.50 -35.71 38.56
N1 DAT O . 43.62 -33.87 37.38
C2 DAT O . 43.57 -33.08 36.29
N3 DAT O . 44.33 -33.26 35.20
C4 DAT O . 45.22 -34.28 35.14
MG MG P . 50.76 -38.29 34.08
PG DGT Q . 40.52 -47.44 -35.33
O1G DGT Q . 39.62 -46.34 -35.84
O2G DGT Q . 41.03 -48.38 -36.39
O3G DGT Q . 41.59 -46.94 -34.37
O3B DGT Q . 39.54 -48.33 -34.42
PB DGT Q . 40.00 -49.53 -33.45
O1B DGT Q . 41.49 -49.78 -33.56
O2B DGT Q . 39.08 -50.70 -33.65
O3A DGT Q . 39.57 -48.88 -32.03
PA DGT Q . 40.53 -48.21 -30.93
O1A DGT Q . 41.82 -47.68 -31.51
O2A DGT Q . 40.57 -49.14 -29.73
O5' DGT Q . 39.67 -46.90 -30.55
C5' DGT Q . 40.18 -45.64 -30.99
C4' DGT Q . 39.34 -44.52 -30.42
O4' DGT Q . 37.96 -44.78 -30.69
C3' DGT Q . 39.48 -44.50 -28.92
O3' DGT Q . 39.62 -43.12 -28.53
C2' DGT Q . 38.20 -45.08 -28.36
C1' DGT Q . 37.20 -44.83 -29.48
N9 DGT Q . 36.14 -45.86 -29.65
C8 DGT Q . 36.27 -47.12 -30.11
N7 DGT Q . 35.08 -47.75 -30.15
C5 DGT Q . 34.14 -46.89 -29.72
C6 DGT Q . 32.66 -46.91 -29.52
O6 DGT Q . 31.99 -47.93 -29.77
N1 DGT Q . 32.08 -45.79 -29.05
C2 DGT Q . 32.78 -44.67 -28.77
N2 DGT Q . 32.12 -43.58 -28.30
N3 DGT Q . 34.13 -44.59 -28.93
C4 DGT Q . 34.84 -45.64 -29.39
MG MG R . 42.84 -48.21 -33.26
PB ADP S . -26.66 44.89 39.26
O1B ADP S . -27.04 44.93 40.72
O2B ADP S . -25.23 44.47 39.03
O3B ADP S . -27.14 46.09 38.49
PA ADP S . -28.21 42.46 39.34
O1A ADP S . -28.74 42.93 40.68
O2A ADP S . -27.33 41.25 39.21
O3A ADP S . -27.50 43.70 38.58
O5' ADP S . -29.48 42.30 38.37
C5' ADP S . -30.77 42.71 38.85
C4' ADP S . -31.51 43.48 37.76
O4' ADP S . -30.63 44.37 37.05
C3' ADP S . -32.12 42.57 36.71
O3' ADP S . -33.48 42.26 37.04
C2' ADP S . -32.05 43.36 35.42
O2' ADP S . -33.29 44.05 35.22
C1' ADP S . -30.94 44.36 35.66
N9 ADP S . -29.74 43.89 34.90
C8 ADP S . -28.92 42.91 35.29
N7 ADP S . -27.92 42.73 34.39
C5 ADP S . -28.11 43.60 33.39
C6 ADP S . -27.43 43.94 32.12
N6 ADP S . -26.32 43.28 31.72
N1 ADP S . -27.96 44.93 31.36
C2 ADP S . -29.07 45.59 31.74
N3 ADP S . -29.74 45.33 32.88
C4 ADP S . -29.32 44.37 33.74
PB DAT T . 4.09 61.01 37.76
O1B DAT T . 5.14 61.10 38.86
O2B DAT T . 4.72 60.84 36.39
O3B DAT T . 3.01 62.06 37.82
PA DAT T . 2.64 58.99 39.28
O1A DAT T . 3.27 59.53 40.55
O2A DAT T . 1.13 59.06 39.12
O3A DAT T . 3.30 59.62 37.95
O5' DAT T . 3.10 57.46 39.12
C5' DAT T . 3.33 56.87 37.85
C4' DAT T . 4.05 55.54 38.02
O4' DAT T . 5.30 55.56 37.32
C3' DAT T . 4.37 55.27 39.47
O3' DAT T . 4.09 53.90 39.76
C2' DAT T . 5.86 55.50 39.62
C1' DAT T . 6.40 55.35 38.21
N9 DAT T . 7.47 56.33 37.91
C8 DAT T . 7.45 57.64 38.22
N7 DAT T . 8.61 58.24 37.80
C5 DAT T . 9.38 57.29 37.22
C6 DAT T . 10.71 57.24 36.57
N6 DAT T . 11.49 58.35 36.46
N1 DAT T . 11.14 56.05 36.11
C2 DAT T . 10.39 54.94 36.22
N3 DAT T . 9.17 54.91 36.79
C4 DAT T . 8.62 56.04 37.31
MG MG U . 4.86 60.87 40.92
PG DGT V . -57.02 40.88 13.12
O1G DGT V . -56.46 39.63 12.49
O2G DGT V . -58.52 40.93 13.12
O3G DGT V . -56.37 41.22 14.44
O3B DGT V . -56.60 42.04 12.06
PB DGT V . -55.81 43.41 12.38
O1B DGT V . -55.85 44.24 11.12
O2B DGT V . -56.32 44.07 13.66
O3A DGT V . -54.30 42.85 12.54
PA DGT V . -53.31 43.10 13.79
O1A DGT V . -52.49 44.35 13.52
O2A DGT V . -54.02 42.91 15.10
O5' DGT V . -52.35 41.83 13.64
C5' DGT V . -52.46 40.77 14.60
C4' DGT V . -51.33 39.79 14.40
O4' DGT V . -51.20 39.52 13.00
C3' DGT V . -50.02 40.40 14.85
O3' DGT V . -49.28 39.39 15.54
C2' DGT V . -49.28 40.78 13.59
C1' DGT V . -49.89 39.84 12.56
N9 DGT V . -49.95 40.36 11.17
C8 DGT V . -50.80 41.27 10.66
N7 DGT V . -50.55 41.47 9.33
C5 DGT V . -49.53 40.66 8.98
C6 DGT V . -48.75 40.35 7.75
O6 DGT V . -49.02 40.93 6.66
N1 DGT V . -47.77 39.44 7.83
C2 DGT V . -47.47 38.81 8.98
N2 DGT V . -46.46 37.91 9.01
N3 DGT V . -48.13 39.05 10.14
C4 DGT V . -49.14 39.94 10.20
MG MG W . -56.07 43.04 15.46
PB ADP X . -45.69 45.22 -9.54
O1B ADP X . -45.96 44.16 -8.49
O2B ADP X . -45.65 44.65 -10.94
O3B ADP X . -46.48 46.49 -9.39
PA ADP X . -43.28 46.62 -10.16
O1A ADP X . -44.17 47.52 -10.96
O2A ADP X . -42.23 45.75 -10.82
O3A ADP X . -44.17 45.67 -9.21
O5' ADP X . -42.50 47.50 -9.07
C5' ADP X . -42.91 48.85 -8.83
C4' ADP X . -43.08 49.07 -7.34
O4' ADP X . -43.73 47.95 -6.74
C3' ADP X . -41.76 49.22 -6.61
O3' ADP X . -41.34 50.58 -6.60
C2' ADP X . -42.08 48.72 -5.22
O2' ADP X . -42.46 49.81 -4.38
C1' ADP X . -43.26 47.78 -5.40
N9 ADP X . -42.78 46.39 -5.21
C8 ADP X . -42.17 45.65 -6.14
N7 ADP X . -41.84 44.42 -5.65
C5 ADP X . -42.25 44.37 -4.38
C6 ADP X . -42.23 43.37 -3.29
N6 ADP X . -41.67 42.15 -3.48
N1 ADP X . -42.76 43.72 -2.10
C2 ADP X . -43.31 44.93 -1.90
N3 ADP X . -43.38 45.89 -2.85
C4 ADP X . -42.87 45.67 -4.09
PB DAT Y . -66.16 17.68 -11.91
O1B DAT Y . -65.85 16.74 -10.77
O2B DAT Y . -66.61 16.97 -13.18
O3B DAT Y . -66.99 18.88 -11.52
PA DAT Y . -64.38 19.36 -13.43
O1A DAT Y . -63.94 20.64 -12.77
O2A DAT Y . -65.49 19.39 -14.48
O3A DAT Y . -64.71 18.30 -12.25
O5' DAT Y . -63.10 18.64 -14.10
C5' DAT Y . -61.88 18.40 -13.39
C4' DAT Y . -61.04 17.42 -14.21
O4' DAT Y . -61.41 16.08 -13.89
C3' DAT Y . -61.28 17.61 -15.71
O3' DAT Y . -60.01 17.74 -16.36
C2' DAT Y . -61.94 16.34 -16.20
C1' DAT Y . -61.62 15.33 -15.09
N9 DAT Y . -62.74 14.39 -14.85
C8 DAT Y . -64.05 14.67 -14.74
N7 DAT Y . -64.76 13.54 -14.52
C5 DAT Y . -63.90 12.51 -14.49
C6 DAT Y . -63.98 11.03 -14.32
N6 DAT Y . -65.17 10.41 -14.10
N1 DAT Y . -62.83 10.34 -14.36
C2 DAT Y . -61.64 10.93 -14.57
N3 DAT Y . -61.49 12.26 -14.75
C4 DAT Y . -62.57 13.08 -14.73
MG MG Z . -67.14 18.14 -14.84
PG DGT AA . -27.39 63.35 21.31
O1G DGT AA . -28.21 63.39 20.03
O2G DGT AA . -26.04 62.69 21.15
O3G DGT AA . -27.31 64.67 22.05
O3B DGT AA . -28.17 62.36 22.32
PB DGT AA . -29.78 62.23 22.54
O1B DGT AA . -30.53 63.34 21.86
O2B DGT AA . -30.03 62.04 24.02
O3A DGT AA . -30.02 60.78 21.86
PA DGT AA . -30.61 60.46 20.38
O1A DGT AA . -30.52 61.64 19.44
O2A DGT AA . -31.90 59.71 20.54
O5' DGT AA . -29.49 59.42 19.85
C5' DGT AA . -28.63 59.84 18.79
C4' DGT AA . -27.98 58.62 18.15
O4' DGT AA . -27.38 57.82 19.16
C3' DGT AA . -29.04 57.77 17.47
O3' DGT AA . -28.55 57.38 16.19
C2' DGT AA . -29.21 56.54 18.35
C1' DGT AA . -27.91 56.49 19.12
N9 DGT AA . -28.01 56.00 20.51
C8 DGT AA . -28.70 56.53 21.54
N7 DGT AA . -28.53 55.81 22.67
C5 DGT AA . -27.69 54.78 22.39
C6 DGT AA . -27.08 53.64 23.12
O6 DGT AA . -27.31 53.44 24.33
N1 DGT AA . -26.27 52.82 22.44
C2 DGT AA . -25.99 53.00 21.13
N2 DGT AA . -25.16 52.15 20.50
N3 DGT AA . -26.52 54.03 20.41
C4 DGT AA . -27.36 54.93 20.97
MG MG BA . -30.28 63.69 19.81
FE1 FEO CA . 28.89 25.03 47.32
FE2 FEO CA . 27.81 23.79 50.04
O FEO CA . 27.61 24.17 48.29
FE1 FEO DA . -25.56 -21.66 -51.16
FE2 FEO DA . -27.57 -24.10 -50.58
O FEO DA . -26.62 -22.64 -50.05
FE1 FEO EA . -42.94 -6.14 -41.09
FE2 FEO EA . -42.51 -4.39 -43.71
O FEO EA . -41.87 -5.34 -42.30
FE1 FEO FA . 40.39 2.54 44.92
FE2 FEO FA . 42.96 4.18 44.13
O FEO FA . 41.18 3.90 44.03
#